data_4J3Z
#
_entry.id   4J3Z
#
_cell.length_a   126.909
_cell.length_b   126.626
_cell.length_c   126.777
_cell.angle_alpha   90.000
_cell.angle_beta   90.080
_cell.angle_gamma   90.000
#
_symmetry.space_group_name_H-M   'P 1 21 1'
#
loop_
_entity.id
_entity.type
_entity.pdbx_description
1 polymer 'Mandelate racemase/muconate lactonizing enzyme'
2 water water
#
_entity_poly.entity_id   1
_entity_poly.type   'polypeptide(L)'
_entity_poly.pdbx_seq_one_letter_code
;MVKLDTLDIFAVAPPPPGWGGRYWLLVRVTTDTGLTGLGEVYAAGVGPEAMTHVIHDVFTRHMRGEDPANIELMSRRAHS
SGFTQRPDPTVFGAFSGLEMACWDILGKARDCPVWAMLGGKMNDRIRAYTYLYPEPHHDTNAFWTSPEMAAESAAARVAE
GYTAVKFDPAGPYTMRGGHMPALSDIDLSARFCAAIRDAVGTQADLLFGTHGQFAPAGAIRLAKAIEPYDPLWYEEPIPP
DNLPGLSEVAAHTSIPIATGERLTGVTEFTQALHHGARILQPALGRAGGIWEGKKIATLAAAFGAQLAPHLYAGPVEWAA
NVHLGVSCPNLLMVEAIETPFHEALVTGRPRVENGFVAAPDAPGLGITLNDAIANAHRYTGNRLHLEMQDAPCDWQNGNS
FGGGAVDAENLYFQSHHHHHHWSHPQFEK
;
_entity_poly.pdbx_strand_id   A,B,C,D,E,F,G,H
#
# COMPACT_ATOMS: atom_id res chain seq x y z
N VAL A 2 -47.67 -0.58 -20.46
CA VAL A 2 -48.01 -1.28 -19.17
C VAL A 2 -47.73 -0.39 -17.96
N LYS A 3 -48.29 -0.78 -16.80
CA LYS A 3 -48.04 -0.10 -15.52
C LYS A 3 -48.31 -1.00 -14.34
N LEU A 4 -47.36 -1.09 -13.42
CA LEU A 4 -47.55 -1.74 -12.12
C LEU A 4 -48.74 -1.13 -11.38
N ASP A 5 -49.60 -1.97 -10.81
CA ASP A 5 -50.93 -1.54 -10.36
C ASP A 5 -51.37 -2.06 -8.98
N THR A 6 -51.49 -3.39 -8.82
CA THR A 6 -51.82 -3.99 -7.52
C THR A 6 -50.80 -5.01 -7.02
N LEU A 7 -50.82 -5.24 -5.70
CA LEU A 7 -49.89 -6.16 -5.06
C LEU A 7 -50.56 -7.08 -4.04
N ASP A 8 -50.39 -8.39 -4.27
CA ASP A 8 -50.80 -9.45 -3.34
C ASP A 8 -49.55 -10.00 -2.63
N ILE A 9 -49.65 -10.21 -1.31
CA ILE A 9 -48.52 -10.72 -0.54
C ILE A 9 -48.87 -12.02 0.18
N PHE A 10 -48.20 -13.09 -0.23
CA PHE A 10 -48.35 -14.40 0.39
C PHE A 10 -47.19 -14.68 1.33
N ALA A 11 -47.52 -14.99 2.58
CA ALA A 11 -46.59 -15.66 3.47
C ALA A 11 -46.94 -17.15 3.47
N VAL A 12 -45.99 -17.97 3.02
CA VAL A 12 -46.18 -19.41 2.81
C VAL A 12 -45.20 -20.20 3.68
N ALA A 13 -45.71 -21.20 4.39
CA ALA A 13 -44.90 -22.01 5.30
C ALA A 13 -44.79 -23.46 4.82
N PRO A 14 -43.56 -23.92 4.56
CA PRO A 14 -43.37 -25.31 4.12
C PRO A 14 -43.79 -26.30 5.19
N PRO A 15 -44.34 -27.42 4.79
CA PRO A 15 -44.58 -28.54 5.67
C PRO A 15 -43.31 -29.28 6.01
N PRO A 16 -43.34 -29.90 7.26
CA PRO A 16 -42.07 -30.54 7.64
C PRO A 16 -41.54 -31.53 6.61
N PRO A 17 -40.16 -31.70 6.41
CA PRO A 17 -39.31 -31.16 7.47
C PRO A 17 -38.93 -29.71 7.35
N GLY A 18 -39.19 -29.13 6.21
CA GLY A 18 -39.11 -27.68 6.03
C GLY A 18 -37.78 -27.14 5.54
N TRP A 19 -37.19 -27.82 4.56
CA TRP A 19 -35.94 -27.36 3.95
C TRP A 19 -36.24 -26.12 3.12
N GLY A 20 -35.64 -24.99 3.51
CA GLY A 20 -35.91 -23.72 2.86
C GLY A 20 -36.29 -22.64 3.86
N GLY A 21 -36.66 -23.05 5.07
CA GLY A 21 -36.98 -22.12 6.17
C GLY A 21 -38.42 -22.15 6.65
N ARG A 22 -38.71 -21.37 7.69
CA ARG A 22 -40.05 -21.34 8.31
C ARG A 22 -41.14 -20.80 7.39
N TYR A 23 -40.81 -19.78 6.61
CA TYR A 23 -41.79 -19.10 5.75
C TYR A 23 -41.13 -18.42 4.56
N TRP A 24 -41.81 -18.44 3.41
CA TRP A 24 -41.36 -17.71 2.23
C TRP A 24 -42.27 -16.50 2.01
N LEU A 25 -41.68 -15.40 1.58
CA LEU A 25 -42.45 -14.19 1.31
C LEU A 25 -42.57 -14.05 -0.19
N LEU A 26 -43.77 -14.27 -0.69
CA LEU A 26 -44.05 -14.17 -2.11
C LEU A 26 -44.90 -12.96 -2.43
N VAL A 27 -44.60 -12.33 -3.56
CA VAL A 27 -45.32 -11.15 -4.04
C VAL A 27 -45.83 -11.37 -5.45
N ARG A 28 -47.12 -11.13 -5.68
CA ARG A 28 -47.65 -11.10 -7.03
C ARG A 28 -48.08 -9.69 -7.43
N VAL A 29 -47.37 -9.13 -8.40
CA VAL A 29 -47.65 -7.80 -8.94
C VAL A 29 -48.46 -7.94 -10.24
N THR A 30 -49.61 -7.25 -10.29
CA THR A 30 -50.48 -7.19 -11.48
C THR A 30 -50.37 -5.81 -12.15
N THR A 31 -50.33 -5.79 -13.48
CA THR A 31 -50.37 -4.53 -14.24
C THR A 31 -51.81 -4.10 -14.52
N ASP A 32 -51.97 -2.86 -14.98
CA ASP A 32 -53.25 -2.34 -15.45
C ASP A 32 -53.78 -3.13 -16.66
N THR A 33 -52.84 -3.70 -17.42
CA THR A 33 -53.12 -4.51 -18.60
C THR A 33 -53.82 -5.85 -18.26
N GLY A 34 -53.31 -6.53 -17.24
CA GLY A 34 -53.79 -7.84 -16.84
C GLY A 34 -52.68 -8.87 -16.64
N LEU A 35 -51.43 -8.41 -16.77
CA LEU A 35 -50.27 -9.29 -16.61
C LEU A 35 -49.93 -9.49 -15.14
N THR A 36 -49.46 -10.69 -14.81
CA THR A 36 -48.98 -10.98 -13.47
C THR A 36 -47.52 -11.41 -13.48
N GLY A 37 -46.79 -10.98 -12.46
CA GLY A 37 -45.42 -11.41 -12.28
C GLY A 37 -45.21 -11.91 -10.87
N LEU A 38 -44.25 -12.81 -10.70
CA LEU A 38 -43.98 -13.39 -9.40
C LEU A 38 -42.63 -12.96 -8.90
N GLY A 39 -42.54 -12.69 -7.61
CA GLY A 39 -41.28 -12.38 -6.98
C GLY A 39 -41.28 -12.97 -5.58
N GLU A 40 -40.12 -12.88 -4.95
CA GLU A 40 -39.94 -13.37 -3.61
C GLU A 40 -38.98 -12.45 -2.87
N VAL A 41 -39.35 -12.10 -1.64
CA VAL A 41 -38.57 -11.23 -0.79
C VAL A 41 -37.88 -12.10 0.25
N TYR A 42 -36.56 -11.96 0.33
CA TYR A 42 -35.74 -12.70 1.27
C TYR A 42 -35.22 -11.74 2.32
N ALA A 43 -35.96 -11.57 3.39
CA ALA A 43 -35.64 -10.58 4.42
C ALA A 43 -36.30 -10.99 5.71
N ALA A 44 -35.52 -11.11 6.78
CA ALA A 44 -36.08 -11.58 8.03
C ALA A 44 -35.51 -10.89 9.25
N GLY A 45 -35.22 -9.60 9.12
CA GLY A 45 -34.78 -8.76 10.24
C GLY A 45 -35.95 -8.50 11.17
N VAL A 46 -37.13 -8.35 10.57
CA VAL A 46 -38.39 -8.36 11.28
C VAL A 46 -39.29 -9.46 10.66
N GLY A 47 -40.36 -9.81 11.36
CA GLY A 47 -41.29 -10.85 10.91
C GLY A 47 -42.03 -10.49 9.63
N PRO A 48 -42.85 -11.43 9.10
CA PRO A 48 -43.63 -11.18 7.89
C PRO A 48 -44.68 -10.10 8.07
N GLU A 49 -45.31 -10.04 9.24
CA GLU A 49 -46.39 -9.07 9.49
C GLU A 49 -45.83 -7.69 9.17
N ALA A 50 -44.67 -7.40 9.76
CA ALA A 50 -43.95 -6.15 9.55
C ALA A 50 -43.52 -5.99 8.10
N MET A 51 -42.86 -7.01 7.55
CA MET A 51 -42.40 -6.99 6.16
C MET A 51 -43.53 -6.74 5.18
N THR A 52 -44.72 -7.27 5.47
CA THR A 52 -45.90 -7.03 4.61
C THR A 52 -46.19 -5.55 4.47
N HIS A 53 -46.16 -4.85 5.57
CA HIS A 53 -46.31 -3.45 5.58
C HIS A 53 -45.16 -2.66 4.96
N VAL A 54 -43.96 -3.18 5.05
CA VAL A 54 -42.80 -2.66 4.33
C VAL A 54 -42.94 -2.86 2.81
N ILE A 55 -43.36 -4.05 2.39
CA ILE A 55 -43.43 -4.40 0.96
C ILE A 55 -44.52 -3.61 0.25
N HIS A 56 -45.66 -3.44 0.94
CA HIS A 56 -46.73 -2.57 0.47
C HIS A 56 -46.26 -1.14 0.35
N ASP A 57 -45.39 -0.73 1.29
CA ASP A 57 -44.85 0.63 1.31
C ASP A 57 -43.88 0.87 0.15
N VAL A 58 -42.91 -0.03 -0.03
CA VAL A 58 -41.94 0.08 -1.13
C VAL A 58 -42.63 0.09 -2.49
N PHE A 59 -43.64 -0.77 -2.65
CA PHE A 59 -44.41 -0.83 -3.90
C PHE A 59 -45.18 0.47 -4.20
N THR A 60 -46.01 0.92 -3.26
CA THR A 60 -46.84 2.13 -3.48
C THR A 60 -45.98 3.36 -3.72
N ARG A 61 -44.89 3.47 -2.97
CA ARG A 61 -44.05 4.65 -2.96
C ARG A 61 -43.18 4.79 -4.21
N HIS A 62 -42.56 3.70 -4.64
CA HIS A 62 -41.54 3.78 -5.68
C HIS A 62 -41.88 3.07 -6.98
N MET A 63 -42.97 2.30 -7.00
CA MET A 63 -43.21 1.40 -8.14
C MET A 63 -44.59 1.50 -8.78
N ARG A 64 -45.62 1.62 -7.95
CA ARG A 64 -47.00 1.67 -8.41
C ARG A 64 -47.13 2.75 -9.47
N GLY A 65 -47.72 2.39 -10.61
CA GLY A 65 -47.94 3.34 -11.71
C GLY A 65 -46.78 3.45 -12.68
N GLU A 66 -45.76 2.62 -12.49
CA GLU A 66 -44.56 2.70 -13.31
C GLU A 66 -44.53 1.57 -14.32
N ASP A 67 -43.89 1.83 -15.47
CA ASP A 67 -43.60 0.77 -16.44
C ASP A 67 -42.47 -0.09 -15.87
N PRO A 68 -42.73 -1.41 -15.72
CA PRO A 68 -41.80 -2.44 -15.23
C PRO A 68 -40.42 -2.44 -15.87
N ALA A 69 -40.34 -2.01 -17.13
CA ALA A 69 -39.06 -1.85 -17.82
C ALA A 69 -38.13 -0.84 -17.17
N ASN A 70 -38.68 0.17 -16.51
CA ASN A 70 -37.85 1.18 -15.86
C ASN A 70 -37.27 0.66 -14.56
N ILE A 71 -36.47 -0.41 -14.69
CA ILE A 71 -35.87 -1.16 -13.59
C ILE A 71 -34.86 -0.33 -12.81
N GLU A 72 -34.00 0.40 -13.52
CA GLU A 72 -32.99 1.26 -12.89
C GLU A 72 -33.65 2.40 -12.13
N LEU A 73 -34.71 2.96 -12.70
CA LEU A 73 -35.43 4.07 -12.07
C LEU A 73 -35.98 3.65 -10.70
N MET A 74 -36.78 2.58 -10.70
CA MET A 74 -37.38 2.12 -9.45
C MET A 74 -36.34 1.68 -8.45
N SER A 75 -35.26 1.04 -8.94
CA SER A 75 -34.12 0.66 -8.10
C SER A 75 -33.57 1.87 -7.38
N ARG A 76 -33.13 2.88 -8.13
CA ARG A 76 -32.62 4.12 -7.55
C ARG A 76 -33.56 4.70 -6.49
N ARG A 77 -34.85 4.81 -6.82
CA ARG A 77 -35.87 5.25 -5.86
C ARG A 77 -35.85 4.46 -4.55
N ALA A 78 -35.93 3.12 -4.65
CA ALA A 78 -35.93 2.26 -3.46
C ALA A 78 -34.63 2.36 -2.70
N HIS A 79 -33.53 2.45 -3.44
CA HIS A 79 -32.21 2.67 -2.86
C HIS A 79 -32.11 4.03 -2.15
N SER A 80 -32.68 5.07 -2.73
CA SER A 80 -32.61 6.42 -2.20
C SER A 80 -33.70 6.80 -1.22
N SER A 81 -34.62 5.89 -0.97
CA SER A 81 -35.84 6.13 -0.25
C SER A 81 -35.69 6.69 1.14
N GLY A 82 -36.40 7.75 1.42
CA GLY A 82 -36.24 8.45 2.70
C GLY A 82 -34.96 9.25 2.86
N PHE A 83 -34.36 9.66 1.74
CA PHE A 83 -33.11 10.42 1.78
C PHE A 83 -32.09 9.57 2.56
N THR A 84 -31.81 8.39 2.01
CA THR A 84 -30.79 7.48 2.54
C THR A 84 -29.69 7.31 1.52
N GLN A 85 -29.90 6.42 0.55
CA GLN A 85 -28.98 6.18 -0.56
C GLN A 85 -27.77 5.29 -0.18
N ARG A 86 -27.88 4.59 0.95
CA ARG A 86 -26.93 3.55 1.30
C ARG A 86 -27.68 2.21 1.46
N PRO A 87 -26.95 1.07 1.43
CA PRO A 87 -27.66 -0.21 1.39
C PRO A 87 -28.44 -0.56 2.67
N ASP A 88 -29.70 -0.96 2.46
CA ASP A 88 -30.59 -1.39 3.53
C ASP A 88 -31.22 -2.71 3.09
N PRO A 89 -30.96 -3.80 3.84
CA PRO A 89 -31.47 -5.12 3.48
C PRO A 89 -32.99 -5.26 3.64
N THR A 90 -33.60 -4.46 4.51
CA THR A 90 -35.06 -4.51 4.72
C THR A 90 -35.84 -3.81 3.59
N VAL A 91 -35.42 -2.61 3.22
CA VAL A 91 -36.13 -1.87 2.15
C VAL A 91 -35.81 -2.48 0.78
N PHE A 92 -34.53 -2.78 0.54
CA PHE A 92 -34.11 -3.37 -0.72
C PHE A 92 -34.52 -4.82 -0.86
N GLY A 93 -34.42 -5.60 0.22
CA GLY A 93 -34.96 -6.95 0.21
C GLY A 93 -36.36 -6.96 -0.37
N ALA A 94 -37.23 -6.13 0.19
CA ALA A 94 -38.61 -5.96 -0.29
C ALA A 94 -38.69 -5.49 -1.75
N PHE A 95 -37.75 -4.65 -2.17
CA PHE A 95 -37.68 -4.24 -3.56
C PHE A 95 -37.24 -5.37 -4.51
N SER A 96 -36.37 -6.28 -4.04
CA SER A 96 -35.82 -7.34 -4.89
C SER A 96 -36.91 -8.27 -5.39
N GLY A 97 -37.78 -8.69 -4.45
CA GLY A 97 -38.92 -9.52 -4.80
C GLY A 97 -39.82 -8.82 -5.77
N LEU A 98 -39.96 -7.50 -5.61
CA LEU A 98 -40.84 -6.72 -6.46
C LEU A 98 -40.25 -6.53 -7.86
N GLU A 99 -38.97 -6.20 -7.91
CA GLU A 99 -38.19 -6.16 -9.16
C GLU A 99 -38.31 -7.49 -9.92
N MET A 100 -38.11 -8.61 -9.22
CA MET A 100 -38.28 -9.96 -9.76
C MET A 100 -39.58 -10.17 -10.56
N ALA A 101 -40.70 -9.74 -9.95
CA ALA A 101 -42.00 -9.75 -10.63
C ALA A 101 -42.00 -9.01 -11.95
N CYS A 102 -41.30 -7.87 -11.99
CA CYS A 102 -41.28 -6.98 -13.17
C CYS A 102 -40.68 -7.66 -14.39
N TRP A 103 -39.55 -8.35 -14.21
CA TRP A 103 -38.91 -9.15 -15.24
C TRP A 103 -39.79 -10.30 -15.71
N ASP A 104 -40.63 -10.80 -14.79
CA ASP A 104 -41.60 -11.84 -15.13
C ASP A 104 -42.67 -11.24 -16.01
N ILE A 105 -43.14 -10.05 -15.65
CA ILE A 105 -44.08 -9.31 -16.49
C ILE A 105 -43.43 -8.96 -17.83
N LEU A 106 -42.22 -8.43 -17.77
CA LEU A 106 -41.47 -8.08 -18.98
C LEU A 106 -41.36 -9.26 -19.94
N GLY A 107 -40.87 -10.38 -19.41
CA GLY A 107 -40.79 -11.63 -20.15
C GLY A 107 -42.08 -12.05 -20.82
N LYS A 108 -43.19 -12.06 -20.08
CA LYS A 108 -44.50 -12.45 -20.64
C LYS A 108 -44.91 -11.51 -21.77
N ALA A 109 -44.85 -10.20 -21.49
CA ALA A 109 -45.23 -9.17 -22.43
C ALA A 109 -44.40 -9.21 -23.71
N ARG A 110 -43.11 -9.50 -23.57
CA ARG A 110 -42.20 -9.58 -24.71
C ARG A 110 -42.06 -11.02 -25.24
N ASP A 111 -42.81 -11.94 -24.64
CA ASP A 111 -42.83 -13.37 -25.01
C ASP A 111 -41.43 -14.01 -24.94
N CYS A 112 -40.65 -13.57 -23.95
CA CYS A 112 -39.26 -14.01 -23.78
C CYS A 112 -39.01 -14.63 -22.42
N PRO A 113 -38.15 -15.66 -22.35
CA PRO A 113 -37.70 -16.05 -21.03
C PRO A 113 -36.79 -14.96 -20.50
N VAL A 114 -36.96 -14.60 -19.23
CA VAL A 114 -36.14 -13.60 -18.57
C VAL A 114 -34.67 -13.60 -19.04
N TRP A 115 -34.03 -14.77 -19.07
CA TRP A 115 -32.59 -14.84 -19.46
C TRP A 115 -32.29 -14.27 -20.87
N ALA A 116 -33.29 -14.24 -21.74
CA ALA A 116 -33.14 -13.65 -23.07
C ALA A 116 -33.01 -12.13 -23.03
N MET A 117 -33.44 -11.54 -21.91
CA MET A 117 -33.30 -10.12 -21.66
C MET A 117 -32.07 -9.81 -20.82
N LEU A 118 -31.38 -10.87 -20.37
CA LEU A 118 -30.21 -10.73 -19.51
C LEU A 118 -28.88 -10.92 -20.25
N GLY A 119 -28.91 -10.91 -21.57
CA GLY A 119 -27.67 -11.14 -22.32
C GLY A 119 -27.53 -12.52 -22.93
N GLY A 120 -28.58 -13.35 -22.80
CA GLY A 120 -28.71 -14.57 -23.61
C GLY A 120 -28.47 -15.91 -22.94
N LYS A 121 -28.53 -16.97 -23.77
CA LYS A 121 -28.26 -18.33 -23.32
C LYS A 121 -26.77 -18.62 -23.31
N MET A 122 -26.07 -18.03 -22.38
CA MET A 122 -24.66 -18.23 -22.16
C MET A 122 -24.39 -19.66 -21.75
N ASN A 123 -25.29 -20.25 -20.95
CA ASN A 123 -25.17 -21.60 -20.44
C ASN A 123 -26.36 -22.48 -20.84
N ASP A 124 -26.11 -23.44 -21.73
CA ASP A 124 -27.14 -24.41 -22.19
C ASP A 124 -27.79 -25.19 -21.07
N ARG A 125 -26.98 -25.48 -20.06
CA ARG A 125 -27.42 -26.03 -18.80
C ARG A 125 -26.55 -25.43 -17.70
N ILE A 126 -26.97 -25.65 -16.46
CA ILE A 126 -26.43 -24.91 -15.32
C ILE A 126 -26.06 -25.87 -14.19
N ARG A 127 -24.86 -25.73 -13.66
CA ARG A 127 -24.37 -26.63 -12.60
C ARG A 127 -25.11 -26.32 -11.31
N ALA A 128 -25.60 -27.38 -10.66
CA ALA A 128 -26.35 -27.24 -9.43
C ALA A 128 -25.71 -27.99 -8.28
N TYR A 129 -26.01 -27.54 -7.06
CA TYR A 129 -25.66 -28.30 -5.88
C TYR A 129 -26.79 -28.30 -4.86
N THR A 130 -26.67 -29.18 -3.87
CA THR A 130 -27.61 -29.23 -2.77
C THR A 130 -26.84 -29.37 -1.48
N TYR A 131 -27.45 -28.91 -0.39
CA TYR A 131 -26.93 -29.12 0.94
C TYR A 131 -27.28 -30.56 1.28
N LEU A 132 -26.38 -31.24 1.99
CA LEU A 132 -26.61 -32.65 2.36
C LEU A 132 -27.72 -32.79 3.39
N TYR A 133 -28.86 -33.28 2.94
CA TYR A 133 -30.01 -33.52 3.82
C TYR A 133 -30.01 -34.95 4.33
N PRO A 134 -30.74 -35.21 5.43
CA PRO A 134 -30.90 -36.59 5.86
C PRO A 134 -31.73 -37.38 4.86
N GLU A 135 -31.28 -38.59 4.57
CA GLU A 135 -32.05 -39.56 3.82
C GLU A 135 -33.17 -40.04 4.74
N PRO A 136 -34.27 -40.61 4.18
CA PRO A 136 -35.33 -41.05 5.08
C PRO A 136 -34.86 -41.94 6.22
N HIS A 137 -34.08 -42.98 5.90
CA HIS A 137 -33.72 -44.03 6.85
C HIS A 137 -32.71 -43.57 7.89
N HIS A 138 -32.53 -42.26 7.99
CA HIS A 138 -31.60 -41.65 8.92
C HIS A 138 -32.34 -41.12 10.14
N ASP A 139 -31.80 -41.39 11.33
CA ASP A 139 -32.26 -40.75 12.54
C ASP A 139 -31.93 -39.26 12.40
N THR A 140 -32.97 -38.42 12.40
CA THR A 140 -32.85 -36.98 12.05
C THR A 140 -32.26 -36.11 13.15
N ASN A 141 -32.14 -36.65 14.35
CA ASN A 141 -31.51 -35.91 15.43
C ASN A 141 -29.99 -36.07 15.38
N ALA A 142 -29.55 -37.33 15.30
CA ALA A 142 -28.12 -37.65 15.24
C ALA A 142 -27.46 -37.20 13.93
N PHE A 143 -28.19 -37.29 12.81
CA PHE A 143 -27.66 -37.00 11.47
C PHE A 143 -26.70 -35.81 11.43
N TRP A 144 -27.14 -34.69 12.01
CA TRP A 144 -26.46 -33.41 11.87
C TRP A 144 -25.04 -33.36 12.39
N THR A 145 -24.69 -34.33 13.23
CA THR A 145 -23.33 -34.41 13.77
C THR A 145 -22.64 -35.70 13.41
N SER A 146 -23.18 -36.43 12.43
CA SER A 146 -22.65 -37.75 12.06
C SER A 146 -21.93 -37.78 10.70
N PRO A 147 -20.58 -37.79 10.72
CA PRO A 147 -19.78 -37.85 9.48
C PRO A 147 -20.23 -38.94 8.53
N GLU A 148 -20.49 -40.14 9.06
CA GLU A 148 -20.77 -41.33 8.25
C GLU A 148 -22.18 -41.31 7.64
N MET A 149 -23.15 -40.73 8.36
CA MET A 149 -24.49 -40.52 7.81
C MET A 149 -24.45 -39.53 6.66
N ALA A 150 -23.71 -38.44 6.84
CA ALA A 150 -23.60 -37.41 5.80
C ALA A 150 -22.80 -37.94 4.60
N ALA A 151 -21.87 -38.84 4.87
CA ALA A 151 -21.14 -39.52 3.80
C ALA A 151 -22.11 -40.28 2.92
N GLU A 152 -22.99 -41.08 3.54
CA GLU A 152 -24.03 -41.83 2.84
C GLU A 152 -24.88 -40.94 1.93
N SER A 153 -25.33 -39.80 2.47
CA SER A 153 -26.13 -38.87 1.67
C SER A 153 -25.33 -38.29 0.50
N ALA A 154 -24.05 -38.02 0.73
CA ALA A 154 -23.16 -37.53 -0.32
C ALA A 154 -23.11 -38.54 -1.47
N ALA A 155 -22.97 -39.81 -1.12
CA ALA A 155 -22.97 -40.90 -2.09
C ALA A 155 -24.27 -40.93 -2.90
N ALA A 156 -25.41 -40.78 -2.25
CA ALA A 156 -26.69 -40.77 -2.95
C ALA A 156 -26.81 -39.56 -3.88
N ARG A 157 -26.45 -38.38 -3.39
CA ARG A 157 -26.41 -37.17 -4.21
C ARG A 157 -25.50 -37.34 -5.43
N VAL A 158 -24.35 -38.00 -5.23
CA VAL A 158 -23.50 -38.42 -6.34
C VAL A 158 -24.29 -39.31 -7.31
N ALA A 159 -24.91 -40.34 -6.80
CA ALA A 159 -25.63 -41.25 -7.62
C ALA A 159 -26.67 -40.50 -8.42
N GLU A 160 -27.19 -39.47 -7.80
CA GLU A 160 -28.22 -38.62 -8.30
C GLU A 160 -27.84 -37.75 -9.47
N GLY A 161 -26.58 -37.53 -9.60
CA GLY A 161 -26.02 -36.67 -10.65
C GLY A 161 -25.33 -35.41 -10.12
N TYR A 162 -25.50 -35.13 -8.84
CA TYR A 162 -24.87 -33.95 -8.23
C TYR A 162 -23.36 -34.02 -8.30
N THR A 163 -22.74 -32.85 -8.50
CA THR A 163 -21.29 -32.76 -8.71
C THR A 163 -20.61 -31.88 -7.67
N ALA A 164 -21.36 -31.49 -6.65
CA ALA A 164 -20.88 -30.62 -5.57
C ALA A 164 -21.87 -30.68 -4.42
N VAL A 165 -21.38 -30.73 -3.19
CA VAL A 165 -22.30 -30.85 -2.04
C VAL A 165 -21.94 -29.96 -0.85
N LYS A 166 -22.96 -29.42 -0.18
CA LYS A 166 -22.76 -28.54 0.95
C LYS A 166 -23.08 -29.19 2.30
N PHE A 167 -22.38 -28.74 3.33
CA PHE A 167 -22.58 -29.16 4.71
C PHE A 167 -21.99 -28.10 5.61
N ASP A 168 -22.54 -27.97 6.81
CA ASP A 168 -21.93 -27.10 7.82
C ASP A 168 -21.88 -27.81 9.17
N PRO A 169 -20.87 -28.65 9.37
CA PRO A 169 -20.68 -29.39 10.63
C PRO A 169 -19.99 -28.54 11.69
N ALA A 170 -19.79 -27.26 11.39
CA ALA A 170 -18.93 -26.39 12.19
C ALA A 170 -19.62 -25.84 13.45
N GLY A 171 -20.93 -26.01 13.53
CA GLY A 171 -21.66 -25.63 14.73
C GLY A 171 -22.63 -24.47 14.56
N PRO A 172 -23.19 -23.97 15.69
CA PRO A 172 -24.26 -22.99 15.68
C PRO A 172 -23.80 -21.54 15.46
N TYR A 173 -24.61 -20.82 14.69
CA TYR A 173 -24.47 -19.38 14.49
C TYR A 173 -25.12 -18.68 15.67
N THR A 174 -24.43 -17.69 16.23
CA THR A 174 -24.92 -17.00 17.44
C THR A 174 -24.92 -15.48 17.29
N MET A 175 -25.82 -14.83 18.04
CA MET A 175 -25.91 -13.37 18.08
C MET A 175 -24.65 -12.72 18.66
N ARG A 176 -23.83 -13.54 19.28
CA ARG A 176 -22.65 -13.07 19.91
C ARG A 176 -21.67 -12.44 18.95
N GLY A 177 -21.52 -13.02 17.78
CA GLY A 177 -20.58 -12.58 16.77
C GLY A 177 -19.39 -13.52 16.71
N GLY A 178 -18.27 -13.02 16.25
CA GLY A 178 -17.07 -13.84 16.08
C GLY A 178 -16.63 -14.54 17.35
N HIS A 179 -16.74 -15.87 17.37
CA HIS A 179 -16.12 -16.65 18.43
C HIS A 179 -14.98 -17.52 17.89
N MET A 180 -14.18 -18.06 18.81
CA MET A 180 -13.17 -19.04 18.42
C MET A 180 -13.87 -20.39 18.29
N PRO A 181 -13.52 -21.17 17.25
CA PRO A 181 -14.04 -22.54 17.12
C PRO A 181 -13.56 -23.42 18.25
N ALA A 182 -14.47 -24.17 18.84
CA ALA A 182 -14.09 -25.28 19.73
C ALA A 182 -13.20 -26.27 18.97
N LEU A 183 -12.28 -26.91 19.67
CA LEU A 183 -11.46 -27.99 19.08
C LEU A 183 -12.31 -29.13 18.51
N SER A 184 -13.51 -29.32 19.08
CA SER A 184 -14.43 -30.38 18.65
C SER A 184 -15.13 -30.00 17.35
N ASP A 185 -15.49 -28.73 17.21
CA ASP A 185 -15.95 -28.15 15.93
C ASP A 185 -14.92 -28.43 14.84
N ILE A 186 -13.65 -28.14 15.15
CA ILE A 186 -12.57 -28.39 14.21
C ILE A 186 -12.53 -29.87 13.84
N ASP A 187 -12.38 -30.75 14.84
CA ASP A 187 -12.29 -32.19 14.60
C ASP A 187 -13.47 -32.76 13.80
N LEU A 188 -14.67 -32.30 14.10
CA LEU A 188 -15.88 -32.76 13.41
C LEU A 188 -15.83 -32.40 11.93
N SER A 189 -15.38 -31.17 11.66
CA SER A 189 -15.20 -30.61 10.31
C SER A 189 -14.24 -31.41 9.47
N ALA A 190 -13.07 -31.73 10.05
CA ALA A 190 -12.11 -32.61 9.40
C ALA A 190 -12.76 -33.95 9.13
N ARG A 191 -13.41 -34.51 10.15
CA ARG A 191 -14.09 -35.81 10.06
C ARG A 191 -15.18 -35.83 9.00
N PHE A 192 -15.90 -34.72 8.86
CA PHE A 192 -16.92 -34.59 7.82
C PHE A 192 -16.25 -34.63 6.45
N CYS A 193 -15.34 -33.69 6.23
CA CYS A 193 -14.59 -33.59 4.98
C CYS A 193 -13.96 -34.90 4.55
N ALA A 194 -13.36 -35.59 5.50
CA ALA A 194 -12.74 -36.90 5.28
C ALA A 194 -13.77 -37.90 4.78
N ALA A 195 -14.74 -38.22 5.64
CA ALA A 195 -15.82 -39.16 5.33
C ALA A 195 -16.45 -38.92 3.96
N ILE A 196 -16.70 -37.67 3.62
CA ILE A 196 -17.38 -37.34 2.37
C ILE A 196 -16.46 -37.50 1.16
N ARG A 197 -15.24 -36.94 1.25
CA ARG A 197 -14.25 -37.07 0.19
C ARG A 197 -13.95 -38.54 -0.06
N ASP A 198 -13.91 -39.30 1.02
CA ASP A 198 -13.71 -40.74 0.95
C ASP A 198 -14.83 -41.40 0.17
N ALA A 199 -16.08 -40.98 0.43
CA ALA A 199 -17.24 -41.59 -0.23
C ALA A 199 -17.51 -41.04 -1.64
N VAL A 200 -17.05 -39.82 -1.93
CA VAL A 200 -17.33 -39.19 -3.24
C VAL A 200 -16.18 -39.30 -4.24
N GLY A 201 -14.97 -39.49 -3.72
CA GLY A 201 -13.77 -39.52 -4.55
C GLY A 201 -13.52 -38.21 -5.31
N THR A 202 -13.67 -38.24 -6.63
CA THR A 202 -13.54 -37.01 -7.42
C THR A 202 -14.80 -36.77 -8.25
N GLN A 203 -15.93 -37.30 -7.77
CA GLN A 203 -17.21 -37.11 -8.44
C GLN A 203 -18.01 -35.92 -7.89
N ALA A 204 -17.53 -35.32 -6.79
CA ALA A 204 -18.23 -34.19 -6.17
C ALA A 204 -17.31 -33.29 -5.36
N ASP A 205 -17.43 -31.99 -5.56
CA ASP A 205 -16.70 -31.04 -4.74
C ASP A 205 -17.36 -30.88 -3.37
N LEU A 206 -16.54 -30.63 -2.36
CA LEU A 206 -16.99 -30.36 -1.01
C LEU A 206 -17.13 -28.86 -0.84
N LEU A 207 -18.36 -28.43 -0.62
CA LEU A 207 -18.64 -27.03 -0.38
C LEU A 207 -18.79 -26.86 1.11
N PHE A 208 -17.84 -26.17 1.70
CA PHE A 208 -17.90 -25.90 3.11
C PHE A 208 -18.70 -24.69 3.37
N GLY A 209 -19.65 -24.79 4.27
CA GLY A 209 -20.52 -23.68 4.56
C GLY A 209 -20.76 -23.23 5.97
N THR A 210 -19.84 -22.48 6.55
CA THR A 210 -20.03 -21.94 7.87
C THR A 210 -21.08 -20.87 7.83
N HIS A 211 -21.48 -20.40 8.98
CA HIS A 211 -22.51 -19.40 9.08
C HIS A 211 -22.00 -18.05 9.49
N GLY A 212 -20.74 -17.75 9.23
CA GLY A 212 -20.07 -16.60 9.78
C GLY A 212 -19.96 -16.65 11.29
N GLN A 213 -19.75 -17.86 11.83
CA GLN A 213 -19.68 -18.09 13.27
C GLN A 213 -18.47 -17.46 13.93
N PHE A 214 -17.35 -17.49 13.22
CA PHE A 214 -16.05 -17.34 13.87
C PHE A 214 -15.34 -16.03 13.56
N ALA A 215 -14.52 -15.59 14.51
CA ALA A 215 -13.62 -14.46 14.32
C ALA A 215 -12.62 -14.84 13.25
N PRO A 216 -12.13 -13.86 12.46
CA PRO A 216 -11.24 -14.17 11.34
C PRO A 216 -10.02 -15.03 11.68
N ALA A 217 -9.57 -15.04 12.93
CA ALA A 217 -8.38 -15.84 13.32
C ALA A 217 -8.76 -17.27 13.65
N GLY A 218 -10.01 -17.47 14.06
CA GLY A 218 -10.55 -18.82 14.27
C GLY A 218 -10.86 -19.49 12.95
N ALA A 219 -11.34 -18.70 11.98
CA ALA A 219 -11.64 -19.20 10.64
C ALA A 219 -10.39 -19.74 9.95
N ILE A 220 -9.25 -19.08 10.18
CA ILE A 220 -7.97 -19.54 9.64
C ILE A 220 -7.57 -20.92 10.19
N ARG A 221 -7.65 -21.08 11.52
CA ARG A 221 -7.40 -22.37 12.16
C ARG A 221 -8.20 -23.51 11.51
N LEU A 222 -9.51 -23.30 11.41
CA LEU A 222 -10.39 -24.28 10.78
C LEU A 222 -9.97 -24.57 9.35
N ALA A 223 -9.75 -23.52 8.56
CA ALA A 223 -9.27 -23.65 7.19
C ALA A 223 -8.05 -24.57 7.07
N LYS A 224 -7.17 -24.55 8.07
CA LYS A 224 -5.99 -25.45 8.10
C LYS A 224 -6.35 -26.93 8.30
N ALA A 225 -7.44 -27.18 9.02
CA ALA A 225 -7.90 -28.54 9.26
C ALA A 225 -8.50 -29.15 8.00
N ILE A 226 -9.23 -28.33 7.24
CA ILE A 226 -10.02 -28.85 6.13
C ILE A 226 -9.31 -28.80 4.77
N GLU A 227 -8.24 -28.01 4.68
CA GLU A 227 -7.38 -27.95 3.48
C GLU A 227 -7.02 -29.31 2.85
N PRO A 228 -6.51 -30.28 3.66
CA PRO A 228 -6.11 -31.59 3.08
C PRO A 228 -7.17 -32.26 2.22
N TYR A 229 -8.43 -31.91 2.44
CA TYR A 229 -9.58 -32.51 1.75
C TYR A 229 -10.02 -31.73 0.51
N ASP A 230 -9.37 -30.59 0.29
CA ASP A 230 -9.55 -29.77 -0.91
C ASP A 230 -10.98 -29.25 -1.13
N PRO A 231 -11.56 -28.54 -0.14
CA PRO A 231 -12.86 -27.89 -0.36
C PRO A 231 -12.85 -27.04 -1.61
N LEU A 232 -14.00 -26.91 -2.27
CA LEU A 232 -14.12 -26.05 -3.45
C LEU A 232 -14.26 -24.61 -3.01
N TRP A 233 -14.98 -24.41 -1.90
CA TRP A 233 -15.05 -23.11 -1.26
C TRP A 233 -15.14 -23.15 0.27
N TYR A 234 -14.83 -22.01 0.88
CA TYR A 234 -15.03 -21.74 2.29
C TYR A 234 -16.07 -20.61 2.38
N GLU A 235 -17.29 -21.00 2.57
CA GLU A 235 -18.37 -20.07 2.62
C GLU A 235 -18.53 -19.47 3.98
N GLU A 236 -18.63 -18.14 3.98
CA GLU A 236 -19.02 -17.31 5.12
C GLU A 236 -18.30 -17.63 6.38
N PRO A 237 -16.98 -17.51 6.33
CA PRO A 237 -16.18 -17.88 7.48
C PRO A 237 -16.37 -16.96 8.69
N ILE A 238 -16.66 -15.69 8.44
CA ILE A 238 -16.70 -14.65 9.49
C ILE A 238 -17.97 -13.81 9.36
N PRO A 239 -18.28 -12.97 10.38
CA PRO A 239 -19.58 -12.27 10.33
C PRO A 239 -19.59 -11.15 9.29
N PRO A 240 -20.71 -11.02 8.54
CA PRO A 240 -20.80 -10.13 7.36
C PRO A 240 -20.67 -8.64 7.69
N ASP A 241 -20.49 -8.33 8.97
CA ASP A 241 -20.24 -6.96 9.42
C ASP A 241 -18.75 -6.63 9.30
N ASN A 242 -17.96 -7.60 8.84
CA ASN A 242 -16.52 -7.43 8.77
C ASN A 242 -15.88 -7.95 7.49
N LEU A 243 -16.30 -7.38 6.36
CA LEU A 243 -15.70 -7.66 5.07
C LEU A 243 -14.21 -7.28 4.96
N PRO A 244 -13.74 -6.29 5.77
CA PRO A 244 -12.27 -6.14 5.84
C PRO A 244 -11.52 -7.37 6.36
N GLY A 245 -12.14 -8.13 7.25
CA GLY A 245 -11.50 -9.31 7.80
C GLY A 245 -11.29 -10.44 6.81
N LEU A 246 -11.83 -10.31 5.61
CA LEU A 246 -11.67 -11.34 4.59
C LEU A 246 -10.25 -11.42 4.03
N SER A 247 -9.53 -10.30 4.02
CA SER A 247 -8.14 -10.28 3.53
C SER A 247 -7.21 -11.21 4.30
N GLU A 248 -7.19 -11.04 5.63
CA GLU A 248 -6.61 -11.96 6.61
C GLU A 248 -6.75 -13.44 6.26
N VAL A 249 -7.97 -13.81 5.90
CA VAL A 249 -8.39 -15.19 5.73
C VAL A 249 -7.98 -15.68 4.34
N ALA A 250 -8.43 -14.97 3.31
CA ALA A 250 -8.03 -15.25 1.94
C ALA A 250 -6.51 -15.43 1.81
N ALA A 251 -5.75 -14.60 2.53
CA ALA A 251 -4.28 -14.67 2.52
C ALA A 251 -3.71 -15.90 3.26
N HIS A 252 -4.50 -16.51 4.14
CA HIS A 252 -4.00 -17.58 5.01
C HIS A 252 -4.42 -18.99 4.59
N THR A 253 -5.21 -19.09 3.52
CA THR A 253 -5.67 -20.39 3.03
C THR A 253 -5.69 -20.47 1.51
N SER A 254 -5.66 -21.70 1.00
CA SER A 254 -5.77 -21.94 -0.44
C SER A 254 -7.19 -22.35 -0.82
N ILE A 255 -8.08 -22.31 0.15
CA ILE A 255 -9.50 -22.52 -0.12
C ILE A 255 -10.13 -21.21 -0.58
N PRO A 256 -10.77 -21.25 -1.76
CA PRO A 256 -11.50 -20.09 -2.24
C PRO A 256 -12.50 -19.64 -1.19
N ILE A 257 -12.53 -18.34 -0.91
CA ILE A 257 -13.49 -17.78 0.04
C ILE A 257 -14.76 -17.37 -0.69
N ALA A 258 -15.88 -17.97 -0.29
CA ALA A 258 -17.19 -17.62 -0.79
C ALA A 258 -17.96 -16.80 0.24
N THR A 259 -18.77 -15.85 -0.24
CA THR A 259 -19.60 -15.01 0.63
C THR A 259 -20.73 -14.42 -0.20
N GLY A 260 -21.74 -13.85 0.45
CA GLY A 260 -22.71 -13.09 -0.31
C GLY A 260 -24.12 -13.06 0.23
N GLU A 261 -24.57 -14.18 0.77
CA GLU A 261 -25.97 -14.39 1.15
C GLU A 261 -26.59 -13.32 2.03
N ARG A 262 -25.73 -12.58 2.74
CA ARG A 262 -26.19 -11.61 3.74
C ARG A 262 -25.86 -10.15 3.38
N LEU A 263 -25.36 -9.95 2.16
CA LEU A 263 -25.02 -8.62 1.66
C LEU A 263 -26.11 -8.08 0.73
N THR A 264 -26.13 -6.77 0.53
CA THR A 264 -27.23 -6.15 -0.20
C THR A 264 -26.77 -4.93 -0.97
N GLY A 265 -27.00 -4.94 -2.28
CA GLY A 265 -26.53 -3.85 -3.11
C GLY A 265 -25.15 -4.13 -3.65
N VAL A 266 -24.98 -3.89 -4.94
CA VAL A 266 -23.74 -4.18 -5.67
C VAL A 266 -22.50 -3.61 -4.97
N THR A 267 -22.64 -2.48 -4.27
CA THR A 267 -21.47 -1.85 -3.63
C THR A 267 -20.90 -2.70 -2.50
N GLU A 268 -21.76 -3.29 -1.68
CA GLU A 268 -21.33 -4.22 -0.64
C GLU A 268 -20.62 -5.46 -1.20
N PHE A 269 -21.09 -5.97 -2.34
CA PHE A 269 -20.41 -7.10 -3.00
C PHE A 269 -19.03 -6.71 -3.53
N THR A 270 -18.92 -5.47 -4.01
CA THR A 270 -17.64 -4.89 -4.41
C THR A 270 -16.64 -4.94 -3.25
N GLN A 271 -17.08 -4.52 -2.06
CA GLN A 271 -16.24 -4.57 -0.85
C GLN A 271 -15.70 -5.96 -0.56
N ALA A 272 -16.53 -6.98 -0.76
CA ALA A 272 -16.14 -8.37 -0.57
C ALA A 272 -15.07 -8.79 -1.58
N LEU A 273 -15.15 -8.22 -2.78
CA LEU A 273 -14.21 -8.54 -3.84
C LEU A 273 -12.84 -7.91 -3.58
N HIS A 274 -12.82 -6.60 -3.36
CA HIS A 274 -11.62 -5.86 -3.00
C HIS A 274 -10.88 -6.50 -1.82
N HIS A 275 -11.61 -7.19 -0.95
CA HIS A 275 -11.00 -7.81 0.22
C HIS A 275 -10.58 -9.26 0.10
N GLY A 276 -10.90 -9.91 -1.02
CA GLY A 276 -10.35 -11.23 -1.31
C GLY A 276 -11.27 -12.42 -1.57
N ALA A 277 -12.57 -12.26 -1.46
CA ALA A 277 -13.50 -13.34 -1.76
C ALA A 277 -13.57 -13.50 -3.28
N ARG A 278 -13.71 -14.74 -3.75
CA ARG A 278 -13.76 -14.97 -5.20
C ARG A 278 -14.98 -15.75 -5.70
N ILE A 279 -15.86 -16.13 -4.77
CA ILE A 279 -17.19 -16.62 -5.14
C ILE A 279 -18.25 -15.78 -4.42
N LEU A 280 -19.11 -15.16 -5.21
CA LEU A 280 -20.13 -14.30 -4.68
C LEU A 280 -21.47 -15.00 -4.62
N GLN A 281 -22.09 -14.96 -3.44
CA GLN A 281 -23.32 -15.70 -3.19
C GLN A 281 -24.50 -14.78 -2.89
N PRO A 282 -24.85 -13.88 -3.83
CA PRO A 282 -26.02 -13.07 -3.53
C PRO A 282 -27.27 -13.92 -3.30
N ALA A 283 -28.08 -13.54 -2.31
CA ALA A 283 -29.46 -14.02 -2.22
C ALA A 283 -30.27 -13.00 -2.98
N LEU A 284 -30.78 -13.38 -4.15
CA LEU A 284 -31.42 -12.43 -5.07
C LEU A 284 -32.62 -11.67 -4.49
N GLY A 285 -33.22 -12.21 -3.41
CA GLY A 285 -34.39 -11.60 -2.78
C GLY A 285 -34.01 -10.68 -1.64
N ARG A 286 -32.71 -10.61 -1.38
CA ARG A 286 -32.11 -9.64 -0.47
C ARG A 286 -31.26 -8.63 -1.24
N ALA A 287 -30.48 -9.14 -2.20
CA ALA A 287 -29.39 -8.36 -2.83
C ALA A 287 -29.84 -7.24 -3.79
N GLY A 288 -31.13 -7.16 -4.05
CA GLY A 288 -31.67 -6.14 -4.94
C GLY A 288 -32.22 -6.63 -6.26
N GLY A 289 -32.44 -7.93 -6.37
CA GLY A 289 -33.17 -8.48 -7.52
C GLY A 289 -32.26 -8.99 -8.62
N ILE A 290 -32.84 -9.20 -9.80
CA ILE A 290 -32.11 -9.84 -10.89
C ILE A 290 -31.08 -8.89 -11.50
N TRP A 291 -31.52 -7.69 -11.88
CA TRP A 291 -30.66 -6.70 -12.53
C TRP A 291 -29.47 -6.32 -11.66
N GLU A 292 -29.66 -6.36 -10.34
CA GLU A 292 -28.53 -6.14 -9.43
C GLU A 292 -27.60 -7.36 -9.41
N GLY A 293 -28.22 -8.54 -9.36
CA GLY A 293 -27.49 -9.80 -9.47
C GLY A 293 -26.69 -9.88 -10.76
N LYS A 294 -27.26 -9.36 -11.84
CA LYS A 294 -26.50 -9.11 -13.05
C LYS A 294 -25.26 -8.27 -12.79
N LYS A 295 -25.44 -7.12 -12.12
CA LYS A 295 -24.34 -6.20 -11.84
C LYS A 295 -23.31 -6.80 -10.89
N ILE A 296 -23.78 -7.63 -9.96
CA ILE A 296 -22.88 -8.32 -9.04
C ILE A 296 -21.98 -9.26 -9.82
N ALA A 297 -22.56 -10.04 -10.72
CA ALA A 297 -21.80 -10.88 -11.64
C ALA A 297 -20.79 -10.05 -12.45
N THR A 298 -21.19 -8.86 -12.86
CA THR A 298 -20.29 -8.00 -13.64
C THR A 298 -19.06 -7.61 -12.84
N LEU A 299 -19.25 -7.07 -11.64
CA LEU A 299 -18.10 -6.75 -10.78
C LEU A 299 -17.28 -7.96 -10.32
N ALA A 300 -17.91 -9.12 -10.16
CA ALA A 300 -17.20 -10.36 -9.84
C ALA A 300 -16.23 -10.74 -10.98
N ALA A 301 -16.75 -10.76 -12.21
CA ALA A 301 -15.94 -10.98 -13.42
C ALA A 301 -14.74 -10.04 -13.53
N ALA A 302 -14.87 -8.84 -12.97
CA ALA A 302 -13.79 -7.83 -12.95
C ALA A 302 -12.67 -8.20 -12.00
N PHE A 303 -13.01 -8.94 -10.95
CA PHE A 303 -12.05 -9.44 -9.98
C PHE A 303 -11.70 -10.91 -10.20
N GLY A 304 -12.07 -11.43 -11.38
CA GLY A 304 -11.77 -12.81 -11.78
C GLY A 304 -12.52 -13.82 -10.93
N ALA A 305 -13.70 -13.41 -10.48
CA ALA A 305 -14.44 -14.11 -9.46
C ALA A 305 -15.77 -14.64 -9.99
N GLN A 306 -16.35 -15.60 -9.27
CA GLN A 306 -17.51 -16.34 -9.78
C GLN A 306 -18.79 -16.15 -8.99
N LEU A 307 -19.89 -16.70 -9.51
CA LEU A 307 -21.22 -16.44 -8.98
C LEU A 307 -22.03 -17.70 -8.67
N ALA A 308 -22.35 -17.90 -7.40
CA ALA A 308 -23.18 -19.03 -6.97
C ALA A 308 -24.41 -18.55 -6.18
N PRO A 309 -25.52 -18.31 -6.91
CA PRO A 309 -26.77 -17.77 -6.36
C PRO A 309 -27.26 -18.54 -5.14
N HIS A 310 -27.27 -17.84 -3.99
CA HIS A 310 -27.71 -18.45 -2.72
C HIS A 310 -29.17 -18.85 -2.79
N LEU A 311 -29.51 -19.96 -2.15
CA LEU A 311 -30.90 -20.35 -2.00
C LEU A 311 -31.20 -21.02 -0.66
N TYR A 312 -31.89 -20.31 0.19
CA TYR A 312 -32.65 -20.84 1.31
C TYR A 312 -34.03 -20.22 1.37
N ALA A 313 -34.87 -20.59 0.44
CA ALA A 313 -36.11 -19.93 0.15
C ALA A 313 -36.98 -20.82 -0.67
N GLY A 314 -37.94 -20.25 -1.35
CA GLY A 314 -38.80 -20.89 -2.29
C GLY A 314 -38.47 -20.97 -3.76
N PRO A 315 -39.45 -21.46 -4.52
CA PRO A 315 -39.25 -21.76 -5.94
C PRO A 315 -39.35 -20.50 -6.82
N VAL A 316 -39.66 -19.37 -6.22
CA VAL A 316 -39.81 -18.13 -6.98
C VAL A 316 -38.44 -17.43 -7.12
N GLU A 317 -37.68 -17.36 -6.02
CA GLU A 317 -36.31 -16.89 -6.12
C GLU A 317 -35.53 -17.87 -6.96
N TRP A 318 -35.67 -19.16 -6.65
CA TRP A 318 -34.99 -20.23 -7.36
C TRP A 318 -35.07 -20.00 -8.87
N ALA A 319 -36.29 -19.78 -9.37
CA ALA A 319 -36.47 -19.46 -10.78
C ALA A 319 -35.65 -18.22 -11.21
N ALA A 320 -35.65 -17.18 -10.39
CA ALA A 320 -34.84 -15.99 -10.68
C ALA A 320 -33.37 -16.38 -10.79
N ASN A 321 -32.86 -17.06 -9.77
CA ASN A 321 -31.52 -17.66 -9.81
C ASN A 321 -31.14 -18.37 -11.11
N VAL A 322 -31.98 -19.31 -11.56
CA VAL A 322 -31.67 -20.07 -12.78
C VAL A 322 -31.61 -19.15 -14.01
N HIS A 323 -32.65 -18.34 -14.19
CA HIS A 323 -32.68 -17.35 -15.27
C HIS A 323 -31.44 -16.46 -15.30
N LEU A 324 -30.97 -16.03 -14.13
CA LEU A 324 -29.77 -15.21 -14.06
C LEU A 324 -28.57 -16.06 -14.42
N GLY A 325 -28.39 -17.17 -13.70
CA GLY A 325 -27.36 -18.16 -14.03
C GLY A 325 -27.19 -18.50 -15.51
N VAL A 326 -28.30 -18.60 -16.24
CA VAL A 326 -28.23 -18.88 -17.68
C VAL A 326 -27.41 -17.84 -18.45
N SER A 327 -27.37 -16.61 -17.93
CA SER A 327 -26.77 -15.49 -18.66
C SER A 327 -25.37 -15.10 -18.22
N CYS A 328 -24.74 -15.88 -17.35
CA CYS A 328 -23.45 -15.48 -16.78
C CYS A 328 -22.31 -16.46 -17.08
N PRO A 329 -21.32 -16.00 -17.88
CA PRO A 329 -20.11 -16.78 -18.13
C PRO A 329 -19.43 -17.18 -16.83
N ASN A 330 -19.44 -16.26 -15.87
CA ASN A 330 -18.72 -16.42 -14.60
C ASN A 330 -19.51 -17.18 -13.53
N LEU A 331 -20.61 -17.81 -13.93
CA LEU A 331 -21.42 -18.56 -12.97
C LEU A 331 -20.73 -19.86 -12.60
N LEU A 332 -20.55 -20.07 -11.30
CA LEU A 332 -19.93 -21.30 -10.82
C LEU A 332 -20.95 -22.44 -10.65
N MET A 333 -22.10 -22.13 -10.04
CA MET A 333 -23.17 -23.11 -9.80
C MET A 333 -24.37 -22.51 -9.05
N VAL A 334 -25.45 -23.26 -8.92
CA VAL A 334 -26.65 -22.80 -8.22
C VAL A 334 -27.06 -23.72 -7.08
N GLU A 335 -27.33 -23.12 -5.93
CA GLU A 335 -27.85 -23.82 -4.76
C GLU A 335 -29.28 -24.26 -5.01
N ALA A 336 -29.53 -25.56 -4.90
CA ALA A 336 -30.86 -26.11 -5.15
C ALA A 336 -31.52 -26.71 -3.91
N ILE A 337 -32.78 -26.38 -3.70
CA ILE A 337 -33.63 -27.08 -2.75
C ILE A 337 -34.78 -27.73 -3.50
N GLU A 338 -34.64 -29.02 -3.78
CA GLU A 338 -35.67 -29.78 -4.48
C GLU A 338 -36.57 -30.54 -3.49
N THR A 339 -37.42 -29.83 -2.75
CA THR A 339 -38.44 -30.51 -1.94
C THR A 339 -39.67 -30.71 -2.82
N PRO A 340 -40.55 -31.65 -2.42
CA PRO A 340 -41.83 -31.71 -3.13
C PRO A 340 -42.61 -30.43 -3.00
N PHE A 341 -42.57 -29.80 -1.82
CA PHE A 341 -43.31 -28.56 -1.61
C PHE A 341 -42.84 -27.38 -2.46
N HIS A 342 -41.54 -27.34 -2.79
CA HIS A 342 -41.02 -26.36 -3.75
C HIS A 342 -41.72 -26.60 -5.09
N GLU A 343 -41.81 -27.86 -5.47
CA GLU A 343 -42.35 -28.25 -6.76
C GLU A 343 -43.88 -28.08 -6.82
N ALA A 344 -44.56 -28.36 -5.70
CA ALA A 344 -46.02 -28.38 -5.65
C ALA A 344 -46.63 -26.99 -5.54
N LEU A 345 -45.83 -26.03 -5.07
CA LEU A 345 -46.29 -24.66 -4.85
C LEU A 345 -46.50 -23.85 -6.15
N VAL A 346 -45.69 -24.12 -7.16
CA VAL A 346 -45.80 -23.44 -8.45
C VAL A 346 -45.87 -24.50 -9.53
N THR A 347 -46.45 -24.17 -10.68
CA THR A 347 -46.28 -25.02 -11.87
C THR A 347 -45.27 -24.39 -12.83
N GLY A 348 -44.39 -25.22 -13.39
CA GLY A 348 -43.39 -24.76 -14.34
C GLY A 348 -42.00 -24.58 -13.76
N ARG A 349 -41.78 -25.11 -12.56
CA ARG A 349 -40.54 -24.89 -11.81
C ARG A 349 -39.34 -25.53 -12.49
N PRO A 350 -38.20 -24.81 -12.56
CA PRO A 350 -36.98 -25.46 -13.03
C PRO A 350 -36.57 -26.60 -12.08
N ARG A 351 -36.25 -27.75 -12.66
CA ARG A 351 -35.91 -28.93 -11.88
C ARG A 351 -34.42 -29.24 -12.00
N VAL A 352 -33.85 -29.81 -10.94
CA VAL A 352 -32.50 -30.36 -11.04
C VAL A 352 -32.61 -31.78 -11.53
N GLU A 353 -31.88 -32.08 -12.60
CA GLU A 353 -31.88 -33.42 -13.20
C GLU A 353 -30.47 -33.80 -13.56
N ASN A 354 -30.03 -34.96 -13.07
CA ASN A 354 -28.63 -35.36 -13.16
C ASN A 354 -27.68 -34.18 -12.94
N GLY A 355 -27.83 -33.54 -11.77
CA GLY A 355 -26.93 -32.49 -11.27
C GLY A 355 -27.05 -31.11 -11.89
N PHE A 356 -27.87 -30.99 -12.93
CA PHE A 356 -27.95 -29.78 -13.72
C PHE A 356 -29.40 -29.31 -13.90
N VAL A 357 -29.57 -28.10 -14.44
CA VAL A 357 -30.88 -27.54 -14.76
C VAL A 357 -30.77 -27.00 -16.18
N ALA A 358 -31.70 -27.38 -17.06
CA ALA A 358 -31.70 -26.85 -18.41
C ALA A 358 -32.27 -25.43 -18.39
N ALA A 359 -31.83 -24.62 -19.35
CA ALA A 359 -32.29 -23.24 -19.51
C ALA A 359 -33.77 -23.16 -19.93
N PRO A 360 -34.63 -22.59 -19.05
CA PRO A 360 -36.09 -22.54 -19.23
C PRO A 360 -36.57 -21.87 -20.52
N ASP A 361 -37.45 -22.56 -21.24
CA ASP A 361 -37.98 -22.11 -22.53
C ASP A 361 -39.19 -21.20 -22.42
N ALA A 362 -39.92 -21.27 -21.31
CA ALA A 362 -41.18 -20.55 -21.15
C ALA A 362 -41.00 -19.04 -20.89
N PRO A 363 -41.97 -18.20 -21.32
CA PRO A 363 -41.82 -16.74 -21.19
C PRO A 363 -41.81 -16.28 -19.73
N GLY A 364 -41.08 -15.20 -19.46
CA GLY A 364 -40.97 -14.67 -18.11
C GLY A 364 -40.12 -15.60 -17.26
N LEU A 365 -40.47 -15.70 -15.98
CA LEU A 365 -39.75 -16.61 -15.07
C LEU A 365 -40.12 -18.06 -15.31
N GLY A 366 -41.28 -18.29 -15.94
CA GLY A 366 -41.69 -19.63 -16.38
C GLY A 366 -42.41 -20.41 -15.30
N ILE A 367 -42.85 -19.69 -14.27
CA ILE A 367 -43.60 -20.29 -13.17
C ILE A 367 -44.93 -19.57 -13.00
N THR A 368 -45.94 -20.30 -12.49
CA THR A 368 -47.22 -19.70 -12.09
C THR A 368 -47.63 -20.27 -10.74
N LEU A 369 -48.03 -19.40 -9.82
CA LEU A 369 -48.44 -19.81 -8.46
C LEU A 369 -49.70 -20.67 -8.46
N ASN A 370 -49.67 -21.72 -7.63
CA ASN A 370 -50.85 -22.51 -7.29
C ASN A 370 -51.45 -21.90 -6.01
N ASP A 371 -52.54 -21.15 -6.16
CA ASP A 371 -53.04 -20.27 -5.10
C ASP A 371 -53.67 -21.04 -3.94
N ALA A 372 -54.46 -22.06 -4.29
CA ALA A 372 -55.12 -22.91 -3.32
C ALA A 372 -54.09 -23.50 -2.37
N ILE A 373 -53.02 -24.08 -2.93
CA ILE A 373 -51.87 -24.58 -2.15
C ILE A 373 -51.31 -23.48 -1.26
N ALA A 374 -50.97 -22.34 -1.89
CA ALA A 374 -50.34 -21.24 -1.18
C ALA A 374 -51.20 -20.83 0.02
N ASN A 375 -52.40 -20.35 -0.24
CA ASN A 375 -53.37 -20.01 0.82
C ASN A 375 -53.49 -21.09 1.91
N ALA A 376 -53.57 -22.35 1.50
CA ALA A 376 -53.70 -23.48 2.43
C ALA A 376 -52.55 -23.57 3.41
N HIS A 377 -51.33 -23.31 2.92
CA HIS A 377 -50.11 -23.39 3.71
C HIS A 377 -49.63 -22.00 4.17
N ARG A 378 -50.55 -21.18 4.67
CA ARG A 378 -50.21 -19.81 5.09
C ARG A 378 -49.48 -19.80 6.44
N TYR A 379 -48.68 -18.76 6.68
CA TYR A 379 -47.93 -18.65 7.94
C TYR A 379 -48.75 -17.89 8.98
N THR A 380 -48.54 -18.22 10.25
CA THR A 380 -49.36 -17.67 11.32
C THR A 380 -48.55 -17.22 12.54
N GLY A 381 -47.48 -17.95 12.86
CA GLY A 381 -46.77 -17.83 14.13
C GLY A 381 -46.21 -16.46 14.52
N ASN A 382 -44.92 -16.43 14.85
CA ASN A 382 -44.27 -15.22 15.33
C ASN A 382 -42.86 -15.05 14.75
N ARG A 383 -42.11 -16.12 14.81
CA ARG A 383 -40.67 -16.12 14.62
C ARG A 383 -40.12 -15.89 13.22
N LEU A 384 -38.85 -15.48 13.14
CA LEU A 384 -38.22 -15.13 11.87
C LEU A 384 -37.81 -16.36 11.06
N HIS A 385 -37.30 -16.11 9.86
CA HIS A 385 -37.00 -17.14 8.88
C HIS A 385 -35.83 -18.03 9.29
N LEU A 386 -34.67 -17.42 9.50
CA LEU A 386 -33.48 -18.10 10.02
C LEU A 386 -33.03 -17.49 11.34
N GLU A 387 -33.57 -17.99 12.45
CA GLU A 387 -33.22 -17.48 13.78
C GLU A 387 -31.74 -17.65 14.13
N MET A 388 -31.26 -16.84 15.07
CA MET A 388 -29.93 -16.98 15.64
C MET A 388 -30.04 -17.02 17.17
N GLN A 389 -29.76 -18.19 17.74
CA GLN A 389 -29.94 -18.47 19.16
C GLN A 389 -29.17 -17.52 20.09
N VAL B 2 19.73 1.64 -48.27
CA VAL B 2 18.74 0.54 -48.45
C VAL B 2 17.36 0.97 -47.94
N LYS B 3 16.32 0.50 -48.63
CA LYS B 3 14.93 0.79 -48.25
C LYS B 3 14.07 -0.46 -48.44
N LEU B 4 12.97 -0.52 -47.69
CA LEU B 4 11.97 -1.58 -47.84
C LEU B 4 11.09 -1.32 -49.06
N ASP B 5 10.87 -2.37 -49.84
CA ASP B 5 10.27 -2.27 -51.17
C ASP B 5 9.05 -3.18 -51.33
N THR B 6 9.28 -4.50 -51.35
CA THR B 6 8.23 -5.46 -51.62
C THR B 6 8.00 -6.47 -50.50
N LEU B 7 6.77 -6.95 -50.42
CA LEU B 7 6.35 -7.94 -49.44
C LEU B 7 5.57 -9.09 -50.09
N ASP B 8 5.97 -10.31 -49.73
CA ASP B 8 5.23 -11.54 -50.05
C ASP B 8 4.84 -12.23 -48.74
N ILE B 9 3.65 -12.83 -48.73
CA ILE B 9 3.14 -13.52 -47.55
C ILE B 9 2.96 -15.00 -47.89
N PHE B 10 3.25 -15.86 -46.92
CA PHE B 10 3.04 -17.29 -47.08
C PHE B 10 2.13 -17.90 -46.01
N ALA B 11 0.95 -18.36 -46.43
CA ALA B 11 0.10 -19.20 -45.59
C ALA B 11 0.49 -20.67 -45.77
N VAL B 12 1.18 -21.23 -44.77
CA VAL B 12 1.66 -22.63 -44.82
C VAL B 12 0.91 -23.55 -43.83
N ALA B 13 0.37 -24.65 -44.36
CA ALA B 13 -0.27 -25.66 -43.53
C ALA B 13 0.70 -26.81 -43.28
N PRO B 14 1.05 -27.06 -42.00
CA PRO B 14 1.93 -28.17 -41.69
C PRO B 14 1.21 -29.52 -41.80
N PRO B 15 1.88 -30.53 -42.40
CA PRO B 15 1.32 -31.86 -42.57
C PRO B 15 0.98 -32.53 -41.24
N PRO B 16 0.12 -33.56 -41.26
CA PRO B 16 -0.12 -34.37 -40.07
C PRO B 16 1.19 -34.80 -39.40
N PRO B 17 1.24 -34.81 -38.05
CA PRO B 17 0.15 -34.49 -37.11
C PRO B 17 0.01 -33.00 -36.76
N GLY B 18 0.83 -32.15 -37.37
CA GLY B 18 0.67 -30.70 -37.28
C GLY B 18 1.18 -30.02 -36.03
N TRP B 19 2.22 -30.57 -35.40
CA TRP B 19 2.81 -29.96 -34.21
C TRP B 19 3.31 -28.56 -34.57
N GLY B 20 2.65 -27.53 -34.03
CA GLY B 20 3.05 -26.16 -34.30
C GLY B 20 1.90 -25.29 -34.76
N GLY B 21 0.74 -25.91 -34.99
CA GLY B 21 -0.47 -25.18 -35.37
C GLY B 21 -1.06 -25.54 -36.73
N ARG B 22 -2.31 -25.10 -36.92
CA ARG B 22 -3.07 -25.28 -38.16
C ARG B 22 -2.37 -24.64 -39.36
N TYR B 23 -1.86 -23.42 -39.17
CA TYR B 23 -1.15 -22.69 -40.22
C TYR B 23 -0.14 -21.71 -39.66
N TRP B 24 0.85 -21.37 -40.48
CA TRP B 24 1.87 -20.40 -40.12
C TRP B 24 1.90 -19.26 -41.13
N LEU B 25 2.00 -18.04 -40.63
CA LEU B 25 1.94 -16.83 -41.45
C LEU B 25 3.32 -16.20 -41.60
N LEU B 26 4.01 -16.58 -42.67
CA LEU B 26 5.37 -16.10 -42.93
C LEU B 26 5.35 -14.96 -43.92
N VAL B 27 6.18 -13.95 -43.68
CA VAL B 27 6.40 -12.84 -44.60
C VAL B 27 7.85 -12.84 -45.11
N ARG B 28 8.04 -12.40 -46.36
CA ARG B 28 9.37 -12.14 -46.88
C ARG B 28 9.41 -10.74 -47.47
N VAL B 29 10.28 -9.90 -46.90
CA VAL B 29 10.42 -8.52 -47.33
C VAL B 29 11.70 -8.37 -48.18
N THR B 30 11.57 -7.74 -49.35
CA THR B 30 12.69 -7.54 -50.28
C THR B 30 13.00 -6.05 -50.44
N THR B 31 14.23 -5.66 -50.13
CA THR B 31 14.64 -4.25 -50.26
C THR B 31 14.71 -3.84 -51.72
N ASP B 32 14.80 -2.53 -51.95
CA ASP B 32 15.04 -2.00 -53.29
C ASP B 32 16.39 -2.46 -53.84
N THR B 33 17.34 -2.70 -52.93
CA THR B 33 18.66 -3.27 -53.26
C THR B 33 18.55 -4.72 -53.76
N GLY B 34 17.80 -5.56 -53.04
CA GLY B 34 17.69 -6.97 -53.39
C GLY B 34 17.84 -7.95 -52.23
N LEU B 35 18.37 -7.47 -51.10
CA LEU B 35 18.40 -8.27 -49.87
C LEU B 35 16.98 -8.61 -49.45
N THR B 36 16.81 -9.81 -48.92
CA THR B 36 15.54 -10.25 -48.38
C THR B 36 15.68 -10.64 -46.90
N GLY B 37 14.53 -10.73 -46.23
CA GLY B 37 14.48 -11.24 -44.87
C GLY B 37 13.13 -11.84 -44.57
N LEU B 38 13.11 -12.81 -43.67
CA LEU B 38 11.85 -13.48 -43.32
C LEU B 38 11.38 -13.06 -41.93
N GLY B 39 10.07 -13.20 -41.74
CA GLY B 39 9.44 -12.96 -40.47
C GLY B 39 8.18 -13.79 -40.44
N GLU B 40 7.69 -14.02 -39.23
CA GLU B 40 6.50 -14.81 -39.01
C GLU B 40 5.53 -14.02 -38.16
N VAL B 41 4.26 -14.03 -38.55
CA VAL B 41 3.22 -13.29 -37.85
C VAL B 41 2.46 -14.26 -36.95
N TYR B 42 2.36 -13.93 -35.67
CA TYR B 42 1.65 -14.79 -34.72
C TYR B 42 0.43 -14.05 -34.20
N ALA B 43 -0.63 -14.11 -34.99
CA ALA B 43 -1.91 -13.50 -34.65
C ALA B 43 -2.99 -14.34 -35.31
N ALA B 44 -3.99 -14.74 -34.54
CA ALA B 44 -5.01 -15.68 -34.99
C ALA B 44 -6.45 -15.27 -34.64
N GLY B 45 -6.63 -14.05 -34.15
CA GLY B 45 -7.98 -13.54 -33.84
C GLY B 45 -8.90 -13.57 -35.06
N VAL B 46 -8.31 -13.43 -36.24
CA VAL B 46 -9.02 -13.59 -37.51
C VAL B 46 -8.16 -14.44 -38.44
N GLY B 47 -8.78 -14.98 -39.50
CA GLY B 47 -8.13 -15.92 -40.41
C GLY B 47 -6.98 -15.39 -41.23
N PRO B 48 -6.25 -16.29 -41.92
CA PRO B 48 -5.08 -15.91 -42.72
C PRO B 48 -5.42 -14.97 -43.87
N GLU B 49 -6.64 -15.03 -44.38
CA GLU B 49 -7.08 -14.13 -45.43
C GLU B 49 -7.24 -12.71 -44.88
N ALA B 50 -8.04 -12.56 -43.82
CA ALA B 50 -8.19 -11.28 -43.14
C ALA B 50 -6.83 -10.69 -42.74
N MET B 51 -5.96 -11.53 -42.17
CA MET B 51 -4.64 -11.11 -41.72
C MET B 51 -3.69 -10.74 -42.86
N THR B 52 -3.83 -11.42 -44.00
CA THR B 52 -3.05 -11.09 -45.20
C THR B 52 -3.22 -9.62 -45.51
N HIS B 53 -4.48 -9.17 -45.55
CA HIS B 53 -4.84 -7.77 -45.78
C HIS B 53 -4.28 -6.83 -44.71
N VAL B 54 -4.31 -7.29 -43.45
CA VAL B 54 -3.76 -6.53 -42.33
C VAL B 54 -2.24 -6.33 -42.47
N ILE B 55 -1.49 -7.43 -42.57
CA ILE B 55 -0.04 -7.37 -42.82
C ILE B 55 0.27 -6.39 -43.96
N HIS B 56 -0.32 -6.61 -45.14
CA HIS B 56 -0.17 -5.70 -46.29
C HIS B 56 -0.50 -4.24 -45.99
N ASP B 57 -1.51 -4.03 -45.15
CA ASP B 57 -1.92 -2.69 -44.76
C ASP B 57 -0.82 -2.02 -43.91
N VAL B 58 -0.42 -2.67 -42.82
CA VAL B 58 0.64 -2.19 -41.92
C VAL B 58 1.99 -2.01 -42.64
N PHE B 59 2.35 -2.94 -43.51
CA PHE B 59 3.59 -2.83 -44.26
C PHE B 59 3.65 -1.55 -45.10
N THR B 60 2.62 -1.36 -45.92
CA THR B 60 2.56 -0.23 -46.87
C THR B 60 2.43 1.11 -46.14
N ARG B 61 1.70 1.08 -45.02
CA ARG B 61 1.30 2.27 -44.31
C ARG B 61 2.42 2.81 -43.44
N HIS B 62 3.26 1.92 -42.93
CA HIS B 62 4.19 2.28 -41.87
C HIS B 62 5.62 1.89 -42.15
N MET B 63 5.84 1.06 -43.16
CA MET B 63 7.14 0.44 -43.32
C MET B 63 7.77 0.63 -44.68
N ARG B 64 7.00 0.40 -45.75
CA ARG B 64 7.51 0.49 -47.10
C ARG B 64 8.10 1.87 -47.35
N GLY B 65 9.34 1.90 -47.87
CA GLY B 65 10.05 3.13 -48.13
C GLY B 65 11.05 3.51 -47.05
N GLU B 66 11.10 2.71 -45.97
CA GLU B 66 11.92 3.04 -44.82
C GLU B 66 13.23 2.28 -44.77
N ASP B 67 14.23 2.86 -44.11
CA ASP B 67 15.47 2.16 -43.83
C ASP B 67 15.15 1.10 -42.77
N PRO B 68 15.50 -0.17 -43.04
CA PRO B 68 15.20 -1.29 -42.13
C PRO B 68 15.85 -1.14 -40.76
N ALA B 69 16.80 -0.21 -40.65
CA ALA B 69 17.49 0.04 -39.39
C ALA B 69 16.63 0.88 -38.45
N ASN B 70 15.58 1.48 -38.99
CA ASN B 70 14.69 2.35 -38.22
C ASN B 70 13.54 1.58 -37.58
N ILE B 71 13.86 0.74 -36.59
CA ILE B 71 12.85 -0.11 -35.93
C ILE B 71 11.95 0.70 -35.01
N GLU B 72 12.57 1.50 -34.14
CA GLU B 72 11.84 2.32 -33.18
C GLU B 72 10.78 3.20 -33.84
N LEU B 73 11.10 3.74 -35.02
CA LEU B 73 10.22 4.67 -35.71
C LEU B 73 9.07 3.91 -36.38
N MET B 74 9.39 2.74 -36.93
CA MET B 74 8.36 1.88 -37.50
C MET B 74 7.46 1.31 -36.41
N SER B 75 8.05 1.06 -35.24
CA SER B 75 7.33 0.54 -34.07
C SER B 75 6.41 1.59 -33.47
N ARG B 76 6.87 2.84 -33.43
CA ARG B 76 6.02 3.93 -32.96
C ARG B 76 4.87 4.16 -33.95
N ARG B 77 5.20 4.22 -35.24
CA ARG B 77 4.18 4.30 -36.29
C ARG B 77 3.16 3.18 -36.17
N ALA B 78 3.65 1.95 -36.01
CA ALA B 78 2.78 0.77 -35.92
C ALA B 78 1.91 0.83 -34.69
N HIS B 79 2.50 1.18 -33.56
CA HIS B 79 1.76 1.25 -32.28
C HIS B 79 0.71 2.37 -32.30
N SER B 80 1.08 3.53 -32.84
CA SER B 80 0.20 4.70 -32.86
C SER B 80 -0.83 4.68 -33.98
N SER B 81 -0.72 3.72 -34.89
CA SER B 81 -1.55 3.67 -36.11
C SER B 81 -3.02 3.93 -35.86
N GLY B 82 -3.61 4.81 -36.63
CA GLY B 82 -5.02 5.03 -36.51
C GLY B 82 -5.39 5.89 -35.34
N PHE B 83 -4.42 6.63 -34.83
CA PHE B 83 -4.58 7.35 -33.60
C PHE B 83 -4.99 6.48 -32.40
N THR B 84 -4.15 5.52 -32.06
CA THR B 84 -4.42 4.56 -30.99
C THR B 84 -3.32 4.67 -29.95
N GLN B 85 -2.14 4.15 -30.28
CA GLN B 85 -1.00 4.19 -29.37
C GLN B 85 -1.29 3.37 -28.11
N ARG B 86 -1.98 2.24 -28.32
CA ARG B 86 -2.28 1.26 -27.28
C ARG B 86 -2.13 -0.14 -27.86
N PRO B 87 -1.79 -1.14 -27.01
CA PRO B 87 -1.43 -2.49 -27.48
C PRO B 87 -2.55 -3.14 -28.28
N ASP B 88 -2.22 -3.52 -29.50
CA ASP B 88 -3.15 -4.22 -30.38
C ASP B 88 -2.40 -5.38 -30.99
N PRO B 89 -2.71 -6.61 -30.54
CA PRO B 89 -2.06 -7.84 -31.03
C PRO B 89 -2.35 -8.16 -32.50
N THR B 90 -3.37 -7.54 -33.08
CA THR B 90 -3.68 -7.77 -34.50
C THR B 90 -2.80 -6.89 -35.41
N VAL B 91 -2.66 -5.60 -35.06
CA VAL B 91 -1.80 -4.70 -35.81
C VAL B 91 -0.34 -4.95 -35.46
N PHE B 92 -0.07 -5.07 -34.16
CA PHE B 92 1.27 -5.27 -33.63
C PHE B 92 1.80 -6.66 -33.98
N GLY B 93 0.92 -7.66 -33.96
CA GLY B 93 1.28 -9.01 -34.37
C GLY B 93 1.79 -9.00 -35.80
N ALA B 94 0.98 -8.45 -36.69
CA ALA B 94 1.34 -8.27 -38.11
C ALA B 94 2.65 -7.53 -38.28
N PHE B 95 2.89 -6.53 -37.44
CA PHE B 95 4.14 -5.77 -37.49
C PHE B 95 5.32 -6.60 -36.98
N SER B 96 5.12 -7.31 -35.86
CA SER B 96 6.16 -8.17 -35.28
C SER B 96 6.84 -9.05 -36.33
N GLY B 97 6.02 -9.81 -37.06
CA GLY B 97 6.51 -10.61 -38.20
C GLY B 97 7.40 -9.79 -39.10
N LEU B 98 6.90 -8.64 -39.52
CA LEU B 98 7.60 -7.74 -40.46
C LEU B 98 8.89 -7.15 -39.88
N GLU B 99 8.88 -6.86 -38.57
CA GLU B 99 10.09 -6.40 -37.86
C GLU B 99 11.20 -7.45 -37.88
N MET B 100 10.85 -8.73 -37.73
CA MET B 100 11.85 -9.81 -37.76
C MET B 100 12.62 -9.73 -39.06
N ALA B 101 11.87 -9.54 -40.15
CA ALA B 101 12.41 -9.38 -41.50
C ALA B 101 13.41 -8.24 -41.62
N CYS B 102 13.16 -7.15 -40.90
CA CYS B 102 14.05 -5.99 -40.94
C CYS B 102 15.41 -6.30 -40.34
N TRP B 103 15.42 -7.10 -39.28
CA TRP B 103 16.66 -7.60 -38.69
C TRP B 103 17.37 -8.56 -39.64
N ASP B 104 16.60 -9.43 -40.30
CA ASP B 104 17.19 -10.39 -41.23
C ASP B 104 17.92 -9.67 -42.36
N ILE B 105 17.34 -8.57 -42.83
CA ILE B 105 17.96 -7.68 -43.82
C ILE B 105 19.18 -6.97 -43.23
N LEU B 106 18.98 -6.34 -42.08
CA LEU B 106 20.07 -5.72 -41.31
C LEU B 106 21.22 -6.67 -41.03
N GLY B 107 20.89 -7.92 -40.71
CA GLY B 107 21.90 -8.97 -40.59
C GLY B 107 22.68 -9.20 -41.87
N LYS B 108 21.95 -9.35 -42.98
CA LYS B 108 22.56 -9.61 -44.28
C LYS B 108 23.44 -8.46 -44.79
N ALA B 109 22.94 -7.23 -44.64
CA ALA B 109 23.73 -6.03 -44.98
C ALA B 109 25.01 -5.94 -44.16
N ARG B 110 24.95 -6.29 -42.91
CA ARG B 110 26.05 -6.16 -41.99
C ARG B 110 26.89 -7.39 -41.89
N ASP B 111 26.51 -8.42 -42.63
CA ASP B 111 27.17 -9.71 -42.54
C ASP B 111 27.21 -10.11 -41.06
N CYS B 112 26.03 -10.08 -40.44
CA CYS B 112 25.92 -10.30 -39.00
C CYS B 112 24.80 -11.22 -38.62
N PRO B 113 25.02 -12.07 -37.60
CA PRO B 113 23.85 -12.70 -37.01
C PRO B 113 23.11 -11.65 -36.20
N VAL B 114 21.81 -11.81 -36.07
CA VAL B 114 20.99 -10.87 -35.33
C VAL B 114 21.46 -10.71 -33.89
N TRP B 115 21.84 -11.81 -33.23
CA TRP B 115 22.29 -11.71 -31.84
C TRP B 115 23.46 -10.74 -31.71
N ALA B 116 24.23 -10.59 -32.79
CA ALA B 116 25.40 -9.71 -32.83
C ALA B 116 25.02 -8.24 -32.91
N MET B 117 23.75 -7.97 -33.13
CA MET B 117 23.25 -6.61 -33.12
C MET B 117 22.33 -6.41 -31.91
N LEU B 118 22.17 -7.47 -31.13
CA LEU B 118 21.36 -7.42 -29.91
C LEU B 118 22.18 -7.51 -28.62
N GLY B 119 23.45 -7.13 -28.69
CA GLY B 119 24.29 -7.04 -27.50
C GLY B 119 25.32 -8.15 -27.35
N GLY B 120 25.42 -9.00 -28.37
CA GLY B 120 26.47 -10.00 -28.42
C GLY B 120 26.07 -11.42 -28.09
N LYS B 121 27.08 -12.28 -28.04
CA LYS B 121 26.92 -13.69 -27.73
C LYS B 121 27.01 -13.86 -26.22
N MET B 122 25.93 -13.53 -25.52
CA MET B 122 25.92 -13.69 -24.07
C MET B 122 25.96 -15.16 -23.69
N ASN B 123 25.21 -15.98 -24.42
CA ASN B 123 25.16 -17.42 -24.17
C ASN B 123 25.59 -18.25 -25.39
N ASP B 124 26.66 -19.02 -25.21
CA ASP B 124 27.32 -19.81 -26.27
C ASP B 124 26.42 -20.85 -26.91
N ARG B 125 25.71 -21.59 -26.06
CA ARG B 125 24.56 -22.37 -26.48
C ARG B 125 23.36 -21.96 -25.60
N ILE B 126 22.13 -22.30 -26.01
CA ILE B 126 20.98 -21.93 -25.18
C ILE B 126 20.09 -23.11 -24.80
N ARG B 127 19.44 -23.00 -23.65
CA ARG B 127 18.66 -24.09 -23.12
C ARG B 127 17.32 -24.20 -23.83
N ALA B 128 16.93 -25.44 -24.09
CA ALA B 128 15.73 -25.76 -24.84
C ALA B 128 14.79 -26.68 -24.06
N TYR B 129 13.51 -26.60 -24.40
CA TYR B 129 12.56 -27.55 -23.89
C TYR B 129 11.55 -27.94 -24.95
N THR B 130 10.75 -28.96 -24.67
CA THR B 130 9.69 -29.35 -25.59
C THR B 130 8.43 -29.89 -24.90
N TYR B 131 7.29 -29.72 -25.58
CA TYR B 131 6.01 -30.33 -25.22
C TYR B 131 6.21 -31.84 -25.27
N LEU B 132 5.51 -32.57 -24.42
CA LEU B 132 5.57 -34.04 -24.45
C LEU B 132 4.65 -34.60 -25.53
N TYR B 133 5.22 -34.92 -26.69
CA TYR B 133 4.43 -35.43 -27.83
C TYR B 133 4.35 -36.95 -27.83
N PRO B 134 3.24 -37.52 -28.35
CA PRO B 134 3.10 -38.99 -28.40
C PRO B 134 4.17 -39.66 -29.24
N GLU B 135 4.69 -40.78 -28.73
CA GLU B 135 5.75 -41.54 -29.39
C GLU B 135 5.14 -42.34 -30.56
N PRO B 136 5.96 -42.74 -31.55
CA PRO B 136 5.42 -43.44 -32.71
C PRO B 136 4.49 -44.61 -32.39
N HIS B 137 4.79 -45.37 -31.34
CA HIS B 137 3.96 -46.50 -30.93
C HIS B 137 2.77 -46.11 -30.06
N HIS B 138 2.83 -44.92 -29.47
CA HIS B 138 1.76 -44.44 -28.59
C HIS B 138 0.44 -44.26 -29.32
N ASP B 139 -0.63 -44.79 -28.73
CA ASP B 139 -1.98 -44.53 -29.20
C ASP B 139 -2.25 -43.03 -29.03
N THR B 140 -2.48 -42.35 -30.15
CA THR B 140 -2.63 -40.89 -30.17
C THR B 140 -3.85 -40.39 -29.40
N ASN B 141 -4.95 -41.14 -29.47
CA ASN B 141 -6.21 -40.73 -28.85
C ASN B 141 -6.27 -40.89 -27.34
N ALA B 142 -5.59 -41.91 -26.82
CA ALA B 142 -5.51 -42.15 -25.37
C ALA B 142 -4.34 -41.40 -24.71
N PHE B 143 -3.35 -41.00 -25.51
CA PHE B 143 -2.09 -40.44 -25.01
C PHE B 143 -2.25 -39.26 -24.05
N TRP B 144 -3.13 -38.34 -24.42
CA TRP B 144 -3.18 -37.03 -23.80
C TRP B 144 -3.63 -37.07 -22.34
N THR B 145 -4.36 -38.13 -21.99
CA THR B 145 -4.88 -38.33 -20.64
C THR B 145 -4.17 -39.51 -20.00
N SER B 146 -2.95 -39.79 -20.47
CA SER B 146 -2.18 -40.91 -19.96
C SER B 146 -0.92 -40.42 -19.27
N PRO B 147 -0.83 -40.63 -17.94
CA PRO B 147 0.39 -40.32 -17.21
C PRO B 147 1.51 -41.28 -17.59
N GLU B 148 1.18 -42.57 -17.72
CA GLU B 148 2.13 -43.61 -18.16
C GLU B 148 2.86 -43.24 -19.45
N MET B 149 2.08 -42.88 -20.47
CA MET B 149 2.62 -42.52 -21.79
C MET B 149 3.36 -41.17 -21.78
N ALA B 150 2.84 -40.21 -21.03
CA ALA B 150 3.55 -38.94 -20.84
C ALA B 150 4.94 -39.21 -20.25
N ALA B 151 4.99 -40.03 -19.20
CA ALA B 151 6.22 -40.45 -18.58
C ALA B 151 7.16 -41.05 -19.62
N GLU B 152 6.61 -41.89 -20.50
CA GLU B 152 7.42 -42.54 -21.55
C GLU B 152 8.09 -41.56 -22.52
N SER B 153 7.30 -40.61 -23.05
CA SER B 153 7.83 -39.51 -23.86
C SER B 153 8.94 -38.77 -23.11
N ALA B 154 8.63 -38.40 -21.86
CA ALA B 154 9.56 -37.61 -21.04
C ALA B 154 10.91 -38.27 -20.90
N ALA B 155 10.90 -39.55 -20.53
CA ALA B 155 12.10 -40.38 -20.42
C ALA B 155 12.93 -40.37 -21.71
N ALA B 156 12.26 -40.39 -22.86
CA ALA B 156 12.93 -40.37 -24.15
C ALA B 156 13.58 -39.01 -24.39
N ARG B 157 12.86 -37.95 -24.05
CA ARG B 157 13.40 -36.59 -24.17
C ARG B 157 14.67 -36.47 -23.33
N VAL B 158 14.63 -37.00 -22.11
CA VAL B 158 15.84 -37.06 -21.28
C VAL B 158 16.96 -37.81 -22.01
N ALA B 159 16.62 -38.90 -22.68
CA ALA B 159 17.60 -39.64 -23.50
C ALA B 159 18.17 -38.81 -24.66
N GLU B 160 17.31 -37.99 -25.29
CA GLU B 160 17.74 -37.05 -26.32
C GLU B 160 18.52 -35.84 -25.77
N GLY B 161 18.61 -35.76 -24.43
CA GLY B 161 19.40 -34.73 -23.76
C GLY B 161 18.63 -33.47 -23.37
N TYR B 162 17.32 -33.58 -23.25
CA TYR B 162 16.48 -32.48 -22.81
C TYR B 162 16.52 -32.29 -21.31
N THR B 163 16.55 -31.04 -20.93
CA THR B 163 16.54 -30.68 -19.54
C THR B 163 15.26 -30.24 -18.98
N ALA B 164 14.24 -30.13 -19.81
CA ALA B 164 12.94 -29.75 -19.35
C ALA B 164 11.87 -30.20 -20.29
N VAL B 165 10.73 -30.58 -19.76
CA VAL B 165 9.59 -30.97 -20.57
C VAL B 165 8.28 -30.29 -20.23
N LYS B 166 7.48 -29.86 -21.20
CA LYS B 166 6.17 -29.27 -20.92
C LYS B 166 5.02 -30.21 -21.24
N PHE B 167 3.94 -30.10 -20.47
CA PHE B 167 2.77 -30.98 -20.60
C PHE B 167 1.55 -30.29 -19.97
N ASP B 168 0.37 -30.46 -20.57
CA ASP B 168 -0.87 -29.93 -19.98
C ASP B 168 -1.97 -30.96 -19.85
N PRO B 169 -2.10 -31.54 -18.64
CA PRO B 169 -3.17 -32.47 -18.32
C PRO B 169 -4.41 -31.77 -17.72
N ALA B 170 -4.40 -30.44 -17.71
CA ALA B 170 -5.48 -29.68 -17.06
C ALA B 170 -6.74 -29.52 -17.91
N GLY B 171 -6.62 -29.84 -19.20
CA GLY B 171 -7.80 -30.00 -20.04
C GLY B 171 -8.24 -28.79 -20.85
N PRO B 172 -9.56 -28.68 -21.09
CA PRO B 172 -10.11 -27.77 -22.08
C PRO B 172 -10.06 -26.30 -21.69
N TYR B 173 -9.53 -25.48 -22.60
CA TYR B 173 -9.60 -24.03 -22.52
C TYR B 173 -10.78 -23.58 -23.37
N THR B 174 -11.63 -22.72 -22.81
CA THR B 174 -12.88 -22.31 -23.45
C THR B 174 -13.12 -20.80 -23.44
N MET B 175 -14.00 -20.35 -24.34
CA MET B 175 -14.32 -18.93 -24.46
C MET B 175 -15.13 -18.35 -23.30
N ARG B 176 -15.39 -19.19 -22.28
CA ARG B 176 -16.23 -18.81 -21.15
C ARG B 176 -15.48 -17.92 -20.16
N GLY B 177 -14.16 -18.01 -20.21
CA GLY B 177 -13.30 -17.33 -19.27
C GLY B 177 -13.03 -18.24 -18.10
N GLY B 178 -12.39 -17.71 -17.06
CA GLY B 178 -11.97 -18.52 -15.91
C GLY B 178 -13.06 -19.38 -15.32
N HIS B 179 -12.72 -20.63 -15.04
CA HIS B 179 -13.65 -21.57 -14.40
C HIS B 179 -12.92 -22.40 -13.35
N MET B 180 -13.68 -22.98 -12.42
CA MET B 180 -13.14 -23.82 -11.38
C MET B 180 -12.68 -25.13 -11.99
N PRO B 181 -11.46 -25.60 -11.64
CA PRO B 181 -11.07 -26.91 -12.11
C PRO B 181 -11.93 -27.99 -11.47
N ALA B 182 -12.38 -28.94 -12.29
CA ALA B 182 -12.97 -30.16 -11.78
C ALA B 182 -11.92 -30.92 -10.96
N LEU B 183 -12.37 -31.74 -10.02
CA LEU B 183 -11.44 -32.59 -9.25
C LEU B 183 -10.66 -33.59 -10.11
N SER B 184 -11.26 -34.04 -11.22
CA SER B 184 -10.60 -34.92 -12.18
C SER B 184 -9.41 -34.27 -12.90
N ASP B 185 -9.46 -32.95 -13.11
CA ASP B 185 -8.35 -32.19 -13.72
C ASP B 185 -7.18 -32.09 -12.76
N ILE B 186 -7.51 -31.83 -11.49
CA ILE B 186 -6.52 -31.76 -10.41
C ILE B 186 -5.87 -33.13 -10.24
N ASP B 187 -6.71 -34.16 -10.14
CA ASP B 187 -6.23 -35.52 -9.91
C ASP B 187 -5.29 -35.97 -11.03
N LEU B 188 -5.71 -35.75 -12.28
CA LEU B 188 -4.92 -36.13 -13.46
C LEU B 188 -3.63 -35.34 -13.56
N SER B 189 -3.66 -34.07 -13.14
CA SER B 189 -2.47 -33.21 -13.09
C SER B 189 -1.45 -33.61 -12.03
N ALA B 190 -1.90 -34.06 -10.86
CA ALA B 190 -0.98 -34.60 -9.85
C ALA B 190 -0.33 -35.89 -10.37
N ARG B 191 -1.17 -36.82 -10.83
CA ARG B 191 -0.72 -38.10 -11.36
C ARG B 191 0.31 -37.95 -12.47
N PHE B 192 0.03 -37.06 -13.43
CA PHE B 192 0.95 -36.75 -14.53
C PHE B 192 2.30 -36.34 -13.99
N CYS B 193 2.30 -35.36 -13.09
CA CYS B 193 3.52 -34.90 -12.44
C CYS B 193 4.29 -36.04 -11.80
N ALA B 194 3.62 -36.76 -10.90
CA ALA B 194 4.20 -37.94 -10.24
C ALA B 194 4.87 -38.84 -11.28
N ALA B 195 4.12 -39.22 -12.30
CA ALA B 195 4.61 -40.09 -13.38
C ALA B 195 5.84 -39.52 -14.12
N ILE B 196 5.84 -38.22 -14.36
CA ILE B 196 6.94 -37.57 -15.08
C ILE B 196 8.14 -37.35 -14.17
N ARG B 197 7.88 -37.02 -12.91
CA ARG B 197 8.91 -36.96 -11.89
C ARG B 197 9.61 -38.31 -11.71
N ASP B 198 8.83 -39.39 -11.75
CA ASP B 198 9.32 -40.76 -11.63
C ASP B 198 10.28 -41.11 -12.77
N ALA B 199 9.86 -40.81 -13.98
CA ALA B 199 10.61 -41.18 -15.18
C ALA B 199 11.85 -40.33 -15.42
N VAL B 200 11.88 -39.11 -14.88
CA VAL B 200 13.01 -38.20 -15.12
C VAL B 200 13.91 -37.95 -13.89
N GLY B 201 13.32 -37.94 -12.69
CA GLY B 201 14.11 -37.70 -11.47
C GLY B 201 14.66 -36.28 -11.44
N THR B 202 15.97 -36.13 -11.25
CA THR B 202 16.57 -34.79 -11.27
C THR B 202 17.05 -34.34 -12.67
N GLN B 203 16.94 -35.20 -13.67
CA GLN B 203 17.48 -34.91 -15.01
C GLN B 203 16.66 -33.95 -15.87
N ALA B 204 15.35 -33.93 -15.68
CA ALA B 204 14.49 -32.97 -16.38
C ALA B 204 13.67 -32.12 -15.42
N ASP B 205 13.49 -30.85 -15.76
CA ASP B 205 12.54 -30.01 -15.04
C ASP B 205 11.14 -30.23 -15.58
N LEU B 206 10.17 -30.06 -14.70
CA LEU B 206 8.77 -30.14 -15.08
C LEU B 206 8.22 -28.74 -15.24
N LEU B 207 7.63 -28.48 -16.40
CA LEU B 207 7.00 -27.21 -16.67
C LEU B 207 5.51 -27.48 -16.78
N PHE B 208 4.75 -26.90 -15.85
CA PHE B 208 3.32 -27.12 -15.85
C PHE B 208 2.56 -26.04 -16.63
N GLY B 209 2.24 -26.33 -17.88
CA GLY B 209 1.56 -25.35 -18.70
C GLY B 209 0.08 -25.57 -18.88
N THR B 210 -0.77 -24.95 -18.04
CA THR B 210 -2.19 -24.75 -18.39
C THR B 210 -2.26 -23.68 -19.45
N HIS B 211 -3.48 -23.39 -19.92
CA HIS B 211 -3.71 -22.40 -20.97
C HIS B 211 -4.70 -21.35 -20.51
N GLY B 212 -4.50 -20.80 -19.32
CA GLY B 212 -5.38 -19.77 -18.79
C GLY B 212 -6.81 -20.24 -18.57
N GLN B 213 -6.94 -21.53 -18.25
CA GLN B 213 -8.24 -22.16 -18.13
C GLN B 213 -9.07 -21.65 -16.96
N PHE B 214 -8.40 -21.29 -15.86
CA PHE B 214 -9.07 -21.21 -14.56
C PHE B 214 -9.11 -19.84 -13.88
N ALA B 215 -10.18 -19.64 -13.10
CA ALA B 215 -10.30 -18.50 -12.20
C ALA B 215 -9.16 -18.55 -11.21
N PRO B 216 -8.61 -17.40 -10.81
CA PRO B 216 -7.47 -17.43 -9.90
C PRO B 216 -7.66 -18.40 -8.75
N ALA B 217 -8.68 -18.17 -7.90
CA ALA B 217 -8.98 -19.06 -6.77
C ALA B 217 -8.93 -20.55 -7.14
N GLY B 218 -9.30 -20.87 -8.38
CA GLY B 218 -9.29 -22.25 -8.85
C GLY B 218 -7.90 -22.75 -9.21
N ALA B 219 -7.14 -21.91 -9.92
CA ALA B 219 -5.76 -22.23 -10.30
C ALA B 219 -4.86 -22.41 -9.08
N ILE B 220 -5.26 -21.82 -7.95
CA ILE B 220 -4.52 -21.94 -6.70
C ILE B 220 -4.63 -23.37 -6.16
N ARG B 221 -5.87 -23.84 -6.03
CA ARG B 221 -6.14 -25.23 -5.70
C ARG B 221 -5.27 -26.18 -6.55
N LEU B 222 -5.35 -26.02 -7.87
CA LEU B 222 -4.52 -26.79 -8.80
C LEU B 222 -3.03 -26.71 -8.46
N ALA B 223 -2.53 -25.51 -8.19
CA ALA B 223 -1.12 -25.30 -7.81
C ALA B 223 -0.67 -26.00 -6.51
N LYS B 224 -1.56 -26.06 -5.51
CA LYS B 224 -1.24 -26.76 -4.23
C LYS B 224 -1.01 -28.25 -4.44
N ALA B 225 -1.83 -28.84 -5.30
CA ALA B 225 -1.81 -30.26 -5.57
C ALA B 225 -0.58 -30.71 -6.37
N ILE B 226 0.13 -29.77 -7.00
CA ILE B 226 1.28 -30.11 -7.84
C ILE B 226 2.61 -29.73 -7.23
N GLU B 227 2.59 -28.82 -6.26
CA GLU B 227 3.78 -28.42 -5.48
C GLU B 227 4.68 -29.56 -4.99
N PRO B 228 4.10 -30.69 -4.51
CA PRO B 228 4.99 -31.75 -4.01
C PRO B 228 5.92 -32.31 -5.09
N TYR B 229 5.74 -31.87 -6.33
CA TYR B 229 6.52 -32.37 -7.48
C TYR B 229 7.56 -31.38 -7.98
N ASP B 230 7.54 -30.18 -7.39
CA ASP B 230 8.52 -29.11 -7.66
C ASP B 230 8.56 -28.70 -9.14
N PRO B 231 7.38 -28.43 -9.75
CA PRO B 231 7.43 -27.90 -11.12
C PRO B 231 8.26 -26.62 -11.18
N LEU B 232 9.02 -26.45 -12.26
CA LEU B 232 9.90 -25.30 -12.45
C LEU B 232 9.09 -24.02 -12.71
N TRP B 233 7.95 -24.16 -13.40
CA TRP B 233 6.96 -23.08 -13.45
C TRP B 233 5.52 -23.56 -13.55
N TYR B 234 4.61 -22.67 -13.14
CA TYR B 234 3.19 -22.78 -13.42
C TYR B 234 2.88 -21.72 -14.48
N GLU B 235 2.47 -22.15 -15.64
CA GLU B 235 2.27 -21.26 -16.76
C GLU B 235 0.81 -20.93 -17.04
N GLU B 236 0.56 -19.63 -17.19
CA GLU B 236 -0.72 -19.06 -17.59
C GLU B 236 -1.84 -19.52 -16.73
N PRO B 237 -1.65 -19.45 -15.44
CA PRO B 237 -2.60 -20.13 -14.54
C PRO B 237 -4.04 -19.67 -14.75
N ILE B 238 -4.19 -18.40 -15.12
CA ILE B 238 -5.50 -17.74 -15.22
C ILE B 238 -5.65 -16.99 -16.57
N PRO B 239 -6.87 -16.51 -16.91
CA PRO B 239 -7.06 -15.82 -18.18
C PRO B 239 -6.09 -14.64 -18.35
N PRO B 240 -5.61 -14.40 -19.58
CA PRO B 240 -4.65 -13.30 -19.80
C PRO B 240 -5.26 -11.91 -19.76
N ASP B 241 -6.59 -11.83 -19.64
CA ASP B 241 -7.30 -10.54 -19.55
C ASP B 241 -7.37 -10.04 -18.11
N ASN B 242 -6.71 -10.77 -17.21
CA ASN B 242 -6.79 -10.52 -15.78
C ASN B 242 -5.40 -10.54 -15.15
N LEU B 243 -4.55 -9.62 -15.59
CA LEU B 243 -3.17 -9.61 -15.09
C LEU B 243 -3.07 -9.23 -13.61
N PRO B 244 -4.05 -8.47 -13.07
CA PRO B 244 -4.07 -8.27 -11.61
C PRO B 244 -4.37 -9.52 -10.80
N GLY B 245 -5.01 -10.51 -11.41
CA GLY B 245 -5.29 -11.79 -10.75
C GLY B 245 -4.05 -12.65 -10.54
N LEU B 246 -2.94 -12.26 -11.16
CA LEU B 246 -1.67 -12.99 -11.02
C LEU B 246 -1.06 -12.79 -9.65
N SER B 247 -1.47 -11.71 -8.98
CA SER B 247 -0.91 -11.34 -7.69
C SER B 247 -1.25 -12.32 -6.58
N GLU B 248 -2.53 -12.66 -6.46
CA GLU B 248 -3.03 -13.59 -5.46
C GLU B 248 -2.54 -15.02 -5.70
N VAL B 249 -2.21 -15.34 -6.95
CA VAL B 249 -1.72 -16.67 -7.32
C VAL B 249 -0.26 -16.81 -6.87
N ALA B 250 0.58 -15.86 -7.29
CA ALA B 250 2.00 -15.86 -6.92
C ALA B 250 2.23 -15.82 -5.41
N ALA B 251 1.39 -15.11 -4.68
CA ALA B 251 1.50 -15.13 -3.21
C ALA B 251 1.03 -16.46 -2.60
N HIS B 252 0.19 -17.21 -3.32
CA HIS B 252 -0.38 -18.42 -2.74
C HIS B 252 0.37 -19.72 -3.03
N THR B 253 1.31 -19.66 -3.96
CA THR B 253 2.07 -20.84 -4.36
C THR B 253 3.56 -20.56 -4.41
N SER B 254 4.35 -21.55 -4.01
CA SER B 254 5.80 -21.49 -4.12
C SER B 254 6.29 -21.69 -5.57
N ILE B 255 5.39 -22.12 -6.46
CA ILE B 255 5.75 -22.29 -7.86
C ILE B 255 5.84 -20.92 -8.56
N PRO B 256 7.00 -20.65 -9.20
CA PRO B 256 7.16 -19.48 -10.06
C PRO B 256 6.04 -19.42 -11.09
N ILE B 257 5.56 -18.22 -11.37
CA ILE B 257 4.46 -18.04 -12.31
C ILE B 257 5.01 -17.55 -13.63
N ALA B 258 4.65 -18.26 -14.70
CA ALA B 258 5.06 -17.89 -16.05
C ALA B 258 3.86 -17.43 -16.86
N THR B 259 4.01 -16.30 -17.56
CA THR B 259 2.99 -15.84 -18.51
C THR B 259 3.59 -15.09 -19.70
N GLY B 260 2.80 -14.83 -20.73
CA GLY B 260 3.24 -13.93 -21.77
C GLY B 260 2.74 -14.12 -23.17
N GLU B 261 2.67 -15.38 -23.63
CA GLU B 261 2.38 -15.70 -25.03
C GLU B 261 1.23 -14.93 -25.66
N ARG B 262 0.33 -14.42 -24.83
CA ARG B 262 -0.82 -13.73 -25.38
C ARG B 262 -0.82 -12.22 -25.11
N LEU B 263 0.35 -11.72 -24.70
CA LEU B 263 0.56 -10.30 -24.43
C LEU B 263 1.35 -9.63 -25.55
N THR B 264 1.13 -8.34 -25.73
CA THR B 264 1.72 -7.60 -26.84
C THR B 264 2.12 -6.21 -26.40
N GLY B 265 3.37 -5.84 -26.61
CA GLY B 265 3.89 -4.57 -26.14
C GLY B 265 4.54 -4.71 -24.78
N VAL B 266 5.73 -4.14 -24.64
CA VAL B 266 6.51 -4.20 -23.40
C VAL B 266 5.72 -3.68 -22.18
N THR B 267 4.77 -2.80 -22.45
CA THR B 267 3.84 -2.24 -21.46
C THR B 267 2.99 -3.30 -20.75
N GLU B 268 2.46 -4.27 -21.48
CA GLU B 268 1.61 -5.32 -20.90
C GLU B 268 2.44 -6.34 -20.13
N PHE B 269 3.68 -6.56 -20.57
CA PHE B 269 4.57 -7.47 -19.88
C PHE B 269 5.01 -6.89 -18.55
N THR B 270 5.05 -5.56 -18.48
CA THR B 270 5.29 -4.85 -17.25
C THR B 270 4.20 -5.18 -16.22
N GLN B 271 2.95 -4.99 -16.61
CA GLN B 271 1.79 -5.35 -15.77
C GLN B 271 1.95 -6.76 -15.19
N ALA B 272 2.32 -7.72 -16.04
CA ALA B 272 2.53 -9.11 -15.60
C ALA B 272 3.65 -9.22 -14.55
N LEU B 273 4.69 -8.40 -14.71
CA LEU B 273 5.79 -8.37 -13.78
C LEU B 273 5.35 -7.72 -12.48
N HIS B 274 4.72 -6.55 -12.59
CA HIS B 274 4.19 -5.78 -11.47
C HIS B 274 3.34 -6.65 -10.55
N HIS B 275 2.56 -7.53 -11.16
CA HIS B 275 1.65 -8.35 -10.42
C HIS B 275 2.14 -9.74 -10.03
N GLY B 276 3.41 -10.04 -10.32
CA GLY B 276 4.07 -11.21 -9.75
C GLY B 276 4.67 -12.30 -10.63
N ALA B 277 4.62 -12.15 -11.95
CA ALA B 277 5.18 -13.16 -12.85
C ALA B 277 6.68 -13.03 -12.87
N ARG B 278 7.37 -14.16 -12.87
CA ARG B 278 8.83 -14.15 -12.87
C ARG B 278 9.45 -14.87 -14.07
N ILE B 279 8.57 -15.37 -14.95
CA ILE B 279 8.97 -15.86 -16.26
C ILE B 279 8.05 -15.28 -17.32
N LEU B 280 8.65 -14.50 -18.22
CA LEU B 280 7.92 -13.89 -19.31
C LEU B 280 8.09 -14.75 -20.55
N GLN B 281 6.97 -15.03 -21.21
CA GLN B 281 6.98 -15.92 -22.36
C GLN B 281 6.40 -15.24 -23.60
N PRO B 282 7.05 -14.17 -24.07
CA PRO B 282 6.56 -13.53 -25.28
C PRO B 282 6.56 -14.50 -26.45
N ALA B 283 5.59 -14.36 -27.34
CA ALA B 283 5.67 -14.93 -28.67
C ALA B 283 6.06 -13.80 -29.60
N LEU B 284 7.27 -13.86 -30.16
CA LEU B 284 7.90 -12.72 -30.84
C LEU B 284 7.09 -12.19 -32.03
N GLY B 285 6.36 -13.08 -32.69
CA GLY B 285 5.48 -12.72 -33.80
C GLY B 285 4.16 -12.13 -33.35
N ARG B 286 3.93 -12.13 -32.03
CA ARG B 286 2.79 -11.41 -31.45
C ARG B 286 3.21 -10.14 -30.71
N ALA B 287 4.35 -10.20 -30.00
CA ALA B 287 4.70 -9.19 -29.00
C ALA B 287 5.39 -7.90 -29.51
N GLY B 288 5.47 -7.75 -30.83
CA GLY B 288 6.09 -6.56 -31.41
C GLY B 288 7.41 -6.84 -32.11
N GLY B 289 7.94 -8.05 -31.94
CA GLY B 289 9.13 -8.48 -32.67
C GLY B 289 10.37 -8.59 -31.81
N ILE B 290 11.51 -8.71 -32.48
CA ILE B 290 12.80 -8.98 -31.83
C ILE B 290 13.25 -7.86 -30.89
N TRP B 291 13.16 -6.61 -31.35
CA TRP B 291 13.64 -5.47 -30.57
C TRP B 291 12.76 -5.26 -29.33
N GLU B 292 11.45 -5.38 -29.52
CA GLU B 292 10.48 -5.31 -28.42
C GLU B 292 10.75 -6.43 -27.39
N GLY B 293 10.97 -7.64 -27.91
CA GLY B 293 11.41 -8.77 -27.12
C GLY B 293 12.60 -8.47 -26.25
N LYS B 294 13.57 -7.80 -26.81
CA LYS B 294 14.72 -7.43 -26.08
C LYS B 294 14.41 -6.49 -24.90
N LYS B 295 13.38 -5.67 -24.99
CA LYS B 295 13.00 -4.71 -23.96
C LYS B 295 12.08 -5.40 -22.96
N ILE B 296 11.39 -6.44 -23.41
CA ILE B 296 10.63 -7.31 -22.52
C ILE B 296 11.65 -8.01 -21.63
N ALA B 297 12.77 -8.40 -22.23
CA ALA B 297 13.92 -8.97 -21.50
C ALA B 297 14.52 -7.98 -20.48
N THR B 298 14.50 -6.69 -20.83
CA THR B 298 15.10 -5.64 -19.99
C THR B 298 14.25 -5.40 -18.75
N LEU B 299 12.98 -5.18 -18.93
CA LEU B 299 12.03 -5.02 -17.86
C LEU B 299 11.90 -6.23 -17.02
N ALA B 300 11.95 -7.40 -17.64
CA ALA B 300 12.01 -8.67 -16.93
C ALA B 300 13.20 -8.68 -15.98
N ALA B 301 14.39 -8.32 -16.48
CA ALA B 301 15.59 -8.25 -15.64
C ALA B 301 15.36 -7.33 -14.43
N ALA B 302 14.99 -6.08 -14.69
CA ALA B 302 14.75 -5.11 -13.61
C ALA B 302 13.83 -5.61 -12.47
N PHE B 303 13.17 -6.76 -12.73
CA PHE B 303 12.28 -7.41 -11.74
C PHE B 303 12.85 -8.69 -11.17
N GLY B 304 14.06 -9.07 -11.60
CA GLY B 304 14.63 -10.37 -11.26
C GLY B 304 13.89 -11.49 -11.98
N ALA B 305 13.23 -11.14 -13.08
CA ALA B 305 12.47 -12.09 -13.87
C ALA B 305 13.26 -12.59 -15.08
N GLN B 306 12.81 -13.71 -15.64
CA GLN B 306 13.53 -14.40 -16.70
C GLN B 306 12.69 -14.51 -17.95
N LEU B 307 13.36 -14.84 -19.05
CA LEU B 307 12.73 -14.86 -20.34
C LEU B 307 12.60 -16.29 -20.85
N ALA B 308 11.45 -16.60 -21.44
CA ALA B 308 11.21 -17.96 -21.98
C ALA B 308 10.45 -17.89 -23.30
N PRO B 309 11.10 -17.35 -24.36
CA PRO B 309 10.47 -17.13 -25.65
C PRO B 309 9.51 -18.27 -26.03
N HIS B 310 8.29 -17.91 -26.43
CA HIS B 310 7.22 -18.85 -26.77
C HIS B 310 7.34 -19.32 -28.21
N LEU B 311 7.17 -20.62 -28.43
CA LEU B 311 6.98 -21.15 -29.77
C LEU B 311 5.77 -22.06 -29.88
N TYR B 312 4.79 -21.60 -30.63
CA TYR B 312 3.81 -22.48 -31.23
C TYR B 312 3.57 -22.01 -32.66
N ALA B 313 4.67 -21.93 -33.42
CA ALA B 313 4.64 -21.51 -34.81
C ALA B 313 5.74 -22.19 -35.65
N GLY B 314 6.09 -21.57 -36.77
CA GLY B 314 7.05 -22.13 -37.72
C GLY B 314 8.49 -21.83 -37.35
N PRO B 315 9.42 -22.22 -38.25
CA PRO B 315 10.87 -22.07 -38.04
C PRO B 315 11.40 -20.64 -38.12
N VAL B 316 10.60 -19.69 -38.60
CA VAL B 316 11.06 -18.30 -38.64
C VAL B 316 11.03 -17.64 -37.25
N GLU B 317 9.86 -17.67 -36.60
CA GLU B 317 9.71 -17.17 -35.23
C GLU B 317 10.68 -17.88 -34.29
N TRP B 318 10.89 -19.16 -34.55
CA TRP B 318 11.87 -19.96 -33.83
C TRP B 318 13.27 -19.37 -34.01
N ALA B 319 13.68 -19.19 -35.26
CA ALA B 319 14.99 -18.58 -35.55
C ALA B 319 15.14 -17.26 -34.81
N ALA B 320 14.16 -16.36 -34.98
CA ALA B 320 14.09 -15.13 -34.19
C ALA B 320 14.30 -15.38 -32.69
N ASN B 321 13.45 -16.24 -32.10
CA ASN B 321 13.58 -16.66 -30.69
C ASN B 321 14.99 -17.02 -30.28
N VAL B 322 15.68 -17.79 -31.12
CA VAL B 322 17.03 -18.26 -30.79
C VAL B 322 18.00 -17.09 -30.71
N HIS B 323 17.94 -16.20 -31.70
CA HIS B 323 18.76 -14.99 -31.71
C HIS B 323 18.56 -14.10 -30.49
N LEU B 324 17.30 -13.82 -30.15
CA LEU B 324 17.02 -13.10 -28.92
C LEU B 324 17.65 -13.83 -27.74
N GLY B 325 17.27 -15.10 -27.57
CA GLY B 325 17.85 -15.96 -26.53
C GLY B 325 19.34 -15.76 -26.30
N VAL B 326 20.14 -16.01 -27.33
CA VAL B 326 21.60 -15.83 -27.30
C VAL B 326 22.09 -14.53 -26.63
N SER B 327 21.34 -13.43 -26.81
CA SER B 327 21.82 -12.12 -26.37
C SER B 327 21.42 -11.71 -24.94
N CYS B 328 20.67 -12.55 -24.22
CA CYS B 328 20.11 -12.17 -22.92
C CYS B 328 20.67 -12.97 -21.76
N PRO B 329 21.24 -12.28 -20.77
CA PRO B 329 21.70 -12.90 -19.52
C PRO B 329 20.61 -13.62 -18.73
N ASN B 330 19.40 -13.07 -18.73
CA ASN B 330 18.28 -13.64 -17.97
C ASN B 330 17.45 -14.68 -18.74
N LEU B 331 17.89 -15.04 -19.94
CA LEU B 331 17.20 -16.09 -20.70
C LEU B 331 17.20 -17.41 -19.93
N LEU B 332 16.00 -17.92 -19.62
CA LEU B 332 15.86 -19.21 -18.94
C LEU B 332 15.95 -20.35 -19.96
N MET B 333 15.02 -20.39 -20.91
CA MET B 333 15.04 -21.38 -21.99
C MET B 333 14.26 -20.92 -23.23
N VAL B 334 14.43 -21.65 -24.34
CA VAL B 334 13.59 -21.45 -25.53
C VAL B 334 12.71 -22.68 -25.81
N GLU B 335 11.44 -22.43 -26.16
CA GLU B 335 10.49 -23.50 -26.48
C GLU B 335 10.77 -24.07 -27.86
N ALA B 336 10.85 -25.39 -27.96
CA ALA B 336 11.27 -26.03 -29.22
C ALA B 336 10.27 -26.99 -29.87
N ILE B 337 10.01 -26.79 -31.15
CA ILE B 337 9.35 -27.81 -31.96
C ILE B 337 10.26 -28.30 -33.09
N GLU B 338 10.97 -29.41 -32.83
CA GLU B 338 11.82 -30.04 -33.83
C GLU B 338 11.07 -31.09 -34.64
N THR B 339 10.12 -30.67 -35.47
CA THR B 339 9.47 -31.56 -36.44
C THR B 339 10.29 -31.55 -37.73
N PRO B 340 10.24 -32.67 -38.50
CA PRO B 340 10.91 -32.67 -39.81
C PRO B 340 10.37 -31.61 -40.76
N PHE B 341 9.10 -31.22 -40.64
CA PHE B 341 8.57 -30.16 -41.51
C PHE B 341 9.15 -28.80 -41.16
N HIS B 342 9.10 -28.43 -39.88
CA HIS B 342 9.85 -27.28 -39.38
C HIS B 342 11.21 -27.24 -40.05
N GLU B 343 11.88 -28.39 -40.07
CA GLU B 343 13.24 -28.51 -40.59
C GLU B 343 13.33 -28.35 -42.12
N ALA B 344 12.27 -28.77 -42.82
CA ALA B 344 12.27 -28.79 -44.28
C ALA B 344 11.85 -27.46 -44.87
N LEU B 345 10.85 -26.84 -44.24
CA LEU B 345 10.29 -25.57 -44.69
C LEU B 345 11.34 -24.50 -44.99
N VAL B 346 12.40 -24.47 -44.19
CA VAL B 346 13.51 -23.56 -44.42
C VAL B 346 14.80 -24.37 -44.46
N THR B 347 15.89 -23.73 -44.89
CA THR B 347 17.22 -24.31 -44.71
C THR B 347 18.14 -23.33 -44.00
N GLY B 348 18.94 -23.87 -43.08
CA GLY B 348 19.78 -23.07 -42.19
C GLY B 348 19.33 -23.13 -40.74
N ARG B 349 18.13 -23.68 -40.52
CA ARG B 349 17.42 -23.63 -39.23
C ARG B 349 18.23 -24.06 -38.00
N PRO B 350 18.16 -23.27 -36.90
CA PRO B 350 18.87 -23.67 -35.68
C PRO B 350 18.28 -24.94 -35.07
N ARG B 351 19.15 -25.85 -34.66
CA ARG B 351 18.77 -27.20 -34.23
C ARG B 351 19.06 -27.46 -32.76
N VAL B 352 18.17 -28.17 -32.10
CA VAL B 352 18.38 -28.63 -30.73
C VAL B 352 19.18 -29.95 -30.71
N GLU B 353 20.42 -29.86 -30.24
CA GLU B 353 21.32 -31.01 -30.07
C GLU B 353 21.57 -31.22 -28.58
N ASN B 354 21.50 -32.47 -28.14
CA ASN B 354 21.68 -32.80 -26.72
C ASN B 354 20.97 -31.83 -25.76
N GLY B 355 19.81 -31.31 -26.18
CA GLY B 355 18.95 -30.43 -25.37
C GLY B 355 19.35 -28.97 -25.30
N PHE B 356 20.05 -28.51 -26.33
CA PHE B 356 20.60 -27.15 -26.41
C PHE B 356 20.68 -26.70 -27.87
N VAL B 357 20.63 -25.39 -28.10
CA VAL B 357 20.84 -24.83 -29.45
C VAL B 357 22.08 -23.96 -29.43
N ALA B 358 23.01 -24.20 -30.35
CA ALA B 358 24.22 -23.39 -30.39
C ALA B 358 23.96 -22.08 -31.13
N ALA B 359 24.55 -21.03 -30.62
CA ALA B 359 24.33 -19.76 -31.22
C ALA B 359 24.72 -19.69 -32.67
N PRO B 360 23.74 -19.09 -33.45
CA PRO B 360 23.93 -19.20 -34.88
C PRO B 360 25.17 -18.60 -35.52
N ASP B 361 25.45 -19.10 -36.71
CA ASP B 361 26.54 -18.64 -37.47
C ASP B 361 26.30 -17.66 -38.59
N ALA B 362 25.41 -18.00 -39.49
CA ALA B 362 25.17 -17.28 -40.74
C ALA B 362 24.68 -15.85 -40.50
N PRO B 363 24.89 -14.94 -41.48
CA PRO B 363 24.37 -13.58 -41.34
C PRO B 363 22.85 -13.58 -41.28
N GLY B 364 22.27 -12.57 -40.63
CA GLY B 364 20.82 -12.52 -40.44
C GLY B 364 20.27 -13.63 -39.55
N LEU B 365 19.06 -14.09 -39.84
CA LEU B 365 18.46 -15.19 -39.09
C LEU B 365 19.12 -16.53 -39.46
N GLY B 366 19.87 -16.53 -40.57
CA GLY B 366 20.58 -17.70 -41.05
C GLY B 366 19.63 -18.77 -41.56
N ILE B 367 18.44 -18.33 -41.97
CA ILE B 367 17.43 -19.22 -42.56
C ILE B 367 17.02 -18.67 -43.92
N THR B 368 16.87 -19.55 -44.91
CA THR B 368 16.23 -19.19 -46.19
C THR B 368 15.06 -20.10 -46.47
N LEU B 369 14.01 -19.54 -47.09
CA LEU B 369 12.79 -20.29 -47.35
C LEU B 369 12.94 -21.24 -48.54
N ASN B 370 12.55 -22.49 -48.32
CA ASN B 370 12.39 -23.45 -49.40
C ASN B 370 11.04 -23.21 -50.08
N ASP B 371 11.06 -22.39 -51.14
CA ASP B 371 9.86 -21.80 -51.75
C ASP B 371 8.85 -22.82 -52.30
N ALA B 372 9.35 -23.88 -52.93
CA ALA B 372 8.47 -24.92 -53.49
C ALA B 372 7.68 -25.64 -52.40
N ILE B 373 8.34 -25.93 -51.28
CA ILE B 373 7.70 -26.61 -50.15
C ILE B 373 6.59 -25.74 -49.58
N ALA B 374 6.93 -24.47 -49.36
CA ALA B 374 5.99 -23.47 -48.82
C ALA B 374 4.75 -23.28 -49.68
N ASN B 375 4.94 -23.16 -51.00
CA ASN B 375 3.80 -23.10 -51.93
C ASN B 375 3.01 -24.40 -52.05
N ALA B 376 3.71 -25.53 -52.06
CA ALA B 376 3.08 -26.84 -52.14
C ALA B 376 2.31 -27.18 -50.86
N HIS B 377 2.60 -26.44 -49.79
CA HIS B 377 1.95 -26.68 -48.50
C HIS B 377 1.02 -25.56 -48.09
N ARG B 378 0.51 -24.83 -49.09
CA ARG B 378 -0.35 -23.68 -48.87
C ARG B 378 -1.65 -24.04 -48.13
N TYR B 379 -2.17 -23.06 -47.39
CA TYR B 379 -3.35 -23.29 -46.56
C TYR B 379 -4.61 -22.74 -47.20
N THR B 380 -5.56 -23.60 -47.55
CA THR B 380 -6.83 -23.15 -48.08
C THR B 380 -7.90 -23.53 -47.09
N GLY B 381 -8.74 -22.59 -46.71
CA GLY B 381 -9.72 -22.87 -45.67
C GLY B 381 -10.29 -21.73 -44.87
N ASN B 382 -10.85 -22.09 -43.72
CA ASN B 382 -11.51 -21.13 -42.84
C ASN B 382 -10.90 -20.99 -41.44
N ARG B 383 -10.63 -22.13 -40.85
CA ARG B 383 -10.32 -22.26 -39.44
C ARG B 383 -9.05 -21.58 -38.98
N LEU B 384 -9.06 -21.28 -37.72
CA LEU B 384 -7.99 -20.51 -37.06
C LEU B 384 -6.81 -21.36 -36.62
N HIS B 385 -5.63 -20.73 -36.55
CA HIS B 385 -4.38 -21.35 -36.11
C HIS B 385 -4.58 -22.13 -34.82
N LEU B 386 -5.09 -21.44 -33.81
CA LEU B 386 -5.53 -22.04 -32.56
C LEU B 386 -6.97 -21.63 -32.30
N GLU B 387 -7.72 -22.51 -31.64
CA GLU B 387 -9.06 -22.18 -31.17
C GLU B 387 -9.25 -22.63 -29.73
N VAL C 2 -34.91 -4.29 36.85
CA VAL C 2 -36.33 -4.18 36.43
C VAL C 2 -36.53 -4.88 35.08
N LYS C 3 -37.74 -4.84 34.52
CA LYS C 3 -38.01 -5.55 33.26
C LYS C 3 -38.85 -4.76 32.27
N LEU C 4 -38.23 -4.40 31.14
CA LEU C 4 -38.93 -3.71 30.04
C LEU C 4 -40.23 -4.42 29.74
N ASP C 5 -41.34 -3.69 29.72
CA ASP C 5 -42.66 -4.31 29.60
C ASP C 5 -43.49 -3.86 28.38
N THR C 6 -43.98 -2.62 28.44
CA THR C 6 -44.90 -2.10 27.42
C THR C 6 -44.30 -0.93 26.62
N LEU C 7 -44.87 -0.69 25.44
CA LEU C 7 -44.35 0.31 24.51
C LEU C 7 -45.47 1.09 23.83
N ASP C 8 -45.39 2.42 23.91
CA ASP C 8 -46.25 3.31 23.15
C ASP C 8 -45.42 3.99 22.07
N ILE C 9 -45.99 4.08 20.88
CA ILE C 9 -45.35 4.74 19.75
C ILE C 9 -46.12 6.00 19.38
N PHE C 10 -45.41 7.13 19.31
CA PHE C 10 -46.00 8.43 19.01
C PHE C 10 -45.38 9.00 17.72
N ALA C 11 -46.19 9.12 16.67
CA ALA C 11 -45.76 9.86 15.49
C ALA C 11 -46.22 11.31 15.61
N VAL C 12 -45.26 12.23 15.60
CA VAL C 12 -45.53 13.66 15.79
C VAL C 12 -45.27 14.41 14.48
N ALA C 13 -46.13 15.38 14.15
CA ALA C 13 -45.97 16.17 12.93
C ALA C 13 -45.68 17.65 13.23
N PRO C 14 -44.40 18.00 13.42
CA PRO C 14 -44.02 19.39 13.75
C PRO C 14 -44.69 20.41 12.83
N PRO C 15 -45.41 21.41 13.39
CA PRO C 15 -46.11 22.42 12.59
C PRO C 15 -45.19 23.19 11.64
N PRO C 16 -45.78 23.88 10.63
CA PRO C 16 -45.06 24.90 9.87
C PRO C 16 -44.27 25.84 10.79
N PRO C 17 -43.01 26.19 10.42
CA PRO C 17 -42.34 25.94 9.13
C PRO C 17 -41.92 24.48 8.91
N GLY C 18 -41.43 23.83 9.96
CA GLY C 18 -41.17 22.39 9.92
C GLY C 18 -39.71 22.02 9.92
N TRP C 19 -38.88 22.88 10.51
CA TRP C 19 -37.44 22.62 10.65
C TRP C 19 -37.25 21.38 11.53
N GLY C 20 -36.80 20.28 10.93
CA GLY C 20 -36.67 19.01 11.62
C GLY C 20 -37.55 17.90 11.07
N GLY C 21 -38.02 18.07 9.83
CA GLY C 21 -38.74 17.02 9.11
C GLY C 21 -40.24 17.06 9.23
N ARG C 22 -40.90 16.23 8.42
CA ARG C 22 -42.36 16.10 8.41
C ARG C 22 -42.92 15.41 9.66
N TYR C 23 -42.16 14.44 10.20
CA TYR C 23 -42.62 13.66 11.36
C TYR C 23 -41.50 13.16 12.29
N TRP C 24 -41.83 13.04 13.57
CA TRP C 24 -40.91 12.43 14.52
C TRP C 24 -41.51 11.15 15.08
N LEU C 25 -40.72 10.08 15.05
CA LEU C 25 -41.14 8.81 15.61
C LEU C 25 -40.52 8.64 17.00
N LEU C 26 -41.33 8.92 18.01
CA LEU C 26 -40.90 8.76 19.40
C LEU C 26 -41.44 7.45 19.98
N VAL C 27 -40.67 6.86 20.88
CA VAL C 27 -41.07 5.66 21.59
C VAL C 27 -41.09 5.90 23.09
N ARG C 28 -42.09 5.32 23.76
CA ARG C 28 -42.16 5.30 25.21
C ARG C 28 -42.08 3.86 25.66
N VAL C 29 -41.07 3.56 26.49
CA VAL C 29 -40.94 2.23 27.07
C VAL C 29 -41.23 2.31 28.57
N THR C 30 -42.01 1.35 29.06
CA THR C 30 -42.40 1.27 30.46
C THR C 30 -41.93 -0.04 31.09
N THR C 31 -41.42 0.04 32.32
CA THR C 31 -40.95 -1.13 33.04
C THR C 31 -42.08 -1.83 33.77
N ASP C 32 -41.98 -3.14 33.94
CA ASP C 32 -42.93 -3.92 34.75
C ASP C 32 -43.21 -3.25 36.10
N THR C 33 -42.21 -2.50 36.58
CA THR C 33 -42.23 -1.89 37.91
C THR C 33 -42.60 -0.39 37.94
N GLY C 34 -42.92 0.18 36.78
CA GLY C 34 -43.50 1.53 36.74
C GLY C 34 -42.79 2.67 36.01
N LEU C 35 -41.52 2.48 35.64
CA LEU C 35 -40.73 3.59 35.05
C LEU C 35 -40.89 3.70 33.53
N THR C 36 -40.84 4.94 33.04
CA THR C 36 -40.91 5.27 31.62
C THR C 36 -39.59 5.82 31.09
N GLY C 37 -39.31 5.53 29.82
CA GLY C 37 -38.17 6.05 29.12
C GLY C 37 -38.58 6.46 27.72
N LEU C 38 -38.07 7.60 27.25
CA LEU C 38 -38.36 8.05 25.90
C LEU C 38 -37.17 7.77 24.99
N GLY C 39 -37.49 7.43 23.74
CA GLY C 39 -36.49 7.31 22.70
C GLY C 39 -36.98 7.97 21.42
N GLU C 40 -36.09 8.10 20.44
CA GLU C 40 -36.49 8.57 19.12
C GLU C 40 -35.90 7.69 18.01
N VAL C 41 -36.77 7.23 17.13
CA VAL C 41 -36.37 6.41 15.99
C VAL C 41 -36.14 7.32 14.80
N TYR C 42 -34.96 7.18 14.20
CA TYR C 42 -34.64 7.91 12.99
C TYR C 42 -34.47 6.92 11.84
N ALA C 43 -35.53 6.76 11.06
CA ALA C 43 -35.54 5.85 9.93
C ALA C 43 -36.55 6.34 8.90
N ALA C 44 -36.08 6.60 7.68
CA ALA C 44 -36.93 7.18 6.65
C ALA C 44 -37.17 6.29 5.43
N GLY C 45 -36.45 5.17 5.37
CA GLY C 45 -36.59 4.20 4.27
C GLY C 45 -38.04 3.84 3.97
N VAL C 46 -38.79 3.39 4.97
CA VAL C 46 -40.25 3.25 4.82
C VAL C 46 -41.02 4.27 5.66
N GLY C 47 -42.28 4.50 5.29
CA GLY C 47 -43.14 5.46 5.96
C GLY C 47 -43.51 5.10 7.38
N PRO C 48 -44.03 6.08 8.14
CA PRO C 48 -44.23 6.01 9.60
C PRO C 48 -45.15 4.87 10.06
N GLU C 49 -46.13 4.52 9.21
CA GLU C 49 -47.07 3.45 9.54
C GLU C 49 -46.39 2.08 9.49
N ALA C 50 -45.46 1.90 8.56
CA ALA C 50 -44.72 0.64 8.44
C ALA C 50 -43.67 0.56 9.54
N MET C 51 -43.06 1.70 9.84
CA MET C 51 -42.07 1.80 10.90
C MET C 51 -42.65 1.51 12.29
N THR C 52 -43.95 1.71 12.44
CA THR C 52 -44.66 1.42 13.68
C THR C 52 -44.64 -0.07 13.98
N HIS C 53 -44.89 -0.88 12.95
CA HIS C 53 -44.81 -2.34 13.05
C HIS C 53 -43.37 -2.78 13.26
N VAL C 54 -42.45 -2.26 12.44
CA VAL C 54 -41.02 -2.55 12.57
C VAL C 54 -40.54 -2.32 14.00
N ILE C 55 -40.93 -1.20 14.61
CA ILE C 55 -40.50 -0.88 15.98
C ILE C 55 -41.08 -1.86 17.03
N HIS C 56 -42.38 -2.09 17.00
CA HIS C 56 -42.99 -3.09 17.92
C HIS C 56 -42.31 -4.46 17.80
N ASP C 57 -42.22 -4.97 16.58
CA ASP C 57 -41.44 -6.18 16.27
C ASP C 57 -40.10 -6.19 17.02
N VAL C 58 -39.25 -5.18 16.76
CA VAL C 58 -37.92 -5.11 17.40
C VAL C 58 -38.01 -5.22 18.92
N PHE C 59 -38.97 -4.50 19.50
CA PHE C 59 -39.13 -4.49 20.96
C PHE C 59 -39.64 -5.80 21.51
N THR C 60 -40.69 -6.33 20.91
CA THR C 60 -41.29 -7.60 21.33
C THR C 60 -40.30 -8.78 21.20
N ARG C 61 -39.50 -8.78 20.13
CA ARG C 61 -38.67 -9.93 19.81
C ARG C 61 -37.37 -10.00 20.62
N HIS C 62 -36.78 -8.84 20.90
CA HIS C 62 -35.48 -8.79 21.57
C HIS C 62 -35.48 -8.08 22.92
N MET C 63 -36.53 -7.33 23.23
CA MET C 63 -36.45 -6.41 24.36
C MET C 63 -37.46 -6.63 25.49
N ARG C 64 -38.75 -6.74 25.16
CA ARG C 64 -39.77 -7.09 26.16
C ARG C 64 -39.29 -8.19 27.11
N GLY C 65 -39.28 -7.88 28.40
CA GLY C 65 -38.90 -8.83 29.46
C GLY C 65 -37.52 -8.58 30.03
N GLU C 66 -36.66 -7.97 29.22
CA GLU C 66 -35.24 -7.84 29.54
C GLU C 66 -34.95 -6.73 30.55
N ASP C 67 -33.82 -6.89 31.25
CA ASP C 67 -33.28 -5.86 32.12
C ASP C 67 -32.66 -4.77 31.24
N PRO C 68 -33.16 -3.52 31.38
CA PRO C 68 -32.69 -2.34 30.65
C PRO C 68 -31.18 -2.10 30.74
N ALA C 69 -30.56 -2.66 31.77
CA ALA C 69 -29.13 -2.60 31.95
C ALA C 69 -28.43 -3.35 30.87
N ASN C 70 -29.03 -4.39 30.36
CA ASN C 70 -28.37 -5.28 29.44
C ASN C 70 -28.35 -4.74 27.99
N ILE C 71 -27.81 -3.54 27.82
CA ILE C 71 -27.76 -2.84 26.52
C ILE C 71 -27.14 -3.72 25.47
N GLU C 72 -25.84 -4.01 25.64
CA GLU C 72 -25.07 -4.83 24.71
C GLU C 72 -25.85 -6.04 24.17
N LEU C 73 -26.38 -6.87 25.06
CA LEU C 73 -27.13 -8.09 24.65
C LEU C 73 -28.27 -7.74 23.68
N MET C 74 -29.16 -6.83 24.07
CA MET C 74 -30.25 -6.40 23.19
C MET C 74 -29.75 -5.81 21.86
N SER C 75 -28.66 -5.05 21.91
CA SER C 75 -28.01 -4.52 20.71
C SER C 75 -27.53 -5.63 19.76
N ARG C 76 -26.96 -6.69 20.32
CA ARG C 76 -26.46 -7.84 19.57
C ARG C 76 -27.58 -8.66 18.91
N ARG C 77 -28.69 -8.83 19.63
CA ARG C 77 -29.89 -9.44 19.10
C ARG C 77 -30.45 -8.63 17.92
N ALA C 78 -30.57 -7.31 18.13
CA ALA C 78 -31.15 -6.44 17.10
C ALA C 78 -30.28 -6.39 15.85
N HIS C 79 -28.99 -6.64 16.04
CA HIS C 79 -28.00 -6.62 14.96
C HIS C 79 -28.07 -7.94 14.21
N SER C 80 -28.06 -9.05 14.95
CA SER C 80 -28.10 -10.38 14.39
C SER C 80 -29.48 -10.86 13.93
N SER C 81 -30.52 -10.09 14.23
CA SER C 81 -31.92 -10.54 14.04
C SER C 81 -32.19 -11.29 12.74
N GLY C 82 -32.66 -12.53 12.87
CA GLY C 82 -33.06 -13.36 11.74
C GLY C 82 -31.92 -13.78 10.82
N PHE C 83 -30.78 -14.11 11.41
CA PHE C 83 -29.56 -14.45 10.69
C PHE C 83 -29.12 -13.35 9.73
N THR C 84 -28.81 -12.19 10.29
CA THR C 84 -28.30 -11.07 9.51
C THR C 84 -26.93 -10.67 10.04
N GLN C 85 -26.92 -9.95 11.17
CA GLN C 85 -25.68 -9.55 11.85
C GLN C 85 -24.85 -8.52 11.07
N ARG C 86 -25.49 -7.83 10.14
CA ARG C 86 -24.88 -6.73 9.42
C ARG C 86 -25.79 -5.50 9.54
N PRO C 87 -25.18 -4.29 9.56
CA PRO C 87 -25.92 -3.03 9.69
C PRO C 87 -27.15 -2.89 8.79
N ASP C 88 -28.27 -2.51 9.40
CA ASP C 88 -29.53 -2.26 8.70
C ASP C 88 -30.18 -1.00 9.29
N PRO C 89 -30.19 0.11 8.53
CA PRO C 89 -30.79 1.39 8.93
C PRO C 89 -32.18 1.26 9.55
N THR C 90 -33.04 0.42 8.96
CA THR C 90 -34.41 0.27 9.39
C THR C 90 -34.53 -0.47 10.73
N VAL C 91 -34.13 -1.74 10.76
CA VAL C 91 -34.18 -2.54 11.99
C VAL C 91 -33.40 -1.87 13.12
N PHE C 92 -32.17 -1.48 12.84
CA PHE C 92 -31.29 -0.89 13.83
C PHE C 92 -31.62 0.58 14.11
N GLY C 93 -32.43 1.18 13.25
CA GLY C 93 -33.04 2.46 13.55
C GLY C 93 -34.12 2.28 14.60
N ALA C 94 -34.95 1.26 14.42
CA ALA C 94 -35.97 0.95 15.42
C ALA C 94 -35.35 0.68 16.78
N PHE C 95 -34.33 -0.19 16.85
CA PHE C 95 -33.61 -0.43 18.10
C PHE C 95 -33.08 0.87 18.70
N SER C 96 -32.40 1.67 17.89
CA SER C 96 -31.80 2.93 18.32
C SER C 96 -32.73 3.75 19.19
N GLY C 97 -33.98 3.90 18.74
CA GLY C 97 -35.00 4.61 19.50
C GLY C 97 -35.23 4.01 20.87
N LEU C 98 -35.59 2.73 20.87
CA LEU C 98 -35.91 1.97 22.08
C LEU C 98 -34.76 1.91 23.05
N GLU C 99 -33.53 1.74 22.53
CA GLU C 99 -32.32 1.74 23.34
C GLU C 99 -32.21 3.02 24.16
N MET C 100 -32.42 4.18 23.53
CA MET C 100 -32.43 5.49 24.23
C MET C 100 -33.31 5.45 25.49
N ALA C 101 -34.51 4.90 25.33
CA ALA C 101 -35.47 4.72 26.42
C ALA C 101 -34.92 3.91 27.60
N CYS C 102 -34.03 2.96 27.31
CA CYS C 102 -33.37 2.15 28.34
C CYS C 102 -32.42 2.98 29.20
N TRP C 103 -31.80 4.00 28.62
CA TRP C 103 -30.87 4.84 29.37
C TRP C 103 -31.67 5.86 30.16
N ASP C 104 -32.77 6.30 29.59
CA ASP C 104 -33.75 7.13 30.31
C ASP C 104 -34.22 6.34 31.54
N ILE C 105 -34.67 5.10 31.33
CA ILE C 105 -35.11 4.25 32.44
C ILE C 105 -34.01 3.91 33.45
N LEU C 106 -32.82 3.51 32.96
CA LEU C 106 -31.66 3.31 33.85
C LEU C 106 -31.33 4.59 34.62
N GLY C 107 -31.35 5.72 33.91
CA GLY C 107 -31.11 7.04 34.52
C GLY C 107 -31.98 7.30 35.74
N LYS C 108 -33.28 7.02 35.62
CA LYS C 108 -34.24 7.21 36.72
C LYS C 108 -34.03 6.26 37.91
N ALA C 109 -34.00 4.95 37.66
CA ALA C 109 -33.82 3.97 38.74
C ALA C 109 -32.50 4.18 39.52
N ARG C 110 -31.43 4.51 38.78
CA ARG C 110 -30.14 4.86 39.37
C ARG C 110 -30.10 6.26 40.04
N ASP C 111 -31.08 7.12 39.73
CA ASP C 111 -31.10 8.52 40.23
C ASP C 111 -30.01 9.45 39.64
N CYS C 112 -29.64 9.24 38.37
CA CYS C 112 -28.62 10.09 37.75
C CYS C 112 -28.89 10.43 36.27
N PRO C 113 -28.30 11.53 35.77
CA PRO C 113 -28.40 11.86 34.34
C PRO C 113 -27.64 10.87 33.49
N VAL C 114 -28.09 10.65 32.26
CA VAL C 114 -27.47 9.62 31.41
C VAL C 114 -25.96 9.80 31.23
N TRP C 115 -25.46 11.03 31.20
CA TRP C 115 -24.00 11.23 31.08
C TRP C 115 -23.22 10.74 32.29
N ALA C 116 -23.88 10.66 33.45
CA ALA C 116 -23.23 10.14 34.66
C ALA C 116 -22.86 8.66 34.53
N MET C 117 -23.40 8.01 33.51
CA MET C 117 -23.18 6.58 33.28
C MET C 117 -22.45 6.37 31.96
N LEU C 118 -21.91 7.46 31.41
CA LEU C 118 -21.24 7.45 30.12
C LEU C 118 -19.79 7.90 30.24
N GLY C 119 -19.33 8.09 31.47
CA GLY C 119 -17.98 8.57 31.71
C GLY C 119 -17.97 9.84 32.54
N GLY C 120 -19.15 10.42 32.75
CA GLY C 120 -19.29 11.63 33.55
C GLY C 120 -19.20 12.95 32.77
N LYS C 121 -19.00 14.02 33.52
CA LYS C 121 -18.94 15.38 32.99
C LYS C 121 -17.55 15.73 32.48
N MET C 122 -17.27 15.35 31.24
CA MET C 122 -16.07 15.80 30.54
C MET C 122 -16.23 17.28 30.27
N ASN C 123 -17.41 17.61 29.77
CA ASN C 123 -17.74 18.96 29.36
C ASN C 123 -18.82 19.54 30.25
N ASP C 124 -18.49 20.64 30.92
CA ASP C 124 -19.48 21.44 31.64
C ASP C 124 -20.55 21.93 30.68
N ARG C 125 -20.10 22.39 29.50
CA ARG C 125 -20.95 22.94 28.45
C ARG C 125 -20.62 22.28 27.13
N ILE C 126 -21.61 22.15 26.25
CA ILE C 126 -21.33 21.74 24.87
C ILE C 126 -21.42 22.90 23.91
N ARG C 127 -20.41 23.04 23.06
CA ARG C 127 -20.48 23.95 21.93
C ARG C 127 -21.59 23.47 20.99
N ALA C 128 -22.43 24.39 20.54
CA ALA C 128 -23.58 24.06 19.68
C ALA C 128 -23.53 24.80 18.36
N TYR C 129 -24.37 24.38 17.42
CA TYR C 129 -24.55 25.10 16.16
C TYR C 129 -25.95 24.96 15.58
N THR C 130 -26.32 25.88 14.70
CA THR C 130 -27.61 25.84 14.02
C THR C 130 -27.51 26.13 12.52
N TYR C 131 -28.54 25.69 11.79
CA TYR C 131 -28.66 25.95 10.37
C TYR C 131 -29.10 27.40 10.23
N LEU C 132 -28.62 28.08 9.20
CA LEU C 132 -29.04 29.45 8.94
C LEU C 132 -30.47 29.47 8.42
N TYR C 133 -31.36 30.04 9.23
CA TYR C 133 -32.80 30.05 8.95
C TYR C 133 -33.21 31.46 8.51
N PRO C 134 -34.43 31.61 7.95
CA PRO C 134 -34.90 32.96 7.64
C PRO C 134 -35.16 33.80 8.90
N GLU C 135 -34.73 35.04 8.84
CA GLU C 135 -35.06 36.06 9.83
C GLU C 135 -36.52 36.49 9.61
N PRO C 136 -37.20 37.02 10.66
CA PRO C 136 -38.62 37.36 10.47
C PRO C 136 -38.90 38.24 9.25
N HIS C 137 -37.95 39.10 8.88
CA HIS C 137 -38.11 40.01 7.73
C HIS C 137 -37.62 39.45 6.40
N HIS C 138 -37.27 38.16 6.36
CA HIS C 138 -36.80 37.54 5.13
C HIS C 138 -37.91 36.84 4.35
N ASP C 139 -37.97 37.13 3.05
CA ASP C 139 -38.82 36.39 2.12
C ASP C 139 -38.39 34.91 2.01
N THR C 140 -39.31 34.02 2.36
CA THR C 140 -39.07 32.56 2.48
C THR C 140 -38.43 31.89 1.25
N ASN C 141 -38.93 32.22 0.05
CA ASN C 141 -38.45 31.57 -1.19
C ASN C 141 -37.09 32.09 -1.63
N ALA C 142 -36.92 33.41 -1.50
CA ALA C 142 -35.69 34.09 -1.89
C ALA C 142 -34.53 33.73 -0.96
N PHE C 143 -34.83 33.53 0.32
CA PHE C 143 -33.80 33.29 1.32
C PHE C 143 -32.82 32.19 0.90
N TRP C 144 -33.37 31.05 0.51
CA TRP C 144 -32.58 29.84 0.20
C TRP C 144 -31.48 30.04 -0.82
N THR C 145 -31.73 30.89 -1.80
CA THR C 145 -30.77 31.15 -2.86
C THR C 145 -30.15 32.55 -2.72
N SER C 146 -30.07 33.05 -1.48
CA SER C 146 -29.56 34.41 -1.23
C SER C 146 -28.42 34.49 -0.20
N PRO C 147 -27.19 34.76 -0.67
CA PRO C 147 -26.00 34.92 0.19
C PRO C 147 -26.09 36.12 1.14
N GLU C 148 -26.74 37.19 0.72
CA GLU C 148 -26.82 38.40 1.54
C GLU C 148 -27.84 38.31 2.68
N MET C 149 -28.88 37.51 2.47
CA MET C 149 -29.83 37.16 3.53
C MET C 149 -29.24 36.10 4.47
N ALA C 150 -28.41 35.21 3.93
CA ALA C 150 -27.68 34.24 4.76
C ALA C 150 -26.72 34.94 5.71
N ALA C 151 -25.92 35.86 5.16
CA ALA C 151 -25.11 36.77 5.98
C ALA C 151 -25.93 37.43 7.10
N GLU C 152 -27.12 37.92 6.75
CA GLU C 152 -27.98 38.62 7.70
C GLU C 152 -28.45 37.71 8.85
N SER C 153 -28.70 36.45 8.53
CA SER C 153 -28.98 35.43 9.55
C SER C 153 -27.76 35.11 10.41
N ALA C 154 -26.61 34.89 9.77
CA ALA C 154 -25.38 34.50 10.49
C ALA C 154 -25.00 35.51 11.55
N ALA C 155 -24.96 36.78 11.14
CA ALA C 155 -24.78 37.90 12.07
C ALA C 155 -25.73 37.80 13.27
N ALA C 156 -27.00 37.48 13.03
CA ALA C 156 -27.98 37.40 14.12
C ALA C 156 -27.63 36.29 15.12
N ARG C 157 -27.29 35.11 14.60
CA ARG C 157 -26.84 33.98 15.43
C ARG C 157 -25.62 34.36 16.27
N VAL C 158 -24.68 35.06 15.64
CA VAL C 158 -23.46 35.51 16.31
C VAL C 158 -23.80 36.33 17.55
N ALA C 159 -24.79 37.23 17.40
CA ALA C 159 -25.31 38.04 18.51
C ALA C 159 -26.01 37.23 19.60
N GLU C 160 -26.43 36.01 19.26
CA GLU C 160 -27.03 35.09 20.25
C GLU C 160 -26.01 34.13 20.84
N GLY C 161 -24.73 34.33 20.52
CA GLY C 161 -23.64 33.51 21.07
C GLY C 161 -23.22 32.31 20.21
N TYR C 162 -23.83 32.14 19.05
CA TYR C 162 -23.54 31.00 18.18
C TYR C 162 -22.16 31.14 17.56
N THR C 163 -21.42 30.06 17.65
CA THR C 163 -20.06 30.02 17.23
C THR C 163 -19.85 29.25 15.98
N ALA C 164 -20.89 28.71 15.40
CA ALA C 164 -20.78 28.10 14.10
C ALA C 164 -22.10 28.09 13.43
N VAL C 165 -22.13 28.22 12.13
CA VAL C 165 -23.39 28.12 11.39
C VAL C 165 -23.40 27.18 10.22
N LYS C 166 -24.53 26.57 10.01
CA LYS C 166 -24.64 25.59 8.92
C LYS C 166 -25.48 26.12 7.75
N PHE C 167 -25.03 25.81 6.54
CA PHE C 167 -25.76 26.14 5.32
C PHE C 167 -25.52 25.11 4.22
N ASP C 168 -26.46 25.00 3.29
CA ASP C 168 -26.34 24.09 2.14
C ASP C 168 -26.84 24.77 0.86
N PRO C 169 -26.00 25.62 0.24
CA PRO C 169 -26.40 26.33 -0.97
C PRO C 169 -26.24 25.52 -2.26
N ALA C 170 -25.78 24.27 -2.14
CA ALA C 170 -25.36 23.47 -3.29
C ALA C 170 -26.49 22.87 -4.13
N GLY C 171 -27.72 23.28 -3.85
CA GLY C 171 -28.85 22.77 -4.61
C GLY C 171 -29.39 21.47 -4.05
N PRO C 172 -30.18 20.74 -4.86
CA PRO C 172 -31.01 19.63 -4.38
C PRO C 172 -30.33 18.28 -4.29
N TYR C 173 -30.78 17.46 -3.34
CA TYR C 173 -30.41 16.04 -3.27
C TYR C 173 -31.37 15.20 -4.11
N THR C 174 -30.82 14.25 -4.86
CA THR C 174 -31.57 13.49 -5.86
C THR C 174 -31.48 11.99 -5.65
N MET C 175 -32.35 11.24 -6.33
CA MET C 175 -32.35 9.79 -6.31
C MET C 175 -31.46 9.17 -7.39
N ARG C 176 -30.73 10.02 -8.13
CA ARG C 176 -29.94 9.58 -9.27
C ARG C 176 -28.53 9.19 -8.87
N GLY C 177 -28.18 9.46 -7.62
CA GLY C 177 -26.84 9.22 -7.10
C GLY C 177 -26.01 10.47 -7.25
N GLY C 178 -24.70 10.34 -7.04
CA GLY C 178 -23.78 11.46 -7.17
C GLY C 178 -23.66 11.94 -8.61
N HIS C 179 -23.75 13.26 -8.78
CA HIS C 179 -23.60 13.91 -10.10
C HIS C 179 -22.53 15.02 -10.08
N MET C 180 -22.38 15.75 -11.19
CA MET C 180 -21.39 16.81 -11.30
C MET C 180 -22.05 18.15 -10.98
N PRO C 181 -21.44 18.92 -10.04
CA PRO C 181 -21.94 20.24 -9.69
C PRO C 181 -22.24 21.12 -10.90
N ALA C 182 -23.34 21.85 -10.82
CA ALA C 182 -23.59 22.94 -11.75
C ALA C 182 -22.67 24.08 -11.38
N LEU C 183 -22.18 24.80 -12.38
CA LEU C 183 -21.37 26.00 -12.14
C LEU C 183 -22.09 27.04 -11.28
N SER C 184 -23.39 27.16 -11.47
CA SER C 184 -24.22 28.07 -10.68
C SER C 184 -24.29 27.67 -9.20
N ASP C 185 -24.09 26.37 -8.93
CA ASP C 185 -24.04 25.80 -7.57
C ASP C 185 -22.70 26.05 -6.87
N ILE C 186 -21.62 26.04 -7.67
CA ILE C 186 -20.26 26.28 -7.17
C ILE C 186 -20.18 27.77 -6.84
N ASP C 187 -20.77 28.56 -7.72
CA ASP C 187 -20.81 30.01 -7.60
C ASP C 187 -21.59 30.43 -6.35
N LEU C 188 -22.83 29.98 -6.25
CA LEU C 188 -23.70 30.29 -5.10
C LEU C 188 -23.07 29.84 -3.79
N SER C 189 -22.41 28.68 -3.82
CA SER C 189 -21.66 28.19 -2.68
C SER C 189 -20.54 29.14 -2.27
N ALA C 190 -19.77 29.63 -3.25
CA ALA C 190 -18.68 30.58 -2.97
C ALA C 190 -19.20 31.95 -2.50
N ARG C 191 -20.24 32.45 -3.16
CA ARG C 191 -20.92 33.70 -2.76
C ARG C 191 -21.54 33.62 -1.37
N PHE C 192 -22.03 32.45 -1.00
CA PHE C 192 -22.51 32.20 0.37
C PHE C 192 -21.36 32.29 1.37
N CYS C 193 -20.34 31.45 1.17
CA CYS C 193 -19.17 31.45 2.05
C CYS C 193 -18.56 32.84 2.22
N ALA C 194 -18.32 33.53 1.10
CA ALA C 194 -17.74 34.88 1.12
C ALA C 194 -18.52 35.79 2.05
N ALA C 195 -19.81 35.96 1.75
CA ALA C 195 -20.71 36.87 2.49
C ALA C 195 -20.89 36.52 3.97
N ILE C 196 -20.91 35.22 4.29
CA ILE C 196 -21.13 34.78 5.67
C ILE C 196 -19.85 35.01 6.46
N ARG C 197 -18.70 34.72 5.85
CA ARG C 197 -17.41 35.08 6.42
C ARG C 197 -17.31 36.58 6.67
N ASP C 198 -17.79 37.38 5.72
CA ASP C 198 -17.82 38.85 5.84
C ASP C 198 -18.61 39.34 7.04
N ALA C 199 -19.78 38.73 7.25
CA ALA C 199 -20.70 39.14 8.31
C ALA C 199 -20.29 38.64 9.71
N VAL C 200 -19.56 37.53 9.78
CA VAL C 200 -19.07 36.99 11.07
C VAL C 200 -17.57 37.18 11.32
N GLY C 201 -16.79 37.43 10.26
CA GLY C 201 -15.33 37.43 10.35
C GLY C 201 -14.78 36.24 11.13
N THR C 202 -14.32 36.52 12.33
CA THR C 202 -13.71 35.53 13.21
C THR C 202 -14.69 34.97 14.25
N GLN C 203 -15.92 35.46 14.24
CA GLN C 203 -16.88 35.18 15.30
C GLN C 203 -17.51 33.77 15.24
N ALA C 204 -17.82 33.27 14.04
CA ALA C 204 -18.34 31.89 13.90
C ALA C 204 -17.72 31.12 12.71
N ASP C 205 -17.49 29.82 12.91
CA ASP C 205 -17.07 28.92 11.83
C ASP C 205 -18.20 28.66 10.83
N LEU C 206 -17.81 28.36 9.59
CA LEU C 206 -18.73 28.01 8.53
C LEU C 206 -18.75 26.50 8.36
N LEU C 207 -19.93 25.91 8.49
CA LEU C 207 -20.09 24.48 8.31
C LEU C 207 -20.81 24.29 7.00
N PHE C 208 -20.09 23.73 6.04
CA PHE C 208 -20.59 23.61 4.71
C PHE C 208 -21.24 22.26 4.54
N GLY C 209 -22.56 22.28 4.39
CA GLY C 209 -23.32 21.07 4.21
C GLY C 209 -23.63 20.85 2.75
N THR C 210 -23.37 19.63 2.29
CA THR C 210 -24.01 19.10 1.11
C THR C 210 -24.87 17.95 1.62
N HIS C 211 -25.42 17.14 0.71
CA HIS C 211 -26.36 16.07 1.08
C HIS C 211 -26.05 14.78 0.33
N GLY C 212 -24.80 14.65 -0.12
CA GLY C 212 -24.35 13.48 -0.86
C GLY C 212 -24.64 13.56 -2.35
N GLN C 213 -24.98 14.76 -2.82
CA GLN C 213 -25.52 14.93 -4.18
C GLN C 213 -24.49 14.76 -5.27
N PHE C 214 -23.21 14.72 -4.89
CA PHE C 214 -22.13 14.84 -5.86
C PHE C 214 -21.19 13.64 -5.93
N ALA C 215 -20.78 13.32 -7.15
CA ALA C 215 -19.71 12.38 -7.40
C ALA C 215 -18.43 12.90 -6.75
N PRO C 216 -17.59 11.98 -6.22
CA PRO C 216 -16.31 12.39 -5.65
C PRO C 216 -15.58 13.42 -6.50
N ALA C 217 -15.54 13.21 -7.81
CA ALA C 217 -14.86 14.15 -8.73
C ALA C 217 -15.44 15.55 -8.69
N GLY C 218 -16.76 15.64 -8.44
CA GLY C 218 -17.44 16.93 -8.39
C GLY C 218 -17.25 17.61 -7.06
N ALA C 219 -17.36 16.81 -5.99
CA ALA C 219 -17.20 17.29 -4.63
C ALA C 219 -15.85 17.97 -4.42
N ILE C 220 -14.86 17.55 -5.21
CA ILE C 220 -13.49 18.08 -5.11
C ILE C 220 -13.42 19.46 -5.73
N ARG C 221 -14.18 19.65 -6.81
CA ARG C 221 -14.28 20.93 -7.49
C ARG C 221 -15.04 21.93 -6.63
N LEU C 222 -15.94 21.41 -5.78
CA LEU C 222 -16.73 22.26 -4.90
C LEU C 222 -15.90 22.65 -3.70
N ALA C 223 -15.18 21.69 -3.14
CA ALA C 223 -14.23 21.94 -2.06
C ALA C 223 -13.19 23.01 -2.40
N LYS C 224 -12.72 23.03 -3.65
CA LYS C 224 -11.70 23.99 -4.11
C LYS C 224 -12.20 25.44 -4.16
N ALA C 225 -13.47 25.60 -4.55
CA ALA C 225 -14.11 26.91 -4.68
C ALA C 225 -14.41 27.55 -3.34
N ILE C 226 -14.47 26.75 -2.28
CA ILE C 226 -14.78 27.27 -0.93
C ILE C 226 -13.58 27.28 0.02
N GLU C 227 -12.52 26.55 -0.34
CA GLU C 227 -11.29 26.56 0.45
C GLU C 227 -10.85 27.95 0.96
N PRO C 228 -10.83 28.98 0.07
CA PRO C 228 -10.33 30.30 0.52
C PRO C 228 -11.10 30.92 1.70
N TYR C 229 -12.34 30.52 1.91
CA TYR C 229 -13.17 31.08 2.97
C TYR C 229 -13.18 30.25 4.22
N ASP C 230 -12.26 29.29 4.27
CA ASP C 230 -11.91 28.46 5.44
C ASP C 230 -13.01 27.73 6.24
N PRO C 231 -13.91 27.04 5.56
CA PRO C 231 -14.98 26.36 6.29
C PRO C 231 -14.45 25.29 7.25
N LEU C 232 -15.09 25.13 8.40
CA LEU C 232 -14.60 24.20 9.41
C LEU C 232 -14.74 22.75 8.95
N TRP C 233 -15.84 22.45 8.28
CA TRP C 233 -15.99 21.13 7.67
C TRP C 233 -16.75 21.15 6.35
N TYR C 234 -16.51 20.12 5.54
CA TYR C 234 -17.27 19.82 4.34
C TYR C 234 -18.11 18.58 4.64
N GLU C 235 -19.38 18.77 4.88
CA GLU C 235 -20.27 17.68 5.23
C GLU C 235 -20.83 16.89 4.06
N GLU C 236 -20.76 15.57 4.16
CA GLU C 236 -21.46 14.61 3.29
C GLU C 236 -21.25 14.88 1.84
N PRO C 237 -19.99 15.01 1.45
CA PRO C 237 -19.72 15.52 0.09
C PRO C 237 -20.18 14.56 -1.02
N ILE C 238 -20.15 13.26 -0.74
CA ILE C 238 -20.57 12.24 -1.71
C ILE C 238 -21.62 11.31 -1.08
N PRO C 239 -22.20 10.38 -1.89
CA PRO C 239 -23.23 9.49 -1.33
C PRO C 239 -22.71 8.62 -0.20
N PRO C 240 -23.61 8.20 0.72
CA PRO C 240 -23.21 7.31 1.81
C PRO C 240 -22.89 5.88 1.40
N ASP C 241 -23.18 5.53 0.13
CA ASP C 241 -22.92 4.20 -0.42
C ASP C 241 -21.53 4.08 -1.05
N ASN C 242 -20.67 5.08 -0.81
CA ASN C 242 -19.34 5.12 -1.41
C ASN C 242 -18.28 5.66 -0.44
N LEU C 243 -18.12 5.00 0.71
CA LEU C 243 -17.11 5.41 1.69
C LEU C 243 -15.65 5.30 1.20
N PRO C 244 -15.37 4.38 0.23
CA PRO C 244 -14.02 4.43 -0.34
C PRO C 244 -13.77 5.68 -1.18
N GLY C 245 -14.83 6.37 -1.55
CA GLY C 245 -14.73 7.65 -2.26
C GLY C 245 -14.25 8.81 -1.40
N LEU C 246 -14.28 8.65 -0.07
CA LEU C 246 -13.87 9.70 0.87
C LEU C 246 -12.36 9.94 0.84
N SER C 247 -11.60 8.88 0.56
CA SER C 247 -10.14 8.95 0.45
C SER C 247 -9.64 9.96 -0.59
N GLU C 248 -10.29 9.98 -1.76
CA GLU C 248 -9.89 10.92 -2.82
C GLU C 248 -10.30 12.37 -2.56
N VAL C 249 -11.46 12.55 -1.91
CA VAL C 249 -11.93 13.88 -1.53
C VAL C 249 -11.00 14.45 -0.46
N ALA C 250 -10.90 13.77 0.69
CA ALA C 250 -10.02 14.20 1.79
C ALA C 250 -8.61 14.56 1.32
N ALA C 251 -8.08 13.80 0.35
CA ALA C 251 -6.70 14.03 -0.13
C ALA C 251 -6.62 15.23 -1.08
N HIS C 252 -7.71 15.53 -1.77
CA HIS C 252 -7.69 16.64 -2.72
C HIS C 252 -7.93 18.00 -2.08
N THR C 253 -8.49 18.02 -0.87
CA THR C 253 -8.77 19.28 -0.20
C THR C 253 -8.14 19.42 1.19
N SER C 254 -8.12 20.65 1.71
CA SER C 254 -7.62 20.93 3.06
C SER C 254 -8.73 21.18 4.09
N ILE C 255 -9.98 21.08 3.63
CA ILE C 255 -11.14 21.21 4.49
C ILE C 255 -11.40 19.85 5.14
N PRO C 256 -11.51 19.81 6.48
CA PRO C 256 -11.82 18.54 7.16
C PRO C 256 -13.10 17.94 6.60
N ILE C 257 -13.13 16.62 6.45
CA ILE C 257 -14.30 15.93 5.90
C ILE C 257 -15.13 15.30 6.99
N ALA C 258 -16.43 15.57 6.96
CA ALA C 258 -17.37 15.06 7.93
C ALA C 258 -18.46 14.27 7.23
N THR C 259 -18.89 13.19 7.87
CA THR C 259 -20.04 12.38 7.43
C THR C 259 -20.56 11.60 8.62
N GLY C 260 -21.73 10.96 8.48
CA GLY C 260 -22.23 10.07 9.52
C GLY C 260 -23.73 9.74 9.54
N GLU C 261 -24.58 10.76 9.37
CA GLU C 261 -26.03 10.64 9.58
C GLU C 261 -26.75 9.51 8.85
N ARG C 262 -26.08 8.91 7.88
CA ARG C 262 -26.70 7.84 7.11
C ARG C 262 -25.96 6.52 7.30
N LEU C 263 -25.01 6.53 8.23
CA LEU C 263 -24.31 5.31 8.61
C LEU C 263 -24.95 4.74 9.87
N THR C 264 -24.94 3.43 9.96
CA THR C 264 -25.57 2.73 11.08
C THR C 264 -24.65 1.62 11.54
N GLY C 265 -24.58 1.44 12.85
CA GLY C 265 -23.65 0.49 13.39
C GLY C 265 -22.24 1.03 13.34
N VAL C 266 -21.51 0.78 14.41
CA VAL C 266 -20.17 1.27 14.60
C VAL C 266 -19.20 0.84 13.48
N THR C 267 -19.63 -0.15 12.69
CA THR C 267 -18.77 -0.77 11.66
C THR C 267 -18.68 0.06 10.38
N GLU C 268 -19.77 0.73 10.02
CA GLU C 268 -19.81 1.59 8.86
C GLU C 268 -19.07 2.89 9.15
N PHE C 269 -19.08 3.26 10.44
CA PHE C 269 -18.33 4.40 10.92
C PHE C 269 -16.81 4.15 10.88
N THR C 270 -16.41 2.89 11.03
CA THR C 270 -15.00 2.50 10.93
C THR C 270 -14.45 2.70 9.52
N GLN C 271 -15.22 2.24 8.53
CA GLN C 271 -14.92 2.52 7.13
C GLN C 271 -14.79 4.03 6.85
N ALA C 272 -15.67 4.87 7.42
CA ALA C 272 -15.62 6.33 7.18
C ALA C 272 -14.36 6.94 7.73
N LEU C 273 -13.98 6.49 8.93
CA LEU C 273 -12.72 6.87 9.55
C LEU C 273 -11.50 6.34 8.80
N HIS C 274 -11.58 5.10 8.36
CA HIS C 274 -10.49 4.44 7.61
C HIS C 274 -10.21 5.24 6.35
N HIS C 275 -11.27 5.68 5.69
CA HIS C 275 -11.15 6.29 4.38
C HIS C 275 -11.02 7.80 4.43
N GLY C 276 -10.85 8.35 5.64
CA GLY C 276 -10.43 9.74 5.79
C GLY C 276 -11.31 10.76 6.50
N ALA C 277 -12.60 10.47 6.70
CA ALA C 277 -13.48 11.37 7.44
C ALA C 277 -12.91 11.60 8.83
N ARG C 278 -12.93 12.86 9.28
CA ARG C 278 -12.32 13.19 10.58
C ARG C 278 -13.28 13.85 11.56
N ILE C 279 -14.54 13.95 11.14
CA ILE C 279 -15.63 14.41 11.97
C ILE C 279 -16.77 13.47 11.64
N LEU C 280 -17.27 12.77 12.65
CA LEU C 280 -18.41 11.87 12.47
C LEU C 280 -19.71 12.46 13.04
N GLN C 281 -20.79 12.28 12.30
CA GLN C 281 -22.08 12.89 12.62
C GLN C 281 -23.19 11.85 12.74
N PRO C 282 -23.14 11.00 13.78
CA PRO C 282 -24.19 9.99 13.77
C PRO C 282 -25.55 10.54 14.17
N ALA C 283 -26.58 10.05 13.52
CA ALA C 283 -27.93 10.26 14.00
C ALA C 283 -28.18 9.11 14.96
N LEU C 284 -28.34 9.43 16.24
CA LEU C 284 -28.42 8.43 17.31
C LEU C 284 -29.68 7.57 17.25
N GLY C 285 -30.70 8.07 16.57
CA GLY C 285 -31.92 7.30 16.29
C GLY C 285 -31.76 6.31 15.15
N ARG C 286 -30.58 6.31 14.52
CA ARG C 286 -30.26 5.38 13.44
C ARG C 286 -28.99 4.56 13.68
N ALA C 287 -27.98 5.19 14.29
CA ALA C 287 -26.65 4.61 14.43
C ALA C 287 -26.56 3.42 15.41
N GLY C 288 -27.54 3.27 16.28
CA GLY C 288 -27.51 2.18 17.25
C GLY C 288 -27.83 2.57 18.68
N GLY C 289 -28.16 3.85 18.88
CA GLY C 289 -28.49 4.37 20.20
C GLY C 289 -27.33 5.07 20.89
N ILE C 290 -27.50 5.38 22.17
CA ILE C 290 -26.49 6.11 22.95
C ILE C 290 -25.18 5.34 23.14
N TRP C 291 -25.26 4.00 23.17
CA TRP C 291 -24.09 3.17 23.43
C TRP C 291 -23.19 3.03 22.22
N GLU C 292 -23.79 2.96 21.04
CA GLU C 292 -22.97 2.96 19.83
C GLU C 292 -22.27 4.31 19.71
N GLY C 293 -23.00 5.37 20.04
CA GLY C 293 -22.47 6.73 20.03
C GLY C 293 -21.14 6.80 20.76
N LYS C 294 -21.07 6.13 21.91
CA LYS C 294 -19.85 6.07 22.70
C LYS C 294 -18.75 5.28 21.98
N LYS C 295 -19.15 4.20 21.32
CA LYS C 295 -18.21 3.38 20.56
C LYS C 295 -17.77 4.10 19.28
N ILE C 296 -18.72 4.69 18.57
CA ILE C 296 -18.43 5.54 17.43
C ILE C 296 -17.53 6.71 17.87
N ALA C 297 -17.74 7.19 19.10
CA ALA C 297 -16.89 8.22 19.70
C ALA C 297 -15.46 7.74 19.93
N THR C 298 -15.32 6.46 20.24
CA THR C 298 -14.03 5.92 20.63
C THR C 298 -13.15 5.70 19.40
N LEU C 299 -13.70 5.00 18.42
CA LEU C 299 -13.05 4.85 17.13
C LEU C 299 -12.64 6.19 16.53
N ALA C 300 -13.53 7.18 16.62
CA ALA C 300 -13.21 8.56 16.27
C ALA C 300 -11.89 9.00 16.92
N ALA C 301 -11.78 8.84 18.24
CA ALA C 301 -10.57 9.20 18.97
C ALA C 301 -9.36 8.44 18.40
N ALA C 302 -9.52 7.11 18.28
CA ALA C 302 -8.50 6.21 17.76
C ALA C 302 -7.81 6.70 16.49
N PHE C 303 -8.59 7.39 15.64
CA PHE C 303 -8.15 7.92 14.36
C PHE C 303 -7.94 9.44 14.38
N GLY C 304 -7.97 10.01 15.59
CA GLY C 304 -7.85 11.46 15.74
C GLY C 304 -9.03 12.26 15.24
N ALA C 305 -10.14 11.57 15.02
CA ALA C 305 -11.38 12.23 14.55
C ALA C 305 -12.15 12.86 15.69
N GLN C 306 -13.22 13.58 15.35
CA GLN C 306 -14.05 14.30 16.33
C GLN C 306 -15.52 13.95 16.14
N LEU C 307 -16.31 14.15 17.20
CA LEU C 307 -17.75 13.83 17.14
C LEU C 307 -18.62 15.07 17.04
N ALA C 308 -19.69 14.95 16.25
CA ALA C 308 -20.66 16.03 16.07
C ALA C 308 -22.05 15.43 15.80
N PRO C 309 -22.73 14.95 16.86
CA PRO C 309 -24.02 14.28 16.69
C PRO C 309 -24.97 14.99 15.74
N HIS C 310 -25.65 14.21 14.91
CA HIS C 310 -26.57 14.74 13.90
C HIS C 310 -27.95 15.03 14.48
N LEU C 311 -28.60 16.07 13.96
CA LEU C 311 -29.98 16.36 14.36
C LEU C 311 -30.82 16.99 13.26
N TYR C 312 -31.65 16.16 12.64
CA TYR C 312 -32.79 16.67 11.90
C TYR C 312 -34.05 15.97 12.40
N ALA C 313 -34.38 16.21 13.67
CA ALA C 313 -35.42 15.42 14.32
C ALA C 313 -35.96 16.10 15.58
N GLY C 314 -36.44 15.29 16.52
CA GLY C 314 -37.17 15.78 17.68
C GLY C 314 -36.31 16.11 18.87
N PRO C 315 -36.93 16.48 20.00
CA PRO C 315 -36.17 16.86 21.18
C PRO C 315 -35.70 15.68 22.01
N VAL C 316 -36.22 14.48 21.73
CA VAL C 316 -35.81 13.27 22.43
C VAL C 316 -34.41 12.84 21.98
N GLU C 317 -34.17 12.82 20.67
CA GLU C 317 -32.84 12.55 20.14
C GLU C 317 -31.86 13.66 20.51
N TRP C 318 -32.33 14.90 20.48
CA TRP C 318 -31.54 16.06 20.90
C TRP C 318 -31.00 15.89 22.31
N ALA C 319 -31.88 15.49 23.24
CA ALA C 319 -31.50 15.16 24.61
C ALA C 319 -30.38 14.13 24.60
N ALA C 320 -30.63 13.01 23.92
CA ALA C 320 -29.64 11.94 23.76
C ALA C 320 -28.27 12.45 23.32
N ASN C 321 -28.24 13.37 22.37
CA ASN C 321 -27.00 14.01 21.91
C ASN C 321 -26.29 14.77 23.03
N VAL C 322 -27.06 15.56 23.77
CA VAL C 322 -26.51 16.40 24.85
C VAL C 322 -25.77 15.55 25.88
N HIS C 323 -26.36 14.41 26.21
CA HIS C 323 -25.79 13.51 27.23
C HIS C 323 -24.54 12.79 26.73
N LEU C 324 -24.60 12.26 25.52
CA LEU C 324 -23.45 11.65 24.88
C LEU C 324 -22.36 12.69 24.66
N GLY C 325 -22.79 13.89 24.27
CA GLY C 325 -21.88 15.03 24.12
C GLY C 325 -21.11 15.36 25.38
N VAL C 326 -21.82 15.56 26.48
CA VAL C 326 -21.18 15.90 27.78
C VAL C 326 -20.13 14.88 28.25
N SER C 327 -20.14 13.68 27.67
CA SER C 327 -19.20 12.64 28.08
C SER C 327 -18.01 12.41 27.12
N CYS C 328 -17.93 13.19 26.04
CA CYS C 328 -16.94 12.97 24.97
C CYS C 328 -15.81 14.03 24.90
N PRO C 329 -14.56 13.62 25.21
CA PRO C 329 -13.40 14.50 25.09
C PRO C 329 -13.19 15.01 23.68
N ASN C 330 -13.58 14.19 22.70
CA ASN C 330 -13.43 14.51 21.29
C ASN C 330 -14.72 15.09 20.72
N LEU C 331 -15.60 15.59 21.60
CA LEU C 331 -16.82 16.21 21.13
C LEU C 331 -16.53 17.59 20.59
N LEU C 332 -16.91 17.80 19.33
CA LEU C 332 -16.68 19.07 18.65
C LEU C 332 -17.85 20.06 18.86
N MET C 333 -19.05 19.64 18.46
CA MET C 333 -20.28 20.42 18.66
C MET C 333 -21.52 19.56 18.46
N VAL C 334 -22.63 19.93 19.10
CA VAL C 334 -23.93 19.26 18.86
C VAL C 334 -24.82 20.09 17.94
N GLU C 335 -25.39 19.45 16.90
CA GLU C 335 -26.32 20.10 15.98
C GLU C 335 -27.63 20.47 16.69
N ALA C 336 -28.10 21.70 16.50
CA ALA C 336 -29.29 22.20 17.22
C ALA C 336 -30.40 22.76 16.32
N ILE C 337 -31.64 22.45 16.69
CA ILE C 337 -32.84 23.03 16.11
C ILE C 337 -33.75 23.51 17.25
N GLU C 338 -33.54 24.75 17.70
CA GLU C 338 -34.32 25.33 18.79
C GLU C 338 -35.62 25.97 18.31
N THR C 339 -36.50 25.17 17.72
CA THR C 339 -37.83 25.66 17.36
C THR C 339 -38.69 25.65 18.62
N PRO C 340 -39.70 26.56 18.70
CA PRO C 340 -40.67 26.54 19.80
C PRO C 340 -41.41 25.19 19.96
N PHE C 341 -41.66 24.48 18.86
CA PHE C 341 -42.39 23.22 18.98
C PHE C 341 -41.59 22.11 19.65
N HIS C 342 -40.28 22.08 19.39
CA HIS C 342 -39.35 21.26 20.15
C HIS C 342 -39.61 21.50 21.64
N GLU C 343 -39.56 22.78 22.03
CA GLU C 343 -39.68 23.25 23.42
C GLU C 343 -41.07 23.04 24.05
N ALA C 344 -42.06 22.69 23.23
CA ALA C 344 -43.41 22.40 23.74
C ALA C 344 -43.69 20.90 23.87
N LEU C 345 -43.10 20.11 22.97
CA LEU C 345 -43.36 18.66 22.91
C LEU C 345 -42.88 17.91 24.16
N VAL C 346 -41.87 18.47 24.84
CA VAL C 346 -41.34 17.93 26.09
C VAL C 346 -41.16 19.01 27.16
N THR C 347 -41.10 18.59 28.43
CA THR C 347 -40.66 19.47 29.52
C THR C 347 -39.26 19.05 29.96
N GLY C 348 -38.36 20.01 30.06
CA GLY C 348 -36.99 19.75 30.52
C GLY C 348 -35.95 19.70 29.42
N ARG C 349 -36.36 20.06 28.20
CA ARG C 349 -35.49 20.04 27.03
C ARG C 349 -34.25 20.89 27.29
N PRO C 350 -33.04 20.32 27.06
CA PRO C 350 -31.84 21.14 27.23
C PRO C 350 -31.86 22.30 26.23
N ARG C 351 -31.43 23.47 26.69
CA ARG C 351 -31.50 24.68 25.88
C ARG C 351 -30.13 25.08 25.40
N VAL C 352 -30.07 25.68 24.22
CA VAL C 352 -28.86 26.38 23.81
C VAL C 352 -28.96 27.78 24.42
N GLU C 353 -27.99 28.11 25.28
CA GLU C 353 -27.89 29.44 25.86
C GLU C 353 -26.51 29.99 25.52
N ASN C 354 -26.51 31.17 24.91
CA ASN C 354 -25.30 31.80 24.38
C ASN C 354 -24.42 30.87 23.54
N GLY C 355 -25.08 30.09 22.68
CA GLY C 355 -24.39 29.16 21.77
C GLY C 355 -23.79 27.93 22.41
N PHE C 356 -24.22 27.64 23.64
CA PHE C 356 -23.73 26.50 24.40
C PHE C 356 -24.87 25.77 25.13
N VAL C 357 -24.65 24.49 25.45
CA VAL C 357 -25.64 23.70 26.18
C VAL C 357 -25.03 23.17 27.46
N ALA C 358 -25.57 23.59 28.61
CA ALA C 358 -25.07 23.14 29.90
C ALA C 358 -25.48 21.70 30.15
N ALA C 359 -24.66 20.95 30.88
CA ALA C 359 -24.97 19.56 31.23
C ALA C 359 -26.29 19.47 32.01
N PRO C 360 -27.14 18.48 31.69
CA PRO C 360 -28.38 18.34 32.44
C PRO C 360 -28.14 17.72 33.82
N ASP C 361 -28.90 18.17 34.81
CA ASP C 361 -28.73 17.78 36.20
C ASP C 361 -29.78 16.76 36.66
N ALA C 362 -30.75 16.48 35.78
CA ALA C 362 -31.90 15.64 36.10
C ALA C 362 -31.57 14.15 35.89
N PRO C 363 -32.40 13.25 36.48
CA PRO C 363 -32.27 11.81 36.19
C PRO C 363 -32.70 11.46 34.76
N GLY C 364 -32.01 10.50 34.13
CA GLY C 364 -32.34 10.06 32.77
C GLY C 364 -31.98 11.07 31.70
N LEU C 365 -32.82 11.18 30.68
CA LEU C 365 -32.58 12.16 29.61
C LEU C 365 -32.99 13.56 30.05
N GLY C 366 -33.71 13.63 31.17
CA GLY C 366 -34.12 14.90 31.77
C GLY C 366 -35.38 15.45 31.14
N ILE C 367 -36.10 14.60 30.40
CA ILE C 367 -37.30 15.03 29.70
C ILE C 367 -38.54 14.21 30.10
N THR C 368 -39.70 14.82 29.86
CA THR C 368 -40.98 14.13 30.01
C THR C 368 -41.83 14.52 28.81
N LEU C 369 -42.50 13.55 28.21
CA LEU C 369 -43.33 13.81 27.04
C LEU C 369 -44.61 14.51 27.48
N ASN C 370 -44.95 15.59 26.78
CA ASN C 370 -46.24 16.24 26.96
C ASN C 370 -47.30 15.55 26.10
N ASP C 371 -48.11 14.72 26.75
CA ASP C 371 -49.12 13.89 26.06
C ASP C 371 -50.08 14.66 25.15
N ALA C 372 -50.78 15.65 25.71
CA ALA C 372 -51.80 16.39 24.95
C ALA C 372 -51.23 17.05 23.69
N ILE C 373 -50.03 17.60 23.81
CA ILE C 373 -49.30 18.14 22.67
C ILE C 373 -49.04 17.04 21.64
N ALA C 374 -48.44 15.94 22.10
CA ALA C 374 -48.12 14.80 21.25
C ALA C 374 -49.31 14.30 20.44
N ASN C 375 -50.43 14.04 21.12
CA ASN C 375 -51.67 13.55 20.48
C ASN C 375 -52.34 14.60 19.60
N ALA C 376 -52.20 15.88 19.95
CA ALA C 376 -52.77 16.95 19.15
C ALA C 376 -52.02 17.12 17.84
N HIS C 377 -50.73 16.81 17.87
CA HIS C 377 -49.86 16.99 16.71
C HIS C 377 -49.60 15.73 15.89
N ARG C 378 -50.32 14.65 16.18
CA ARG C 378 -50.03 13.37 15.53
C ARG C 378 -50.17 13.40 14.01
N TYR C 379 -49.30 12.66 13.33
CA TYR C 379 -49.15 12.73 11.87
C TYR C 379 -50.29 12.03 11.13
N THR C 380 -50.86 12.72 10.14
CA THR C 380 -51.93 12.15 9.30
C THR C 380 -51.69 12.45 7.81
N GLY C 381 -50.59 11.90 7.30
CA GLY C 381 -50.23 11.97 5.88
C GLY C 381 -49.55 10.68 5.44
N ASN C 382 -49.39 10.52 4.12
CA ASN C 382 -48.78 9.32 3.54
C ASN C 382 -47.27 9.43 3.32
N ARG C 383 -46.78 10.66 3.16
CA ARG C 383 -45.41 10.94 2.70
C ARG C 383 -44.29 10.47 3.65
N LEU C 384 -43.05 10.66 3.19
CA LEU C 384 -41.85 10.31 3.98
C LEU C 384 -41.26 11.50 4.69
N HIS C 385 -40.30 11.24 5.57
CA HIS C 385 -39.61 12.27 6.33
C HIS C 385 -38.89 13.24 5.39
N LEU C 386 -38.18 12.69 4.40
CA LEU C 386 -37.47 13.48 3.39
C LEU C 386 -37.37 12.73 2.06
N GLU C 387 -37.77 13.38 0.96
CA GLU C 387 -37.58 12.82 -0.38
C GLU C 387 -37.03 13.91 -1.31
N MET D 1 -34.85 -17.58 -31.73
CA MET D 1 -35.84 -16.65 -32.36
C MET D 1 -35.73 -16.74 -33.87
N VAL D 2 -34.64 -16.13 -34.32
CA VAL D 2 -34.37 -15.77 -35.67
C VAL D 2 -32.87 -16.02 -35.61
N LYS D 3 -32.20 -16.04 -36.75
CA LYS D 3 -30.76 -16.30 -36.76
C LYS D 3 -30.18 -15.14 -37.54
N LEU D 4 -28.93 -14.79 -37.27
CA LEU D 4 -28.25 -13.78 -38.08
C LEU D 4 -27.81 -14.47 -39.37
N ASP D 5 -28.04 -13.82 -40.51
CA ASP D 5 -27.78 -14.43 -41.81
C ASP D 5 -26.69 -13.71 -42.62
N THR D 6 -27.00 -12.52 -43.14
CA THR D 6 -26.08 -11.79 -44.01
C THR D 6 -25.61 -10.46 -43.45
N LEU D 7 -24.48 -9.99 -43.98
CA LEU D 7 -23.88 -8.74 -43.58
C LEU D 7 -23.51 -7.88 -44.79
N ASP D 8 -23.93 -6.63 -44.76
CA ASP D 8 -23.45 -5.66 -45.74
C ASP D 8 -22.71 -4.59 -44.97
N ILE D 9 -21.53 -4.24 -45.46
CA ILE D 9 -20.69 -3.23 -44.82
C ILE D 9 -20.64 -2.01 -45.75
N PHE D 10 -20.80 -0.82 -45.15
CA PHE D 10 -20.73 0.45 -45.87
C PHE D 10 -19.55 1.30 -45.38
N ALA D 11 -18.68 1.68 -46.30
CA ALA D 11 -17.60 2.61 -46.00
C ALA D 11 -18.06 3.99 -46.46
N VAL D 12 -18.25 4.91 -45.51
CA VAL D 12 -18.85 6.19 -45.82
C VAL D 12 -17.89 7.37 -45.62
N ALA D 13 -17.75 8.22 -46.63
CA ALA D 13 -16.95 9.44 -46.54
C ALA D 13 -17.83 10.62 -46.16
N PRO D 14 -17.63 11.18 -44.96
CA PRO D 14 -18.28 12.45 -44.65
C PRO D 14 -17.78 13.54 -45.59
N PRO D 15 -18.69 14.38 -46.12
CA PRO D 15 -18.24 15.51 -46.91
C PRO D 15 -17.47 16.52 -46.08
N PRO D 16 -16.72 17.44 -46.73
CA PRO D 16 -16.12 18.58 -46.03
C PRO D 16 -17.10 19.21 -45.03
N PRO D 17 -16.60 19.62 -43.84
CA PRO D 17 -15.21 19.64 -43.38
C PRO D 17 -14.73 18.37 -42.69
N GLY D 18 -15.54 17.31 -42.70
CA GLY D 18 -15.14 16.04 -42.14
C GLY D 18 -15.24 15.95 -40.62
N TRP D 19 -16.19 16.68 -40.04
CA TRP D 19 -16.53 16.51 -38.62
C TRP D 19 -17.13 15.11 -38.49
N GLY D 20 -16.39 14.22 -37.83
CA GLY D 20 -16.78 12.82 -37.74
C GLY D 20 -15.69 11.87 -38.14
N GLY D 21 -14.79 12.34 -39.02
CA GLY D 21 -13.63 11.58 -39.46
C GLY D 21 -13.50 11.50 -40.96
N ARG D 22 -12.40 10.92 -41.43
CA ARG D 22 -12.19 10.62 -42.85
C ARG D 22 -13.24 9.67 -43.41
N TYR D 23 -13.57 8.63 -42.65
CA TYR D 23 -14.59 7.64 -43.04
C TYR D 23 -15.30 7.03 -41.84
N TRP D 24 -16.56 6.65 -42.03
CA TRP D 24 -17.28 5.86 -41.05
C TRP D 24 -17.48 4.44 -41.56
N LEU D 25 -17.49 3.48 -40.64
CA LEU D 25 -17.66 2.07 -40.99
C LEU D 25 -18.97 1.52 -40.44
N LEU D 26 -19.96 1.41 -41.33
CA LEU D 26 -21.29 0.97 -40.91
C LEU D 26 -21.58 -0.45 -41.36
N VAL D 27 -22.24 -1.22 -40.48
CA VAL D 27 -22.67 -2.58 -40.78
C VAL D 27 -24.20 -2.69 -40.72
N ARG D 28 -24.78 -3.44 -41.65
CA ARG D 28 -26.22 -3.74 -41.63
C ARG D 28 -26.44 -5.25 -41.71
N VAL D 29 -26.80 -5.85 -40.58
CA VAL D 29 -27.05 -7.29 -40.49
C VAL D 29 -28.53 -7.61 -40.73
N THR D 30 -28.79 -8.58 -41.61
CA THR D 30 -30.15 -9.11 -41.86
C THR D 30 -30.32 -10.51 -41.24
N THR D 31 -31.50 -10.77 -40.68
CA THR D 31 -31.81 -12.06 -40.07
C THR D 31 -32.33 -13.04 -41.10
N ASP D 32 -32.50 -14.30 -40.70
CA ASP D 32 -33.17 -15.28 -41.55
C ASP D 32 -34.62 -14.89 -41.84
N THR D 33 -35.28 -14.32 -40.82
CA THR D 33 -36.70 -13.90 -40.90
C THR D 33 -36.97 -12.50 -41.47
N GLY D 34 -35.92 -11.80 -41.91
CA GLY D 34 -36.09 -10.54 -42.62
C GLY D 34 -35.94 -9.21 -41.88
N LEU D 35 -35.53 -9.26 -40.62
CA LEU D 35 -35.26 -8.03 -39.86
C LEU D 35 -33.82 -7.59 -40.09
N THR D 36 -33.60 -6.28 -40.07
CA THR D 36 -32.29 -5.68 -40.29
C THR D 36 -31.90 -4.77 -39.12
N GLY D 37 -30.62 -4.84 -38.73
CA GLY D 37 -30.10 -3.98 -37.70
C GLY D 37 -28.89 -3.21 -38.20
N LEU D 38 -28.74 -1.97 -37.71
CA LEU D 38 -27.57 -1.15 -38.02
C LEU D 38 -26.57 -1.14 -36.87
N GLY D 39 -25.29 -1.13 -37.22
CA GLY D 39 -24.21 -1.06 -36.24
C GLY D 39 -23.01 -0.31 -36.81
N GLU D 40 -22.18 0.24 -35.94
CA GLU D 40 -21.02 1.01 -36.37
C GLU D 40 -19.73 0.58 -35.68
N VAL D 41 -18.70 0.39 -36.49
CA VAL D 41 -17.38 -0.05 -36.04
C VAL D 41 -16.47 1.17 -35.86
N TYR D 42 -15.76 1.18 -34.74
CA TYR D 42 -14.76 2.21 -34.48
C TYR D 42 -13.38 1.57 -34.38
N ALA D 43 -12.65 1.61 -35.49
CA ALA D 43 -11.35 0.94 -35.60
C ALA D 43 -10.51 1.62 -36.67
N ALA D 44 -9.28 2.00 -36.32
CA ALA D 44 -8.43 2.71 -37.27
C ALA D 44 -6.98 2.22 -37.31
N GLY D 45 -6.72 1.09 -36.66
CA GLY D 45 -5.41 0.45 -36.68
C GLY D 45 -4.99 0.15 -38.10
N VAL D 46 -5.84 -0.58 -38.81
CA VAL D 46 -5.69 -0.80 -40.26
C VAL D 46 -6.83 -0.14 -41.02
N GLY D 47 -6.63 0.07 -42.33
CA GLY D 47 -7.58 0.76 -43.18
C GLY D 47 -8.90 0.02 -43.37
N PRO D 48 -9.92 0.73 -43.86
CA PRO D 48 -11.26 0.18 -44.04
C PRO D 48 -11.35 -0.98 -45.05
N GLU D 49 -10.36 -1.10 -45.93
CA GLU D 49 -10.30 -2.22 -46.86
C GLU D 49 -9.98 -3.49 -46.09
N ALA D 50 -8.97 -3.41 -45.23
CA ALA D 50 -8.55 -4.53 -44.41
C ALA D 50 -9.56 -4.77 -43.29
N MET D 51 -10.19 -3.70 -42.81
CA MET D 51 -11.24 -3.85 -41.80
C MET D 51 -12.42 -4.66 -42.35
N THR D 52 -12.79 -4.47 -43.62
CA THR D 52 -13.93 -5.21 -44.16
C THR D 52 -13.71 -6.73 -44.09
N HIS D 53 -12.46 -7.16 -44.25
CA HIS D 53 -12.12 -8.57 -44.14
C HIS D 53 -12.06 -9.04 -42.69
N VAL D 54 -11.67 -8.14 -41.78
CA VAL D 54 -11.76 -8.42 -40.34
C VAL D 54 -13.23 -8.55 -39.88
N ILE D 55 -14.07 -7.58 -40.28
CA ILE D 55 -15.48 -7.54 -39.86
C ILE D 55 -16.26 -8.70 -40.44
N HIS D 56 -16.02 -9.01 -41.71
CA HIS D 56 -16.60 -10.22 -42.30
C HIS D 56 -16.09 -11.50 -41.63
N ASP D 57 -14.84 -11.51 -41.19
CA ASP D 57 -14.27 -12.66 -40.47
C ASP D 57 -14.99 -12.90 -39.14
N VAL D 58 -15.14 -11.84 -38.34
CA VAL D 58 -15.74 -11.92 -36.99
C VAL D 58 -17.21 -12.39 -37.03
N PHE D 59 -17.97 -11.83 -37.97
CA PHE D 59 -19.37 -12.19 -38.16
C PHE D 59 -19.53 -13.65 -38.57
N THR D 60 -18.82 -14.06 -39.63
CA THR D 60 -18.91 -15.42 -40.17
C THR D 60 -18.46 -16.47 -39.15
N ARG D 61 -17.38 -16.17 -38.43
CA ARG D 61 -16.75 -17.14 -37.55
C ARG D 61 -17.45 -17.33 -36.19
N HIS D 62 -18.22 -16.34 -35.74
CA HIS D 62 -18.86 -16.39 -34.41
C HIS D 62 -20.34 -16.04 -34.34
N MET D 63 -20.89 -15.43 -35.40
CA MET D 63 -22.19 -14.77 -35.25
C MET D 63 -23.31 -15.28 -36.15
N ARG D 64 -22.98 -15.60 -37.40
CA ARG D 64 -23.97 -16.18 -38.30
C ARG D 64 -24.61 -17.43 -37.67
N GLY D 65 -25.92 -17.60 -37.87
CA GLY D 65 -26.66 -18.74 -37.35
C GLY D 65 -26.96 -18.67 -35.85
N GLU D 66 -27.01 -17.45 -35.31
CA GLU D 66 -27.17 -17.29 -33.88
C GLU D 66 -28.31 -16.35 -33.50
N ASP D 67 -29.10 -16.79 -32.52
CA ASP D 67 -30.11 -15.96 -31.87
C ASP D 67 -29.42 -14.69 -31.36
N PRO D 68 -29.80 -13.52 -31.92
CA PRO D 68 -29.15 -12.23 -31.67
C PRO D 68 -29.21 -11.78 -30.21
N ALA D 69 -30.13 -12.37 -29.43
CA ALA D 69 -30.22 -12.11 -27.99
C ALA D 69 -29.14 -12.84 -27.18
N ASN D 70 -28.35 -13.69 -27.83
CA ASN D 70 -27.20 -14.32 -27.17
C ASN D 70 -25.99 -13.40 -27.17
N ILE D 71 -26.16 -12.22 -26.57
CA ILE D 71 -25.11 -11.20 -26.54
C ILE D 71 -23.86 -11.72 -25.84
N GLU D 72 -24.01 -12.15 -24.60
CA GLU D 72 -22.89 -12.68 -23.80
C GLU D 72 -22.11 -13.75 -24.57
N LEU D 73 -22.84 -14.70 -25.16
CA LEU D 73 -22.24 -15.79 -25.93
C LEU D 73 -21.32 -15.32 -27.07
N MET D 74 -21.82 -14.48 -27.95
CA MET D 74 -21.03 -13.99 -29.08
C MET D 74 -19.86 -13.12 -28.64
N SER D 75 -20.10 -12.24 -27.66
CA SER D 75 -19.04 -11.38 -27.09
C SER D 75 -17.87 -12.21 -26.56
N ARG D 76 -18.17 -13.23 -25.75
CA ARG D 76 -17.14 -14.18 -25.28
C ARG D 76 -16.39 -14.84 -26.44
N ARG D 77 -17.12 -15.45 -27.37
CA ARG D 77 -16.54 -16.01 -28.60
C ARG D 77 -15.62 -14.99 -29.29
N ALA D 78 -16.10 -13.75 -29.46
CA ALA D 78 -15.35 -12.74 -30.22
C ALA D 78 -14.15 -12.21 -29.45
N HIS D 79 -14.23 -12.22 -28.11
CA HIS D 79 -13.13 -11.87 -27.22
C HIS D 79 -12.08 -12.97 -27.22
N SER D 80 -12.55 -14.22 -27.18
CA SER D 80 -11.68 -15.40 -27.10
C SER D 80 -11.18 -15.91 -28.46
N SER D 81 -11.65 -15.30 -29.55
CA SER D 81 -11.29 -15.76 -30.91
C SER D 81 -9.80 -16.04 -31.10
N GLY D 82 -9.51 -17.12 -31.80
CA GLY D 82 -8.18 -17.52 -32.13
C GLY D 82 -7.23 -17.80 -31.02
N PHE D 83 -7.72 -18.37 -29.95
CA PHE D 83 -6.98 -18.49 -28.70
C PHE D 83 -6.38 -17.19 -28.17
N THR D 84 -7.20 -16.23 -27.80
CA THR D 84 -6.66 -14.96 -27.33
C THR D 84 -7.15 -14.68 -25.93
N GLN D 85 -8.40 -14.23 -25.82
CA GLN D 85 -9.02 -13.92 -24.53
C GLN D 85 -8.32 -12.74 -23.83
N ARG D 86 -7.95 -11.74 -24.64
CA ARG D 86 -7.48 -10.45 -24.15
C ARG D 86 -7.84 -9.32 -25.13
N PRO D 87 -8.02 -8.08 -24.60
CA PRO D 87 -8.54 -6.95 -25.38
C PRO D 87 -7.85 -6.75 -26.72
N ASP D 88 -8.66 -6.62 -27.78
CA ASP D 88 -8.15 -6.41 -29.13
C ASP D 88 -9.04 -5.41 -29.86
N PRO D 89 -8.61 -4.14 -29.91
CA PRO D 89 -9.46 -3.09 -30.48
C PRO D 89 -9.87 -3.37 -31.93
N THR D 90 -9.02 -4.04 -32.69
CA THR D 90 -9.32 -4.40 -34.08
C THR D 90 -10.43 -5.44 -34.15
N VAL D 91 -10.23 -6.59 -33.51
CA VAL D 91 -11.18 -7.71 -33.56
C VAL D 91 -12.47 -7.38 -32.83
N PHE D 92 -12.34 -6.73 -31.68
CA PHE D 92 -13.50 -6.50 -30.83
C PHE D 92 -14.23 -5.22 -31.22
N GLY D 93 -13.49 -4.23 -31.71
CA GLY D 93 -14.07 -3.06 -32.36
C GLY D 93 -14.97 -3.50 -33.51
N ALA D 94 -14.55 -4.53 -34.24
CA ALA D 94 -15.37 -5.12 -35.28
C ALA D 94 -16.65 -5.73 -34.68
N PHE D 95 -16.48 -6.50 -33.60
CA PHE D 95 -17.61 -7.09 -32.89
C PHE D 95 -18.66 -6.06 -32.45
N SER D 96 -18.19 -4.90 -31.98
CA SER D 96 -19.06 -3.90 -31.39
C SER D 96 -20.09 -3.43 -32.40
N GLY D 97 -19.62 -3.07 -33.59
CA GLY D 97 -20.50 -2.70 -34.69
C GLY D 97 -21.62 -3.70 -34.85
N LEU D 98 -21.24 -4.97 -34.97
CA LEU D 98 -22.18 -6.07 -35.17
C LEU D 98 -23.12 -6.28 -33.97
N GLU D 99 -22.61 -6.10 -32.78
CA GLU D 99 -23.38 -6.20 -31.57
C GLU D 99 -24.45 -5.14 -31.47
N MET D 100 -24.10 -3.92 -31.81
CA MET D 100 -25.10 -2.84 -31.96
C MET D 100 -26.21 -3.27 -32.92
N ALA D 101 -25.83 -3.91 -34.03
CA ALA D 101 -26.79 -4.37 -35.04
C ALA D 101 -27.76 -5.39 -34.48
N CYS D 102 -27.28 -6.24 -33.57
CA CYS D 102 -28.11 -7.19 -32.84
C CYS D 102 -29.17 -6.47 -32.00
N TRP D 103 -28.75 -5.60 -31.09
CA TRP D 103 -29.67 -4.79 -30.26
C TRP D 103 -30.73 -4.05 -31.10
N ASP D 104 -30.34 -3.65 -32.31
CA ASP D 104 -31.29 -3.04 -33.26
C ASP D 104 -32.34 -4.07 -33.73
N ILE D 105 -31.89 -5.29 -34.05
CA ILE D 105 -32.81 -6.37 -34.43
C ILE D 105 -33.68 -6.84 -33.25
N LEU D 106 -33.12 -6.81 -32.04
CA LEU D 106 -33.87 -7.18 -30.84
C LEU D 106 -34.98 -6.16 -30.57
N GLY D 107 -34.65 -4.88 -30.72
CA GLY D 107 -35.63 -3.80 -30.58
C GLY D 107 -36.76 -3.86 -31.60
N LYS D 108 -36.46 -4.30 -32.82
CA LYS D 108 -37.51 -4.47 -33.84
C LYS D 108 -38.36 -5.73 -33.64
N ALA D 109 -37.73 -6.83 -33.19
CA ALA D 109 -38.46 -8.06 -32.87
C ALA D 109 -39.44 -7.87 -31.70
N ARG D 110 -38.99 -7.15 -30.67
CA ARG D 110 -39.73 -7.00 -29.42
C ARG D 110 -40.58 -5.73 -29.37
N ASP D 111 -40.53 -4.93 -30.42
CA ASP D 111 -41.27 -3.67 -30.47
C ASP D 111 -41.03 -2.73 -29.32
N CYS D 112 -39.78 -2.36 -29.17
CA CYS D 112 -39.24 -1.83 -27.95
C CYS D 112 -38.00 -1.03 -28.33
N PRO D 113 -37.86 0.20 -27.79
CA PRO D 113 -36.63 0.95 -28.09
C PRO D 113 -35.49 0.35 -27.31
N VAL D 114 -34.28 0.39 -27.87
CA VAL D 114 -33.15 -0.30 -27.23
C VAL D 114 -33.00 0.02 -25.73
N TRP D 115 -33.17 1.28 -25.34
CA TRP D 115 -32.99 1.63 -23.92
C TRP D 115 -33.86 0.81 -22.97
N ALA D 116 -35.05 0.44 -23.44
CA ALA D 116 -35.99 -0.33 -22.64
C ALA D 116 -35.55 -1.78 -22.40
N MET D 117 -34.36 -2.13 -22.88
CA MET D 117 -33.79 -3.47 -22.66
C MET D 117 -32.50 -3.40 -21.84
N LEU D 118 -32.18 -2.19 -21.39
CA LEU D 118 -30.96 -1.93 -20.63
C LEU D 118 -31.27 -1.30 -19.27
N GLY D 119 -32.52 -1.38 -18.83
CA GLY D 119 -32.88 -0.83 -17.53
C GLY D 119 -33.93 0.26 -17.60
N GLY D 120 -34.43 0.49 -18.82
CA GLY D 120 -35.49 1.46 -19.07
C GLY D 120 -35.05 2.91 -19.07
N LYS D 121 -36.05 3.79 -18.98
CA LYS D 121 -35.90 5.24 -19.10
C LYS D 121 -35.52 5.90 -17.78
N MET D 122 -34.24 5.84 -17.43
CA MET D 122 -33.72 6.56 -16.28
C MET D 122 -33.78 8.06 -16.52
N ASN D 123 -33.13 8.48 -17.60
CA ASN D 123 -33.10 9.87 -18.01
C ASN D 123 -34.09 10.15 -19.13
N ASP D 124 -35.07 11.02 -18.85
CA ASP D 124 -36.07 11.45 -19.84
C ASP D 124 -35.40 12.21 -20.98
N ARG D 125 -34.47 13.07 -20.61
CA ARG D 125 -33.65 13.81 -21.53
C ARG D 125 -32.19 13.62 -21.09
N ILE D 126 -31.29 13.68 -22.06
CA ILE D 126 -29.87 13.40 -21.84
C ILE D 126 -29.03 14.62 -22.19
N ARG D 127 -28.12 14.98 -21.27
CA ARG D 127 -27.28 16.15 -21.43
C ARG D 127 -26.26 15.90 -22.52
N ALA D 128 -26.04 16.91 -23.34
CA ALA D 128 -25.17 16.80 -24.52
C ALA D 128 -24.17 17.96 -24.60
N TYR D 129 -22.99 17.67 -25.12
CA TYR D 129 -22.03 18.72 -25.47
C TYR D 129 -21.58 18.62 -26.91
N THR D 130 -20.64 19.47 -27.30
CA THR D 130 -20.07 19.46 -28.64
C THR D 130 -18.62 19.99 -28.64
N TYR D 131 -17.86 19.69 -29.69
CA TYR D 131 -16.62 20.40 -29.97
C TYR D 131 -16.96 21.86 -30.30
N LEU D 132 -15.96 22.75 -30.25
CA LEU D 132 -16.14 24.14 -30.67
C LEU D 132 -15.68 24.33 -32.12
N TYR D 133 -16.66 24.33 -33.02
CA TYR D 133 -16.41 24.45 -34.44
C TYR D 133 -16.46 25.90 -34.91
N PRO D 134 -15.84 26.20 -36.07
CA PRO D 134 -15.89 27.54 -36.69
C PRO D 134 -17.31 28.09 -36.90
N GLU D 135 -17.54 29.29 -36.38
CA GLU D 135 -18.73 30.06 -36.68
C GLU D 135 -18.61 30.52 -38.15
N PRO D 136 -19.74 30.68 -38.87
CA PRO D 136 -19.63 30.89 -40.33
C PRO D 136 -18.72 32.05 -40.75
N HIS D 137 -18.52 33.00 -39.83
CA HIS D 137 -17.77 34.22 -40.11
C HIS D 137 -16.31 34.13 -39.63
N HIS D 138 -15.88 32.93 -39.29
CA HIS D 138 -14.54 32.70 -38.79
C HIS D 138 -13.63 32.19 -39.91
N ASP D 139 -12.39 32.68 -39.92
CA ASP D 139 -11.32 32.11 -40.75
C ASP D 139 -10.93 30.73 -40.23
N THR D 140 -11.00 29.73 -41.12
CA THR D 140 -10.81 28.32 -40.77
C THR D 140 -9.43 28.01 -40.18
N ASN D 141 -8.39 28.54 -40.80
CA ASN D 141 -7.01 28.28 -40.38
C ASN D 141 -6.68 28.95 -39.05
N ALA D 142 -7.10 30.21 -38.92
CA ALA D 142 -6.90 30.98 -37.71
C ALA D 142 -7.72 30.45 -36.54
N PHE D 143 -8.85 29.82 -36.82
CA PHE D 143 -9.80 29.44 -35.77
C PHE D 143 -9.17 28.60 -34.67
N TRP D 144 -8.37 27.61 -35.09
CA TRP D 144 -7.77 26.60 -34.20
C TRP D 144 -6.80 27.13 -33.16
N THR D 145 -6.26 28.32 -33.39
CA THR D 145 -5.36 28.95 -32.42
C THR D 145 -5.93 30.27 -31.91
N SER D 146 -7.26 30.39 -31.94
CA SER D 146 -7.91 31.65 -31.61
C SER D 146 -8.85 31.61 -30.39
N PRO D 147 -8.38 32.12 -29.24
CA PRO D 147 -9.17 32.19 -27.99
C PRO D 147 -10.41 33.09 -28.10
N GLU D 148 -10.34 34.12 -28.94
CA GLU D 148 -11.47 35.02 -29.17
C GLU D 148 -12.52 34.35 -30.06
N MET D 149 -12.08 33.71 -31.14
CA MET D 149 -12.99 32.99 -32.03
C MET D 149 -13.65 31.78 -31.35
N ALA D 150 -12.90 31.11 -30.48
CA ALA D 150 -13.43 30.02 -29.68
C ALA D 150 -14.45 30.50 -28.64
N ALA D 151 -14.21 31.69 -28.06
CA ALA D 151 -15.19 32.34 -27.19
C ALA D 151 -16.49 32.68 -27.93
N GLU D 152 -16.38 33.29 -29.10
CA GLU D 152 -17.55 33.59 -29.93
C GLU D 152 -18.32 32.33 -30.29
N SER D 153 -17.60 31.30 -30.76
CA SER D 153 -18.21 30.00 -31.08
C SER D 153 -18.79 29.30 -29.83
N ALA D 154 -18.19 29.56 -28.67
CA ALA D 154 -18.71 29.04 -27.40
C ALA D 154 -20.00 29.75 -27.02
N ALA D 155 -20.01 31.08 -27.10
CA ALA D 155 -21.22 31.88 -26.89
C ALA D 155 -22.40 31.41 -27.76
N ALA D 156 -22.13 31.11 -29.04
CA ALA D 156 -23.17 30.61 -29.96
C ALA D 156 -23.79 29.29 -29.48
N ARG D 157 -22.99 28.37 -29.00
CA ARG D 157 -23.51 27.14 -28.46
C ARG D 157 -24.35 27.27 -27.19
N VAL D 158 -23.92 28.10 -26.26
CA VAL D 158 -24.75 28.40 -25.10
C VAL D 158 -26.10 28.99 -25.51
N ALA D 159 -26.11 29.88 -26.50
CA ALA D 159 -27.35 30.45 -27.05
C ALA D 159 -28.25 29.42 -27.75
N GLU D 160 -27.68 28.31 -28.17
CA GLU D 160 -28.47 27.19 -28.71
C GLU D 160 -28.93 26.23 -27.61
N GLY D 161 -28.50 26.47 -26.38
CA GLY D 161 -28.91 25.68 -25.23
C GLY D 161 -27.85 24.77 -24.61
N TYR D 162 -26.71 24.66 -25.26
CA TYR D 162 -25.64 23.78 -24.79
C TYR D 162 -25.15 24.21 -23.42
N THR D 163 -24.88 23.23 -22.55
CA THR D 163 -24.40 23.52 -21.19
C THR D 163 -23.00 22.93 -20.95
N ALA D 164 -22.29 22.62 -22.03
CA ALA D 164 -20.87 22.25 -21.97
C ALA D 164 -20.28 22.34 -23.37
N VAL D 165 -19.02 22.76 -23.44
CA VAL D 165 -18.31 22.89 -24.74
C VAL D 165 -16.90 22.33 -24.65
N LYS D 166 -16.42 21.75 -25.75
CA LYS D 166 -15.12 21.06 -25.78
C LYS D 166 -14.19 21.69 -26.80
N PHE D 167 -12.92 21.75 -26.44
CA PHE D 167 -11.91 22.37 -27.29
C PHE D 167 -10.55 21.72 -26.99
N ASP D 168 -9.63 21.85 -27.94
CA ASP D 168 -8.27 21.29 -27.80
C ASP D 168 -7.22 22.24 -28.37
N PRO D 169 -6.75 23.19 -27.54
CA PRO D 169 -5.71 24.13 -27.96
C PRO D 169 -4.30 23.60 -27.68
N ALA D 170 -4.20 22.36 -27.19
CA ALA D 170 -2.94 21.83 -26.67
C ALA D 170 -1.92 21.47 -27.75
N GLY D 171 -2.32 21.57 -29.01
CA GLY D 171 -1.40 21.36 -30.13
C GLY D 171 -1.31 19.91 -30.58
N PRO D 172 -0.78 19.68 -31.81
CA PRO D 172 -0.78 18.40 -32.52
C PRO D 172 -0.18 17.24 -31.73
N TYR D 173 -0.70 16.03 -31.97
CA TYR D 173 -0.24 14.82 -31.28
C TYR D 173 0.63 13.94 -32.18
N THR D 174 1.64 13.32 -31.56
CA THR D 174 2.67 12.59 -32.28
C THR D 174 2.66 11.10 -31.99
N MET D 175 3.19 10.32 -32.92
CA MET D 175 3.37 8.89 -32.71
C MET D 175 4.49 8.57 -31.71
N ARG D 176 5.33 9.57 -31.45
CA ARG D 176 6.45 9.48 -30.52
C ARG D 176 6.03 9.07 -29.11
N GLY D 177 4.80 9.42 -28.75
CA GLY D 177 4.22 9.09 -27.46
C GLY D 177 4.06 10.34 -26.62
N GLY D 178 4.07 10.15 -25.31
CA GLY D 178 4.01 11.28 -24.38
C GLY D 178 5.24 12.17 -24.49
N HIS D 179 5.03 13.46 -24.69
CA HIS D 179 6.10 14.46 -24.69
C HIS D 179 5.77 15.58 -23.72
N MET D 180 6.76 16.42 -23.42
CA MET D 180 6.60 17.56 -22.53
C MET D 180 5.87 18.68 -23.29
N PRO D 181 4.76 19.21 -22.73
CA PRO D 181 4.05 20.30 -23.39
C PRO D 181 4.90 21.57 -23.47
N ALA D 182 4.84 22.24 -24.62
CA ALA D 182 5.56 23.50 -24.83
C ALA D 182 4.96 24.60 -23.97
N LEU D 183 5.79 25.55 -23.57
CA LEU D 183 5.28 26.74 -22.88
C LEU D 183 4.17 27.45 -23.67
N SER D 184 4.24 27.41 -25.00
CA SER D 184 3.26 28.06 -25.87
C SER D 184 1.94 27.29 -25.90
N ASP D 185 2.02 25.96 -25.75
CA ASP D 185 0.85 25.07 -25.71
C ASP D 185 0.06 25.27 -24.42
N ILE D 186 0.79 25.56 -23.34
CA ILE D 186 0.20 25.76 -22.02
C ILE D 186 -0.44 27.15 -22.04
N ASP D 187 0.36 28.14 -22.42
CA ASP D 187 -0.13 29.47 -22.70
C ASP D 187 -1.46 29.47 -23.47
N LEU D 188 -1.45 28.92 -24.68
CA LEU D 188 -2.68 28.82 -25.52
C LEU D 188 -3.85 28.10 -24.85
N SER D 189 -3.56 27.08 -24.02
CA SER D 189 -4.58 26.38 -23.22
C SER D 189 -5.27 27.28 -22.18
N ALA D 190 -4.47 28.03 -21.43
CA ALA D 190 -5.01 29.00 -20.45
C ALA D 190 -5.76 30.17 -21.13
N ARG D 191 -5.14 30.79 -22.13
CA ARG D 191 -5.81 31.86 -22.89
C ARG D 191 -7.16 31.39 -23.43
N PHE D 192 -7.19 30.17 -23.98
CA PHE D 192 -8.43 29.53 -24.42
C PHE D 192 -9.45 29.37 -23.31
N CYS D 193 -9.02 28.85 -22.16
CA CYS D 193 -9.92 28.70 -21.00
C CYS D 193 -10.43 30.03 -20.44
N ALA D 194 -9.56 31.03 -20.37
CA ALA D 194 -9.94 32.37 -19.86
C ALA D 194 -11.02 33.03 -20.71
N ALA D 195 -10.84 33.02 -22.04
CA ALA D 195 -11.75 33.70 -22.96
C ALA D 195 -13.11 33.02 -23.01
N ILE D 196 -13.10 31.69 -23.00
CA ILE D 196 -14.35 30.92 -23.02
C ILE D 196 -15.06 31.09 -21.68
N ARG D 197 -14.28 31.11 -20.60
CA ARG D 197 -14.82 31.31 -19.24
C ARG D 197 -15.58 32.62 -19.14
N ASP D 198 -14.97 33.71 -19.63
CA ASP D 198 -15.63 35.03 -19.72
C ASP D 198 -16.89 34.97 -20.56
N ALA D 199 -16.84 34.28 -21.70
CA ALA D 199 -17.95 34.25 -22.65
C ALA D 199 -19.17 33.51 -22.09
N VAL D 200 -18.96 32.28 -21.62
CA VAL D 200 -20.04 31.44 -21.10
C VAL D 200 -20.42 31.68 -19.63
N GLY D 201 -19.51 32.30 -18.87
CA GLY D 201 -19.76 32.58 -17.45
C GLY D 201 -20.05 31.36 -16.59
N THR D 202 -21.30 31.27 -16.16
CA THR D 202 -21.80 30.13 -15.40
C THR D 202 -22.59 29.16 -16.29
N GLN D 203 -22.84 29.59 -17.52
CA GLN D 203 -23.79 28.93 -18.42
C GLN D 203 -23.25 27.72 -19.23
N ALA D 204 -21.97 27.39 -19.10
CA ALA D 204 -21.43 26.16 -19.71
C ALA D 204 -20.11 25.69 -19.10
N ASP D 205 -20.01 24.39 -18.86
CA ASP D 205 -18.76 23.79 -18.42
C ASP D 205 -17.72 23.74 -19.54
N LEU D 206 -16.45 23.68 -19.14
CA LEU D 206 -15.33 23.64 -20.06
C LEU D 206 -14.77 22.24 -20.06
N LEU D 207 -14.79 21.60 -21.23
CA LEU D 207 -14.30 20.22 -21.35
C LEU D 207 -12.93 20.25 -22.02
N PHE D 208 -11.89 20.07 -21.21
CA PHE D 208 -10.53 20.18 -21.74
C PHE D 208 -10.07 18.84 -22.28
N GLY D 209 -9.89 18.82 -23.59
CA GLY D 209 -9.55 17.61 -24.29
C GLY D 209 -8.18 17.75 -24.89
N THR D 210 -7.24 17.02 -24.32
CA THR D 210 -6.00 16.72 -24.98
C THR D 210 -6.26 15.37 -25.65
N HIS D 211 -5.32 14.92 -26.47
CA HIS D 211 -5.50 13.68 -27.24
C HIS D 211 -4.39 12.69 -26.90
N GLY D 212 -3.94 12.73 -25.66
CA GLY D 212 -2.88 11.84 -25.17
C GLY D 212 -1.50 12.20 -25.63
N GLN D 213 -1.29 13.49 -25.91
CA GLN D 213 -0.01 13.99 -26.42
C GLN D 213 1.11 13.93 -25.38
N PHE D 214 0.75 14.00 -24.11
CA PHE D 214 1.71 14.37 -23.07
C PHE D 214 2.08 13.30 -22.06
N ALA D 215 3.33 13.34 -21.63
CA ALA D 215 3.85 12.49 -20.58
C ALA D 215 3.25 12.92 -19.23
N PRO D 216 2.98 11.97 -18.32
CA PRO D 216 2.26 12.29 -17.08
C PRO D 216 2.71 13.57 -16.37
N ALA D 217 4.02 13.75 -16.22
CA ALA D 217 4.63 14.95 -15.63
C ALA D 217 4.25 16.24 -16.36
N GLY D 218 4.16 16.14 -17.69
CA GLY D 218 3.78 17.26 -18.52
C GLY D 218 2.34 17.65 -18.26
N ALA D 219 1.47 16.64 -18.32
CA ALA D 219 0.03 16.80 -18.08
C ALA D 219 -0.29 17.60 -16.82
N ILE D 220 0.51 17.38 -15.78
CA ILE D 220 0.34 18.06 -14.50
C ILE D 220 0.68 19.56 -14.55
N ARG D 221 1.80 19.91 -15.20
CA ARG D 221 2.10 21.31 -15.51
C ARG D 221 0.93 21.99 -16.23
N LEU D 222 0.30 21.28 -17.18
CA LEU D 222 -0.79 21.85 -17.98
C LEU D 222 -2.04 22.01 -17.12
N ALA D 223 -2.35 20.98 -16.36
CA ALA D 223 -3.49 20.97 -15.43
C ALA D 223 -3.41 22.14 -14.45
N LYS D 224 -2.20 22.50 -14.11
CA LYS D 224 -1.89 23.62 -13.26
C LYS D 224 -2.21 25.00 -13.84
N ALA D 225 -2.08 25.12 -15.15
CA ALA D 225 -2.36 26.40 -15.84
C ALA D 225 -3.85 26.60 -16.06
N ILE D 226 -4.58 25.51 -16.26
CA ILE D 226 -6.00 25.60 -16.54
C ILE D 226 -6.93 25.44 -15.33
N GLU D 227 -6.38 25.06 -14.18
CA GLU D 227 -7.20 24.93 -12.98
C GLU D 227 -8.01 26.16 -12.60
N PRO D 228 -7.38 27.36 -12.56
CA PRO D 228 -8.14 28.56 -12.21
C PRO D 228 -9.44 28.75 -13.01
N TYR D 229 -9.54 28.10 -14.16
CA TYR D 229 -10.72 28.21 -14.96
C TYR D 229 -11.77 27.15 -14.74
N ASP D 230 -11.48 26.26 -13.80
CA ASP D 230 -12.40 25.19 -13.40
C ASP D 230 -12.98 24.32 -14.50
N PRO D 231 -12.13 23.69 -15.30
CA PRO D 231 -12.64 22.79 -16.35
C PRO D 231 -13.34 21.56 -15.76
N LEU D 232 -14.48 21.18 -16.35
CA LEU D 232 -15.23 20.01 -15.88
C LEU D 232 -14.41 18.73 -15.97
N TRP D 233 -13.53 18.65 -16.95
CA TRP D 233 -12.63 17.50 -17.06
C TRP D 233 -11.33 17.75 -17.81
N TYR D 234 -10.36 16.88 -17.55
CA TYR D 234 -9.11 16.83 -18.25
C TYR D 234 -9.07 15.45 -18.93
N GLU D 235 -9.29 15.43 -20.23
CA GLU D 235 -9.52 14.20 -20.94
C GLU D 235 -8.27 13.73 -21.64
N GLU D 236 -7.95 12.47 -21.46
CA GLU D 236 -6.86 11.78 -22.16
C GLU D 236 -5.56 12.51 -22.07
N PRO D 237 -5.14 12.71 -20.86
CA PRO D 237 -3.95 13.50 -20.56
C PRO D 237 -2.66 12.85 -21.05
N ILE D 238 -2.63 11.52 -20.96
CA ILE D 238 -1.43 10.76 -21.25
C ILE D 238 -1.78 9.60 -22.20
N PRO D 239 -0.79 9.04 -22.91
CA PRO D 239 -1.12 7.99 -23.88
C PRO D 239 -1.89 6.85 -23.22
N PRO D 240 -2.86 6.26 -23.94
CA PRO D 240 -3.75 5.23 -23.40
C PRO D 240 -3.03 3.94 -23.00
N ASP D 241 -1.78 3.80 -23.43
CA ASP D 241 -0.95 2.63 -23.13
C ASP D 241 -0.26 2.74 -21.78
N ASN D 242 -0.56 3.79 -21.03
CA ASN D 242 0.02 3.97 -19.69
C ASN D 242 -0.99 4.33 -18.61
N LEU D 243 -2.00 3.47 -18.45
CA LEU D 243 -3.00 3.66 -17.41
C LEU D 243 -2.49 3.75 -15.96
N PRO D 244 -1.35 3.10 -15.65
CA PRO D 244 -0.81 3.33 -14.31
C PRO D 244 -0.32 4.75 -14.11
N GLY D 245 -0.29 5.54 -15.17
CA GLY D 245 0.17 6.92 -15.10
C GLY D 245 -0.94 7.91 -14.80
N LEU D 246 -2.20 7.44 -14.83
CA LEU D 246 -3.34 8.28 -14.48
C LEU D 246 -3.32 8.68 -13.02
N SER D 247 -2.92 7.72 -12.18
CA SER D 247 -2.82 7.90 -10.72
C SER D 247 -2.07 9.15 -10.28
N GLU D 248 -0.86 9.36 -10.78
CA GLU D 248 -0.03 10.53 -10.41
C GLU D 248 -0.61 11.87 -10.88
N VAL D 249 -1.30 11.82 -12.02
CA VAL D 249 -1.93 13.00 -12.63
C VAL D 249 -3.17 13.37 -11.84
N ALA D 250 -4.01 12.36 -11.56
CA ALA D 250 -5.22 12.55 -10.78
C ALA D 250 -4.92 13.05 -9.38
N ALA D 251 -3.79 12.61 -8.83
CA ALA D 251 -3.41 13.01 -7.48
C ALA D 251 -2.97 14.49 -7.42
N HIS D 252 -2.22 14.96 -8.42
CA HIS D 252 -1.69 16.32 -8.51
CA HIS D 252 -1.79 16.35 -8.31
C HIS D 252 -2.66 17.38 -9.03
N THR D 253 -3.81 16.97 -9.54
CA THR D 253 -4.74 17.97 -10.02
C THR D 253 -6.12 17.75 -9.45
N SER D 254 -6.80 18.86 -9.21
CA SER D 254 -8.18 18.87 -8.71
C SER D 254 -9.19 18.72 -9.85
N ILE D 255 -8.69 18.63 -11.09
CA ILE D 255 -9.56 18.52 -12.26
C ILE D 255 -9.89 17.06 -12.51
N PRO D 256 -11.18 16.70 -12.50
CA PRO D 256 -11.58 15.32 -12.80
C PRO D 256 -10.91 14.79 -14.08
N ILE D 257 -10.53 13.50 -14.08
CA ILE D 257 -9.82 12.93 -15.23
C ILE D 257 -10.73 12.02 -16.04
N ALA D 258 -10.95 12.40 -17.27
CA ALA D 258 -11.74 11.64 -18.19
C ALA D 258 -10.91 10.96 -19.25
N THR D 259 -11.28 9.75 -19.63
CA THR D 259 -10.54 8.91 -20.53
C THR D 259 -11.32 7.70 -21.04
N GLY D 260 -10.69 6.91 -21.87
CA GLY D 260 -11.25 5.68 -22.34
C GLY D 260 -11.80 5.54 -23.73
N GLU D 261 -11.63 6.52 -24.57
CA GLU D 261 -12.05 6.45 -25.98
C GLU D 261 -11.19 5.48 -26.77
N ARG D 262 -9.95 5.29 -26.34
CA ARG D 262 -9.03 4.38 -27.00
C ARG D 262 -8.92 3.04 -26.25
N LEU D 263 -9.74 2.89 -25.21
CA LEU D 263 -9.79 1.64 -24.45
C LEU D 263 -10.88 0.69 -24.95
N THR D 264 -10.60 -0.60 -24.84
CA THR D 264 -11.53 -1.64 -25.25
C THR D 264 -11.62 -2.71 -24.18
N GLY D 265 -12.82 -3.24 -23.96
CA GLY D 265 -12.99 -4.31 -22.99
C GLY D 265 -13.10 -3.77 -21.57
N VAL D 266 -14.12 -4.22 -20.87
CA VAL D 266 -14.44 -3.73 -19.53
C VAL D 266 -13.27 -3.86 -18.55
N THR D 267 -12.39 -4.84 -18.78
CA THR D 267 -11.15 -4.99 -17.99
C THR D 267 -10.18 -3.81 -18.11
N GLU D 268 -10.11 -3.17 -19.28
CA GLU D 268 -9.17 -2.07 -19.49
C GLU D 268 -9.68 -0.79 -18.85
N PHE D 269 -10.98 -0.55 -19.00
CA PHE D 269 -11.67 0.51 -18.29
C PHE D 269 -11.50 0.37 -16.77
N THR D 270 -11.68 -0.85 -16.26
CA THR D 270 -11.43 -1.20 -14.85
C THR D 270 -10.08 -0.67 -14.36
N GLN D 271 -9.03 -0.95 -15.13
CA GLN D 271 -7.69 -0.44 -14.84
C GLN D 271 -7.61 1.09 -14.80
N ALA D 272 -8.40 1.77 -15.63
CA ALA D 272 -8.45 3.24 -15.62
C ALA D 272 -9.20 3.74 -14.39
N LEU D 273 -10.14 2.93 -13.93
CA LEU D 273 -10.90 3.25 -12.71
C LEU D 273 -10.05 3.03 -11.47
N HIS D 274 -9.23 1.99 -11.49
CA HIS D 274 -8.35 1.72 -10.36
CA HIS D 274 -8.29 1.66 -10.41
C HIS D 274 -7.24 2.75 -10.26
N HIS D 275 -6.96 3.46 -11.35
CA HIS D 275 -5.86 4.41 -11.37
C HIS D 275 -6.28 5.87 -11.28
N GLY D 276 -7.57 6.13 -11.10
CA GLY D 276 -8.02 7.46 -10.75
C GLY D 276 -8.91 8.22 -11.71
N ALA D 277 -9.10 7.69 -12.91
CA ALA D 277 -10.07 8.30 -13.81
C ALA D 277 -11.43 8.23 -13.16
N ARG D 278 -12.20 9.33 -13.23
CA ARG D 278 -13.55 9.32 -12.68
C ARG D 278 -14.59 9.57 -13.75
N ILE D 279 -14.14 9.79 -14.99
CA ILE D 279 -15.05 9.90 -16.12
C ILE D 279 -14.56 9.03 -17.23
N LEU D 280 -15.35 8.03 -17.59
CA LEU D 280 -15.00 7.09 -18.66
C LEU D 280 -15.77 7.41 -19.91
N GLN D 281 -15.09 7.36 -21.04
CA GLN D 281 -15.66 7.74 -22.31
C GLN D 281 -15.45 6.62 -23.31
N PRO D 282 -16.28 5.58 -23.25
CA PRO D 282 -16.05 4.60 -24.27
C PRO D 282 -16.52 5.11 -25.63
N ALA D 283 -15.82 4.69 -26.68
CA ALA D 283 -16.39 4.75 -28.01
C ALA D 283 -16.98 3.36 -28.18
N LEU D 284 -18.31 3.32 -28.26
CA LEU D 284 -19.03 2.04 -28.26
C LEU D 284 -18.61 1.11 -29.38
N GLY D 285 -18.24 1.68 -30.54
CA GLY D 285 -17.80 0.91 -31.69
C GLY D 285 -16.41 0.31 -31.58
N ARG D 286 -15.77 0.54 -30.44
CA ARG D 286 -14.46 -0.01 -30.10
C ARG D 286 -14.50 -0.80 -28.79
N ALA D 287 -15.18 -0.24 -27.79
CA ALA D 287 -15.20 -0.77 -26.41
C ALA D 287 -15.72 -2.21 -26.29
N GLY D 288 -16.56 -2.61 -27.23
CA GLY D 288 -17.17 -3.94 -27.19
C GLY D 288 -18.67 -3.91 -27.36
N GLY D 289 -19.22 -2.72 -27.62
CA GLY D 289 -20.64 -2.57 -27.94
C GLY D 289 -21.52 -2.04 -26.82
N ILE D 290 -22.83 -2.07 -27.06
CA ILE D 290 -23.82 -1.48 -26.15
C ILE D 290 -23.89 -2.20 -24.79
N TRP D 291 -23.80 -3.53 -24.81
CA TRP D 291 -23.89 -4.35 -23.60
C TRP D 291 -22.61 -4.24 -22.78
N GLU D 292 -21.47 -4.29 -23.46
CA GLU D 292 -20.20 -4.00 -22.81
C GLU D 292 -20.25 -2.60 -22.20
N GLY D 293 -20.75 -1.63 -22.98
CA GLY D 293 -20.97 -0.25 -22.49
C GLY D 293 -21.71 -0.19 -21.17
N LYS D 294 -22.81 -0.94 -21.08
CA LYS D 294 -23.55 -1.09 -19.82
C LYS D 294 -22.68 -1.61 -18.68
N LYS D 295 -21.79 -2.52 -18.96
CA LYS D 295 -21.02 -2.99 -17.88
C LYS D 295 -19.80 -2.19 -17.55
N ILE D 296 -19.36 -1.36 -18.46
CA ILE D 296 -18.40 -0.31 -18.15
C ILE D 296 -19.10 0.75 -17.28
N ALA D 297 -20.38 0.95 -17.52
CA ALA D 297 -21.17 1.92 -16.75
C ALA D 297 -21.41 1.45 -15.31
N THR D 298 -21.54 0.14 -15.12
CA THR D 298 -21.76 -0.43 -13.79
C THR D 298 -20.49 -0.41 -12.95
N LEU D 299 -19.36 -0.68 -13.60
CA LEU D 299 -18.05 -0.55 -12.95
C LEU D 299 -17.72 0.89 -12.60
N ALA D 300 -18.11 1.84 -13.45
CA ALA D 300 -17.96 3.26 -13.12
C ALA D 300 -18.65 3.55 -11.78
N ALA D 301 -19.93 3.25 -11.69
CA ALA D 301 -20.72 3.44 -10.47
C ALA D 301 -20.07 2.83 -9.20
N ALA D 302 -19.45 1.66 -9.33
CA ALA D 302 -18.71 1.03 -8.24
C ALA D 302 -17.56 1.88 -7.68
N PHE D 303 -17.07 2.80 -8.51
CA PHE D 303 -15.98 3.72 -8.15
C PHE D 303 -16.46 5.16 -7.97
N GLY D 304 -17.78 5.34 -7.94
CA GLY D 304 -18.38 6.68 -7.86
C GLY D 304 -18.10 7.49 -9.10
N ALA D 305 -17.73 6.80 -10.18
CA ALA D 305 -17.40 7.45 -11.45
C ALA D 305 -18.63 7.63 -12.33
N GLN D 306 -18.46 8.36 -13.44
CA GLN D 306 -19.55 8.68 -14.38
C GLN D 306 -19.22 8.27 -15.81
N LEU D 307 -20.26 8.16 -16.66
CA LEU D 307 -20.11 7.77 -18.06
C LEU D 307 -20.36 8.90 -19.05
N ALA D 308 -19.48 9.03 -20.03
CA ALA D 308 -19.58 10.08 -21.05
C ALA D 308 -19.31 9.53 -22.44
N PRO D 309 -20.29 8.83 -23.05
CA PRO D 309 -20.02 8.12 -24.30
C PRO D 309 -19.39 9.02 -25.35
N HIS D 310 -18.23 8.58 -25.84
CA HIS D 310 -17.46 9.25 -26.88
C HIS D 310 -18.16 9.25 -28.23
N LEU D 311 -17.91 10.27 -29.05
CA LEU D 311 -18.35 10.28 -30.45
C LEU D 311 -17.46 11.10 -31.38
N TYR D 312 -16.64 10.39 -32.15
CA TYR D 312 -15.99 10.94 -33.32
C TYR D 312 -16.22 10.00 -34.49
N ALA D 313 -17.49 9.80 -34.81
CA ALA D 313 -17.93 8.83 -35.80
C ALA D 313 -19.34 9.20 -36.28
N GLY D 314 -20.06 8.22 -36.80
CA GLY D 314 -21.36 8.48 -37.43
C GLY D 314 -22.61 8.45 -36.57
N PRO D 315 -23.78 8.52 -37.21
CA PRO D 315 -25.05 8.62 -36.50
C PRO D 315 -25.55 7.28 -35.92
N VAL D 316 -24.92 6.18 -36.29
CA VAL D 316 -25.27 4.88 -35.70
C VAL D 316 -24.65 4.73 -34.30
N GLU D 317 -23.33 4.90 -34.20
CA GLU D 317 -22.68 4.92 -32.88
C GLU D 317 -23.27 6.01 -31.97
N TRP D 318 -23.68 7.14 -32.57
CA TRP D 318 -24.37 8.22 -31.85
C TRP D 318 -25.67 7.74 -31.23
N ALA D 319 -26.53 7.13 -32.04
CA ALA D 319 -27.76 6.51 -31.55
C ALA D 319 -27.46 5.58 -30.39
N ALA D 320 -26.63 4.56 -30.65
CA ALA D 320 -26.21 3.57 -29.64
C ALA D 320 -25.77 4.21 -28.33
N ASN D 321 -24.96 5.27 -28.41
CA ASN D 321 -24.64 6.11 -27.25
C ASN D 321 -25.88 6.62 -26.55
N VAL D 322 -26.81 7.15 -27.33
CA VAL D 322 -27.96 7.85 -26.76
C VAL D 322 -28.78 6.89 -25.95
N HIS D 323 -29.00 5.70 -26.51
CA HIS D 323 -29.78 4.66 -25.86
C HIS D 323 -29.12 4.12 -24.59
N LEU D 324 -27.82 3.85 -24.65
CA LEU D 324 -27.07 3.50 -23.45
C LEU D 324 -27.11 4.62 -22.43
N GLY D 325 -27.10 5.86 -22.93
CA GLY D 325 -27.14 7.05 -22.07
C GLY D 325 -28.46 7.21 -21.36
N VAL D 326 -29.53 6.76 -21.99
CA VAL D 326 -30.87 6.86 -21.40
C VAL D 326 -30.96 6.01 -20.14
N SER D 327 -30.24 4.90 -20.16
CA SER D 327 -30.38 3.82 -19.20
C SER D 327 -29.48 3.90 -17.95
N CYS D 328 -28.48 4.80 -17.96
CA CYS D 328 -27.48 4.88 -16.89
C CYS D 328 -27.74 6.03 -15.91
N PRO D 329 -27.92 5.70 -14.61
CA PRO D 329 -28.02 6.69 -13.53
C PRO D 329 -26.80 7.58 -13.40
N ASN D 330 -25.65 7.06 -13.83
CA ASN D 330 -24.37 7.75 -13.71
C ASN D 330 -23.93 8.49 -14.98
N LEU D 331 -24.85 8.64 -15.93
CA LEU D 331 -24.53 9.37 -17.15
C LEU D 331 -24.27 10.85 -16.87
N LEU D 332 -23.12 11.34 -17.34
CA LEU D 332 -22.85 12.78 -17.29
C LEU D 332 -23.32 13.48 -18.58
N MET D 333 -22.80 13.06 -19.73
CA MET D 333 -23.20 13.64 -21.03
C MET D 333 -22.71 12.83 -22.22
N VAL D 334 -23.51 12.84 -23.29
CA VAL D 334 -23.09 12.33 -24.60
C VAL D 334 -22.34 13.41 -25.39
N GLU D 335 -21.23 13.02 -26.01
CA GLU D 335 -20.53 13.84 -27.01
C GLU D 335 -21.36 13.83 -28.28
N ALA D 336 -21.56 15.01 -28.88
CA ALA D 336 -22.37 15.07 -30.10
C ALA D 336 -21.66 15.71 -31.29
N ILE D 337 -21.91 15.26 -32.49
CA ILE D 337 -21.60 16.04 -33.66
C ILE D 337 -22.83 16.22 -34.56
N GLU D 338 -23.39 17.41 -34.56
CA GLU D 338 -24.62 17.65 -35.25
C GLU D 338 -24.59 18.25 -36.66
N THR D 339 -23.96 17.53 -37.54
CA THR D 339 -23.82 17.97 -38.92
C THR D 339 -25.05 17.56 -39.76
N PRO D 340 -25.26 18.23 -40.92
CA PRO D 340 -26.25 17.82 -41.91
C PRO D 340 -26.09 16.37 -42.41
N PHE D 341 -24.87 15.98 -42.75
CA PHE D 341 -24.65 14.63 -43.26
C PHE D 341 -25.10 13.55 -42.27
N HIS D 342 -24.78 13.76 -41.00
CA HIS D 342 -25.33 12.95 -39.92
C HIS D 342 -26.86 12.79 -40.01
N GLU D 343 -27.58 13.88 -40.26
CA GLU D 343 -29.05 13.85 -40.34
C GLU D 343 -29.56 13.40 -41.73
N ALA D 344 -28.67 13.39 -42.72
CA ALA D 344 -29.01 12.90 -44.05
C ALA D 344 -28.77 11.40 -44.20
N LEU D 345 -27.65 10.92 -43.64
CA LEU D 345 -27.23 9.51 -43.84
C LEU D 345 -28.27 8.52 -43.31
N VAL D 346 -28.90 8.85 -42.18
CA VAL D 346 -29.98 8.03 -41.63
C VAL D 346 -31.28 8.85 -41.54
N THR D 347 -32.42 8.17 -41.40
CA THR D 347 -33.63 8.83 -40.89
C THR D 347 -33.95 8.27 -39.51
N GLY D 348 -34.11 9.15 -38.53
CA GLY D 348 -34.40 8.73 -37.15
C GLY D 348 -33.36 9.15 -36.12
N ARG D 349 -32.24 9.67 -36.60
CA ARG D 349 -31.18 10.16 -35.73
C ARG D 349 -31.72 10.98 -34.55
N PRO D 350 -31.26 10.69 -33.33
CA PRO D 350 -31.62 11.52 -32.19
C PRO D 350 -31.08 12.95 -32.38
N ARG D 351 -31.93 13.93 -32.13
CA ARG D 351 -31.55 15.34 -32.31
C ARG D 351 -31.28 16.01 -30.97
N VAL D 352 -30.13 16.68 -30.88
CA VAL D 352 -29.88 17.56 -29.75
C VAL D 352 -30.77 18.78 -29.94
N GLU D 353 -31.76 18.93 -29.08
CA GLU D 353 -32.65 20.08 -29.13
C GLU D 353 -32.55 20.83 -27.79
N ASN D 354 -32.06 22.06 -27.86
CA ASN D 354 -31.78 22.90 -26.68
C ASN D 354 -30.80 22.26 -25.69
N GLY D 355 -29.62 21.89 -26.18
CA GLY D 355 -28.55 21.30 -25.34
C GLY D 355 -28.79 19.90 -24.78
N PHE D 356 -29.94 19.32 -25.09
CA PHE D 356 -30.34 18.01 -24.58
C PHE D 356 -30.91 17.12 -25.68
N VAL D 357 -30.80 15.81 -25.49
CA VAL D 357 -31.42 14.82 -26.36
C VAL D 357 -32.50 14.13 -25.53
N ALA D 358 -33.67 13.90 -26.13
CA ALA D 358 -34.75 13.20 -25.44
C ALA D 358 -34.68 11.73 -25.80
N ALA D 359 -35.01 10.88 -24.84
CA ALA D 359 -35.07 9.44 -25.06
C ALA D 359 -35.94 9.10 -26.27
N PRO D 360 -35.35 8.41 -27.28
CA PRO D 360 -36.07 8.06 -28.52
C PRO D 360 -37.28 7.14 -28.31
N ASP D 361 -38.15 7.10 -29.32
CA ASP D 361 -39.50 6.54 -29.22
C ASP D 361 -39.73 5.29 -30.05
N ALA D 362 -38.82 5.03 -30.99
CA ALA D 362 -39.02 3.99 -31.99
C ALA D 362 -38.36 2.68 -31.57
N PRO D 363 -38.83 1.55 -32.14
CA PRO D 363 -38.22 0.25 -31.82
C PRO D 363 -36.78 0.18 -32.34
N GLY D 364 -35.96 -0.66 -31.71
CA GLY D 364 -34.55 -0.77 -32.09
C GLY D 364 -33.85 0.53 -31.78
N LEU D 365 -32.92 0.91 -32.64
CA LEU D 365 -32.17 2.15 -32.44
C LEU D 365 -32.94 3.34 -33.00
N GLY D 366 -34.02 3.02 -33.74
CA GLY D 366 -34.91 4.03 -34.32
C GLY D 366 -34.31 4.69 -35.55
N ILE D 367 -33.21 4.12 -36.03
CA ILE D 367 -32.50 4.65 -37.20
C ILE D 367 -32.50 3.67 -38.37
N THR D 368 -32.93 4.15 -39.53
CA THR D 368 -32.82 3.39 -40.77
C THR D 368 -31.71 4.06 -41.58
N LEU D 369 -30.95 3.26 -42.33
CA LEU D 369 -30.01 3.80 -43.28
C LEU D 369 -30.74 4.17 -44.57
N ASN D 370 -30.20 5.16 -45.29
CA ASN D 370 -30.71 5.55 -46.61
C ASN D 370 -29.65 5.16 -47.63
N ASP D 371 -29.93 4.11 -48.39
CA ASP D 371 -28.95 3.52 -49.30
C ASP D 371 -28.31 4.51 -50.28
N ALA D 372 -29.14 5.36 -50.90
CA ALA D 372 -28.66 6.31 -51.91
C ALA D 372 -27.60 7.27 -51.36
N ILE D 373 -27.85 7.81 -50.17
CA ILE D 373 -26.88 8.66 -49.47
C ILE D 373 -25.61 7.88 -49.15
N ALA D 374 -25.80 6.69 -48.57
CA ALA D 374 -24.69 5.78 -48.26
C ALA D 374 -23.77 5.60 -49.45
N ASN D 375 -24.32 5.09 -50.57
CA ASN D 375 -23.52 4.71 -51.74
C ASN D 375 -22.82 5.89 -52.44
N ALA D 376 -23.57 6.97 -52.65
CA ALA D 376 -23.01 8.19 -53.26
C ALA D 376 -21.77 8.71 -52.53
N HIS D 377 -21.68 8.42 -51.25
CA HIS D 377 -20.54 8.85 -50.41
C HIS D 377 -19.56 7.72 -50.07
N ARG D 378 -19.63 6.59 -50.78
CA ARG D 378 -18.74 5.46 -50.50
C ARG D 378 -17.26 5.85 -50.53
N TYR D 379 -16.52 5.34 -49.57
CA TYR D 379 -15.12 5.60 -49.43
C TYR D 379 -14.26 4.91 -50.50
N THR D 380 -13.25 5.59 -51.01
CA THR D 380 -12.31 4.93 -51.90
C THR D 380 -10.81 5.11 -51.62
N GLY D 381 -10.44 6.11 -50.81
CA GLY D 381 -9.06 6.51 -50.53
C GLY D 381 -8.20 5.52 -49.77
N ASN D 382 -6.93 5.88 -49.54
CA ASN D 382 -5.96 5.00 -48.90
C ASN D 382 -5.75 5.25 -47.39
N ARG D 383 -5.81 6.52 -47.00
CA ARG D 383 -5.45 6.95 -45.65
C ARG D 383 -6.47 6.55 -44.56
N LEU D 384 -6.16 6.85 -43.30
CA LEU D 384 -6.97 6.39 -42.16
C LEU D 384 -8.00 7.41 -41.68
N HIS D 385 -8.98 6.91 -40.92
CA HIS D 385 -10.04 7.70 -40.32
C HIS D 385 -9.47 8.77 -39.38
N LEU D 386 -8.56 8.33 -38.51
CA LEU D 386 -7.79 9.23 -37.64
C LEU D 386 -6.31 8.90 -37.76
N GLU D 387 -5.47 9.93 -37.76
CA GLU D 387 -4.02 9.75 -37.89
C GLU D 387 -3.24 10.63 -36.92
N MET D 388 -2.08 10.12 -36.50
CA MET D 388 -1.15 10.79 -35.58
C MET D 388 0.07 11.32 -36.34
N GLN D 389 0.43 12.57 -36.08
CA GLN D 389 1.45 13.25 -36.85
C GLN D 389 2.79 12.59 -36.72
N ASP D 390 3.53 12.58 -37.83
CA ASP D 390 4.89 12.01 -37.91
C ASP D 390 5.97 13.06 -37.63
N ALA D 391 5.51 14.27 -37.39
CA ALA D 391 6.35 15.42 -37.18
C ALA D 391 7.07 15.35 -35.86
N PRO D 392 8.27 16.10 -35.80
CA PRO D 392 8.95 16.05 -34.49
C PRO D 392 8.33 16.76 -33.28
N CYS D 393 7.87 17.99 -33.41
CA CYS D 393 7.21 18.79 -32.36
C CYS D 393 7.45 20.26 -32.65
N MET E 1 -24.46 12.28 44.95
CA MET E 1 -23.14 12.96 44.91
C MET E 1 -22.19 12.43 45.97
N VAL E 2 -21.00 12.01 45.54
CA VAL E 2 -19.90 11.73 46.46
C VAL E 2 -18.62 12.32 45.90
N LYS E 3 -17.63 12.50 46.75
CA LYS E 3 -16.33 12.96 46.30
C LYS E 3 -15.26 12.00 46.79
N LEU E 4 -14.27 11.76 45.95
CA LEU E 4 -13.07 11.04 46.35
C LEU E 4 -12.34 11.88 47.37
N ASP E 5 -11.78 11.24 48.38
CA ASP E 5 -11.15 11.96 49.48
C ASP E 5 -9.79 11.39 49.87
N THR E 6 -9.73 10.11 50.24
CA THR E 6 -8.50 9.53 50.81
C THR E 6 -8.00 8.26 50.14
N LEU E 7 -6.69 8.02 50.26
CA LEU E 7 -6.06 6.83 49.72
C LEU E 7 -5.18 6.09 50.72
N ASP E 8 -5.44 4.79 50.85
CA ASP E 8 -4.55 3.87 51.54
C ASP E 8 -3.96 2.93 50.50
N ILE E 9 -2.64 2.74 50.53
CA ILE E 9 -1.95 1.84 49.61
C ILE E 9 -1.38 0.64 50.36
N PHE E 10 -1.72 -0.55 49.85
CA PHE E 10 -1.26 -1.81 50.41
C PHE E 10 -0.29 -2.53 49.45
N ALA E 11 0.98 -2.61 49.85
CA ALA E 11 1.97 -3.41 49.15
C ALA E 11 2.08 -4.79 49.83
N VAL E 12 1.48 -5.80 49.20
CA VAL E 12 1.26 -7.13 49.79
C VAL E 12 2.06 -8.22 49.10
N ALA E 13 2.82 -9.00 49.88
CA ALA E 13 3.56 -10.15 49.35
C ALA E 13 2.76 -11.45 49.50
N PRO E 14 2.58 -12.18 48.39
CA PRO E 14 2.03 -13.55 48.46
C PRO E 14 3.03 -14.55 49.06
N PRO E 15 2.55 -15.53 49.83
CA PRO E 15 3.41 -16.58 50.36
C PRO E 15 3.89 -17.53 49.26
N PRO E 16 4.78 -18.48 49.60
CA PRO E 16 5.09 -19.57 48.68
C PRO E 16 3.83 -20.30 48.24
N PRO E 17 3.73 -20.72 46.96
CA PRO E 17 4.70 -20.65 45.85
C PRO E 17 4.87 -19.29 45.17
N GLY E 18 3.91 -18.38 45.37
CA GLY E 18 3.99 -17.04 44.83
C GLY E 18 3.34 -16.79 43.49
N TRP E 19 2.47 -17.71 43.05
CA TRP E 19 1.74 -17.55 41.78
C TRP E 19 0.93 -16.24 41.78
N GLY E 20 1.39 -15.28 40.99
CA GLY E 20 0.77 -13.96 40.94
C GLY E 20 1.77 -12.88 41.26
N GLY E 21 3.02 -13.29 41.45
CA GLY E 21 4.14 -12.36 41.56
C GLY E 21 4.68 -12.10 42.95
N ARG E 22 5.75 -11.32 43.01
CA ARG E 22 6.44 -11.02 44.27
C ARG E 22 5.67 -10.10 45.22
N TYR E 23 4.87 -9.19 44.65
CA TYR E 23 4.08 -8.21 45.43
C TYR E 23 2.90 -7.64 44.64
N TRP E 24 1.82 -7.35 45.35
CA TRP E 24 0.65 -6.74 44.75
C TRP E 24 0.46 -5.34 45.30
N LEU E 25 0.21 -4.38 44.41
CA LEU E 25 0.02 -2.99 44.77
C LEU E 25 -1.48 -2.68 44.76
N LEU E 26 -2.01 -2.36 45.93
CA LEU E 26 -3.44 -2.25 46.12
C LEU E 26 -3.79 -0.90 46.70
N VAL E 27 -4.91 -0.35 46.26
CA VAL E 27 -5.36 0.95 46.72
C VAL E 27 -6.75 0.87 47.34
N ARG E 28 -6.99 1.72 48.33
CA ARG E 28 -8.32 1.97 48.83
C ARG E 28 -8.59 3.46 48.86
N VAL E 29 -9.49 3.87 47.99
CA VAL E 29 -10.01 5.21 48.02
C VAL E 29 -11.20 5.22 48.97
N THR E 30 -11.30 6.28 49.78
CA THR E 30 -12.47 6.55 50.61
C THR E 30 -13.07 7.87 50.14
N THR E 31 -14.35 7.86 49.80
CA THR E 31 -15.06 9.10 49.44
C THR E 31 -15.22 10.00 50.63
N ASP E 32 -15.67 11.23 50.36
CA ASP E 32 -15.99 12.19 51.40
C ASP E 32 -17.15 11.73 52.27
N THR E 33 -18.11 11.00 51.67
CA THR E 33 -19.27 10.49 52.40
C THR E 33 -18.97 9.25 53.24
N GLY E 34 -18.02 8.43 52.78
CA GLY E 34 -17.63 7.22 53.52
C GLY E 34 -17.68 5.89 52.77
N LEU E 35 -17.93 5.93 51.47
CA LEU E 35 -17.89 4.72 50.65
C LEU E 35 -16.43 4.36 50.33
N THR E 36 -16.11 3.07 50.37
CA THR E 36 -14.77 2.60 50.02
C THR E 36 -14.75 1.87 48.69
N GLY E 37 -13.58 1.86 48.04
CA GLY E 37 -13.41 1.14 46.80
C GLY E 37 -12.04 0.50 46.68
N LEU E 38 -11.99 -0.69 46.10
CA LEU E 38 -10.71 -1.35 45.90
C LEU E 38 -10.22 -1.19 44.46
N GLY E 39 -8.90 -1.06 44.32
CA GLY E 39 -8.24 -1.04 43.04
C GLY E 39 -6.83 -1.59 43.16
N GLU E 40 -6.23 -1.92 42.03
CA GLU E 40 -4.93 -2.56 42.03
C GLU E 40 -4.10 -2.02 40.89
N VAL E 41 -2.88 -1.61 41.21
CA VAL E 41 -1.94 -1.14 40.19
C VAL E 41 -1.09 -2.31 39.69
N TYR E 42 -0.96 -2.40 38.37
CA TYR E 42 -0.03 -3.33 37.75
C TYR E 42 1.02 -2.52 37.02
N ALA E 43 2.08 -2.17 37.73
CA ALA E 43 3.23 -1.46 37.18
C ALA E 43 4.46 -1.81 37.98
N ALA E 44 5.53 -2.19 37.29
CA ALA E 44 6.76 -2.63 37.97
C ALA E 44 8.05 -2.13 37.33
N GLY E 45 8.01 -0.97 36.67
CA GLY E 45 9.19 -0.36 36.06
C GLY E 45 10.13 0.20 37.12
N VAL E 46 9.55 0.61 38.24
CA VAL E 46 10.29 0.94 39.43
C VAL E 46 9.70 0.14 40.63
N GLY E 47 10.44 0.07 41.73
CA GLY E 47 10.05 -0.70 42.91
C GLY E 47 8.79 -0.22 43.61
N PRO E 48 8.37 -0.93 44.68
CA PRO E 48 7.09 -0.65 45.35
C PRO E 48 7.08 0.65 46.15
N GLU E 49 8.24 1.10 46.61
CA GLU E 49 8.34 2.35 47.35
C GLU E 49 8.15 3.53 46.39
N ALA E 50 8.72 3.40 45.19
CA ALA E 50 8.62 4.42 44.17
C ALA E 50 7.19 4.57 43.65
N MET E 51 6.50 3.44 43.50
CA MET E 51 5.11 3.42 43.06
C MET E 51 4.15 3.91 44.14
N THR E 52 4.49 3.68 45.41
CA THR E 52 3.75 4.31 46.52
C THR E 52 3.61 5.80 46.22
N HIS E 53 4.72 6.42 45.81
CA HIS E 53 4.78 7.86 45.58
C HIS E 53 4.14 8.26 44.24
N VAL E 54 4.29 7.41 43.23
CA VAL E 54 3.63 7.61 41.95
C VAL E 54 2.11 7.63 42.16
N ILE E 55 1.61 6.64 42.91
CA ILE E 55 0.16 6.46 43.13
C ILE E 55 -0.47 7.65 43.87
N HIS E 56 0.16 8.04 44.96
CA HIS E 56 -0.30 9.14 45.76
C HIS E 56 -0.31 10.44 44.99
N ASP E 57 0.66 10.62 44.13
CA ASP E 57 0.78 11.83 43.31
C ASP E 57 -0.38 11.97 42.33
N VAL E 58 -0.60 10.93 41.52
CA VAL E 58 -1.66 10.90 40.51
C VAL E 58 -3.06 11.14 41.12
N PHE E 59 -3.29 10.59 42.30
CA PHE E 59 -4.57 10.72 42.99
C PHE E 59 -4.78 12.15 43.50
N THR E 60 -3.85 12.62 44.33
CA THR E 60 -3.88 13.97 44.90
C THR E 60 -4.05 15.01 43.78
N ARG E 61 -3.33 14.81 42.69
CA ARG E 61 -3.24 15.78 41.61
C ARG E 61 -4.46 15.79 40.69
N HIS E 62 -4.91 14.61 40.28
CA HIS E 62 -5.95 14.54 39.26
C HIS E 62 -7.28 14.03 39.76
N MET E 63 -7.30 13.39 40.94
CA MET E 63 -8.50 12.67 41.39
C MET E 63 -9.15 13.15 42.69
N ARG E 64 -8.35 13.34 43.74
CA ARG E 64 -8.87 13.81 45.04
C ARG E 64 -9.82 15.00 44.85
N GLY E 65 -10.99 14.94 45.50
CA GLY E 65 -11.98 16.01 45.38
C GLY E 65 -12.95 15.83 44.22
N GLU E 66 -12.63 14.91 43.33
CA GLU E 66 -13.46 14.68 42.15
C GLU E 66 -14.61 13.72 42.43
N ASP E 67 -15.71 13.90 41.69
CA ASP E 67 -16.81 12.94 41.63
C ASP E 67 -16.26 11.70 40.91
N PRO E 68 -16.43 10.51 41.53
CA PRO E 68 -15.95 9.25 40.95
C PRO E 68 -16.52 9.00 39.57
N ALA E 69 -17.80 9.31 39.39
CA ALA E 69 -18.52 9.13 38.12
C ALA E 69 -17.77 9.67 36.92
N ASN E 70 -16.88 10.64 37.15
CA ASN E 70 -16.17 11.35 36.10
C ASN E 70 -14.86 10.68 35.70
N ILE E 71 -15.00 9.52 35.05
CA ILE E 71 -13.88 8.69 34.64
C ILE E 71 -13.06 9.38 33.54
N GLU E 72 -13.71 9.60 32.38
CA GLU E 72 -13.06 10.21 31.23
C GLU E 72 -12.21 11.44 31.60
N LEU E 73 -12.76 12.31 32.44
CA LEU E 73 -12.09 13.54 32.87
C LEU E 73 -10.79 13.26 33.61
N MET E 74 -10.87 12.42 34.65
CA MET E 74 -9.67 12.06 35.41
C MET E 74 -8.67 11.32 34.53
N SER E 75 -9.19 10.48 33.63
CA SER E 75 -8.36 9.71 32.72
C SER E 75 -7.55 10.61 31.79
N ARG E 76 -8.20 11.61 31.22
CA ARG E 76 -7.53 12.63 30.43
C ARG E 76 -6.48 13.36 31.26
N ARG E 77 -6.85 13.76 32.47
CA ARG E 77 -5.90 14.44 33.38
C ARG E 77 -4.66 13.63 33.71
N ALA E 78 -4.84 12.33 33.93
CA ALA E 78 -3.70 11.44 34.20
C ALA E 78 -2.89 11.20 32.92
N HIS E 79 -3.59 11.15 31.79
CA HIS E 79 -2.96 10.95 30.49
C HIS E 79 -2.15 12.17 30.03
N SER E 80 -2.68 13.37 30.31
CA SER E 80 -2.03 14.65 29.96
C SER E 80 -1.09 15.20 31.05
N SER E 81 -1.08 14.56 32.21
CA SER E 81 -0.29 15.02 33.37
C SER E 81 1.11 15.54 33.03
N GLY E 82 1.45 16.70 33.54
CA GLY E 82 2.76 17.24 33.30
C GLY E 82 3.09 17.51 31.87
N PHE E 83 2.08 17.92 31.15
CA PHE E 83 2.18 18.20 29.76
C PHE E 83 2.79 17.12 28.89
N THR E 84 2.22 15.93 28.90
CA THR E 84 2.79 14.76 28.26
C THR E 84 1.85 14.26 27.17
N GLN E 85 0.68 13.83 27.55
CA GLN E 85 -0.35 13.39 26.64
C GLN E 85 0.03 12.24 25.68
N ARG E 86 0.68 11.26 26.24
CA ARG E 86 1.07 10.03 25.52
C ARG E 86 1.19 8.87 26.50
N PRO E 87 0.97 7.62 26.03
CA PRO E 87 0.98 6.45 26.93
C PRO E 87 2.18 6.35 27.88
N ASP E 88 1.89 6.28 29.17
CA ASP E 88 2.94 6.10 30.18
C ASP E 88 2.50 5.05 31.20
N PRO E 89 3.13 3.86 31.15
CA PRO E 89 2.77 2.69 31.95
C PRO E 89 2.92 2.88 33.45
N THR E 90 3.90 3.68 33.88
CA THR E 90 4.04 4.03 35.30
C THR E 90 2.88 4.92 35.80
N VAL E 91 2.69 6.09 35.18
CA VAL E 91 1.64 7.02 35.59
C VAL E 91 0.23 6.47 35.39
N PHE E 92 -0.07 5.97 34.19
CA PHE E 92 -1.39 5.42 33.88
C PHE E 92 -1.64 4.10 34.62
N GLY E 93 -0.55 3.44 35.01
CA GLY E 93 -0.63 2.25 35.84
C GLY E 93 -1.16 2.59 37.22
N ALA E 94 -0.69 3.73 37.75
CA ALA E 94 -1.17 4.25 39.02
C ALA E 94 -2.61 4.70 38.89
N PHE E 95 -2.93 5.41 37.81
CA PHE E 95 -4.31 5.84 37.61
C PHE E 95 -5.25 4.63 37.44
N SER E 96 -4.75 3.57 36.82
CA SER E 96 -5.55 2.36 36.60
C SER E 96 -6.12 1.79 37.90
N GLY E 97 -5.25 1.50 38.86
CA GLY E 97 -5.68 1.01 40.17
C GLY E 97 -6.76 1.88 40.77
N LEU E 98 -6.51 3.19 40.78
CA LEU E 98 -7.43 4.15 41.35
C LEU E 98 -8.76 4.19 40.59
N GLU E 99 -8.69 4.18 39.26
CA GLU E 99 -9.88 4.08 38.39
C GLU E 99 -10.74 2.85 38.68
N MET E 100 -10.12 1.77 39.16
CA MET E 100 -10.86 0.57 39.56
C MET E 100 -11.66 0.81 40.85
N ALA E 101 -11.05 1.51 41.80
CA ALA E 101 -11.67 1.86 43.07
C ALA E 101 -12.84 2.77 42.84
N CYS E 102 -12.76 3.59 41.78
CA CYS E 102 -13.84 4.47 41.37
C CYS E 102 -15.05 3.68 40.94
N TRP E 103 -14.85 2.70 40.06
CA TRP E 103 -15.92 1.82 39.59
C TRP E 103 -16.56 1.07 40.75
N ASP E 104 -15.72 0.62 41.68
CA ASP E 104 -16.19 -0.05 42.90
C ASP E 104 -17.10 0.86 43.74
N ILE E 105 -16.71 2.13 43.91
CA ILE E 105 -17.54 3.13 44.62
C ILE E 105 -18.87 3.36 43.89
N LEU E 106 -18.81 3.62 42.59
CA LEU E 106 -20.01 3.80 41.77
C LEU E 106 -21.00 2.66 41.89
N GLY E 107 -20.45 1.45 41.86
CA GLY E 107 -21.25 0.23 42.05
C GLY E 107 -21.98 0.23 43.38
N LYS E 108 -21.23 0.50 44.45
CA LYS E 108 -21.80 0.59 45.79
C LYS E 108 -22.83 1.71 45.84
N ALA E 109 -22.44 2.89 45.35
CA ALA E 109 -23.33 4.06 45.29
C ALA E 109 -24.60 3.77 44.50
N ARG E 110 -24.46 3.18 43.32
CA ARG E 110 -25.62 2.85 42.49
C ARG E 110 -26.34 1.56 42.86
N ASP E 111 -25.67 0.70 43.64
CA ASP E 111 -26.22 -0.60 44.12
C ASP E 111 -26.35 -1.66 43.00
N CYS E 112 -25.27 -1.83 42.23
CA CYS E 112 -25.21 -2.84 41.19
C CYS E 112 -23.77 -3.32 41.02
N PRO E 113 -23.57 -4.44 40.30
CA PRO E 113 -22.18 -4.81 39.98
C PRO E 113 -21.58 -3.84 38.96
N VAL E 114 -20.27 -3.89 38.78
CA VAL E 114 -19.63 -2.98 37.84
C VAL E 114 -20.03 -3.28 36.40
N TRP E 115 -20.34 -4.55 36.10
CA TRP E 115 -20.73 -4.94 34.75
C TRP E 115 -22.12 -4.41 34.34
N ALA E 116 -22.94 -4.09 35.34
CA ALA E 116 -24.26 -3.50 35.09
C ALA E 116 -24.10 -2.06 34.60
N MET E 117 -22.86 -1.57 34.67
CA MET E 117 -22.56 -0.23 34.24
C MET E 117 -21.65 -0.22 33.00
N LEU E 118 -21.47 -1.40 32.42
CA LEU E 118 -20.57 -1.56 31.29
C LEU E 118 -21.31 -2.09 30.08
N GLY E 119 -22.64 -2.03 30.14
CA GLY E 119 -23.50 -2.51 29.06
C GLY E 119 -24.23 -3.80 29.39
N GLY E 120 -24.29 -4.12 30.69
CA GLY E 120 -25.08 -5.25 31.18
C GLY E 120 -24.45 -6.61 31.13
N LYS E 121 -25.29 -7.62 31.36
CA LYS E 121 -24.89 -9.03 31.46
C LYS E 121 -24.84 -9.69 30.09
N MET E 122 -23.89 -9.29 29.27
CA MET E 122 -23.71 -9.99 27.99
C MET E 122 -23.40 -11.46 28.23
N ASN E 123 -22.50 -11.73 29.17
CA ASN E 123 -22.08 -13.09 29.49
C ASN E 123 -22.47 -13.51 30.91
N ASP E 124 -23.22 -14.61 31.03
CA ASP E 124 -23.61 -15.19 32.34
C ASP E 124 -22.42 -15.77 33.08
N ARG E 125 -21.80 -16.76 32.44
CA ARG E 125 -20.54 -17.31 32.91
C ARG E 125 -19.47 -16.89 31.91
N ILE E 126 -18.22 -16.84 32.36
CA ILE E 126 -17.12 -16.51 31.43
C ILE E 126 -16.07 -17.62 31.41
N ARG E 127 -15.41 -17.76 30.26
CA ARG E 127 -14.42 -18.80 30.10
C ARG E 127 -13.12 -18.39 30.78
N ALA E 128 -12.62 -19.26 31.66
CA ALA E 128 -11.36 -19.03 32.35
C ALA E 128 -10.28 -19.95 31.82
N TYR E 129 -9.03 -19.58 32.05
CA TYR E 129 -7.91 -20.50 31.86
C TYR E 129 -6.86 -20.29 32.94
N THR E 130 -6.02 -21.30 33.16
CA THR E 130 -4.89 -21.15 34.07
C THR E 130 -3.58 -21.59 33.44
N TYR E 131 -2.48 -21.09 34.00
CA TYR E 131 -1.14 -21.59 33.70
C TYR E 131 -1.07 -23.02 34.19
N LEU E 132 -0.11 -23.79 33.69
CA LEU E 132 0.14 -25.13 34.22
C LEU E 132 1.18 -25.02 35.32
N TYR E 133 0.75 -25.35 36.54
CA TYR E 133 1.61 -25.25 37.71
C TYR E 133 2.00 -26.64 38.17
N PRO E 134 3.11 -26.76 38.92
CA PRO E 134 3.43 -28.08 39.47
C PRO E 134 2.27 -28.59 40.31
N GLU E 135 1.95 -29.86 40.12
CA GLU E 135 1.03 -30.59 40.99
C GLU E 135 1.77 -30.79 42.33
N PRO E 136 1.03 -31.13 43.42
CA PRO E 136 1.71 -31.25 44.71
C PRO E 136 2.83 -32.28 44.70
N HIS E 137 2.60 -33.41 44.02
CA HIS E 137 3.56 -34.51 43.94
C HIS E 137 4.71 -34.24 42.98
N HIS E 138 4.58 -33.16 42.20
CA HIS E 138 5.58 -32.82 41.17
C HIS E 138 6.82 -32.15 41.75
N ASP E 139 7.98 -32.55 41.25
CA ASP E 139 9.24 -31.88 41.55
C ASP E 139 9.24 -30.49 40.93
N THR E 140 9.50 -29.48 41.76
CA THR E 140 9.32 -28.07 41.43
C THR E 140 10.48 -27.38 40.69
N ASN E 141 11.56 -28.12 40.41
CA ASN E 141 12.68 -27.57 39.64
C ASN E 141 12.75 -28.19 38.25
N ALA E 142 12.55 -29.50 38.18
CA ALA E 142 12.46 -30.23 36.91
C ALA E 142 11.12 -30.01 36.18
N PHE E 143 10.10 -29.57 36.91
CA PHE E 143 8.75 -29.43 36.33
C PHE E 143 8.68 -28.56 35.08
N TRP E 144 9.38 -27.43 35.12
CA TRP E 144 9.26 -26.40 34.09
C TRP E 144 9.84 -26.87 32.76
N THR E 145 10.82 -27.76 32.83
CA THR E 145 11.43 -28.34 31.65
C THR E 145 11.07 -29.81 31.53
N SER E 146 9.79 -30.11 31.67
CA SER E 146 9.30 -31.49 31.63
C SER E 146 7.92 -31.59 30.95
N PRO E 147 7.89 -32.17 29.74
CA PRO E 147 6.64 -32.35 28.99
C PRO E 147 5.69 -33.29 29.70
N GLU E 148 6.20 -34.43 30.19
CA GLU E 148 5.37 -35.39 30.90
C GLU E 148 4.64 -34.68 32.03
N MET E 149 5.40 -34.11 32.97
CA MET E 149 4.84 -33.39 34.10
C MET E 149 3.86 -32.28 33.71
N ALA E 150 4.20 -31.49 32.69
CA ALA E 150 3.28 -30.48 32.16
C ALA E 150 1.95 -31.08 31.71
N ALA E 151 2.02 -32.21 31.01
CA ALA E 151 0.85 -32.96 30.54
C ALA E 151 0.01 -33.49 31.68
N GLU E 152 0.65 -33.85 32.79
CA GLU E 152 -0.06 -34.29 34.00
C GLU E 152 -0.86 -33.14 34.62
N SER E 153 -0.23 -31.99 34.82
CA SER E 153 -0.94 -30.79 35.28
C SER E 153 -2.10 -30.44 34.34
N ALA E 154 -1.84 -30.53 33.03
CA ALA E 154 -2.85 -30.33 32.00
C ALA E 154 -4.07 -31.23 32.18
N ALA E 155 -3.83 -32.53 32.37
CA ALA E 155 -4.93 -33.48 32.61
C ALA E 155 -5.71 -33.11 33.87
N ALA E 156 -4.99 -32.88 34.98
CA ALA E 156 -5.63 -32.47 36.24
C ALA E 156 -6.47 -31.21 36.12
N ARG E 157 -6.07 -30.24 35.31
CA ARG E 157 -6.92 -29.11 35.00
C ARG E 157 -8.16 -29.46 34.24
N VAL E 158 -8.02 -30.36 33.28
CA VAL E 158 -9.17 -30.87 32.50
C VAL E 158 -10.20 -31.58 33.39
N ALA E 159 -9.76 -32.10 34.53
CA ALA E 159 -10.65 -32.78 35.49
C ALA E 159 -11.39 -31.77 36.38
N GLU E 160 -11.04 -30.49 36.21
CA GLU E 160 -11.60 -29.38 36.98
C GLU E 160 -12.47 -28.46 36.10
N GLY E 161 -12.62 -28.81 34.83
CA GLY E 161 -13.47 -28.05 33.91
C GLY E 161 -12.75 -27.01 33.05
N TYR E 162 -11.43 -26.87 33.19
CA TYR E 162 -10.69 -26.00 32.29
C TYR E 162 -10.75 -26.51 30.85
N THR E 163 -10.95 -25.57 29.93
CA THR E 163 -11.11 -25.86 28.51
C THR E 163 -9.91 -25.30 27.71
N ALA E 164 -8.90 -24.83 28.43
CA ALA E 164 -7.73 -24.21 27.82
C ALA E 164 -6.66 -24.10 28.87
N VAL E 165 -5.40 -24.25 28.48
CA VAL E 165 -4.30 -24.15 29.43
C VAL E 165 -3.14 -23.38 28.83
N LYS E 166 -2.43 -22.64 29.69
CA LYS E 166 -1.23 -21.92 29.27
C LYS E 166 0.05 -22.57 29.79
N PHE E 167 1.10 -22.47 28.99
CA PHE E 167 2.44 -22.92 29.36
C PHE E 167 3.45 -22.09 28.60
N ASP E 168 4.66 -21.96 29.15
CA ASP E 168 5.76 -21.29 28.48
C ASP E 168 7.05 -22.12 28.55
N PRO E 169 7.29 -22.92 27.50
CA PRO E 169 8.51 -23.72 27.38
C PRO E 169 9.57 -23.03 26.53
N ALA E 170 9.36 -21.75 26.24
CA ALA E 170 10.28 -20.99 25.40
C ALA E 170 11.53 -20.56 26.18
N GLY E 171 11.47 -20.66 27.51
CA GLY E 171 12.64 -20.46 28.37
C GLY E 171 12.85 -19.04 28.88
N PRO E 172 14.02 -18.79 29.49
CA PRO E 172 14.40 -17.49 30.06
C PRO E 172 14.34 -16.34 29.07
N TYR E 173 13.67 -15.26 29.49
CA TYR E 173 13.60 -14.00 28.75
C TYR E 173 14.52 -12.97 29.40
N THR E 174 15.36 -12.34 28.58
CA THR E 174 16.38 -11.41 29.09
C THR E 174 16.10 -9.96 28.69
N MET E 175 16.93 -9.06 29.22
CA MET E 175 16.87 -7.63 28.91
C MET E 175 17.35 -7.30 27.51
N ARG E 176 18.09 -8.23 26.90
CA ARG E 176 18.83 -8.00 25.64
C ARG E 176 17.93 -7.61 24.47
N GLY E 177 16.71 -8.12 24.49
CA GLY E 177 15.76 -7.88 23.42
C GLY E 177 15.61 -9.14 22.59
N GLY E 178 14.65 -9.10 21.65
CA GLY E 178 14.37 -10.24 20.80
C GLY E 178 15.61 -10.96 20.30
N HIS E 179 15.76 -12.22 20.69
CA HIS E 179 16.85 -13.09 20.20
C HIS E 179 16.37 -14.31 19.39
N MET E 180 17.31 -14.99 18.74
CA MET E 180 17.01 -16.19 17.96
C MET E 180 16.86 -17.37 18.93
N PRO E 181 15.79 -18.17 18.77
CA PRO E 181 15.56 -19.27 19.68
C PRO E 181 16.60 -20.38 19.52
N ALA E 182 17.09 -20.88 20.64
CA ALA E 182 17.93 -22.08 20.63
C ALA E 182 17.11 -23.25 20.13
N LEU E 183 17.73 -24.12 19.34
CA LEU E 183 17.08 -25.36 18.87
C LEU E 183 16.45 -26.22 19.98
N SER E 184 17.05 -26.22 21.16
CA SER E 184 16.48 -26.97 22.30
C SER E 184 15.19 -26.35 22.84
N ASP E 185 15.07 -25.01 22.73
CA ASP E 185 13.85 -24.30 23.11
C ASP E 185 12.73 -24.59 22.13
N ILE E 186 13.09 -24.66 20.84
CA ILE E 186 12.16 -25.03 19.78
C ILE E 186 11.74 -26.48 19.98
N ASP E 187 12.70 -27.37 20.19
CA ASP E 187 12.38 -28.79 20.41
C ASP E 187 11.54 -29.06 21.65
N LEU E 188 11.87 -28.39 22.76
CA LEU E 188 11.10 -28.53 23.99
C LEU E 188 9.66 -28.08 23.78
N SER E 189 9.50 -26.95 23.10
CA SER E 189 8.18 -26.38 22.77
C SER E 189 7.29 -27.36 22.04
N ALA E 190 7.82 -28.01 21.00
CA ALA E 190 7.08 -29.03 20.26
C ALA E 190 6.76 -30.24 21.17
N ARG E 191 7.71 -30.62 22.01
CA ARG E 191 7.51 -31.72 22.96
C ARG E 191 6.50 -31.37 24.05
N PHE E 192 6.34 -30.07 24.32
CA PHE E 192 5.30 -29.58 25.23
C PHE E 192 3.93 -29.65 24.60
N CYS E 193 3.81 -29.11 23.40
CA CYS E 193 2.52 -29.13 22.69
C CYS E 193 2.05 -30.55 22.43
N ALA E 194 2.95 -31.41 21.96
CA ALA E 194 2.63 -32.81 21.67
C ALA E 194 2.12 -33.55 22.92
N ALA E 195 2.91 -33.50 23.98
CA ALA E 195 2.58 -34.16 25.26
C ALA E 195 1.23 -33.72 25.83
N ILE E 196 0.93 -32.42 25.72
CA ILE E 196 -0.33 -31.87 26.23
C ILE E 196 -1.47 -32.21 25.27
N ARG E 197 -1.24 -32.12 23.98
CA ARG E 197 -2.27 -32.44 23.05
C ARG E 197 -2.71 -33.87 23.26
N ASP E 198 -1.74 -34.76 23.34
CA ASP E 198 -1.99 -36.16 23.71
C ASP E 198 -2.84 -36.31 24.98
N ALA E 199 -2.45 -35.63 26.05
CA ALA E 199 -3.13 -35.75 27.35
C ALA E 199 -4.50 -35.11 27.45
N VAL E 200 -4.75 -34.04 26.68
CA VAL E 200 -6.04 -33.32 26.75
C VAL E 200 -6.94 -33.55 25.53
N GLY E 201 -6.33 -33.95 24.42
CA GLY E 201 -7.04 -34.20 23.16
C GLY E 201 -7.86 -33.01 22.67
N THR E 202 -9.17 -33.12 22.80
CA THR E 202 -10.09 -32.15 22.21
C THR E 202 -10.82 -31.29 23.25
N GLN E 203 -10.52 -31.46 24.54
CA GLN E 203 -11.22 -30.69 25.59
C GLN E 203 -10.51 -29.45 26.11
N ALA E 204 -9.21 -29.34 25.87
CA ALA E 204 -8.49 -28.17 26.33
C ALA E 204 -7.66 -27.55 25.23
N ASP E 205 -7.86 -26.25 25.03
CA ASP E 205 -7.07 -25.51 24.05
C ASP E 205 -5.66 -25.28 24.59
N LEU E 206 -4.70 -25.31 23.66
CA LEU E 206 -3.31 -25.05 23.97
C LEU E 206 -3.01 -23.58 23.71
N LEU E 207 -2.83 -22.83 24.78
CA LEU E 207 -2.51 -21.42 24.67
C LEU E 207 -1.03 -21.32 24.87
N PHE E 208 -0.33 -20.97 23.80
CA PHE E 208 1.12 -20.98 23.83
C PHE E 208 1.70 -19.66 24.28
N GLY E 209 2.16 -19.65 25.52
CA GLY E 209 2.76 -18.48 26.13
C GLY E 209 4.23 -18.39 25.81
N THR E 210 4.66 -17.17 25.51
CA THR E 210 6.05 -16.77 25.55
C THR E 210 6.02 -15.33 26.10
N HIS E 211 7.20 -14.73 26.28
CA HIS E 211 7.34 -13.48 27.02
C HIS E 211 8.15 -12.46 26.24
N GLY E 212 7.97 -12.46 24.91
CA GLY E 212 8.63 -11.50 24.05
C GLY E 212 10.11 -11.76 23.83
N GLN E 213 10.52 -13.03 23.99
CA GLN E 213 11.93 -13.45 23.90
C GLN E 213 12.59 -13.21 22.54
N PHE E 214 11.80 -13.26 21.48
CA PHE E 214 12.33 -13.58 20.16
C PHE E 214 12.22 -12.46 19.11
N ALA E 215 13.26 -12.31 18.30
CA ALA E 215 13.20 -11.48 17.09
C ALA E 215 12.06 -12.03 16.24
N PRO E 216 11.40 -11.17 15.45
CA PRO E 216 10.29 -11.63 14.61
C PRO E 216 10.65 -12.70 13.57
N ALA E 217 11.93 -12.91 13.31
CA ALA E 217 12.38 -14.01 12.42
C ALA E 217 12.43 -15.33 13.20
N GLY E 218 12.79 -15.23 14.48
CA GLY E 218 12.72 -16.36 15.38
C GLY E 218 11.28 -16.78 15.63
N ALA E 219 10.45 -15.81 16.03
CA ALA E 219 9.04 -16.06 16.28
C ALA E 219 8.39 -16.91 15.18
N ILE E 220 8.69 -16.56 13.94
CA ILE E 220 8.22 -17.31 12.76
C ILE E 220 8.66 -18.78 12.76
N ARG E 221 9.96 -19.02 12.97
CA ARG E 221 10.52 -20.38 13.07
C ARG E 221 9.85 -21.22 14.14
N LEU E 222 9.62 -20.63 15.31
CA LEU E 222 8.91 -21.32 16.40
C LEU E 222 7.50 -21.65 15.99
N ALA E 223 6.80 -20.67 15.41
CA ALA E 223 5.42 -20.91 14.97
C ALA E 223 5.31 -22.19 14.17
N LYS E 224 6.23 -22.42 13.23
CA LYS E 224 6.22 -23.62 12.38
C LYS E 224 6.25 -24.94 13.17
N ALA E 225 6.98 -24.93 14.28
CA ALA E 225 7.22 -26.09 15.11
C ALA E 225 6.00 -26.51 15.93
N ILE E 226 5.26 -25.50 16.41
CA ILE E 226 4.13 -25.76 17.30
C ILE E 226 2.81 -25.77 16.55
N GLU E 227 2.81 -25.21 15.34
CA GLU E 227 1.64 -25.23 14.43
C GLU E 227 0.86 -26.55 14.37
N PRO E 228 1.55 -27.69 14.11
CA PRO E 228 0.84 -28.98 13.95
C PRO E 228 0.10 -29.48 15.19
N TYR E 229 0.10 -28.73 16.27
CA TYR E 229 -0.59 -29.07 17.47
C TYR E 229 -1.82 -28.22 17.74
N ASP E 230 -2.18 -27.38 16.79
CA ASP E 230 -3.32 -26.46 16.85
C ASP E 230 -3.43 -25.48 18.03
N PRO E 231 -2.36 -24.77 18.39
CA PRO E 231 -2.51 -23.86 19.54
C PRO E 231 -3.51 -22.73 19.26
N LEU E 232 -4.31 -22.36 20.26
CA LEU E 232 -5.38 -21.37 20.10
C LEU E 232 -4.82 -19.95 19.94
N TRP E 233 -3.65 -19.72 20.56
CA TRP E 233 -2.87 -18.52 20.28
C TRP E 233 -1.37 -18.73 20.43
N TYR E 234 -0.63 -17.74 19.91
CA TYR E 234 0.79 -17.56 20.16
C TYR E 234 0.87 -16.18 20.82
N GLU E 235 1.26 -16.15 22.05
CA GLU E 235 1.20 -14.93 22.81
C GLU E 235 2.52 -14.30 23.01
N GLU E 236 2.56 -13.00 22.76
CA GLU E 236 3.76 -12.20 22.91
C GLU E 236 4.95 -12.78 22.19
N PRO E 237 4.78 -13.00 20.90
CA PRO E 237 5.87 -13.63 20.13
C PRO E 237 7.18 -12.84 20.17
N ILE E 238 7.07 -11.52 20.16
CA ILE E 238 8.24 -10.63 20.05
C ILE E 238 8.14 -9.49 21.07
N PRO E 239 9.23 -8.70 21.26
CA PRO E 239 9.25 -7.67 22.29
C PRO E 239 8.21 -6.59 22.04
N PRO E 240 7.63 -5.99 23.11
CA PRO E 240 6.46 -5.14 22.95
C PRO E 240 6.80 -3.71 22.51
N ASP E 241 8.07 -3.45 22.24
CA ASP E 241 8.54 -2.18 21.71
C ASP E 241 8.56 -2.22 20.18
N ASN E 242 8.04 -3.31 19.62
CA ASN E 242 8.05 -3.51 18.18
C ASN E 242 6.77 -4.18 17.67
N LEU E 243 5.67 -3.44 17.77
CA LEU E 243 4.39 -3.91 17.23
C LEU E 243 4.35 -3.96 15.69
N PRO E 244 5.19 -3.17 14.98
CA PRO E 244 5.25 -3.44 13.53
C PRO E 244 5.80 -4.84 13.18
N GLY E 245 6.59 -5.41 14.07
CA GLY E 245 7.08 -6.80 13.89
C GLY E 245 5.96 -7.82 13.77
N LEU E 246 4.84 -7.57 14.48
CA LEU E 246 3.68 -8.47 14.47
C LEU E 246 3.11 -8.74 13.08
N SER E 247 3.35 -7.83 12.14
CA SER E 247 2.82 -8.00 10.79
C SER E 247 3.44 -9.19 10.05
N GLU E 248 4.76 -9.23 9.96
CA GLU E 248 5.48 -10.37 9.36
C GLU E 248 5.18 -11.70 10.07
N VAL E 249 4.98 -11.65 11.38
CA VAL E 249 4.68 -12.82 12.21
C VAL E 249 3.34 -13.48 11.83
N ALA E 250 2.24 -12.71 11.90
CA ALA E 250 0.92 -13.19 11.51
C ALA E 250 0.83 -13.58 10.04
N ALA E 251 1.49 -12.84 9.16
CA ALA E 251 1.50 -13.22 7.74
C ALA E 251 2.23 -14.55 7.49
N HIS E 252 2.99 -15.01 8.50
CA HIS E 252 3.78 -16.22 8.37
C HIS E 252 3.24 -17.45 9.12
N THR E 253 2.21 -17.25 9.95
CA THR E 253 1.60 -18.38 10.65
C THR E 253 0.09 -18.30 10.69
N SER E 254 -0.52 -19.44 11.01
CA SER E 254 -1.96 -19.59 11.06
C SER E 254 -2.41 -19.66 12.52
N ILE E 255 -1.45 -19.61 13.43
CA ILE E 255 -1.78 -19.49 14.86
C ILE E 255 -2.16 -18.03 15.10
N PRO E 256 -3.29 -17.79 15.79
CA PRO E 256 -3.69 -16.41 16.03
C PRO E 256 -2.71 -15.74 16.98
N ILE E 257 -2.48 -14.45 16.77
CA ILE E 257 -1.47 -13.71 17.50
C ILE E 257 -2.11 -13.02 18.70
N ALA E 258 -1.51 -13.20 19.86
CA ALA E 258 -2.01 -12.57 21.08
C ALA E 258 -0.93 -11.66 21.63
N THR E 259 -1.34 -10.51 22.17
CA THR E 259 -0.40 -9.56 22.78
C THR E 259 -1.18 -8.61 23.69
N GLY E 260 -0.48 -7.87 24.54
CA GLY E 260 -1.12 -6.77 25.25
C GLY E 260 -0.60 -6.40 26.62
N GLU E 261 -0.19 -7.39 27.40
CA GLU E 261 0.08 -7.20 28.83
C GLU E 261 1.01 -6.03 29.18
N ARG E 262 1.77 -5.58 28.20
CA ARG E 262 2.77 -4.55 28.47
C ARG E 262 2.47 -3.26 27.74
N LEU E 263 1.29 -3.19 27.14
CA LEU E 263 0.77 -2.01 26.48
C LEU E 263 -0.13 -1.21 27.42
N THR E 264 -0.26 0.09 27.14
CA THR E 264 -1.11 0.94 27.95
C THR E 264 -1.79 1.99 27.09
N GLY E 265 -3.09 2.14 27.28
CA GLY E 265 -3.86 3.12 26.53
C GLY E 265 -4.32 2.57 25.20
N VAL E 266 -5.58 2.85 24.88
CA VAL E 266 -6.20 2.37 23.64
C VAL E 266 -5.39 2.64 22.36
N THR E 267 -4.54 3.68 22.34
CA THR E 267 -3.79 3.94 21.10
C THR E 267 -2.70 2.91 20.79
N GLU E 268 -2.14 2.27 21.83
CA GLU E 268 -1.16 1.22 21.60
C GLU E 268 -1.81 -0.12 21.23
N PHE E 269 -3.01 -0.37 21.77
CA PHE E 269 -3.80 -1.53 21.39
C PHE E 269 -4.35 -1.39 19.98
N THR E 270 -4.71 -0.15 19.61
CA THR E 270 -5.04 0.20 18.23
C THR E 270 -3.89 -0.20 17.31
N GLN E 271 -2.68 0.23 17.64
CA GLN E 271 -1.47 -0.14 16.88
C GLN E 271 -1.32 -1.66 16.76
N ALA E 272 -1.43 -2.35 17.89
CA ALA E 272 -1.33 -3.82 17.93
C ALA E 272 -2.26 -4.47 16.89
N LEU E 273 -3.52 -4.04 16.90
CA LEU E 273 -4.54 -4.52 15.96
C LEU E 273 -4.18 -4.24 14.49
N HIS E 274 -3.76 -3.01 14.19
CA HIS E 274 -3.39 -2.63 12.82
C HIS E 274 -2.30 -3.52 12.23
N HIS E 275 -1.47 -4.09 13.09
CA HIS E 275 -0.38 -4.94 12.63
C HIS E 275 -0.67 -6.43 12.79
N GLY E 276 -1.93 -6.79 13.03
CA GLY E 276 -2.37 -8.18 12.92
C GLY E 276 -2.72 -8.98 14.17
N ALA E 277 -2.47 -8.43 15.35
CA ALA E 277 -2.84 -9.11 16.59
C ALA E 277 -4.35 -9.33 16.61
N ARG E 278 -4.78 -10.51 17.06
CA ARG E 278 -6.22 -10.79 17.00
C ARG E 278 -6.82 -11.25 18.32
N ILE E 279 -5.99 -11.26 19.35
CA ILE E 279 -6.42 -11.40 20.73
C ILE E 279 -5.67 -10.34 21.52
N LEU E 280 -6.42 -9.46 22.17
CA LEU E 280 -5.81 -8.40 22.96
C LEU E 280 -5.75 -8.82 24.41
N GLN E 281 -4.58 -8.62 25.03
CA GLN E 281 -4.36 -9.04 26.41
C GLN E 281 -3.96 -7.89 27.28
N PRO E 282 -4.90 -6.97 27.55
CA PRO E 282 -4.52 -5.86 28.41
C PRO E 282 -4.44 -6.31 29.86
N ALA E 283 -3.49 -5.75 30.61
CA ALA E 283 -3.48 -5.87 32.07
C ALA E 283 -4.12 -4.60 32.58
N LEU E 284 -5.34 -4.72 33.13
CA LEU E 284 -6.14 -3.55 33.49
C LEU E 284 -5.48 -2.60 34.50
N GLY E 285 -4.59 -3.12 35.33
CA GLY E 285 -3.86 -2.29 36.28
C GLY E 285 -2.72 -1.56 35.60
N ARG E 286 -2.55 -1.85 34.31
CA ARG E 286 -1.56 -1.19 33.48
C ARG E 286 -2.23 -0.36 32.37
N ALA E 287 -3.26 -0.94 31.77
CA ALA E 287 -3.78 -0.45 30.49
C ALA E 287 -4.62 0.83 30.57
N GLY E 288 -5.05 1.22 31.77
CA GLY E 288 -5.86 2.40 31.92
C GLY E 288 -7.06 2.27 32.83
N GLY E 289 -7.37 1.02 33.21
CA GLY E 289 -8.48 0.75 34.13
C GLY E 289 -9.61 0.04 33.43
N ILE E 290 -10.77 -0.02 34.10
CA ILE E 290 -11.93 -0.70 33.56
C ILE E 290 -12.45 -0.01 32.31
N TRP E 291 -12.71 1.29 32.41
CA TRP E 291 -13.32 2.02 31.30
C TRP E 291 -12.49 1.94 30.03
N GLU E 292 -11.18 2.11 30.16
CA GLU E 292 -10.23 1.95 29.04
C GLU E 292 -10.32 0.55 28.43
N GLY E 293 -10.54 -0.45 29.29
CA GLY E 293 -10.71 -1.83 28.87
C GLY E 293 -11.92 -2.05 27.98
N LYS E 294 -13.02 -1.35 28.28
CA LYS E 294 -14.18 -1.31 27.38
C LYS E 294 -13.83 -0.80 26.00
N LYS E 295 -12.96 0.21 25.94
CA LYS E 295 -12.59 0.84 24.67
C LYS E 295 -11.58 -0.01 23.92
N ILE E 296 -10.70 -0.66 24.67
CA ILE E 296 -9.81 -1.68 24.09
C ILE E 296 -10.69 -2.77 23.47
N ALA E 297 -11.69 -3.20 24.23
CA ALA E 297 -12.63 -4.22 23.77
C ALA E 297 -13.47 -3.74 22.59
N THR E 298 -13.69 -2.42 22.53
CA THR E 298 -14.45 -1.85 21.42
C THR E 298 -13.67 -1.81 20.11
N LEU E 299 -12.43 -1.42 20.17
CA LEU E 299 -11.60 -1.53 19.01
C LEU E 299 -11.35 -2.93 18.51
N ALA E 300 -11.08 -3.87 19.39
CA ALA E 300 -10.73 -5.21 18.99
C ALA E 300 -11.84 -5.82 18.19
N ALA E 301 -13.03 -5.41 18.53
CA ALA E 301 -14.21 -5.70 17.74
C ALA E 301 -14.24 -5.12 16.32
N ALA E 302 -13.78 -3.90 16.16
CA ALA E 302 -13.68 -3.26 14.85
C ALA E 302 -12.69 -3.98 13.95
N PHE E 303 -11.77 -4.72 14.55
CA PHE E 303 -10.78 -5.52 13.83
C PHE E 303 -11.15 -7.01 13.80
N GLY E 304 -12.29 -7.35 14.39
CA GLY E 304 -12.75 -8.74 14.43
C GLY E 304 -11.94 -9.55 15.42
N ALA E 305 -11.32 -8.85 16.37
CA ALA E 305 -10.43 -9.48 17.32
C ALA E 305 -11.06 -9.56 18.70
N GLN E 306 -10.40 -10.27 19.61
CA GLN E 306 -11.06 -10.74 20.81
C GLN E 306 -10.30 -10.31 22.04
N LEU E 307 -11.03 -10.14 23.13
CA LEU E 307 -10.44 -9.71 24.38
C LEU E 307 -10.05 -10.91 25.22
N ALA E 308 -8.97 -10.76 25.95
CA ALA E 308 -8.50 -11.79 26.88
C ALA E 308 -7.71 -11.12 28.00
N PRO E 309 -8.40 -10.67 29.06
CA PRO E 309 -7.80 -10.12 30.25
C PRO E 309 -6.54 -10.85 30.71
N HIS E 310 -5.48 -10.07 30.98
CA HIS E 310 -4.25 -10.60 31.56
C HIS E 310 -4.40 -10.61 33.08
N LEU E 311 -3.85 -11.63 33.72
CA LEU E 311 -3.75 -11.65 35.18
C LEU E 311 -2.45 -12.30 35.65
N TYR E 312 -1.49 -11.46 36.01
CA TYR E 312 -0.42 -11.89 36.88
C TYR E 312 -0.35 -10.92 38.05
N ALA E 313 -1.44 -10.89 38.81
CA ALA E 313 -1.58 -9.96 39.92
C ALA E 313 -2.50 -10.52 41.01
N GLY E 314 -3.04 -9.62 41.82
CA GLY E 314 -3.88 -9.99 42.96
C GLY E 314 -5.33 -10.20 42.60
N PRO E 315 -6.18 -10.39 43.64
CA PRO E 315 -7.57 -10.74 43.41
C PRO E 315 -8.44 -9.54 43.05
N VAL E 316 -7.84 -8.34 43.08
CA VAL E 316 -8.59 -7.12 42.81
C VAL E 316 -8.68 -6.86 41.31
N GLU E 317 -7.55 -6.94 40.61
CA GLU E 317 -7.52 -6.80 39.15
C GLU E 317 -8.30 -7.91 38.48
N TRP E 318 -8.27 -9.09 39.11
CA TRP E 318 -9.02 -10.25 38.68
C TRP E 318 -10.52 -9.98 38.71
N ALA E 319 -10.99 -9.37 39.80
CA ALA E 319 -12.40 -8.94 39.91
C ALA E 319 -12.76 -7.91 38.83
N ALA E 320 -11.83 -7.01 38.52
CA ALA E 320 -12.08 -6.02 37.47
C ALA E 320 -12.21 -6.72 36.12
N ASN E 321 -11.35 -7.73 35.91
CA ASN E 321 -11.39 -8.56 34.70
C ASN E 321 -12.73 -9.25 34.54
N VAL E 322 -13.25 -9.80 35.63
CA VAL E 322 -14.48 -10.58 35.59
C VAL E 322 -15.66 -9.69 35.20
N HIS E 323 -15.81 -8.57 35.90
CA HIS E 323 -16.83 -7.57 35.54
C HIS E 323 -16.69 -6.99 34.12
N LEU E 324 -15.46 -6.92 33.60
CA LEU E 324 -15.29 -6.43 32.24
C LEU E 324 -15.74 -7.49 31.24
N GLY E 325 -15.29 -8.72 31.47
CA GLY E 325 -15.67 -9.86 30.62
C GLY E 325 -17.16 -10.05 30.51
N VAL E 326 -17.88 -9.93 31.63
CA VAL E 326 -19.32 -10.12 31.64
C VAL E 326 -19.99 -9.27 30.57
N SER E 327 -19.43 -8.09 30.33
CA SER E 327 -20.06 -7.10 29.47
C SER E 327 -19.67 -7.18 27.99
N CYS E 328 -18.62 -7.94 27.66
CA CYS E 328 -18.00 -7.90 26.32
C CYS E 328 -18.40 -9.07 25.43
N PRO E 329 -19.21 -8.82 24.40
CA PRO E 329 -19.53 -9.84 23.41
C PRO E 329 -18.30 -10.58 22.88
N ASN E 330 -17.19 -9.84 22.72
CA ASN E 330 -15.97 -10.37 22.12
C ASN E 330 -14.92 -10.85 23.13
N LEU E 331 -15.36 -11.18 24.35
CA LEU E 331 -14.47 -11.84 25.29
C LEU E 331 -14.16 -13.28 24.85
N LEU E 332 -12.88 -13.58 24.70
CA LEU E 332 -12.45 -14.96 24.43
C LEU E 332 -12.33 -15.75 25.74
N MET E 333 -11.50 -15.23 26.65
CA MET E 333 -11.33 -15.81 27.98
C MET E 333 -10.65 -14.84 28.96
N VAL E 334 -10.68 -15.20 30.23
CA VAL E 334 -9.95 -14.48 31.28
C VAL E 334 -8.87 -15.40 31.83
N GLU E 335 -7.72 -14.81 32.17
CA GLU E 335 -6.62 -15.53 32.81
C GLU E 335 -6.91 -15.61 34.31
N ALA E 336 -6.89 -16.82 34.87
CA ALA E 336 -7.12 -16.99 36.32
C ALA E 336 -5.88 -17.45 37.09
N ILE E 337 -5.79 -17.05 38.35
CA ILE E 337 -4.81 -17.58 39.29
C ILE E 337 -5.54 -17.88 40.61
N GLU E 338 -5.98 -19.12 40.77
CA GLU E 338 -6.77 -19.51 41.94
C GLU E 338 -5.91 -20.06 43.08
N THR E 339 -5.10 -19.21 43.71
CA THR E 339 -4.37 -19.62 44.90
C THR E 339 -5.24 -19.35 46.13
N PRO E 340 -5.12 -20.21 47.17
CA PRO E 340 -5.75 -19.97 48.47
C PRO E 340 -5.51 -18.57 49.03
N PHE E 341 -4.33 -18.01 48.77
CA PHE E 341 -4.04 -16.65 49.24
C PHE E 341 -4.88 -15.58 48.55
N HIS E 342 -5.19 -15.80 47.27
CA HIS E 342 -6.06 -14.92 46.51
C HIS E 342 -7.43 -14.90 47.16
N GLU E 343 -7.88 -16.08 47.60
CA GLU E 343 -9.20 -16.26 48.16
C GLU E 343 -9.29 -15.80 49.62
N ALA E 344 -8.14 -15.72 50.30
CA ALA E 344 -8.09 -15.29 51.69
C ALA E 344 -7.86 -13.79 51.83
N LEU E 345 -7.26 -13.19 50.82
CA LEU E 345 -6.97 -11.75 50.85
C LEU E 345 -8.23 -10.90 50.78
N VAL E 346 -9.23 -11.41 50.07
CA VAL E 346 -10.50 -10.72 49.90
C VAL E 346 -11.63 -11.74 49.96
N THR E 347 -12.69 -11.41 50.68
CA THR E 347 -13.92 -12.19 50.61
C THR E 347 -14.80 -11.63 49.48
N GLY E 348 -15.68 -12.48 48.97
CA GLY E 348 -16.52 -12.10 47.83
C GLY E 348 -15.80 -12.20 46.51
N ARG E 349 -14.64 -12.86 46.49
CA ARG E 349 -13.86 -13.05 45.27
C ARG E 349 -14.60 -13.95 44.27
N PRO E 350 -14.62 -13.57 42.97
CA PRO E 350 -15.23 -14.44 41.97
C PRO E 350 -14.38 -15.70 41.74
N ARG E 351 -15.02 -16.86 41.77
CA ARG E 351 -14.33 -18.15 41.74
C ARG E 351 -14.57 -18.93 40.43
N VAL E 352 -13.57 -19.70 40.01
CA VAL E 352 -13.65 -20.49 38.79
C VAL E 352 -14.19 -21.90 39.07
N GLU E 353 -15.50 -22.06 38.88
CA GLU E 353 -16.20 -23.34 39.00
C GLU E 353 -16.29 -23.95 37.62
N ASN E 354 -15.83 -25.20 37.50
CA ASN E 354 -15.89 -25.93 36.23
C ASN E 354 -15.34 -25.16 35.02
N GLY E 355 -14.24 -24.43 35.23
CA GLY E 355 -13.58 -23.70 34.15
C GLY E 355 -14.22 -22.37 33.80
N PHE E 356 -15.27 -22.02 34.53
CA PHE E 356 -16.03 -20.80 34.28
C PHE E 356 -16.24 -20.01 35.57
N VAL E 357 -16.70 -18.77 35.40
CA VAL E 357 -16.95 -17.86 36.53
C VAL E 357 -18.32 -17.21 36.31
N ALA E 358 -19.24 -17.45 37.23
CA ALA E 358 -20.54 -16.81 37.21
C ALA E 358 -20.35 -15.29 37.31
N ALA E 359 -21.27 -14.54 36.71
CA ALA E 359 -21.22 -13.08 36.79
C ALA E 359 -21.58 -12.66 38.21
N PRO E 360 -20.70 -11.88 38.86
CA PRO E 360 -20.88 -11.50 40.27
C PRO E 360 -22.19 -10.74 40.50
N ASP E 361 -22.80 -10.96 41.65
CA ASP E 361 -24.15 -10.45 41.94
C ASP E 361 -24.16 -9.24 42.85
N ALA E 362 -23.13 -9.12 43.69
CA ALA E 362 -23.08 -8.06 44.69
C ALA E 362 -22.86 -6.65 44.06
N PRO E 363 -22.98 -5.57 44.86
CA PRO E 363 -22.64 -4.24 44.33
C PRO E 363 -21.14 -4.09 44.10
N GLY E 364 -20.74 -3.08 43.32
CA GLY E 364 -19.32 -2.81 43.05
C GLY E 364 -18.59 -4.03 42.54
N LEU E 365 -17.30 -4.14 42.86
CA LEU E 365 -16.51 -5.30 42.44
C LEU E 365 -16.81 -6.53 43.33
N GLY E 366 -17.72 -6.34 44.29
CA GLY E 366 -18.23 -7.43 45.13
C GLY E 366 -17.20 -8.03 46.06
N ILE E 367 -16.09 -7.31 46.25
CA ILE E 367 -14.94 -7.76 47.02
C ILE E 367 -14.67 -6.79 48.15
N THR E 368 -14.43 -7.34 49.36
CA THR E 368 -13.92 -6.54 50.47
C THR E 368 -12.53 -7.03 50.91
N LEU E 369 -11.64 -6.09 51.21
CA LEU E 369 -10.30 -6.43 51.69
C LEU E 369 -10.35 -6.83 53.17
N ASN E 370 -9.68 -7.95 53.47
CA ASN E 370 -9.45 -8.41 54.83
C ASN E 370 -8.13 -7.82 55.30
N ASP E 371 -8.21 -6.68 55.98
CA ASP E 371 -7.08 -5.79 56.24
C ASP E 371 -5.90 -6.43 56.98
N ALA E 372 -6.19 -7.46 57.79
CA ALA E 372 -5.17 -8.11 58.62
C ALA E 372 -4.26 -9.04 57.81
N ILE E 373 -4.88 -9.79 56.91
CA ILE E 373 -4.17 -10.69 56.00
C ILE E 373 -3.16 -9.85 55.20
N ALA E 374 -3.65 -8.73 54.68
CA ALA E 374 -2.86 -7.76 53.93
C ALA E 374 -1.72 -7.18 54.76
N ASN E 375 -2.06 -6.65 55.93
CA ASN E 375 -1.05 -6.16 56.87
C ASN E 375 0.00 -7.19 57.25
N ALA E 376 -0.44 -8.41 57.57
CA ALA E 376 0.49 -9.46 58.01
C ALA E 376 1.45 -9.82 56.87
N HIS E 377 0.92 -9.87 55.65
CA HIS E 377 1.70 -10.24 54.47
C HIS E 377 2.27 -9.02 53.75
N ARG E 378 2.66 -8.01 54.52
CA ARG E 378 3.21 -6.77 53.98
C ARG E 378 4.57 -7.00 53.34
N TYR E 379 4.86 -6.24 52.29
CA TYR E 379 6.08 -6.45 51.52
C TYR E 379 7.29 -5.80 52.18
N THR E 380 8.29 -6.64 52.45
CA THR E 380 9.56 -6.21 53.02
C THR E 380 10.69 -6.55 52.05
N GLY E 381 11.05 -5.55 51.26
CA GLY E 381 12.00 -5.69 50.18
C GLY E 381 11.86 -4.71 49.03
N ASN E 382 12.82 -4.81 48.12
CA ASN E 382 13.12 -3.79 47.12
C ASN E 382 12.70 -4.17 45.72
N ARG E 383 12.84 -5.45 45.44
CA ARG E 383 13.00 -6.00 44.11
C ARG E 383 11.71 -5.82 43.44
N LEU E 384 11.75 -6.06 42.13
CA LEU E 384 10.62 -5.90 41.21
C LEU E 384 9.72 -7.13 41.15
N HIS E 385 8.58 -6.95 40.49
CA HIS E 385 7.56 -7.99 40.31
C HIS E 385 8.09 -9.14 39.45
N LEU E 386 8.53 -8.81 38.23
CA LEU E 386 9.12 -9.79 37.30
C LEU E 386 10.36 -9.16 36.63
N GLU E 387 11.50 -9.84 36.74
CA GLU E 387 12.78 -9.27 36.31
C GLU E 387 13.42 -10.03 35.15
N MET E 388 13.86 -9.29 34.13
CA MET E 388 14.46 -9.88 32.94
C MET E 388 15.98 -9.95 33.05
N VAL F 2 45.69 15.04 18.14
CA VAL F 2 46.69 14.28 17.33
C VAL F 2 46.19 14.14 15.89
N LYS F 3 47.12 14.07 14.94
CA LYS F 3 46.73 14.06 13.52
C LYS F 3 47.26 12.84 12.76
N LEU F 4 46.43 12.32 11.87
CA LEU F 4 46.78 11.18 11.01
C LEU F 4 47.82 11.62 10.00
N ASP F 5 48.83 10.77 9.78
CA ASP F 5 49.96 11.12 8.91
C ASP F 5 50.27 10.09 7.81
N THR F 6 50.90 8.97 8.18
CA THR F 6 51.34 8.00 7.18
C THR F 6 50.39 6.82 6.99
N LEU F 7 50.48 6.22 5.79
CA LEU F 7 49.77 5.01 5.44
C LEU F 7 50.73 4.00 4.82
N ASP F 8 50.76 2.79 5.40
CA ASP F 8 51.47 1.67 4.81
C ASP F 8 50.45 0.61 4.43
N ILE F 9 50.62 0.00 3.26
CA ILE F 9 49.65 -0.97 2.77
C ILE F 9 50.32 -2.34 2.56
N PHE F 10 49.64 -3.37 3.04
CA PHE F 10 50.13 -4.75 2.93
C PHE F 10 49.14 -5.64 2.19
N ALA F 11 49.46 -5.98 0.94
CA ALA F 11 48.75 -7.04 0.22
C ALA F 11 49.33 -8.40 0.62
N VAL F 12 48.57 -9.14 1.43
CA VAL F 12 48.99 -10.42 1.99
C VAL F 12 48.27 -11.61 1.35
N ALA F 13 49.04 -12.57 0.86
CA ALA F 13 48.48 -13.81 0.33
C ALA F 13 48.53 -14.91 1.39
N PRO F 14 47.36 -15.42 1.80
CA PRO F 14 47.33 -16.57 2.70
C PRO F 14 47.83 -17.84 2.00
N PRO F 15 48.76 -18.58 2.65
CA PRO F 15 49.25 -19.86 2.12
C PRO F 15 48.11 -20.87 1.99
N PRO F 16 48.37 -22.03 1.34
CA PRO F 16 47.32 -23.05 1.16
C PRO F 16 46.64 -23.44 2.47
N PRO F 17 45.35 -23.80 2.42
CA PRO F 17 44.45 -23.77 1.25
C PRO F 17 43.77 -22.41 1.04
N GLY F 18 44.30 -21.36 1.66
CA GLY F 18 43.78 -20.01 1.51
C GLY F 18 42.35 -19.84 1.99
N TRP F 19 42.03 -20.45 3.13
CA TRP F 19 40.73 -20.24 3.76
C TRP F 19 40.65 -18.77 4.21
N GLY F 20 39.77 -18.02 3.56
CA GLY F 20 39.63 -16.59 3.84
C GLY F 20 39.98 -15.70 2.66
N GLY F 21 40.23 -16.31 1.50
CA GLY F 21 40.43 -15.58 0.25
C GLY F 21 41.84 -15.54 -0.29
N ARG F 22 41.98 -15.17 -1.57
CA ARG F 22 43.29 -15.11 -2.26
C ARG F 22 44.32 -14.15 -1.64
N TYR F 23 43.85 -13.03 -1.10
CA TYR F 23 44.73 -11.97 -0.60
C TYR F 23 43.99 -11.02 0.32
N TRP F 24 44.72 -10.40 1.25
CA TRP F 24 44.13 -9.43 2.16
C TRP F 24 44.81 -8.06 2.06
N LEU F 25 43.99 -7.02 2.06
CA LEU F 25 44.46 -5.65 1.93
C LEU F 25 44.49 -4.99 3.30
N LEU F 26 45.64 -5.12 3.97
CA LEU F 26 45.82 -4.49 5.26
C LEU F 26 46.41 -3.09 5.09
N VAL F 27 45.96 -2.16 5.93
CA VAL F 27 46.53 -0.83 6.00
C VAL F 27 47.04 -0.54 7.40
N ARG F 28 48.15 0.15 7.49
CA ARG F 28 48.69 0.64 8.74
C ARG F 28 48.74 2.13 8.76
N VAL F 29 48.00 2.73 9.67
CA VAL F 29 48.00 4.19 9.77
C VAL F 29 48.90 4.56 10.93
N THR F 30 49.56 5.71 10.82
CA THR F 30 50.43 6.21 11.87
C THR F 30 50.31 7.73 12.02
N THR F 31 50.13 8.19 13.26
CA THR F 31 49.89 9.59 13.52
C THR F 31 51.17 10.38 13.66
N ASP F 32 51.03 11.69 13.81
CA ASP F 32 52.15 12.58 14.08
C ASP F 32 52.78 12.28 15.44
N THR F 33 51.93 12.08 16.45
CA THR F 33 52.37 11.69 17.80
C THR F 33 53.10 10.35 17.90
N GLY F 34 52.95 9.48 16.89
CA GLY F 34 53.67 8.19 16.84
C GLY F 34 52.77 6.96 16.86
N LEU F 35 51.49 7.18 17.19
CA LEU F 35 50.51 6.11 17.36
C LEU F 35 50.20 5.37 16.06
N THR F 36 50.00 4.05 16.17
CA THR F 36 49.70 3.23 15.00
C THR F 36 48.39 2.47 15.12
N GLY F 37 47.68 2.37 14.00
CA GLY F 37 46.45 1.59 13.95
C GLY F 37 46.38 0.72 12.72
N LEU F 38 45.76 -0.45 12.88
CA LEU F 38 45.57 -1.38 11.78
C LEU F 38 44.16 -1.33 11.20
N GLY F 39 44.09 -1.46 9.87
CA GLY F 39 42.83 -1.57 9.16
C GLY F 39 42.90 -2.62 8.06
N GLU F 40 41.75 -2.86 7.41
CA GLU F 40 41.64 -3.90 6.39
C GLU F 40 40.53 -3.56 5.41
N VAL F 41 40.89 -3.49 4.13
CA VAL F 41 39.96 -3.18 3.04
C VAL F 41 39.43 -4.46 2.40
N TYR F 42 38.11 -4.55 2.28
CA TYR F 42 37.46 -5.68 1.63
C TYR F 42 36.74 -5.18 0.37
N ALA F 43 37.49 -5.04 -0.71
CA ALA F 43 36.95 -4.67 -2.02
C ALA F 43 37.66 -5.46 -3.09
N ALA F 44 36.90 -5.98 -4.05
CA ALA F 44 37.48 -6.79 -5.13
C ALA F 44 37.25 -6.25 -6.53
N GLY F 45 36.25 -5.38 -6.69
CA GLY F 45 35.91 -4.76 -7.98
C GLY F 45 37.06 -4.59 -8.96
N VAL F 46 38.20 -4.08 -8.47
CA VAL F 46 39.47 -4.15 -9.19
C VAL F 46 40.56 -4.76 -8.29
N GLY F 47 41.68 -5.15 -8.90
CA GLY F 47 42.72 -5.93 -8.24
C GLY F 47 43.50 -5.19 -7.17
N PRO F 48 44.52 -5.84 -6.59
CA PRO F 48 45.31 -5.26 -5.49
C PRO F 48 46.15 -4.06 -5.89
N GLU F 49 46.57 -4.00 -7.16
CA GLU F 49 47.40 -2.89 -7.60
C GLU F 49 46.57 -1.61 -7.68
N ALA F 50 45.42 -1.67 -8.34
CA ALA F 50 44.55 -0.51 -8.53
C ALA F 50 43.86 -0.11 -7.23
N MET F 51 43.73 -1.06 -6.30
CA MET F 51 43.23 -0.79 -4.97
C MET F 51 44.24 -0.05 -4.12
N THR F 52 45.53 -0.40 -4.24
CA THR F 52 46.61 0.33 -3.54
C THR F 52 46.51 1.83 -3.88
N HIS F 53 46.18 2.12 -5.13
CA HIS F 53 46.08 3.50 -5.59
C HIS F 53 44.80 4.21 -5.17
N VAL F 54 43.67 3.50 -5.20
CA VAL F 54 42.44 3.98 -4.58
C VAL F 54 42.67 4.29 -3.08
N ILE F 55 43.14 3.30 -2.31
CA ILE F 55 43.30 3.46 -0.84
C ILE F 55 44.15 4.66 -0.48
N HIS F 56 45.28 4.83 -1.18
CA HIS F 56 46.16 5.98 -1.03
C HIS F 56 45.46 7.32 -1.34
N ASP F 57 44.69 7.35 -2.43
CA ASP F 57 43.96 8.54 -2.84
C ASP F 57 42.97 9.03 -1.78
N VAL F 58 42.17 8.10 -1.23
CA VAL F 58 41.18 8.40 -0.19
C VAL F 58 41.81 9.00 1.06
N PHE F 59 42.83 8.34 1.58
CA PHE F 59 43.52 8.78 2.79
C PHE F 59 44.20 10.14 2.67
N THR F 60 44.86 10.39 1.54
CA THR F 60 45.57 11.67 1.35
C THR F 60 44.59 12.83 1.18
N ARG F 61 43.39 12.54 0.69
CA ARG F 61 42.40 13.55 0.38
C ARG F 61 41.48 13.84 1.56
N HIS F 62 40.97 12.79 2.18
CA HIS F 62 39.94 12.97 3.19
C HIS F 62 40.42 12.73 4.61
N MET F 63 41.67 12.31 4.79
CA MET F 63 42.09 11.72 6.07
C MET F 63 43.37 12.25 6.73
N ARG F 64 44.43 12.45 5.93
CA ARG F 64 45.72 12.90 6.48
C ARG F 64 45.61 14.30 7.09
N GLY F 65 46.14 14.47 8.29
CA GLY F 65 46.08 15.74 8.99
C GLY F 65 44.79 15.92 9.77
N GLU F 66 44.02 14.85 9.91
CA GLU F 66 42.78 14.93 10.67
C GLU F 66 42.93 14.20 12.00
N ASP F 67 42.28 14.72 13.04
CA ASP F 67 42.15 13.98 14.30
C ASP F 67 41.37 12.70 13.99
N PRO F 68 41.91 11.54 14.43
CA PRO F 68 41.28 10.24 14.23
C PRO F 68 39.91 10.12 14.91
N ALA F 69 39.64 11.02 15.86
CA ALA F 69 38.35 11.05 16.54
C ALA F 69 37.21 11.52 15.64
N ASN F 70 37.53 12.30 14.61
CA ASN F 70 36.50 12.83 13.72
C ASN F 70 36.06 11.83 12.62
N ILE F 71 35.41 10.75 13.06
CA ILE F 71 35.00 9.66 12.16
C ILE F 71 33.85 10.07 11.23
N GLU F 72 32.83 10.70 11.80
CA GLU F 72 31.68 11.21 11.04
C GLU F 72 32.11 12.12 9.89
N LEU F 73 33.02 13.05 10.19
CA LEU F 73 33.53 14.00 9.20
C LEU F 73 34.23 13.28 8.05
N MET F 74 35.22 12.46 8.38
CA MET F 74 35.97 11.72 7.38
C MET F 74 35.08 10.80 6.54
N SER F 75 34.03 10.27 7.17
CA SER F 75 33.04 9.44 6.49
C SER F 75 32.16 10.21 5.52
N ARG F 76 31.79 11.43 5.89
CA ARG F 76 31.04 12.29 4.98
C ARG F 76 31.90 12.63 3.77
N ARG F 77 33.18 12.96 4.00
CA ARG F 77 34.08 13.34 2.90
C ARG F 77 34.30 12.22 1.88
N ALA F 78 34.47 10.99 2.36
CA ALA F 78 34.71 9.83 1.49
C ALA F 78 33.45 9.38 0.76
N HIS F 79 32.31 9.58 1.41
CA HIS F 79 31.01 9.24 0.87
C HIS F 79 30.64 10.24 -0.24
N SER F 80 31.00 11.51 -0.02
CA SER F 80 30.68 12.62 -0.94
C SER F 80 31.79 12.90 -1.95
N SER F 81 32.94 12.23 -1.77
CA SER F 81 34.13 12.42 -2.62
C SER F 81 33.79 12.52 -4.09
N GLY F 82 34.28 13.57 -4.72
CA GLY F 82 34.05 13.88 -6.09
C GLY F 82 32.68 14.21 -6.56
N PHE F 83 31.89 14.83 -5.71
CA PHE F 83 30.50 15.07 -5.95
C PHE F 83 29.67 13.79 -6.25
N THR F 84 29.74 12.82 -5.35
CA THR F 84 28.94 11.60 -5.46
C THR F 84 27.82 11.65 -4.45
N GLN F 85 28.14 11.42 -3.19
CA GLN F 85 27.15 11.36 -2.11
C GLN F 85 26.21 10.15 -2.23
N ARG F 86 26.74 9.05 -2.79
CA ARG F 86 26.01 7.79 -2.89
C ARG F 86 26.97 6.61 -2.70
N PRO F 87 26.44 5.42 -2.33
CA PRO F 87 27.32 4.30 -2.01
C PRO F 87 28.33 3.98 -3.11
N ASP F 88 29.55 3.67 -2.69
CA ASP F 88 30.63 3.32 -3.58
C ASP F 88 31.52 2.28 -2.89
N PRO F 89 31.40 1.00 -3.30
CA PRO F 89 32.12 -0.09 -2.65
C PRO F 89 33.64 0.04 -2.77
N THR F 90 34.09 0.57 -3.90
CA THR F 90 35.51 0.82 -4.13
C THR F 90 36.07 1.92 -3.20
N VAL F 91 35.50 3.12 -3.29
CA VAL F 91 35.99 4.24 -2.50
C VAL F 91 35.73 4.02 -1.00
N PHE F 92 34.47 3.68 -0.68
CA PHE F 92 34.06 3.50 0.71
C PHE F 92 34.68 2.27 1.36
N GLY F 93 34.95 1.25 0.56
CA GLY F 93 35.66 0.05 1.03
C GLY F 93 37.07 0.41 1.43
N ALA F 94 37.72 1.25 0.65
CA ALA F 94 39.00 1.83 1.02
C ALA F 94 38.88 2.67 2.29
N PHE F 95 37.87 3.53 2.37
CA PHE F 95 37.68 4.32 3.59
C PHE F 95 37.52 3.41 4.82
N SER F 96 36.76 2.33 4.64
CA SER F 96 36.43 1.39 5.72
C SER F 96 37.65 0.86 6.47
N GLY F 97 38.62 0.31 5.73
CA GLY F 97 39.87 -0.15 6.35
C GLY F 97 40.55 0.94 7.15
N LEU F 98 40.67 2.12 6.54
CA LEU F 98 41.34 3.27 7.16
C LEU F 98 40.61 3.75 8.41
N GLU F 99 39.28 3.73 8.39
CA GLU F 99 38.47 4.07 9.57
C GLU F 99 38.72 3.10 10.75
N MET F 100 38.86 1.80 10.46
CA MET F 100 39.18 0.79 11.50
C MET F 100 40.42 1.19 12.26
N ALA F 101 41.43 1.63 11.52
CA ALA F 101 42.69 2.12 12.05
C ALA F 101 42.50 3.31 12.97
N CYS F 102 41.60 4.21 12.59
CA CYS F 102 41.31 5.40 13.41
C CYS F 102 40.78 4.99 14.79
N TRP F 103 40.02 3.90 14.83
CA TRP F 103 39.50 3.33 16.07
C TRP F 103 40.55 2.63 16.92
N ASP F 104 41.52 2.00 16.26
CA ASP F 104 42.64 1.35 16.94
C ASP F 104 43.53 2.42 17.58
N ILE F 105 43.85 3.46 16.83
CA ILE F 105 44.58 4.63 17.36
C ILE F 105 43.83 5.24 18.53
N LEU F 106 42.53 5.46 18.37
CA LEU F 106 41.70 5.96 19.46
C LEU F 106 41.69 5.01 20.67
N GLY F 107 41.71 3.71 20.40
CA GLY F 107 41.86 2.71 21.46
C GLY F 107 43.11 2.92 22.28
N LYS F 108 44.23 3.16 21.60
CA LYS F 108 45.53 3.36 22.25
C LYS F 108 45.65 4.73 22.93
N ALA F 109 45.31 5.79 22.19
CA ALA F 109 45.26 7.15 22.74
C ALA F 109 44.48 7.25 24.04
N ARG F 110 43.44 6.47 24.16
CA ARG F 110 42.65 6.43 25.37
C ARG F 110 42.85 5.26 26.34
N ASP F 111 43.67 4.30 25.98
CA ASP F 111 43.87 3.10 26.78
C ASP F 111 42.60 2.28 27.15
N CYS F 112 41.85 1.85 26.16
CA CYS F 112 40.64 1.04 26.36
C CYS F 112 40.36 0.26 25.09
N PRO F 113 39.67 -0.90 25.20
CA PRO F 113 39.33 -1.67 23.99
C PRO F 113 38.43 -0.86 23.07
N VAL F 114 38.39 -1.18 21.78
CA VAL F 114 37.54 -0.42 20.87
C VAL F 114 36.09 -0.44 21.35
N TRP F 115 35.56 -1.61 21.72
CA TRP F 115 34.14 -1.74 22.12
C TRP F 115 33.75 -0.84 23.29
N ALA F 116 34.74 -0.45 24.09
CA ALA F 116 34.55 0.52 25.19
C ALA F 116 34.07 1.91 24.71
N MET F 117 34.11 2.11 23.39
CA MET F 117 33.71 3.36 22.76
C MET F 117 32.50 3.17 21.86
N LEU F 118 32.04 1.93 21.76
CA LEU F 118 30.86 1.65 20.93
C LEU F 118 29.65 1.40 21.80
N GLY F 119 29.68 1.96 23.01
CA GLY F 119 28.59 1.79 23.97
C GLY F 119 28.84 0.73 25.02
N GLY F 120 30.05 0.16 25.02
CA GLY F 120 30.49 -0.74 26.10
C GLY F 120 30.35 -2.24 25.90
N LYS F 121 30.32 -2.96 27.02
CA LYS F 121 30.34 -4.42 27.06
C LYS F 121 28.92 -5.01 27.17
N MET F 122 28.19 -5.04 26.06
CA MET F 122 26.88 -5.68 26.04
C MET F 122 26.99 -7.20 26.12
N ASN F 123 27.94 -7.75 25.40
CA ASN F 123 28.13 -9.20 25.39
C ASN F 123 29.55 -9.58 25.85
N ASP F 124 29.63 -10.33 26.95
CA ASP F 124 30.89 -10.78 27.56
C ASP F 124 31.70 -11.62 26.58
N ARG F 125 31.00 -12.57 25.98
CA ARG F 125 31.50 -13.35 24.87
C ARG F 125 30.43 -13.37 23.78
N ILE F 126 30.81 -13.74 22.56
CA ILE F 126 29.89 -13.67 21.41
C ILE F 126 29.80 -14.96 20.59
N ARG F 127 28.60 -15.28 20.15
CA ARG F 127 28.34 -16.50 19.42
C ARG F 127 29.07 -16.47 18.09
N ALA F 128 29.81 -17.55 17.83
CA ALA F 128 30.68 -17.68 16.68
C ALA F 128 30.23 -18.86 15.83
N TYR F 129 30.62 -18.83 14.56
CA TYR F 129 30.31 -19.92 13.65
C TYR F 129 31.35 -20.00 12.55
N THR F 130 31.48 -21.17 11.94
CA THR F 130 32.41 -21.35 10.85
C THR F 130 31.82 -22.11 9.65
N TYR F 131 32.46 -21.95 8.49
CA TYR F 131 32.17 -22.72 7.29
C TYR F 131 32.58 -24.15 7.53
N LEU F 132 31.87 -25.09 6.90
CA LEU F 132 32.32 -26.48 6.95
C LEU F 132 33.50 -26.66 6.02
N TYR F 133 34.66 -26.92 6.60
CA TYR F 133 35.91 -27.05 5.87
C TYR F 133 36.36 -28.50 5.79
N PRO F 134 36.97 -28.89 4.65
CA PRO F 134 37.43 -30.27 4.54
C PRO F 134 38.37 -30.61 5.67
N GLU F 135 38.08 -31.70 6.37
CA GLU F 135 38.91 -32.21 7.45
C GLU F 135 40.22 -32.75 6.88
N PRO F 136 41.30 -32.81 7.68
CA PRO F 136 42.55 -33.28 7.11
C PRO F 136 42.46 -34.56 6.29
N HIS F 137 41.72 -35.57 6.77
CA HIS F 137 41.62 -36.85 6.09
C HIS F 137 40.75 -36.84 4.84
N HIS F 138 39.89 -35.84 4.72
CA HIS F 138 38.94 -35.75 3.61
C HIS F 138 39.60 -35.44 2.27
N ASP F 139 39.17 -36.15 1.23
CA ASP F 139 39.52 -35.82 -0.14
C ASP F 139 39.00 -34.42 -0.45
N THR F 140 39.90 -33.55 -0.90
CA THR F 140 39.62 -32.13 -1.11
C THR F 140 38.65 -31.82 -2.28
N ASN F 141 38.68 -32.65 -3.31
CA ASN F 141 37.83 -32.41 -4.48
C ASN F 141 36.40 -32.92 -4.31
N ALA F 142 36.26 -34.14 -3.77
CA ALA F 142 34.96 -34.75 -3.51
C ALA F 142 34.21 -34.18 -2.29
N PHE F 143 34.91 -33.48 -1.41
CA PHE F 143 34.31 -32.95 -0.18
C PHE F 143 33.16 -31.99 -0.42
N TRP F 144 33.35 -31.09 -1.37
CA TRP F 144 32.43 -29.98 -1.60
C TRP F 144 31.09 -30.45 -2.14
N THR F 145 31.04 -31.68 -2.63
CA THR F 145 29.80 -32.24 -3.15
C THR F 145 29.30 -33.41 -2.33
N SER F 146 29.90 -33.61 -1.15
CA SER F 146 29.57 -34.76 -0.31
C SER F 146 28.89 -34.34 1.00
N PRO F 147 27.59 -34.72 1.17
CA PRO F 147 26.86 -34.41 2.41
C PRO F 147 27.37 -35.28 3.56
N GLU F 148 27.67 -36.53 3.25
CA GLU F 148 28.24 -37.49 4.18
C GLU F 148 29.51 -36.93 4.81
N MET F 149 30.35 -36.32 3.98
CA MET F 149 31.56 -35.62 4.47
C MET F 149 31.20 -34.37 5.27
N ALA F 150 30.38 -33.49 4.69
CA ALA F 150 29.96 -32.25 5.38
C ALA F 150 29.50 -32.56 6.81
N ALA F 151 28.64 -33.57 6.93
CA ALA F 151 28.16 -34.04 8.23
C ALA F 151 29.30 -34.27 9.21
N GLU F 152 30.39 -34.86 8.71
CA GLU F 152 31.57 -35.17 9.52
C GLU F 152 32.28 -33.92 10.03
N SER F 153 32.51 -32.95 9.13
CA SER F 153 33.01 -31.63 9.53
C SER F 153 32.16 -31.02 10.64
N ALA F 154 30.84 -31.09 10.47
CA ALA F 154 29.88 -30.54 11.42
C ALA F 154 30.01 -31.20 12.79
N ALA F 155 30.08 -32.53 12.80
CA ALA F 155 30.33 -33.32 14.02
C ALA F 155 31.56 -32.83 14.79
N ALA F 156 32.60 -32.43 14.06
CA ALA F 156 33.85 -32.02 14.70
C ALA F 156 33.79 -30.57 15.18
N ARG F 157 33.10 -29.70 14.43
CA ARG F 157 32.83 -28.33 14.87
C ARG F 157 32.02 -28.36 16.16
N VAL F 158 31.00 -29.21 16.21
CA VAL F 158 30.20 -29.40 17.42
C VAL F 158 31.08 -29.80 18.60
N ALA F 159 31.84 -30.89 18.44
CA ALA F 159 32.74 -31.36 19.51
C ALA F 159 33.67 -30.25 20.03
N GLU F 160 33.94 -29.25 19.20
CA GLU F 160 34.76 -28.09 19.57
C GLU F 160 33.98 -26.95 20.25
N GLY F 161 32.66 -27.09 20.32
CA GLY F 161 31.81 -26.10 20.98
C GLY F 161 31.08 -25.11 20.07
N TYR F 162 31.23 -25.27 18.75
CA TYR F 162 30.47 -24.47 17.79
C TYR F 162 28.98 -24.77 17.92
N THR F 163 28.15 -23.75 17.67
CA THR F 163 26.70 -23.86 17.83
C THR F 163 25.97 -23.54 16.51
N ALA F 164 26.75 -23.28 15.48
CA ALA F 164 26.21 -23.01 14.15
C ALA F 164 27.24 -23.44 13.12
N VAL F 165 26.79 -23.78 11.92
CA VAL F 165 27.72 -24.08 10.82
C VAL F 165 27.18 -23.62 9.49
N LYS F 166 27.99 -23.10 8.59
CA LYS F 166 27.51 -22.67 7.30
C LYS F 166 28.11 -23.52 6.19
N PHE F 167 27.38 -23.69 5.07
CA PHE F 167 27.79 -24.44 3.90
C PHE F 167 27.06 -23.93 2.68
N ASP F 168 27.65 -23.98 1.50
CA ASP F 168 26.94 -23.78 0.23
C ASP F 168 27.00 -25.00 -0.69
N PRO F 169 25.93 -25.81 -0.67
CA PRO F 169 25.79 -26.95 -1.57
C PRO F 169 25.20 -26.57 -2.92
N ALA F 170 24.37 -25.52 -2.95
CA ALA F 170 23.72 -25.07 -4.18
C ALA F 170 24.71 -24.74 -5.32
N GLY F 171 26.00 -24.69 -4.98
CA GLY F 171 27.05 -24.67 -5.99
C GLY F 171 27.63 -23.33 -6.38
N PRO F 172 27.81 -23.09 -7.70
CA PRO F 172 28.64 -22.02 -8.21
C PRO F 172 27.92 -20.68 -8.44
N TYR F 173 28.65 -19.59 -8.23
CA TYR F 173 28.16 -18.25 -8.52
C TYR F 173 28.77 -17.74 -9.82
N THR F 174 27.90 -17.38 -10.77
CA THR F 174 28.34 -16.91 -12.09
C THR F 174 27.93 -15.47 -12.36
N MET F 175 28.71 -14.78 -13.18
CA MET F 175 28.45 -13.39 -13.57
C MET F 175 27.11 -13.16 -14.30
N ARG F 176 26.43 -14.26 -14.64
CA ARG F 176 25.24 -14.23 -15.50
C ARG F 176 23.98 -13.68 -14.82
N GLY F 177 23.96 -13.72 -13.49
CA GLY F 177 22.86 -13.19 -12.72
C GLY F 177 21.90 -14.27 -12.28
N GLY F 178 20.92 -13.89 -11.47
CA GLY F 178 19.93 -14.81 -10.93
C GLY F 178 19.42 -15.83 -11.94
N HIS F 179 19.61 -17.11 -11.64
CA HIS F 179 19.19 -18.21 -12.51
C HIS F 179 18.41 -19.30 -11.77
N MET F 180 17.75 -20.16 -12.53
CA MET F 180 16.96 -21.21 -11.92
C MET F 180 17.90 -22.29 -11.40
N PRO F 181 17.67 -22.76 -10.16
CA PRO F 181 18.56 -23.79 -9.66
C PRO F 181 18.24 -25.08 -10.39
N ALA F 182 19.26 -25.84 -10.76
CA ALA F 182 19.04 -27.19 -11.27
C ALA F 182 18.40 -28.03 -10.16
N LEU F 183 17.73 -29.11 -10.54
CA LEU F 183 17.15 -30.00 -9.54
C LEU F 183 18.20 -30.70 -8.66
N SER F 184 19.41 -30.87 -9.20
CA SER F 184 20.52 -31.48 -8.45
C SER F 184 21.14 -30.54 -7.39
N ASP F 185 21.06 -29.23 -7.58
CA ASP F 185 21.42 -28.26 -6.53
C ASP F 185 20.39 -28.31 -5.41
N ILE F 186 19.12 -28.43 -5.79
CA ILE F 186 18.04 -28.53 -4.83
C ILE F 186 18.20 -29.83 -4.04
N ASP F 187 18.49 -30.92 -4.76
CA ASP F 187 18.62 -32.24 -4.15
C ASP F 187 19.84 -32.34 -3.25
N LEU F 188 20.93 -31.70 -3.67
CA LEU F 188 22.16 -31.66 -2.86
C LEU F 188 22.03 -30.76 -1.64
N SER F 189 21.22 -29.70 -1.75
CA SER F 189 20.93 -28.83 -0.59
C SER F 189 20.02 -29.53 0.41
N ALA F 190 19.10 -30.36 -0.09
CA ALA F 190 18.28 -31.18 0.80
C ALA F 190 19.17 -32.16 1.55
N ARG F 191 19.95 -32.92 0.81
CA ARG F 191 20.81 -33.96 1.39
C ARG F 191 21.84 -33.41 2.35
N PHE F 192 22.49 -32.29 2.01
CA PHE F 192 23.39 -31.63 2.96
C PHE F 192 22.67 -31.36 4.27
N CYS F 193 21.58 -30.59 4.21
CA CYS F 193 20.77 -30.27 5.38
C CYS F 193 20.34 -31.47 6.20
N ALA F 194 19.92 -32.52 5.50
CA ALA F 194 19.49 -33.75 6.12
C ALA F 194 20.63 -34.36 6.90
N ALA F 195 21.79 -34.49 6.24
CA ALA F 195 22.96 -35.11 6.83
C ALA F 195 23.54 -34.30 8.00
N ILE F 196 23.51 -32.98 7.88
CA ILE F 196 24.09 -32.12 8.91
C ILE F 196 23.23 -32.08 10.18
N ARG F 197 21.91 -32.03 9.99
CA ARG F 197 20.95 -32.13 11.10
C ARG F 197 21.08 -33.43 11.90
N ASP F 198 21.34 -34.55 11.21
CA ASP F 198 21.55 -35.85 11.85
C ASP F 198 22.82 -35.87 12.71
N ALA F 199 23.88 -35.25 12.22
CA ALA F 199 25.16 -35.25 12.92
C ALA F 199 25.13 -34.29 14.12
N VAL F 200 24.53 -33.12 13.92
CA VAL F 200 24.49 -32.07 14.95
C VAL F 200 23.30 -32.16 15.94
N GLY F 201 22.15 -32.66 15.49
CA GLY F 201 20.92 -32.66 16.33
C GLY F 201 20.45 -31.26 16.71
N THR F 202 20.01 -31.08 17.96
CA THR F 202 19.70 -29.70 18.40
C THR F 202 20.97 -28.96 18.79
N GLN F 203 22.09 -29.67 18.85
CA GLN F 203 23.37 -29.12 19.31
C GLN F 203 23.96 -28.02 18.43
N ALA F 204 23.40 -27.80 17.23
CA ALA F 204 23.90 -26.77 16.30
C ALA F 204 22.92 -26.35 15.20
N ASP F 205 22.80 -25.04 15.00
CA ASP F 205 21.95 -24.51 13.94
C ASP F 205 22.62 -24.63 12.58
N LEU F 206 21.79 -24.73 11.54
CA LEU F 206 22.26 -24.73 10.17
C LEU F 206 22.20 -23.31 9.63
N LEU F 207 23.31 -22.87 9.03
CA LEU F 207 23.33 -21.63 8.30
C LEU F 207 23.50 -21.96 6.84
N PHE F 208 22.49 -21.60 6.06
CA PHE F 208 22.49 -21.97 4.66
C PHE F 208 23.00 -20.83 3.80
N GLY F 209 24.23 -20.95 3.41
CA GLY F 209 24.82 -20.13 2.42
C GLY F 209 24.44 -20.38 0.98
N THR F 210 24.36 -19.28 0.26
CA THR F 210 24.23 -19.24 -1.15
C THR F 210 24.72 -17.88 -1.43
N HIS F 211 25.07 -17.60 -2.68
CA HIS F 211 25.80 -16.40 -3.05
C HIS F 211 25.09 -15.64 -4.10
N GLY F 212 23.79 -15.55 -3.99
CA GLY F 212 23.02 -14.75 -4.89
C GLY F 212 22.95 -15.34 -6.25
N GLN F 213 23.09 -16.63 -6.31
CA GLN F 213 23.03 -17.36 -7.55
C GLN F 213 21.71 -17.24 -8.27
N PHE F 214 20.64 -17.30 -7.54
CA PHE F 214 19.33 -17.57 -8.14
C PHE F 214 18.37 -16.37 -8.19
N ALA F 215 17.45 -16.43 -9.15
CA ALA F 215 16.37 -15.45 -9.27
C ALA F 215 15.39 -15.73 -8.13
N PRO F 216 14.73 -14.67 -7.61
CA PRO F 216 13.82 -14.82 -6.46
C PRO F 216 12.88 -16.05 -6.51
N ALA F 217 12.22 -16.29 -7.65
CA ALA F 217 11.32 -17.42 -7.82
C ALA F 217 12.02 -18.77 -7.69
N GLY F 218 13.25 -18.86 -8.18
CA GLY F 218 14.10 -20.03 -7.99
C GLY F 218 14.55 -20.15 -6.55
N ALA F 219 14.96 -19.03 -5.97
CA ALA F 219 15.37 -18.98 -4.57
C ALA F 219 14.23 -19.38 -3.61
N ILE F 220 12.98 -19.27 -4.09
CA ILE F 220 11.78 -19.64 -3.33
C ILE F 220 11.60 -21.16 -3.31
N ARG F 221 11.67 -21.78 -4.49
CA ARG F 221 11.71 -23.24 -4.65
C ARG F 221 12.74 -23.91 -3.72
N LEU F 222 14.00 -23.47 -3.83
CA LEU F 222 15.08 -24.00 -3.01
C LEU F 222 14.79 -23.94 -1.51
N ALA F 223 14.27 -22.81 -1.05
CA ALA F 223 13.87 -22.67 0.35
C ALA F 223 12.85 -23.73 0.77
N LYS F 224 11.88 -24.02 -0.09
CA LYS F 224 10.86 -25.04 0.21
C LYS F 224 11.46 -26.40 0.55
N ALA F 225 12.55 -26.72 -0.14
CA ALA F 225 13.23 -27.97 0.01
C ALA F 225 13.91 -28.05 1.37
N ILE F 226 14.57 -26.97 1.78
CA ILE F 226 15.37 -26.97 3.00
C ILE F 226 14.61 -26.57 4.28
N GLU F 227 13.40 -26.02 4.14
CA GLU F 227 12.56 -25.66 5.30
C GLU F 227 12.44 -26.74 6.40
N PRO F 228 12.18 -28.03 6.02
CA PRO F 228 12.00 -29.13 6.99
C PRO F 228 13.12 -29.34 8.01
N TYR F 229 14.34 -28.96 7.67
CA TYR F 229 15.50 -29.11 8.53
C TYR F 229 15.71 -27.91 9.41
N ASP F 230 14.83 -26.94 9.29
CA ASP F 230 14.84 -25.71 10.06
C ASP F 230 16.13 -24.95 10.08
N PRO F 231 16.62 -24.50 8.95
CA PRO F 231 17.87 -23.74 8.99
C PRO F 231 17.69 -22.40 9.72
N LEU F 232 18.74 -21.89 10.36
CA LEU F 232 18.61 -20.67 11.17
C LEU F 232 18.50 -19.44 10.28
N TRP F 233 19.11 -19.47 9.12
CA TRP F 233 18.92 -18.47 8.09
C TRP F 233 19.07 -18.95 6.63
N TYR F 234 18.64 -18.13 5.72
CA TYR F 234 18.84 -18.35 4.30
C TYR F 234 19.60 -17.14 3.75
N GLU F 235 20.87 -17.35 3.49
CA GLU F 235 21.73 -16.27 3.15
C GLU F 235 21.83 -16.02 1.69
N GLU F 236 21.64 -14.76 1.35
CA GLU F 236 21.90 -14.18 0.04
C GLU F 236 21.27 -14.93 -1.04
N PRO F 237 19.98 -15.09 -0.90
CA PRO F 237 19.25 -15.97 -1.83
C PRO F 237 19.31 -15.45 -3.25
N ILE F 238 19.35 -14.12 -3.40
CA ILE F 238 19.26 -13.47 -4.70
C ILE F 238 20.39 -12.46 -4.87
N PRO F 239 20.64 -11.98 -6.12
CA PRO F 239 21.76 -11.05 -6.31
C PRO F 239 21.51 -9.75 -5.54
N PRO F 240 22.58 -9.06 -5.10
CA PRO F 240 22.45 -7.88 -4.24
C PRO F 240 22.06 -6.61 -4.98
N ASP F 241 21.98 -6.69 -6.31
CA ASP F 241 21.49 -5.57 -7.10
C ASP F 241 19.96 -5.54 -7.11
N ASN F 242 19.35 -6.48 -6.36
CA ASN F 242 17.90 -6.70 -6.40
C ASN F 242 17.23 -6.82 -5.04
N LEU F 243 17.60 -5.92 -4.11
CA LEU F 243 16.94 -5.84 -2.79
C LEU F 243 15.42 -5.83 -2.82
N PRO F 244 14.81 -5.20 -3.85
CA PRO F 244 13.33 -5.34 -3.91
C PRO F 244 12.87 -6.79 -4.04
N GLY F 245 13.69 -7.64 -4.66
CA GLY F 245 13.33 -9.04 -4.85
C GLY F 245 13.23 -9.78 -3.53
N LEU F 246 14.06 -9.40 -2.57
CA LEU F 246 14.09 -10.03 -1.26
C LEU F 246 12.70 -10.13 -0.67
N SER F 247 11.84 -9.21 -1.03
CA SER F 247 10.50 -9.10 -0.49
C SER F 247 9.60 -10.29 -0.74
N GLU F 248 9.59 -10.80 -1.96
CA GLU F 248 8.78 -11.97 -2.31
C GLU F 248 9.36 -13.25 -1.73
N VAL F 249 10.68 -13.28 -1.56
CA VAL F 249 11.36 -14.42 -0.94
C VAL F 249 10.94 -14.54 0.52
N ALA F 250 11.07 -13.42 1.25
CA ALA F 250 10.71 -13.37 2.67
C ALA F 250 9.25 -13.74 2.96
N ALA F 251 8.34 -13.29 2.10
CA ALA F 251 6.93 -13.67 2.24
C ALA F 251 6.66 -15.16 1.90
N HIS F 252 7.53 -15.78 1.11
CA HIS F 252 7.30 -17.16 0.68
C HIS F 252 7.95 -18.22 1.55
N THR F 253 8.98 -17.83 2.29
CA THR F 253 9.64 -18.76 3.19
C THR F 253 9.57 -18.33 4.66
N SER F 254 9.45 -19.32 5.54
CA SER F 254 9.51 -19.12 6.99
C SER F 254 10.96 -19.07 7.48
N ILE F 255 11.90 -19.27 6.57
CA ILE F 255 13.31 -19.10 6.90
C ILE F 255 13.65 -17.61 6.93
N PRO F 256 14.27 -17.14 8.03
CA PRO F 256 14.70 -15.76 8.08
C PRO F 256 15.74 -15.48 7.00
N ILE F 257 15.63 -14.33 6.35
CA ILE F 257 16.51 -13.99 5.23
C ILE F 257 17.70 -13.14 5.71
N ALA F 258 18.89 -13.52 5.26
CA ALA F 258 20.12 -12.83 5.61
C ALA F 258 20.79 -12.31 4.35
N THR F 259 21.46 -11.17 4.47
CA THR F 259 22.13 -10.50 3.35
C THR F 259 23.05 -9.40 3.90
N GLY F 260 23.92 -8.86 3.04
CA GLY F 260 24.64 -7.64 3.42
C GLY F 260 26.10 -7.53 3.05
N GLU F 261 26.80 -8.67 3.01
CA GLU F 261 28.23 -8.68 2.74
C GLU F 261 28.68 -7.82 1.57
N ARG F 262 27.81 -7.67 0.58
CA ARG F 262 28.17 -7.01 -0.67
C ARG F 262 27.50 -5.67 -0.82
N LEU F 263 26.95 -5.19 0.31
CA LEU F 263 26.34 -3.88 0.39
C LEU F 263 27.30 -2.90 1.04
N THR F 264 27.03 -1.60 0.86
CA THR F 264 27.83 -0.54 1.44
C THR F 264 26.97 0.67 1.76
N GLY F 265 27.29 1.33 2.87
CA GLY F 265 26.54 2.51 3.30
C GLY F 265 25.30 2.14 4.06
N VAL F 266 25.07 2.84 5.18
CA VAL F 266 23.91 2.60 6.03
C VAL F 266 22.62 2.60 5.19
N THR F 267 22.63 3.42 4.15
CA THR F 267 21.50 3.63 3.25
C THR F 267 21.07 2.35 2.50
N GLU F 268 22.02 1.47 2.20
CA GLU F 268 21.72 0.24 1.48
C GLU F 268 21.14 -0.84 2.40
N PHE F 269 21.60 -0.88 3.64
CA PHE F 269 21.07 -1.84 4.61
C PHE F 269 19.64 -1.49 4.99
N THR F 270 19.37 -0.19 5.08
CA THR F 270 18.00 0.31 5.23
C THR F 270 17.10 -0.36 4.19
N GLN F 271 17.40 -0.13 2.91
CA GLN F 271 16.69 -0.80 1.80
C GLN F 271 16.47 -2.30 1.99
N ALA F 272 17.50 -2.99 2.46
CA ALA F 272 17.47 -4.44 2.70
C ALA F 272 16.54 -4.83 3.84
N LEU F 273 16.47 -3.97 4.85
CA LEU F 273 15.59 -4.16 5.99
C LEU F 273 14.12 -3.98 5.62
N HIS F 274 13.82 -2.91 4.91
CA HIS F 274 12.47 -2.57 4.52
C HIS F 274 11.89 -3.67 3.64
N HIS F 275 12.68 -4.25 2.79
CA HIS F 275 12.24 -5.39 1.98
C HIS F 275 12.19 -6.72 2.76
N GLY F 276 12.53 -6.69 4.05
CA GLY F 276 12.28 -7.85 4.92
C GLY F 276 13.40 -8.81 5.29
N ALA F 277 14.66 -8.42 5.11
CA ALA F 277 15.75 -9.24 5.65
C ALA F 277 15.81 -8.98 7.15
N ARG F 278 16.13 -10.02 7.92
CA ARG F 278 16.14 -9.85 9.37
C ARG F 278 17.49 -10.14 10.03
N ILE F 279 18.46 -10.59 9.23
CA ILE F 279 19.84 -10.70 9.67
C ILE F 279 20.69 -9.94 8.68
N LEU F 280 21.30 -8.85 9.15
CA LEU F 280 22.20 -8.05 8.35
C LEU F 280 23.61 -8.54 8.57
N GLN F 281 24.34 -8.77 7.46
CA GLN F 281 25.70 -9.28 7.53
C GLN F 281 26.73 -8.34 6.93
N PRO F 282 26.88 -7.13 7.47
CA PRO F 282 27.88 -6.27 6.86
C PRO F 282 29.26 -6.91 6.81
N ALA F 283 29.96 -6.70 5.70
CA ALA F 283 31.42 -6.86 5.68
C ALA F 283 32.05 -5.51 6.01
N LEU F 284 32.57 -5.36 7.23
CA LEU F 284 33.04 -4.07 7.76
C LEU F 284 34.09 -3.34 6.95
N GLY F 285 34.97 -4.08 6.28
CA GLY F 285 35.96 -3.51 5.39
C GLY F 285 35.38 -3.06 4.07
N ARG F 286 34.07 -3.26 3.90
CA ARG F 286 33.33 -2.78 2.73
C ARG F 286 32.24 -1.78 3.13
N ALA F 287 31.52 -2.07 4.21
CA ALA F 287 30.27 -1.38 4.55
C ALA F 287 30.41 0.12 4.83
N GLY F 288 31.52 0.48 5.48
CA GLY F 288 31.78 1.87 5.83
C GLY F 288 32.68 1.96 7.02
N GLY F 289 32.86 0.84 7.71
CA GLY F 289 33.75 0.78 8.87
C GLY F 289 33.01 0.42 10.12
N ILE F 290 33.71 0.51 11.25
CA ILE F 290 33.17 0.13 12.57
C ILE F 290 31.97 0.99 12.96
N TRP F 291 32.10 2.31 12.80
CA TRP F 291 31.05 3.25 13.18
C TRP F 291 29.84 3.11 12.26
N GLU F 292 30.09 2.81 10.98
CA GLU F 292 29.00 2.57 10.02
C GLU F 292 28.20 1.31 10.40
N GLY F 293 28.93 0.25 10.75
CA GLY F 293 28.33 -1.00 11.21
C GLY F 293 27.48 -0.83 12.44
N LYS F 294 27.97 -0.02 13.40
CA LYS F 294 27.16 0.45 14.52
C LYS F 294 25.81 1.02 14.09
N LYS F 295 25.82 1.82 13.03
CA LYS F 295 24.59 2.45 12.56
C LYS F 295 23.76 1.42 11.82
N ILE F 296 24.43 0.58 11.04
CA ILE F 296 23.77 -0.57 10.39
C ILE F 296 23.13 -1.46 11.45
N ALA F 297 23.76 -1.52 12.64
CA ALA F 297 23.24 -2.31 13.73
C ALA F 297 22.01 -1.66 14.37
N THR F 298 22.01 -0.33 14.44
CA THR F 298 20.87 0.41 15.01
C THR F 298 19.61 0.24 14.17
N LEU F 299 19.75 0.33 12.85
CA LEU F 299 18.59 0.16 11.96
C LEU F 299 18.07 -1.28 11.95
N ALA F 300 18.98 -2.25 11.97
CA ALA F 300 18.60 -3.64 12.23
C ALA F 300 17.66 -3.70 13.46
N ALA F 301 18.06 -3.09 14.58
CA ALA F 301 17.19 -2.99 15.76
C ALA F 301 15.82 -2.36 15.47
N ALA F 302 15.79 -1.32 14.66
CA ALA F 302 14.55 -0.67 14.25
C ALA F 302 13.59 -1.65 13.59
N PHE F 303 14.09 -2.50 12.71
CA PHE F 303 13.23 -3.48 12.06
C PHE F 303 13.08 -4.79 12.85
N GLY F 304 13.61 -4.80 14.08
CA GLY F 304 13.59 -5.98 14.92
C GLY F 304 14.51 -7.04 14.36
N ALA F 305 15.59 -6.59 13.72
CA ALA F 305 16.55 -7.46 13.04
C ALA F 305 17.82 -7.64 13.85
N GLN F 306 18.59 -8.66 13.48
CA GLN F 306 19.85 -8.95 14.15
C GLN F 306 21.04 -8.71 13.24
N LEU F 307 22.22 -8.67 13.83
CA LEU F 307 23.46 -8.38 13.12
C LEU F 307 24.44 -9.56 13.26
N ALA F 308 25.08 -9.92 12.14
CA ALA F 308 26.05 -11.01 12.11
C ALA F 308 27.20 -10.69 11.14
N PRO F 309 28.25 -10.03 11.65
CA PRO F 309 29.41 -9.65 10.87
C PRO F 309 29.94 -10.73 9.91
N HIS F 310 30.03 -10.36 8.64
CA HIS F 310 30.61 -11.19 7.60
C HIS F 310 32.11 -11.29 7.81
N LEU F 311 32.67 -12.46 7.50
CA LEU F 311 34.12 -12.59 7.40
C LEU F 311 34.54 -13.49 6.24
N TYR F 312 35.26 -12.89 5.31
CA TYR F 312 36.02 -13.62 4.31
C TYR F 312 37.21 -12.74 4.00
N ALA F 313 38.10 -12.66 4.99
CA ALA F 313 39.25 -11.75 5.00
C ALA F 313 40.22 -12.15 6.12
N GLY F 314 41.22 -11.31 6.38
CA GLY F 314 42.21 -11.56 7.42
C GLY F 314 41.74 -11.34 8.84
N PRO F 315 42.71 -11.27 9.79
CA PRO F 315 42.41 -11.14 11.22
C PRO F 315 42.21 -9.69 11.72
N VAL F 316 42.22 -8.72 10.81
CA VAL F 316 41.86 -7.36 11.20
C VAL F 316 40.35 -7.19 11.11
N GLU F 317 39.79 -7.32 9.92
CA GLU F 317 38.34 -7.31 9.77
C GLU F 317 37.71 -8.19 10.83
N TRP F 318 38.37 -9.32 11.12
CA TRP F 318 37.96 -10.19 12.20
C TRP F 318 37.88 -9.42 13.51
N ALA F 319 39.02 -8.92 13.98
CA ALA F 319 39.07 -8.10 15.19
C ALA F 319 38.02 -6.97 15.22
N ALA F 320 37.88 -6.22 14.13
CA ALA F 320 36.88 -5.14 14.08
C ALA F 320 35.44 -5.63 14.30
N ASN F 321 35.10 -6.76 13.70
CA ASN F 321 33.84 -7.46 13.94
C ASN F 321 33.66 -7.90 15.39
N VAL F 322 34.76 -8.29 16.03
CA VAL F 322 34.70 -8.75 17.41
C VAL F 322 34.28 -7.60 18.31
N HIS F 323 34.98 -6.47 18.20
CA HIS F 323 34.67 -5.29 18.99
C HIS F 323 33.29 -4.69 18.73
N LEU F 324 32.85 -4.67 17.47
CA LEU F 324 31.50 -4.20 17.17
C LEU F 324 30.48 -5.14 17.81
N GLY F 325 30.74 -6.45 17.72
CA GLY F 325 29.84 -7.48 18.22
C GLY F 325 29.58 -7.42 19.71
N VAL F 326 30.64 -7.34 20.49
CA VAL F 326 30.59 -7.14 21.93
C VAL F 326 29.57 -6.08 22.37
N SER F 327 29.31 -5.08 21.53
CA SER F 327 28.59 -3.88 21.95
C SER F 327 27.19 -3.71 21.36
N CYS F 328 26.65 -4.77 20.74
CA CYS F 328 25.34 -4.72 20.11
C CYS F 328 24.39 -5.74 20.72
N PRO F 329 23.27 -5.26 21.32
CA PRO F 329 22.24 -6.15 21.88
C PRO F 329 21.71 -7.13 20.84
N ASN F 330 21.61 -6.66 19.60
CA ASN F 330 21.04 -7.43 18.49
C ASN F 330 22.10 -8.18 17.67
N LEU F 331 23.23 -8.51 18.30
CA LEU F 331 24.19 -9.39 17.66
C LEU F 331 23.72 -10.84 17.73
N LEU F 332 23.74 -11.52 16.59
CA LEU F 332 23.36 -12.93 16.51
C LEU F 332 24.59 -13.85 16.58
N MET F 333 25.51 -13.66 15.63
CA MET F 333 26.81 -14.37 15.67
C MET F 333 27.92 -13.63 14.91
N VAL F 334 29.08 -14.18 14.97
CA VAL F 334 30.14 -13.65 14.23
C VAL F 334 30.79 -14.76 13.42
N GLU F 335 31.07 -14.52 12.16
CA GLU F 335 31.66 -15.51 11.26
C GLU F 335 33.13 -15.69 11.63
N ALA F 336 33.55 -16.94 11.76
CA ALA F 336 34.91 -17.21 12.19
C ALA F 336 35.72 -17.98 11.15
N ILE F 337 36.91 -17.48 10.85
CA ILE F 337 37.89 -18.23 10.08
C ILE F 337 39.16 -18.39 10.94
N GLU F 338 39.15 -19.42 11.79
CA GLU F 338 40.28 -19.75 12.66
C GLU F 338 41.36 -20.58 11.97
N THR F 339 42.07 -20.01 10.99
CA THR F 339 43.23 -20.68 10.40
C THR F 339 44.47 -20.32 11.18
N PRO F 340 45.47 -21.24 11.22
CA PRO F 340 46.79 -20.91 11.73
C PRO F 340 47.37 -19.60 11.20
N PHE F 341 47.21 -19.31 9.90
CA PHE F 341 47.83 -18.09 9.35
C PHE F 341 47.23 -16.80 9.89
N HIS F 342 45.89 -16.74 9.98
CA HIS F 342 45.20 -15.66 10.68
C HIS F 342 45.86 -15.42 12.03
N GLU F 343 46.17 -16.52 12.71
CA GLU F 343 46.74 -16.50 14.06
C GLU F 343 48.22 -16.12 14.03
N ALA F 344 48.85 -16.30 12.88
CA ALA F 344 50.28 -16.00 12.71
C ALA F 344 50.53 -14.58 12.24
N LEU F 345 49.63 -14.07 11.39
CA LEU F 345 49.77 -12.74 10.80
C LEU F 345 49.72 -11.58 11.81
N VAL F 346 48.97 -11.75 12.90
CA VAL F 346 48.93 -10.75 13.97
C VAL F 346 49.16 -11.38 15.34
N THR F 347 49.53 -10.55 16.32
CA THR F 347 49.66 -10.93 17.72
C THR F 347 48.46 -10.42 18.53
N GLY F 348 47.94 -11.27 19.43
CA GLY F 348 46.81 -10.92 20.28
C GLY F 348 45.46 -10.93 19.57
N ARG F 349 45.34 -11.84 18.61
CA ARG F 349 44.13 -12.03 17.82
C ARG F 349 43.08 -12.72 18.68
N PRO F 350 41.83 -12.25 18.64
CA PRO F 350 40.80 -12.88 19.46
C PRO F 350 40.43 -14.26 18.92
N ARG F 351 40.48 -15.28 19.79
CA ARG F 351 40.25 -16.66 19.37
C ARG F 351 38.80 -17.09 19.60
N VAL F 352 38.37 -18.10 18.87
CA VAL F 352 37.11 -18.78 19.17
C VAL F 352 37.47 -19.93 20.07
N GLU F 353 36.86 -19.95 21.26
CA GLU F 353 37.10 -20.97 22.26
C GLU F 353 35.76 -21.50 22.73
N ASN F 354 35.58 -22.82 22.66
CA ASN F 354 34.30 -23.41 23.00
C ASN F 354 33.13 -22.85 22.18
N GLY F 355 33.45 -22.23 21.03
CA GLY F 355 32.45 -21.63 20.13
C GLY F 355 32.13 -20.17 20.39
N PHE F 356 32.86 -19.55 21.31
CA PHE F 356 32.62 -18.17 21.69
C PHE F 356 33.93 -17.39 21.81
N VAL F 357 33.82 -16.06 21.74
CA VAL F 357 34.98 -15.19 21.80
C VAL F 357 34.82 -14.23 22.97
N ALA F 358 35.71 -14.33 23.94
CA ALA F 358 35.72 -13.39 25.05
C ALA F 358 35.89 -11.98 24.51
N ALA F 359 35.33 -11.00 25.21
CA ALA F 359 35.58 -9.60 24.89
C ALA F 359 37.07 -9.34 25.11
N PRO F 360 37.72 -8.62 24.18
CA PRO F 360 39.14 -8.31 24.31
C PRO F 360 39.41 -7.40 25.51
N ASP F 361 40.59 -7.56 26.09
CA ASP F 361 41.02 -6.84 27.29
C ASP F 361 41.82 -5.58 26.95
N ALA F 362 42.48 -5.61 25.79
CA ALA F 362 43.56 -4.69 25.47
C ALA F 362 43.11 -3.45 24.72
N PRO F 363 43.90 -2.35 24.79
CA PRO F 363 43.58 -1.09 24.12
C PRO F 363 43.51 -1.24 22.61
N GLY F 364 42.62 -0.47 21.97
CA GLY F 364 42.47 -0.49 20.51
C GLY F 364 41.71 -1.71 20.04
N LEU F 365 42.19 -2.29 18.94
CA LEU F 365 41.66 -3.56 18.45
C LEU F 365 42.36 -4.73 19.14
N GLY F 366 43.47 -4.43 19.81
CA GLY F 366 44.23 -5.42 20.57
C GLY F 366 45.21 -6.23 19.74
N ILE F 367 45.31 -5.92 18.44
CA ILE F 367 46.15 -6.64 17.50
C ILE F 367 47.35 -5.82 17.04
N THR F 368 48.55 -6.41 17.12
CA THR F 368 49.75 -5.87 16.48
C THR F 368 50.13 -6.76 15.29
N LEU F 369 50.71 -6.16 14.25
CA LEU F 369 51.07 -6.83 13.00
C LEU F 369 52.48 -7.42 13.01
N ASN F 370 52.63 -8.65 12.50
CA ASN F 370 53.95 -9.29 12.35
C ASN F 370 54.48 -9.05 10.95
N ASP F 371 55.34 -8.05 10.81
CA ASP F 371 55.74 -7.52 9.50
C ASP F 371 56.41 -8.53 8.57
N ALA F 372 57.42 -9.23 9.09
CA ALA F 372 58.18 -10.20 8.29
C ALA F 372 57.33 -11.38 7.81
N ILE F 373 56.34 -11.78 8.62
CA ILE F 373 55.34 -12.76 8.19
C ILE F 373 54.60 -12.18 6.99
N ALA F 374 54.07 -10.97 7.18
CA ALA F 374 53.35 -10.25 6.13
C ALA F 374 54.20 -10.01 4.87
N ASN F 375 55.50 -9.75 5.05
CA ASN F 375 56.39 -9.54 3.92
C ASN F 375 56.72 -10.81 3.11
N ALA F 376 56.91 -11.92 3.81
CA ALA F 376 57.11 -13.21 3.17
C ALA F 376 55.91 -13.58 2.31
N HIS F 377 54.72 -13.35 2.84
CA HIS F 377 53.48 -13.74 2.18
C HIS F 377 52.86 -12.57 1.41
N ARG F 378 53.71 -11.68 0.91
CA ARG F 378 53.25 -10.61 0.02
C ARG F 378 52.68 -11.20 -1.26
N TYR F 379 51.63 -10.56 -1.77
CA TYR F 379 50.95 -11.02 -2.96
C TYR F 379 51.58 -10.36 -4.19
N THR F 380 51.71 -11.14 -5.27
CA THR F 380 52.26 -10.67 -6.54
C THR F 380 51.68 -11.53 -7.68
N GLY F 381 50.38 -11.35 -7.93
CA GLY F 381 49.67 -12.12 -8.96
C GLY F 381 48.68 -11.27 -9.74
N ASN F 382 47.75 -11.94 -10.43
CA ASN F 382 46.80 -11.27 -11.32
C ASN F 382 45.34 -11.32 -10.85
N ARG F 383 44.99 -12.39 -10.14
CA ARG F 383 43.58 -12.76 -9.88
C ARG F 383 42.88 -11.97 -8.77
N LEU F 384 41.56 -12.17 -8.67
CA LEU F 384 40.71 -11.47 -7.69
C LEU F 384 40.63 -12.23 -6.35
N HIS F 385 40.14 -11.57 -5.31
CA HIS F 385 39.92 -12.20 -4.00
C HIS F 385 38.96 -13.37 -4.15
N LEU F 386 37.83 -13.11 -4.82
CA LEU F 386 36.93 -14.13 -5.33
C LEU F 386 36.49 -13.75 -6.75
N GLU F 387 36.10 -14.74 -7.54
CA GLU F 387 35.69 -14.51 -8.93
C GLU F 387 34.30 -15.05 -9.22
N VAL G 2 36.53 2.49 36.42
CA VAL G 2 35.75 3.17 37.49
C VAL G 2 34.33 2.60 37.55
N LYS G 3 33.73 2.61 38.74
CA LYS G 3 32.35 2.11 38.93
C LYS G 3 31.44 3.22 39.44
N LEU G 4 30.16 3.18 39.07
CA LEU G 4 29.16 4.13 39.57
C LEU G 4 28.80 3.83 41.03
N ASP G 5 28.85 4.86 41.89
CA ASP G 5 28.76 4.67 43.35
C ASP G 5 27.62 5.42 44.04
N THR G 6 27.69 6.76 44.03
CA THR G 6 26.69 7.57 44.73
C THR G 6 25.97 8.54 43.81
N LEU G 7 24.71 8.78 44.12
CA LEU G 7 23.92 9.77 43.40
C LEU G 7 23.34 10.82 44.33
N ASP G 8 23.46 12.09 43.95
CA ASP G 8 22.70 13.16 44.59
C ASP G 8 21.81 13.82 43.56
N ILE G 9 20.61 14.20 44.00
CA ILE G 9 19.64 14.87 43.12
C ILE G 9 19.39 16.30 43.61
N PHE G 10 19.25 17.22 42.65
CA PHE G 10 18.92 18.60 42.96
C PHE G 10 17.64 19.02 42.22
N ALA G 11 16.65 19.41 43.00
CA ALA G 11 15.44 20.01 42.48
C ALA G 11 15.66 21.52 42.48
N VAL G 12 15.71 22.12 41.30
CA VAL G 12 16.12 23.51 41.13
C VAL G 12 14.99 24.35 40.56
N ALA G 13 14.58 25.39 41.27
CA ALA G 13 13.50 26.27 40.82
C ALA G 13 14.05 27.59 40.27
N PRO G 14 13.95 27.78 38.93
CA PRO G 14 14.38 29.06 38.32
C PRO G 14 13.67 30.27 38.91
N PRO G 15 14.38 31.41 39.03
CA PRO G 15 13.67 32.63 39.39
C PRO G 15 12.63 33.02 38.33
N PRO G 16 11.61 33.79 38.73
CA PRO G 16 10.79 34.49 37.74
C PRO G 16 11.68 35.35 36.83
N PRO G 17 11.33 35.48 35.53
CA PRO G 17 10.11 35.06 34.82
C PRO G 17 9.99 33.56 34.49
N GLY G 18 11.07 32.81 34.68
CA GLY G 18 11.03 31.34 34.61
C GLY G 18 10.94 30.72 33.24
N TRP G 19 11.73 31.23 32.30
CA TRP G 19 11.81 30.64 30.96
C TRP G 19 12.59 29.33 31.06
N GLY G 20 11.90 28.22 30.82
CA GLY G 20 12.49 26.89 30.97
C GLY G 20 11.81 26.03 32.04
N GLY G 21 10.66 26.47 32.51
CA GLY G 21 9.82 25.68 33.42
C GLY G 21 9.92 26.09 34.87
N ARG G 22 9.10 25.44 35.70
CA ARG G 22 9.00 25.70 37.13
C ARG G 22 10.19 25.15 37.89
N TYR G 23 10.66 23.97 37.48
CA TYR G 23 11.74 23.28 38.19
C TYR G 23 12.58 22.40 37.29
N TRP G 24 13.85 22.23 37.65
CA TRP G 24 14.73 21.34 36.93
C TRP G 24 15.19 20.21 37.83
N LEU G 25 15.35 19.03 37.24
CA LEU G 25 15.86 17.89 37.95
C LEU G 25 17.26 17.57 37.47
N LEU G 26 18.23 18.01 38.25
CA LEU G 26 19.63 17.73 37.95
C LEU G 26 20.09 16.55 38.79
N VAL G 27 20.99 15.76 38.22
CA VAL G 27 21.58 14.63 38.93
C VAL G 27 23.10 14.74 38.84
N ARG G 28 23.78 14.28 39.88
CA ARG G 28 25.24 14.26 39.92
C ARG G 28 25.74 12.93 40.48
N VAL G 29 26.18 12.05 39.58
CA VAL G 29 26.70 10.73 39.94
C VAL G 29 28.22 10.72 40.11
N THR G 30 28.67 10.01 41.16
CA THR G 30 30.07 9.95 41.55
C THR G 30 30.60 8.51 41.45
N THR G 31 31.83 8.39 40.97
CA THR G 31 32.49 7.09 40.84
C THR G 31 33.15 6.65 42.17
N ASP G 32 33.62 5.41 42.21
CA ASP G 32 34.46 4.97 43.34
C ASP G 32 35.77 5.78 43.42
N THR G 33 36.34 6.05 42.25
CA THR G 33 37.55 6.89 42.12
C THR G 33 37.30 8.41 42.28
N GLY G 34 36.05 8.79 42.56
CA GLY G 34 35.72 10.17 42.89
C GLY G 34 35.47 11.16 41.76
N LEU G 35 35.17 10.66 40.56
CA LEU G 35 34.79 11.53 39.45
C LEU G 35 33.29 11.74 39.45
N THR G 36 32.87 12.99 39.23
CA THR G 36 31.45 13.32 39.24
C THR G 36 31.00 13.71 37.83
N GLY G 37 29.75 13.41 37.51
CA GLY G 37 29.16 13.75 36.23
C GLY G 37 27.78 14.36 36.43
N LEU G 38 27.36 15.19 35.47
CA LEU G 38 26.07 15.87 35.56
C LEU G 38 25.06 15.39 34.52
N GLY G 39 23.82 15.26 34.97
CA GLY G 39 22.72 14.88 34.10
C GLY G 39 21.43 15.60 34.46
N GLU G 40 20.51 15.68 33.51
CA GLU G 40 19.23 16.32 33.76
C GLU G 40 18.09 15.41 33.31
N VAL G 41 17.13 15.23 34.21
CA VAL G 41 15.96 14.41 33.93
C VAL G 41 14.86 15.32 33.44
N TYR G 42 14.32 15.00 32.26
CA TYR G 42 13.17 15.73 31.76
C TYR G 42 11.94 14.83 31.84
N ALA G 43 11.22 14.92 32.96
CA ALA G 43 10.03 14.10 33.21
C ALA G 43 9.09 14.77 34.19
N ALA G 44 7.84 14.99 33.77
CA ALA G 44 6.87 15.69 34.62
C ALA G 44 5.51 15.01 34.81
N GLY G 45 5.41 13.75 34.42
CA GLY G 45 4.19 12.95 34.65
C GLY G 45 3.82 12.92 36.12
N VAL G 46 4.83 12.77 36.99
CA VAL G 46 4.66 12.98 38.43
C VAL G 46 5.64 14.07 38.94
N GLY G 47 5.35 14.61 40.12
CA GLY G 47 6.08 15.73 40.67
C GLY G 47 7.54 15.47 40.98
N PRO G 48 8.25 16.47 41.54
CA PRO G 48 9.67 16.36 41.85
C PRO G 48 9.99 15.36 42.98
N GLU G 49 8.99 15.05 43.80
CA GLU G 49 9.19 14.21 44.98
C GLU G 49 9.14 12.74 44.59
N ALA G 50 8.14 12.40 43.79
CA ALA G 50 8.00 11.05 43.28
C ALA G 50 9.16 10.72 42.33
N MET G 51 9.55 11.71 41.51
CA MET G 51 10.69 11.51 40.61
C MET G 51 12.02 11.27 41.34
N THR G 52 12.20 11.89 42.51
CA THR G 52 13.41 11.66 43.33
C THR G 52 13.55 10.18 43.65
N HIS G 53 12.45 9.58 44.05
CA HIS G 53 12.36 8.17 44.27
C HIS G 53 12.51 7.32 43.02
N VAL G 54 11.85 7.68 41.96
CA VAL G 54 12.00 7.00 40.67
C VAL G 54 13.47 6.98 40.23
N ILE G 55 14.16 8.12 40.34
CA ILE G 55 15.57 8.23 39.92
C ILE G 55 16.50 7.36 40.77
N HIS G 56 16.39 7.44 42.10
CA HIS G 56 17.17 6.56 42.99
C HIS G 56 16.86 5.10 42.73
N ASP G 57 15.57 4.79 42.54
CA ASP G 57 15.17 3.45 42.13
C ASP G 57 15.99 3.01 40.92
N VAL G 58 15.84 3.70 39.79
CA VAL G 58 16.51 3.35 38.51
C VAL G 58 18.03 3.18 38.69
N PHE G 59 18.66 4.14 39.37
CA PHE G 59 20.11 4.15 39.61
C PHE G 59 20.58 2.95 40.42
N THR G 60 19.94 2.69 41.55
CA THR G 60 20.35 1.61 42.46
C THR G 60 20.08 0.23 41.84
N ARG G 61 18.99 0.14 41.08
CA ARG G 61 18.54 -1.12 40.48
C ARG G 61 19.32 -1.53 39.21
N HIS G 62 19.87 -0.54 38.49
CA HIS G 62 20.46 -0.79 37.17
C HIS G 62 21.88 -0.25 36.96
N MET G 63 22.28 0.75 37.73
CA MET G 63 23.52 1.49 37.41
C MET G 63 24.63 1.44 38.47
N ARG G 64 24.28 1.47 39.76
CA ARG G 64 25.31 1.38 40.81
C ARG G 64 26.21 0.14 40.67
N GLY G 65 27.52 0.37 40.71
CA GLY G 65 28.51 -0.70 40.54
C GLY G 65 28.99 -0.86 39.10
N GLU G 66 28.19 -0.38 38.15
CA GLU G 66 28.50 -0.53 36.74
C GLU G 66 29.62 0.38 36.24
N ASP G 67 30.30 -0.06 35.20
CA ASP G 67 31.30 0.75 34.50
C ASP G 67 30.53 1.74 33.62
N PRO G 68 30.78 3.05 33.80
CA PRO G 68 30.19 4.14 33.00
C PRO G 68 30.04 3.82 31.51
N ALA G 69 31.03 3.18 30.95
CA ALA G 69 31.08 2.88 29.54
C ALA G 69 29.98 1.94 29.09
N ASN G 70 29.48 1.15 30.02
CA ASN G 70 28.54 0.13 29.66
C ASN G 70 27.17 0.72 29.49
N ILE G 71 27.07 1.65 28.54
CA ILE G 71 25.87 2.43 28.24
C ILE G 71 24.77 1.52 27.73
N GLU G 72 25.10 0.75 26.69
CA GLU G 72 24.16 -0.20 26.11
C GLU G 72 23.54 -1.08 27.16
N LEU G 73 24.40 -1.64 28.03
CA LEU G 73 23.96 -2.58 29.05
C LEU G 73 22.98 -1.92 30.01
N MET G 74 23.30 -0.73 30.48
CA MET G 74 22.43 -0.03 31.44
C MET G 74 21.16 0.52 30.82
N SER G 75 21.25 0.91 29.55
CA SER G 75 20.05 1.28 28.81
C SER G 75 19.12 0.07 28.70
N ARG G 76 19.66 -1.04 28.19
CA ARG G 76 18.88 -2.27 28.08
C ARG G 76 18.23 -2.68 29.41
N ARG G 77 18.99 -2.59 30.49
CA ARG G 77 18.44 -2.77 31.85
C ARG G 77 17.31 -1.79 32.14
N ALA G 78 17.56 -0.50 31.93
CA ALA G 78 16.56 0.53 32.25
C ALA G 78 15.26 0.29 31.50
N HIS G 79 15.36 0.24 30.18
CA HIS G 79 14.23 0.01 29.26
C HIS G 79 13.46 -1.29 29.55
N SER G 80 14.16 -2.33 29.98
CA SER G 80 13.53 -3.63 30.33
C SER G 80 13.01 -3.71 31.77
N SER G 81 13.29 -2.69 32.57
CA SER G 81 12.98 -2.72 34.01
C SER G 81 11.62 -3.33 34.35
N GLY G 82 11.62 -4.29 35.26
CA GLY G 82 10.39 -4.92 35.76
C GLY G 82 9.59 -5.68 34.73
N PHE G 83 10.29 -6.24 33.74
CA PHE G 83 9.65 -6.97 32.64
C PHE G 83 8.64 -6.08 31.94
N THR G 84 9.14 -4.95 31.42
CA THR G 84 8.37 -4.06 30.56
C THR G 84 8.87 -4.17 29.12
N GLN G 85 10.07 -3.66 28.89
CA GLN G 85 10.71 -3.63 27.56
C GLN G 85 10.01 -2.75 26.52
N ARG G 86 9.18 -1.82 27.00
CA ARG G 86 8.56 -0.83 26.14
C ARG G 86 8.77 0.59 26.68
N PRO G 87 8.46 1.63 25.87
CA PRO G 87 8.79 2.99 26.27
C PRO G 87 8.07 3.47 27.51
N ASP G 88 8.84 4.00 28.46
CA ASP G 88 8.27 4.69 29.61
C ASP G 88 9.00 6.02 29.83
N PRO G 89 8.31 7.15 29.56
CA PRO G 89 8.89 8.51 29.74
C PRO G 89 9.31 8.84 31.17
N THR G 90 8.74 8.15 32.16
CA THR G 90 9.09 8.36 33.56
C THR G 90 10.38 7.60 33.87
N VAL G 91 10.33 6.27 33.75
CA VAL G 91 11.47 5.39 34.03
C VAL G 91 12.67 5.76 33.17
N PHE G 92 12.44 5.93 31.87
CA PHE G 92 13.49 6.21 30.91
C PHE G 92 13.90 7.68 30.97
N GLY G 93 13.01 8.52 31.49
CA GLY G 93 13.36 9.90 31.83
C GLY G 93 14.40 9.92 32.92
N ALA G 94 14.18 9.14 33.98
CA ALA G 94 15.14 9.03 35.06
C ALA G 94 16.50 8.50 34.58
N PHE G 95 16.48 7.45 33.74
CA PHE G 95 17.68 6.87 33.14
C PHE G 95 18.47 7.86 32.26
N SER G 96 17.75 8.61 31.42
CA SER G 96 18.38 9.58 30.50
C SER G 96 19.30 10.55 31.23
N GLY G 97 18.82 11.07 32.36
CA GLY G 97 19.58 12.03 33.15
C GLY G 97 20.83 11.39 33.66
N LEU G 98 20.65 10.22 34.27
CA LEU G 98 21.77 9.44 34.79
C LEU G 98 22.74 9.02 33.70
N GLU G 99 22.22 8.67 32.52
CA GLU G 99 23.07 8.31 31.36
C GLU G 99 23.99 9.46 30.97
N MET G 100 23.40 10.64 30.72
CA MET G 100 24.19 11.88 30.57
C MET G 100 25.35 11.90 31.54
N ALA G 101 25.04 11.75 32.83
CA ALA G 101 26.06 11.79 33.90
C ALA G 101 27.25 10.89 33.60
N CYS G 102 26.97 9.68 33.09
CA CYS G 102 27.99 8.74 32.64
C CYS G 102 28.91 9.33 31.58
N TRP G 103 28.34 10.01 30.59
CA TRP G 103 29.14 10.56 29.49
C TRP G 103 30.05 11.71 29.95
N ASP G 104 29.57 12.48 30.93
CA ASP G 104 30.40 13.50 31.59
C ASP G 104 31.55 12.82 32.37
N ILE G 105 31.27 11.68 32.98
CA ILE G 105 32.34 10.92 33.67
C ILE G 105 33.33 10.32 32.67
N LEU G 106 32.81 9.74 31.59
CA LEU G 106 33.66 9.17 30.54
C LEU G 106 34.53 10.24 29.86
N GLY G 107 33.98 11.44 29.73
CA GLY G 107 34.71 12.57 29.13
C GLY G 107 35.78 13.11 30.05
N LYS G 108 35.57 12.95 31.35
CA LYS G 108 36.57 13.30 32.36
C LYS G 108 37.68 12.24 32.42
N ALA G 109 37.28 10.98 32.44
CA ALA G 109 38.21 9.86 32.57
C ALA G 109 39.05 9.63 31.31
N ARG G 110 38.51 10.04 30.16
CA ARG G 110 39.23 9.96 28.86
C ARG G 110 39.86 11.29 28.42
N ASP G 111 39.70 12.35 29.22
CA ASP G 111 40.29 13.70 28.96
C ASP G 111 39.88 14.38 27.65
N CYS G 112 38.59 14.35 27.35
CA CYS G 112 38.07 14.85 26.08
C CYS G 112 36.57 15.18 26.17
N PRO G 113 36.07 16.07 25.28
CA PRO G 113 34.65 16.42 25.37
C PRO G 113 33.76 15.29 24.90
N VAL G 114 32.48 15.34 25.25
CA VAL G 114 31.57 14.24 24.91
C VAL G 114 31.40 14.05 23.40
N TRP G 115 31.48 15.13 22.62
CA TRP G 115 31.41 14.99 21.16
C TRP G 115 32.56 14.18 20.57
N ALA G 116 33.67 14.09 21.31
CA ALA G 116 34.81 13.23 20.94
C ALA G 116 34.50 11.73 21.08
N MET G 117 33.57 11.40 21.93
CA MET G 117 33.03 10.06 22.08
C MET G 117 31.88 9.72 21.14
N LEU G 118 31.44 10.68 20.34
CA LEU G 118 30.24 10.53 19.53
C LEU G 118 30.52 10.58 18.02
N GLY G 119 31.77 10.42 17.63
CA GLY G 119 32.11 10.48 16.21
C GLY G 119 32.73 11.80 15.76
N GLY G 120 33.14 12.64 16.72
CA GLY G 120 33.98 13.81 16.45
C GLY G 120 33.31 15.16 16.19
N LYS G 121 34.09 16.04 15.56
CA LYS G 121 33.68 17.40 15.28
C LYS G 121 33.17 17.56 13.85
N MET G 122 31.90 17.23 13.66
CA MET G 122 31.21 17.46 12.39
C MET G 122 31.02 18.94 12.16
N ASN G 123 30.81 19.63 13.27
CA ASN G 123 30.39 21.01 13.25
C ASN G 123 31.22 21.81 14.25
N ASP G 124 32.01 22.75 13.73
CA ASP G 124 32.81 23.66 14.55
C ASP G 124 31.87 24.52 15.39
N ARG G 125 30.89 25.12 14.73
CA ARG G 125 29.83 25.84 15.39
C ARG G 125 28.53 25.19 14.94
N ILE G 126 27.51 25.24 15.78
CA ILE G 126 26.16 24.75 15.44
C ILE G 126 25.13 25.87 15.48
N ARG G 127 24.06 25.71 14.70
CA ARG G 127 23.01 26.72 14.60
C ARG G 127 22.19 26.73 15.88
N ALA G 128 21.81 27.92 16.35
CA ALA G 128 20.96 28.06 17.51
C ALA G 128 19.66 28.78 17.19
N TYR G 129 18.63 28.55 18.01
CA TYR G 129 17.43 29.37 17.95
C TYR G 129 16.89 29.70 19.35
N THR G 130 15.80 30.47 19.40
CA THR G 130 15.16 30.83 20.66
C THR G 130 13.68 31.21 20.49
N TYR G 131 12.89 31.01 21.54
CA TYR G 131 11.54 31.58 21.61
C TYR G 131 11.63 33.11 21.50
N LEU G 132 10.53 33.72 21.07
CA LEU G 132 10.44 35.16 21.11
C LEU G 132 10.02 35.58 22.52
N TYR G 133 10.96 36.17 23.24
CA TYR G 133 10.76 36.61 24.61
C TYR G 133 10.50 38.11 24.65
N PRO G 134 9.73 38.58 25.66
CA PRO G 134 9.41 40.01 25.79
C PRO G 134 10.65 40.90 25.89
N GLU G 135 10.75 41.86 24.97
CA GLU G 135 11.74 42.93 25.04
C GLU G 135 11.55 43.71 26.35
N PRO G 136 12.62 44.35 26.88
CA PRO G 136 12.51 44.98 28.19
C PRO G 136 11.44 46.08 28.31
N HIS G 137 11.07 46.71 27.20
CA HIS G 137 10.04 47.76 27.20
C HIS G 137 8.64 47.28 26.89
N HIS G 138 8.49 45.99 26.58
CA HIS G 138 7.18 45.44 26.27
C HIS G 138 6.35 45.23 27.52
N ASP G 139 5.06 45.50 27.42
CA ASP G 139 4.09 45.10 28.42
C ASP G 139 3.96 43.57 28.39
N THR G 140 4.33 42.91 29.49
CA THR G 140 4.42 41.42 29.51
C THR G 140 3.11 40.63 29.40
N ASN G 141 1.98 41.26 29.69
CA ASN G 141 0.70 40.54 29.59
C ASN G 141 0.07 40.63 28.20
N ALA G 142 0.30 41.76 27.54
CA ALA G 142 -0.19 41.99 26.20
C ALA G 142 0.71 41.37 25.13
N PHE G 143 1.93 40.98 25.52
CA PHE G 143 2.96 40.51 24.59
C PHE G 143 2.52 39.34 23.73
N TRP G 144 2.11 38.27 24.41
CA TRP G 144 1.86 36.95 23.82
C TRP G 144 0.75 36.91 22.79
N THR G 145 0.00 38.00 22.68
CA THR G 145 -1.04 38.11 21.67
C THR G 145 -0.81 39.32 20.75
N SER G 146 0.44 39.76 20.65
CA SER G 146 0.77 40.98 19.88
C SER G 146 1.78 40.72 18.77
N PRO G 147 1.30 40.63 17.52
CA PRO G 147 2.19 40.44 16.37
C PRO G 147 3.20 41.59 16.23
N GLU G 148 2.80 42.78 16.66
CA GLU G 148 3.72 43.92 16.64
C GLU G 148 4.89 43.70 17.62
N MET G 149 4.60 43.46 18.88
CA MET G 149 5.65 43.17 19.85
C MET G 149 6.50 41.96 19.44
N ALA G 150 5.86 40.91 18.93
CA ALA G 150 6.59 39.74 18.46
C ALA G 150 7.62 40.12 17.40
N ALA G 151 7.18 40.77 16.33
CA ALA G 151 8.07 41.32 15.30
C ALA G 151 9.28 42.09 15.86
N GLU G 152 9.06 42.93 16.86
CA GLU G 152 10.15 43.70 17.47
C GLU G 152 11.15 42.81 18.22
N SER G 153 10.64 41.84 18.96
CA SER G 153 11.46 40.84 19.62
C SER G 153 12.32 40.08 18.60
N ALA G 154 11.70 39.65 17.50
CA ALA G 154 12.38 38.97 16.40
C ALA G 154 13.50 39.82 15.79
N ALA G 155 13.21 41.11 15.58
CA ALA G 155 14.19 42.09 15.10
C ALA G 155 15.44 42.21 15.99
N ALA G 156 15.24 42.06 17.31
CA ALA G 156 16.34 42.13 18.27
C ALA G 156 17.08 40.79 18.36
N ARG G 157 16.44 39.71 18.00
CA ARG G 157 17.13 38.48 17.81
C ARG G 157 18.03 38.48 16.54
N VAL G 158 17.51 39.02 15.42
CA VAL G 158 18.31 39.21 14.20
C VAL G 158 19.58 40.03 14.47
N ALA G 159 19.44 41.14 15.20
CA ALA G 159 20.60 42.00 15.49
C ALA G 159 21.65 41.31 16.37
N GLU G 160 21.19 40.38 17.20
CA GLU G 160 22.09 39.57 18.03
C GLU G 160 22.72 38.44 17.24
N GLY G 161 22.25 38.24 16.01
CA GLY G 161 22.83 37.25 15.11
C GLY G 161 22.07 35.94 15.00
N TYR G 162 20.84 35.91 15.50
CA TYR G 162 20.00 34.72 15.39
C TYR G 162 19.51 34.59 13.96
N THR G 163 19.30 33.34 13.52
CA THR G 163 18.83 33.05 12.16
C THR G 163 17.56 32.21 12.17
N ALA G 164 16.93 32.10 13.33
CA ALA G 164 15.63 31.46 13.45
C ALA G 164 14.97 31.87 14.75
N VAL G 165 13.65 32.08 14.70
CA VAL G 165 12.88 32.36 15.90
C VAL G 165 11.69 31.39 16.06
N LYS G 166 11.34 31.06 17.30
CA LYS G 166 10.16 30.23 17.60
C LYS G 166 9.08 31.04 18.33
N PHE G 167 7.81 30.72 18.06
CA PHE G 167 6.66 31.39 18.68
C PHE G 167 5.42 30.51 18.66
N ASP G 168 4.52 30.69 19.63
CA ASP G 168 3.26 29.90 19.67
C ASP G 168 2.01 30.76 19.82
N PRO G 169 1.56 31.40 18.72
CA PRO G 169 0.37 32.25 18.71
C PRO G 169 -0.94 31.46 18.65
N ALA G 170 -0.84 30.14 18.50
CA ALA G 170 -2.01 29.26 18.46
C ALA G 170 -2.70 29.16 19.82
N GLY G 171 -1.95 29.39 20.89
CA GLY G 171 -2.54 29.55 22.22
C GLY G 171 -2.40 28.40 23.18
N PRO G 172 -3.54 27.92 23.73
CA PRO G 172 -3.55 27.02 24.89
C PRO G 172 -3.72 25.53 24.59
N TYR G 173 -2.79 24.73 25.09
CA TYR G 173 -2.89 23.26 25.06
C TYR G 173 -3.71 22.75 26.24
N THR G 174 -4.56 21.76 25.98
CA THR G 174 -5.52 21.28 26.98
C THR G 174 -5.37 19.79 27.24
N MET G 175 -5.84 19.36 28.40
CA MET G 175 -5.84 17.95 28.75
C MET G 175 -6.84 17.13 27.93
N ARG G 176 -7.79 17.82 27.30
CA ARG G 176 -8.93 17.24 26.61
C ARG G 176 -8.57 16.56 25.29
N GLY G 177 -7.38 16.85 24.78
CA GLY G 177 -6.91 16.25 23.54
C GLY G 177 -7.03 17.21 22.39
N GLY G 178 -6.71 16.72 21.20
CA GLY G 178 -6.78 17.52 19.97
C GLY G 178 -8.16 18.08 19.69
N HIS G 179 -8.25 19.41 19.66
CA HIS G 179 -9.47 20.13 19.29
C HIS G 179 -9.28 20.94 17.99
N MET G 180 -10.33 21.64 17.56
CA MET G 180 -10.29 22.40 16.32
C MET G 180 -9.80 23.81 16.62
N PRO G 181 -8.89 24.35 15.78
CA PRO G 181 -8.45 25.72 16.00
C PRO G 181 -9.60 26.70 15.92
N ALA G 182 -9.78 27.50 16.97
CA ALA G 182 -10.68 28.66 16.91
C ALA G 182 -10.23 29.55 15.75
N LEU G 183 -11.18 30.23 15.10
CA LEU G 183 -10.82 31.08 13.96
C LEU G 183 -9.86 32.18 14.37
N SER G 184 -10.02 32.73 15.57
CA SER G 184 -9.13 33.79 16.07
C SER G 184 -7.68 33.32 16.21
N ASP G 185 -7.49 32.04 16.58
CA ASP G 185 -6.18 31.39 16.71
C ASP G 185 -5.50 31.23 15.35
N ILE G 186 -6.28 30.95 14.31
CA ILE G 186 -5.77 30.85 12.95
C ILE G 186 -5.37 32.25 12.51
N ASP G 187 -6.28 33.21 12.71
CA ASP G 187 -6.04 34.61 12.42
C ASP G 187 -4.79 35.16 13.11
N LEU G 188 -4.66 34.93 14.42
CA LEU G 188 -3.52 35.40 15.22
C LEU G 188 -2.21 34.75 14.78
N SER G 189 -2.29 33.50 14.33
CA SER G 189 -1.14 32.78 13.78
C SER G 189 -0.65 33.48 12.51
N ALA G 190 -1.56 33.70 11.58
CA ALA G 190 -1.23 34.38 10.31
C ALA G 190 -0.67 35.78 10.58
N ARG G 191 -1.40 36.57 11.37
CA ARG G 191 -0.98 37.92 11.76
C ARG G 191 0.41 37.91 12.39
N PHE G 192 0.65 36.92 13.26
CA PHE G 192 1.98 36.72 13.85
C PHE G 192 3.03 36.42 12.79
N CYS G 193 2.73 35.49 11.88
CA CYS G 193 3.66 35.13 10.82
C CYS G 193 4.00 36.32 9.92
N ALA G 194 2.97 36.99 9.40
CA ALA G 194 3.15 38.20 8.58
C ALA G 194 4.04 39.23 9.28
N ALA G 195 3.56 39.80 10.38
CA ALA G 195 4.34 40.74 11.20
C ALA G 195 5.83 40.39 11.38
N ILE G 196 6.11 39.13 11.70
CA ILE G 196 7.49 38.70 11.99
C ILE G 196 8.30 38.62 10.69
N ARG G 197 7.69 38.07 9.64
CA ARG G 197 8.32 38.00 8.32
C ARG G 197 8.67 39.39 7.77
N ASP G 198 7.76 40.33 8.00
CA ASP G 198 7.97 41.72 7.61
C ASP G 198 9.19 42.35 8.28
N ALA G 199 9.46 41.94 9.52
CA ALA G 199 10.52 42.58 10.32
C ALA G 199 11.85 41.82 10.32
N VAL G 200 11.91 40.69 9.59
CA VAL G 200 13.17 39.93 9.44
C VAL G 200 13.54 39.66 7.98
N GLY G 201 12.54 39.54 7.12
CA GLY G 201 12.75 39.18 5.71
C GLY G 201 13.50 37.87 5.54
N THR G 202 14.67 37.97 4.93
CA THR G 202 15.55 36.86 4.62
C THR G 202 16.44 36.44 5.81
N GLN G 203 16.47 37.27 6.84
CA GLN G 203 17.46 37.14 7.90
C GLN G 203 17.22 36.01 8.91
N ALA G 204 15.97 35.59 9.07
CA ALA G 204 15.64 34.54 10.04
C ALA G 204 14.48 33.65 9.59
N ASP G 205 14.60 32.36 9.88
CA ASP G 205 13.50 31.43 9.67
C ASP G 205 12.43 31.52 10.76
N LEU G 206 11.21 31.21 10.37
CA LEU G 206 10.11 31.10 11.30
C LEU G 206 9.96 29.66 11.72
N LEU G 207 9.91 29.43 13.03
CA LEU G 207 9.64 28.12 13.56
C LEU G 207 8.28 28.20 14.23
N PHE G 208 7.33 27.44 13.72
CA PHE G 208 5.96 27.55 14.19
C PHE G 208 5.61 26.51 15.24
N GLY G 209 5.69 26.95 16.49
CA GLY G 209 5.41 26.10 17.63
C GLY G 209 3.92 26.07 17.88
N THR G 210 3.35 24.87 17.76
CA THR G 210 2.12 24.55 18.44
C THR G 210 2.61 23.52 19.46
N HIS G 211 1.74 23.16 20.40
CA HIS G 211 2.12 22.22 21.47
C HIS G 211 1.19 21.00 21.47
N GLY G 212 0.80 20.58 20.27
CA GLY G 212 -0.06 19.41 20.09
C GLY G 212 -1.54 19.64 20.38
N GLN G 213 -1.94 20.91 20.41
CA GLN G 213 -3.30 21.30 20.81
C GLN G 213 -4.38 20.70 19.94
N PHE G 214 -4.13 20.61 18.64
CA PHE G 214 -5.17 20.41 17.65
C PHE G 214 -5.22 19.03 17.02
N ALA G 215 -6.43 18.65 16.63
CA ALA G 215 -6.69 17.45 15.85
C ALA G 215 -6.08 17.57 14.45
N PRO G 216 -5.59 16.45 13.88
CA PRO G 216 -4.99 16.46 12.54
C PRO G 216 -5.76 17.28 11.50
N ALA G 217 -7.06 17.06 11.38
CA ALA G 217 -7.93 17.82 10.47
C ALA G 217 -7.90 19.32 10.78
N GLY G 218 -7.82 19.65 12.06
CA GLY G 218 -7.70 21.03 12.50
C GLY G 218 -6.34 21.59 12.14
N ALA G 219 -5.31 20.80 12.42
CA ALA G 219 -3.92 21.15 12.17
C ALA G 219 -3.66 21.43 10.70
N ILE G 220 -4.34 20.69 9.83
CA ILE G 220 -4.20 20.89 8.40
C ILE G 220 -4.68 22.28 8.02
N ARG G 221 -5.88 22.63 8.48
CA ARG G 221 -6.43 23.98 8.30
C ARG G 221 -5.45 25.08 8.69
N LEU G 222 -4.74 24.90 9.81
CA LEU G 222 -3.84 25.95 10.32
C LEU G 222 -2.61 26.07 9.43
N ALA G 223 -2.16 24.93 8.90
CA ALA G 223 -1.00 24.90 8.02
C ALA G 223 -1.24 25.77 6.79
N LYS G 224 -2.49 25.81 6.33
CA LYS G 224 -2.85 26.59 5.15
C LYS G 224 -2.77 28.10 5.36
N ALA G 225 -3.16 28.54 6.55
CA ALA G 225 -3.10 29.95 6.93
C ALA G 225 -1.69 30.49 7.03
N ILE G 226 -0.75 29.63 7.45
CA ILE G 226 0.63 30.05 7.70
C ILE G 226 1.60 29.72 6.56
N GLU G 227 1.21 28.79 5.69
CA GLU G 227 2.02 28.42 4.52
C GLU G 227 2.58 29.59 3.74
N PRO G 228 1.73 30.57 3.37
CA PRO G 228 2.19 31.66 2.49
C PRO G 228 3.31 32.49 3.09
N TYR G 229 3.75 32.14 4.31
CA TYR G 229 4.84 32.86 4.96
C TYR G 229 6.10 32.01 5.08
N ASP G 230 5.95 30.73 4.73
CA ASP G 230 7.07 29.79 4.66
C ASP G 230 7.79 29.63 6.02
N PRO G 231 7.05 29.16 7.05
CA PRO G 231 7.76 28.75 8.26
C PRO G 231 8.65 27.53 7.97
N LEU G 232 9.84 27.49 8.58
CA LEU G 232 10.77 26.37 8.38
C LEU G 232 10.20 25.06 8.93
N TRP G 233 9.41 25.15 10.00
CA TRP G 233 8.70 23.96 10.49
C TRP G 233 7.38 24.23 11.19
N TYR G 234 6.50 23.23 11.13
CA TYR G 234 5.25 23.19 11.86
C TYR G 234 5.51 22.22 13.01
N GLU G 235 5.89 22.73 14.14
CA GLU G 235 6.18 21.90 15.26
C GLU G 235 4.95 21.33 15.96
N GLU G 236 4.93 20.02 16.12
CA GLU G 236 3.95 19.34 16.94
C GLU G 236 2.51 19.68 16.70
N PRO G 237 2.04 19.40 15.51
CA PRO G 237 0.70 19.85 15.12
C PRO G 237 -0.41 19.18 15.91
N ILE G 238 -0.16 17.96 16.37
CA ILE G 238 -1.21 17.11 16.97
C ILE G 238 -0.71 16.43 18.26
N PRO G 239 -1.63 15.80 19.03
CA PRO G 239 -1.16 15.13 20.25
C PRO G 239 -0.17 14.03 19.90
N PRO G 240 0.87 13.82 20.75
CA PRO G 240 1.88 12.76 20.58
C PRO G 240 1.35 11.33 20.67
N ASP G 241 0.12 11.15 21.13
CA ASP G 241 -0.47 9.81 21.20
C ASP G 241 -0.99 9.38 19.83
N ASN G 242 -0.78 10.23 18.82
CA ASN G 242 -1.28 9.96 17.48
C ASN G 242 -0.24 10.22 16.38
N LEU G 243 0.91 9.55 16.50
CA LEU G 243 1.91 9.51 15.41
C LEU G 243 1.36 9.11 14.05
N PRO G 244 0.39 8.15 13.97
CA PRO G 244 -0.18 7.90 12.65
C PRO G 244 -0.80 9.13 12.01
N GLY G 245 -1.29 10.05 12.84
CA GLY G 245 -1.89 11.30 12.36
C GLY G 245 -0.91 12.24 11.67
N LEU G 246 0.39 12.05 11.93
CA LEU G 246 1.42 12.91 11.32
C LEU G 246 1.44 12.77 9.80
N SER G 247 0.89 11.66 9.31
CA SER G 247 0.78 11.39 7.87
C SER G 247 -0.16 12.22 7.06
N GLU G 248 -1.40 12.31 7.51
CA GLU G 248 -2.39 13.16 6.84
C GLU G 248 -2.04 14.64 6.92
N VAL G 249 -1.29 15.01 7.95
CA VAL G 249 -0.86 16.40 8.12
C VAL G 249 0.23 16.72 7.11
N ALA G 250 1.28 15.90 7.07
CA ALA G 250 2.37 16.08 6.13
C ALA G 250 1.92 16.12 4.66
N ALA G 251 0.97 15.28 4.30
CA ALA G 251 0.50 15.23 2.91
C ALA G 251 -0.31 16.49 2.57
N HIS G 252 -0.99 17.03 3.56
CA HIS G 252 -1.80 18.23 3.33
C HIS G 252 -1.04 19.54 3.45
N THR G 253 0.25 19.49 3.76
CA THR G 253 1.03 20.73 3.83
C THR G 253 2.46 20.64 3.30
N SER G 254 2.97 21.78 2.83
CA SER G 254 4.32 21.89 2.29
C SER G 254 5.31 22.36 3.36
N ILE G 255 4.80 22.65 4.55
CA ILE G 255 5.64 22.98 5.70
C ILE G 255 6.22 21.70 6.31
N PRO G 256 7.55 21.64 6.49
CA PRO G 256 8.19 20.49 7.15
C PRO G 256 7.59 20.24 8.53
N ILE G 257 7.36 18.97 8.86
CA ILE G 257 6.72 18.60 10.13
C ILE G 257 7.79 18.24 11.16
N ALA G 258 7.71 18.87 12.33
CA ALA G 258 8.69 18.69 13.41
C ALA G 258 8.01 18.10 14.64
N THR G 259 8.75 17.28 15.39
CA THR G 259 8.15 16.56 16.53
C THR G 259 9.19 15.86 17.39
N GLY G 260 8.79 15.45 18.59
CA GLY G 260 9.62 14.55 19.39
C GLY G 260 9.75 14.83 20.88
N GLU G 261 9.49 16.01 21.32
CA GLU G 261 9.79 16.40 22.66
C GLU G 261 9.10 15.48 23.67
N ARG G 262 8.00 14.93 23.27
CA ARG G 262 7.27 14.06 24.18
C ARG G 262 7.41 12.58 23.85
N LEU G 263 8.31 12.27 22.92
CA LEU G 263 8.58 10.88 22.61
C LEU G 263 9.75 10.36 23.43
N THR G 264 9.82 9.04 23.54
CA THR G 264 10.89 8.40 24.27
C THR G 264 11.34 7.13 23.56
N GLY G 265 12.65 7.06 23.29
CA GLY G 265 13.23 5.87 22.70
C GLY G 265 13.09 5.79 21.19
N VAL G 266 14.20 5.45 20.55
CA VAL G 266 14.34 5.36 19.11
C VAL G 266 13.16 4.62 18.45
N THR G 267 12.53 3.72 19.20
CA THR G 267 11.36 2.97 18.73
C THR G 267 10.13 3.86 18.48
N GLU G 268 10.05 4.99 19.17
CA GLU G 268 8.98 5.97 18.94
C GLU G 268 9.37 6.96 17.85
N PHE G 269 10.62 7.42 17.89
CA PHE G 269 11.14 8.33 16.89
C PHE G 269 11.14 7.73 15.48
N THR G 270 11.40 6.41 15.38
CA THR G 270 11.19 5.64 14.15
C THR G 270 9.76 5.80 13.58
N GLN G 271 8.76 5.57 14.42
CA GLN G 271 7.34 5.67 14.02
CA GLN G 271 7.37 5.66 13.98
C GLN G 271 6.96 7.09 13.56
N ALA G 272 7.60 8.10 14.13
CA ALA G 272 7.33 9.48 13.74
C ALA G 272 7.97 9.78 12.39
N LEU G 273 9.03 9.04 12.06
CA LEU G 273 9.68 9.09 10.76
C LEU G 273 8.89 8.35 9.67
N HIS G 274 8.38 7.15 10.02
CA HIS G 274 7.54 6.38 9.11
CA HIS G 274 7.53 6.36 9.14
C HIS G 274 6.30 7.18 8.70
N HIS G 275 5.84 8.03 9.61
CA HIS G 275 4.60 8.76 9.39
C HIS G 275 4.80 10.16 8.86
N GLY G 276 6.04 10.49 8.48
CA GLY G 276 6.32 11.67 7.69
C GLY G 276 6.95 12.89 8.36
N ALA G 277 7.29 12.81 9.64
CA ALA G 277 8.01 13.90 10.28
C ALA G 277 9.42 13.94 9.72
N ARG G 278 9.96 15.14 9.53
CA ARG G 278 11.30 15.27 8.95
C ARG G 278 12.26 16.11 9.79
N ILE G 279 11.81 16.45 11.00
CA ILE G 279 12.65 17.12 11.99
C ILE G 279 12.32 16.46 13.31
N LEU G 280 13.33 15.78 13.90
CA LEU G 280 13.14 15.14 15.21
C LEU G 280 13.70 16.00 16.33
N GLN G 281 12.92 16.15 17.38
CA GLN G 281 13.28 17.01 18.48
C GLN G 281 13.32 16.26 19.80
N PRO G 282 14.23 15.28 19.92
CA PRO G 282 14.32 14.62 21.21
C PRO G 282 14.61 15.61 22.32
N ALA G 283 14.00 15.37 23.49
CA ALA G 283 14.45 15.98 24.73
C ALA G 283 15.32 14.93 25.40
N LEU G 284 16.61 15.20 25.44
CA LEU G 284 17.61 14.19 25.81
C LEU G 284 17.40 13.60 27.21
N GLY G 285 16.82 14.40 28.11
CA GLY G 285 16.43 13.94 29.43
C GLY G 285 15.08 13.24 29.49
N ARG G 286 14.41 13.11 28.35
CA ARG G 286 13.20 12.29 28.27
C ARG G 286 13.33 11.10 27.31
N ALA G 287 14.15 11.28 26.27
CA ALA G 287 14.22 10.34 25.13
C ALA G 287 15.05 9.08 25.40
N GLY G 288 15.99 9.17 26.32
CA GLY G 288 16.90 8.06 26.59
C GLY G 288 18.35 8.45 26.69
N GLY G 289 18.63 9.75 26.74
CA GLY G 289 19.99 10.23 26.96
C GLY G 289 20.76 10.57 25.70
N ILE G 290 22.08 10.60 25.81
CA ILE G 290 22.95 11.05 24.71
C ILE G 290 23.11 9.99 23.62
N TRP G 291 23.38 8.76 24.04
CA TRP G 291 23.61 7.66 23.11
C TRP G 291 22.33 7.38 22.34
N GLU G 292 21.21 7.35 23.06
CA GLU G 292 19.91 7.18 22.42
C GLU G 292 19.65 8.34 21.47
N GLY G 293 19.99 9.54 21.93
CA GLY G 293 19.98 10.75 21.08
C GLY G 293 20.71 10.54 19.77
N LYS G 294 21.89 9.91 19.84
CA LYS G 294 22.69 9.59 18.65
C LYS G 294 22.02 8.58 17.70
N LYS G 295 21.30 7.62 18.28
CA LYS G 295 20.60 6.60 17.50
C LYS G 295 19.39 7.19 16.80
N ILE G 296 18.70 8.08 17.52
CA ILE G 296 17.59 8.86 16.96
C ILE G 296 18.07 9.70 15.78
N ALA G 297 19.25 10.31 15.93
CA ALA G 297 19.86 11.07 14.82
C ALA G 297 20.17 10.15 13.63
N THR G 298 20.50 8.89 13.90
CA THR G 298 20.85 7.94 12.83
C THR G 298 19.62 7.51 12.04
N LEU G 299 18.55 7.15 12.74
CA LEU G 299 17.29 6.88 12.06
C LEU G 299 16.72 8.10 11.33
N ALA G 300 16.86 9.28 11.93
CA ALA G 300 16.55 10.54 11.24
C ALA G 300 17.34 10.66 9.92
N ALA G 301 18.67 10.50 9.97
CA ALA G 301 19.50 10.45 8.75
C ALA G 301 18.98 9.48 7.68
N ALA G 302 18.53 8.29 8.11
CA ALA G 302 17.99 7.26 7.22
C ALA G 302 16.68 7.65 6.51
N PHE G 303 15.96 8.64 7.04
CA PHE G 303 14.72 9.11 6.39
C PHE G 303 14.90 10.47 5.69
N GLY G 304 16.14 10.95 5.65
CA GLY G 304 16.41 12.29 5.12
C GLY G 304 15.94 13.34 6.12
N ALA G 305 15.67 12.91 7.33
CA ALA G 305 15.20 13.83 8.36
C ALA G 305 16.36 14.57 9.02
N GLN G 306 16.03 15.57 9.83
CA GLN G 306 17.02 16.36 10.54
C GLN G 306 16.78 16.33 12.05
N LEU G 307 17.79 16.76 12.80
CA LEU G 307 17.66 16.86 14.23
C LEU G 307 17.54 18.32 14.62
N ALA G 308 16.78 18.56 15.68
CA ALA G 308 16.75 19.83 16.39
C ALA G 308 16.47 19.51 17.86
N PRO G 309 17.54 19.34 18.66
CA PRO G 309 17.39 19.03 20.08
C PRO G 309 16.60 20.06 20.88
N HIS G 310 15.55 19.54 21.53
CA HIS G 310 14.65 20.28 22.42
C HIS G 310 15.31 20.80 23.70
N LEU G 311 14.99 22.05 24.07
CA LEU G 311 15.33 22.57 25.40
C LEU G 311 14.25 23.43 26.03
N TYR G 312 13.54 22.83 26.99
CA TYR G 312 12.70 23.58 27.92
C TYR G 312 13.05 23.11 29.33
N ALA G 313 14.34 23.20 29.66
CA ALA G 313 14.85 22.78 30.94
C ALA G 313 16.14 23.54 31.22
N GLY G 314 16.97 23.03 32.13
CA GLY G 314 18.16 23.74 32.59
C GLY G 314 19.35 23.72 31.65
N PRO G 315 20.53 24.12 32.16
CA PRO G 315 21.74 24.20 31.33
C PRO G 315 22.47 22.86 31.17
N VAL G 316 22.08 21.84 31.94
CA VAL G 316 22.74 20.54 31.85
C VAL G 316 22.30 19.79 30.60
N GLU G 317 20.98 19.61 30.42
CA GLU G 317 20.42 19.06 29.18
C GLU G 317 20.87 19.81 27.93
N TRP G 318 21.12 21.11 28.08
CA TRP G 318 21.65 21.98 27.01
C TRP G 318 23.09 21.59 26.62
N ALA G 319 23.91 21.32 27.63
CA ALA G 319 25.25 20.76 27.41
C ALA G 319 25.18 19.48 26.58
N ALA G 320 24.29 18.56 26.96
CA ALA G 320 24.09 17.32 26.21
C ALA G 320 23.70 17.61 24.77
N ASN G 321 22.71 18.48 24.57
CA ASN G 321 22.28 18.90 23.22
C ASN G 321 23.45 19.39 22.39
N VAL G 322 24.23 20.31 22.99
CA VAL G 322 25.35 20.96 22.31
C VAL G 322 26.39 19.93 21.89
N HIS G 323 26.52 18.87 22.67
CA HIS G 323 27.53 17.87 22.40
C HIS G 323 27.05 16.85 21.36
N LEU G 324 25.81 16.38 21.52
CA LEU G 324 25.14 15.60 20.50
C LEU G 324 25.23 16.29 19.15
N GLY G 325 24.81 17.55 19.12
CA GLY G 325 24.69 18.32 17.89
C GLY G 325 25.98 18.55 17.16
N VAL G 326 27.06 18.81 17.90
CA VAL G 326 28.38 19.00 17.30
C VAL G 326 28.76 17.83 16.36
N SER G 327 28.22 16.64 16.64
CA SER G 327 28.67 15.41 15.98
C SER G 327 27.76 14.88 14.86
N CYS G 328 26.63 15.53 14.65
CA CYS G 328 25.62 15.07 13.69
C CYS G 328 25.66 15.91 12.41
N PRO G 329 25.72 15.23 11.25
CA PRO G 329 25.69 15.90 9.95
C PRO G 329 24.27 16.33 9.61
N ASN G 330 23.32 15.63 10.21
CA ASN G 330 21.91 15.91 10.02
C ASN G 330 21.36 16.86 11.09
N LEU G 331 22.25 17.60 11.76
CA LEU G 331 21.81 18.61 12.73
C LEU G 331 21.28 19.84 12.00
N LEU G 332 20.12 20.32 12.43
CA LEU G 332 19.54 21.56 11.91
C LEU G 332 19.90 22.74 12.84
N MET G 333 19.35 22.71 14.06
CA MET G 333 19.69 23.69 15.10
C MET G 333 19.46 23.11 16.49
N VAL G 334 19.83 23.86 17.52
CA VAL G 334 19.51 23.51 18.90
C VAL G 334 18.72 24.64 19.55
N GLU G 335 17.74 24.28 20.37
CA GLU G 335 16.89 25.24 21.07
C GLU G 335 17.63 25.86 22.23
N ALA G 336 17.65 27.19 22.29
CA ALA G 336 18.40 27.92 23.32
C ALA G 336 17.51 28.63 24.30
N ILE G 337 17.90 28.60 25.58
CA ILE G 337 17.34 29.49 26.59
C ILE G 337 18.49 30.18 27.33
N GLU G 338 18.82 31.40 26.91
CA GLU G 338 19.94 32.13 27.50
C GLU G 338 19.50 33.05 28.64
N THR G 339 18.99 32.45 29.71
CA THR G 339 18.63 33.20 30.93
C THR G 339 19.89 33.36 31.79
N PRO G 340 20.00 34.48 32.55
CA PRO G 340 21.12 34.68 33.50
C PRO G 340 21.18 33.67 34.66
N PHE G 341 20.18 32.80 34.77
CA PHE G 341 20.19 31.73 35.77
C PHE G 341 20.73 30.43 35.18
N HIS G 342 20.46 30.20 33.90
CA HIS G 342 21.09 29.12 33.16
C HIS G 342 22.61 29.25 33.22
N GLU G 343 23.09 30.50 33.29
CA GLU G 343 24.51 30.80 33.28
C GLU G 343 25.16 30.73 34.67
N ALA G 344 24.40 31.08 35.70
CA ALA G 344 24.94 31.13 37.07
C ALA G 344 24.83 29.79 37.81
N LEU G 345 23.86 28.96 37.41
CA LEU G 345 23.67 27.65 38.05
C LEU G 345 24.88 26.76 37.86
N VAL G 346 25.49 26.88 36.68
CA VAL G 346 26.66 26.09 36.31
C VAL G 346 27.73 26.99 35.69
N THR G 347 28.98 26.73 35.98
CA THR G 347 30.05 27.41 35.31
C THR G 347 30.58 26.48 34.26
N GLY G 348 30.60 26.94 33.04
CA GLY G 348 31.08 26.14 31.90
C GLY G 348 30.15 26.16 30.70
N ARG G 349 28.91 26.56 30.94
CA ARG G 349 27.82 26.47 29.95
C ARG G 349 28.21 26.96 28.56
N PRO G 350 27.87 26.17 27.52
CA PRO G 350 28.00 26.68 26.17
C PRO G 350 27.06 27.86 26.00
N ARG G 351 27.52 28.88 25.26
CA ARG G 351 26.75 30.09 25.07
C ARG G 351 26.40 30.26 23.62
N VAL G 352 25.18 30.71 23.36
CA VAL G 352 24.82 31.16 22.02
C VAL G 352 25.50 32.50 21.81
N GLU G 353 26.27 32.59 20.73
CA GLU G 353 26.98 33.81 20.37
C GLU G 353 26.84 34.01 18.88
N ASN G 354 26.35 35.18 18.48
CA ASN G 354 26.07 35.49 17.08
C ASN G 354 25.27 34.38 16.39
N GLY G 355 24.35 33.79 17.15
CA GLY G 355 23.36 32.83 16.63
C GLY G 355 23.83 31.38 16.61
N PHE G 356 25.13 31.18 16.80
CA PHE G 356 25.72 29.87 16.78
C PHE G 356 26.43 29.59 18.11
N VAL G 357 26.54 28.31 18.47
CA VAL G 357 27.36 27.90 19.61
C VAL G 357 28.61 27.22 19.10
N ALA G 358 29.74 27.44 19.77
CA ALA G 358 30.99 26.79 19.42
C ALA G 358 31.10 25.45 20.11
N ALA G 359 31.64 24.47 19.39
CA ALA G 359 32.02 23.19 19.98
C ALA G 359 32.76 23.39 21.30
N PRO G 360 32.34 22.69 22.37
CA PRO G 360 33.00 22.86 23.67
C PRO G 360 34.40 22.23 23.64
N ASP G 361 35.27 22.73 24.51
CA ASP G 361 36.68 22.37 24.50
C ASP G 361 37.05 21.51 25.70
N ALA G 362 36.25 21.58 26.75
CA ALA G 362 36.56 20.95 28.03
C ALA G 362 36.09 19.49 28.09
N PRO G 363 36.76 18.66 28.91
CA PRO G 363 36.39 17.28 29.20
C PRO G 363 34.94 17.10 29.62
N GLY G 364 34.31 16.02 29.18
CA GLY G 364 32.91 15.71 29.52
C GLY G 364 31.97 16.71 28.91
N LEU G 365 30.93 17.10 29.65
CA LEU G 365 29.97 18.11 29.21
C LEU G 365 30.53 19.52 29.42
N GLY G 366 31.66 19.59 30.11
CA GLY G 366 32.38 20.86 30.31
C GLY G 366 31.73 21.76 31.33
N ILE G 367 30.96 21.17 32.25
CA ILE G 367 30.13 21.92 33.19
C ILE G 367 30.28 21.42 34.63
N THR G 368 30.57 22.36 35.53
CA THR G 368 30.58 22.11 36.98
C THR G 368 29.36 22.79 37.58
N LEU G 369 28.71 22.13 38.54
CA LEU G 369 27.56 22.70 39.22
C LEU G 369 28.02 23.67 40.31
N ASN G 370 27.42 24.86 40.34
CA ASN G 370 27.62 25.80 41.44
C ASN G 370 26.62 25.52 42.54
N ASP G 371 27.09 24.78 43.55
CA ASP G 371 26.25 24.19 44.61
C ASP G 371 25.39 25.19 45.39
N ALA G 372 25.94 26.37 45.67
CA ALA G 372 25.29 27.34 46.54
C ALA G 372 24.06 27.95 45.89
N ILE G 373 24.15 28.12 44.57
CA ILE G 373 23.06 28.59 43.72
C ILE G 373 21.96 27.54 43.63
N ALA G 374 22.38 26.28 43.48
CA ALA G 374 21.47 25.15 43.39
C ALA G 374 20.69 24.97 44.69
N ASN G 375 21.36 25.19 45.82
CA ASN G 375 20.75 24.97 47.13
C ASN G 375 19.94 26.15 47.64
N ALA G 376 20.27 27.35 47.16
CA ALA G 376 19.47 28.53 47.43
C ALA G 376 18.14 28.47 46.67
N HIS G 377 18.16 27.89 45.47
CA HIS G 377 17.00 27.84 44.59
C HIS G 377 16.23 26.52 44.66
N ARG G 378 16.48 25.70 45.68
CA ARG G 378 15.80 24.41 45.78
C ARG G 378 14.28 24.57 45.80
N TYR G 379 13.61 23.63 45.17
CA TYR G 379 12.20 23.71 44.96
C TYR G 379 11.37 23.15 46.13
N THR G 380 10.38 23.91 46.54
CA THR G 380 9.39 23.48 47.48
C THR G 380 7.95 23.94 47.15
N GLY G 381 7.39 23.39 46.08
CA GLY G 381 6.05 23.74 45.63
C GLY G 381 5.14 22.53 45.48
N ASN G 382 4.01 22.72 44.80
CA ASN G 382 3.03 21.64 44.57
C ASN G 382 2.61 21.47 43.10
N ARG G 383 3.46 21.96 42.20
CA ARG G 383 3.13 22.03 40.76
C ARG G 383 4.02 21.13 39.89
N LEU G 384 3.61 20.94 38.63
CA LEU G 384 4.38 20.16 37.66
C LEU G 384 5.14 21.06 36.69
N HIS G 385 6.26 20.54 36.18
CA HIS G 385 7.16 21.29 35.29
C HIS G 385 6.46 21.98 34.11
N LEU G 386 5.37 21.38 33.64
CA LEU G 386 4.50 21.98 32.61
C LEU G 386 3.01 21.61 32.78
N GLU G 387 2.27 22.43 33.53
CA GLU G 387 0.84 22.18 33.76
C GLU G 387 -0.06 22.93 32.78
N MET H 1 35.46 -11.32 -36.98
CA MET H 1 35.54 -9.89 -36.64
C MET H 1 36.89 -9.63 -35.98
N VAL H 2 36.86 -8.87 -34.90
CA VAL H 2 38.07 -8.36 -34.29
C VAL H 2 37.96 -8.61 -32.79
N LYS H 3 39.06 -8.48 -32.10
CA LYS H 3 39.05 -8.54 -30.69
C LYS H 3 39.57 -7.23 -30.19
N LEU H 4 39.32 -6.83 -28.95
CA LEU H 4 39.95 -5.67 -28.36
C LEU H 4 41.41 -6.03 -28.02
N ASP H 5 42.33 -5.11 -28.29
CA ASP H 5 43.76 -5.38 -28.09
C ASP H 5 44.44 -4.43 -27.09
N THR H 6 44.56 -3.16 -27.45
CA THR H 6 45.29 -2.18 -26.62
C THR H 6 44.41 -1.02 -26.13
N LEU H 7 44.93 -0.31 -25.14
CA LEU H 7 44.21 0.79 -24.52
C LEU H 7 45.15 1.94 -24.19
N ASP H 8 44.67 3.15 -24.49
CA ASP H 8 45.35 4.38 -24.08
C ASP H 8 44.38 5.25 -23.31
N ILE H 9 44.87 5.87 -22.24
CA ILE H 9 44.07 6.75 -21.41
C ILE H 9 44.70 8.14 -21.40
N PHE H 10 43.87 9.14 -21.68
CA PHE H 10 44.27 10.52 -21.70
C PHE H 10 43.60 11.26 -20.54
N ALA H 11 44.40 11.78 -19.62
CA ALA H 11 43.94 12.78 -18.68
C ALA H 11 44.08 14.17 -19.32
N VAL H 12 42.96 14.79 -19.67
CA VAL H 12 42.97 16.09 -20.36
C VAL H 12 42.37 17.23 -19.52
N ALA H 13 43.11 18.33 -19.40
CA ALA H 13 42.62 19.51 -18.67
C ALA H 13 42.13 20.62 -19.62
N PRO H 14 40.84 20.99 -19.53
CA PRO H 14 40.31 22.12 -20.28
C PRO H 14 40.81 23.46 -19.72
N PRO H 15 41.04 24.45 -20.62
CA PRO H 15 41.55 25.75 -20.17
C PRO H 15 40.53 26.55 -19.34
N PRO H 16 40.99 27.57 -18.59
CA PRO H 16 40.04 28.55 -18.06
C PRO H 16 39.19 29.11 -19.20
N PRO H 17 37.85 29.22 -19.01
CA PRO H 17 37.07 29.11 -17.76
C PRO H 17 36.97 27.68 -17.17
N GLY H 18 36.78 26.68 -18.03
CA GLY H 18 36.82 25.29 -17.60
C GLY H 18 35.47 24.62 -17.44
N TRP H 19 34.49 25.02 -18.27
CA TRP H 19 33.16 24.40 -18.26
C TRP H 19 33.32 22.94 -18.68
N GLY H 20 32.74 22.06 -17.88
CA GLY H 20 32.95 20.63 -18.08
C GLY H 20 33.91 20.03 -17.06
N GLY H 21 34.43 20.86 -16.15
CA GLY H 21 35.20 20.37 -15.02
C GLY H 21 36.71 20.38 -15.19
N ARG H 22 37.41 20.07 -14.09
CA ARG H 22 38.88 20.10 -14.04
C ARG H 22 39.55 19.30 -15.15
N TYR H 23 39.25 18.02 -15.21
CA TYR H 23 39.87 17.11 -16.17
C TYR H 23 38.82 16.22 -16.83
N TRP H 24 39.18 15.65 -17.98
CA TRP H 24 38.37 14.61 -18.61
C TRP H 24 39.21 13.35 -18.82
N LEU H 25 38.55 12.20 -18.71
CA LEU H 25 39.21 10.91 -18.90
C LEU H 25 38.74 10.26 -20.20
N LEU H 26 39.61 10.34 -21.22
CA LEU H 26 39.31 9.78 -22.52
C LEU H 26 40.05 8.47 -22.71
N VAL H 27 39.37 7.53 -23.36
CA VAL H 27 39.98 6.24 -23.68
C VAL H 27 40.03 6.04 -25.20
N ARG H 28 41.17 5.61 -25.71
CA ARG H 28 41.23 5.09 -27.08
C ARG H 28 41.63 3.62 -27.07
N VAL H 29 40.71 2.78 -27.53
CA VAL H 29 40.92 1.35 -27.63
C VAL H 29 41.22 1.00 -29.08
N THR H 30 42.23 0.17 -29.28
CA THR H 30 42.54 -0.38 -30.60
C THR H 30 42.14 -1.86 -30.63
N THR H 31 41.68 -2.32 -31.78
CA THR H 31 41.35 -3.74 -31.98
C THR H 31 42.62 -4.53 -32.28
N ASP H 32 42.45 -5.82 -32.53
CA ASP H 32 43.58 -6.60 -33.03
C ASP H 32 43.76 -6.34 -34.52
N THR H 33 42.67 -5.92 -35.16
CA THR H 33 42.64 -5.61 -36.60
C THR H 33 43.15 -4.20 -36.93
N GLY H 34 43.12 -3.28 -35.96
CA GLY H 34 43.65 -1.93 -36.17
C GLY H 34 42.69 -0.76 -35.99
N LEU H 35 41.39 -1.06 -35.90
CA LEU H 35 40.37 -0.03 -35.67
C LEU H 35 40.45 0.54 -34.26
N THR H 36 40.19 1.85 -34.13
CA THR H 36 40.24 2.53 -32.85
C THR H 36 38.86 3.03 -32.44
N GLY H 37 38.59 3.01 -31.14
CA GLY H 37 37.36 3.59 -30.60
C GLY H 37 37.61 4.56 -29.47
N LEU H 38 36.82 5.63 -29.44
CA LEU H 38 36.88 6.62 -28.37
C LEU H 38 35.79 6.38 -27.33
N GLY H 39 36.15 6.64 -26.07
CA GLY H 39 35.23 6.52 -24.96
C GLY H 39 35.59 7.49 -23.84
N GLU H 40 34.64 7.71 -22.94
CA GLU H 40 34.78 8.73 -21.91
C GLU H 40 34.36 8.24 -20.53
N VAL H 41 35.32 8.19 -19.62
CA VAL H 41 35.06 7.77 -18.25
C VAL H 41 34.63 8.97 -17.43
N TYR H 42 33.55 8.80 -16.68
CA TYR H 42 33.00 9.85 -15.85
C TYR H 42 32.90 9.42 -14.40
N ALA H 43 34.00 9.61 -13.66
CA ALA H 43 34.06 9.22 -12.24
C ALA H 43 35.01 10.13 -11.48
N ALA H 44 34.67 10.47 -10.24
CA ALA H 44 35.50 11.37 -9.43
C ALA H 44 35.69 10.94 -7.97
N GLY H 45 35.16 9.77 -7.61
CA GLY H 45 35.33 9.19 -6.28
C GLY H 45 36.79 9.12 -5.87
N VAL H 46 37.64 8.68 -6.80
CA VAL H 46 39.08 8.86 -6.69
C VAL H 46 39.62 9.65 -7.89
N GLY H 47 40.85 10.17 -7.75
CA GLY H 47 41.44 11.08 -8.73
C GLY H 47 41.97 10.43 -9.99
N PRO H 48 42.25 11.25 -11.03
CA PRO H 48 42.57 10.85 -12.40
C PRO H 48 43.69 9.81 -12.53
N GLU H 49 44.70 9.88 -11.67
CA GLU H 49 45.73 8.84 -11.65
C GLU H 49 45.11 7.51 -11.21
N ALA H 50 44.65 7.46 -9.96
CA ALA H 50 44.12 6.21 -9.40
C ALA H 50 43.19 5.53 -10.39
N MET H 51 42.35 6.34 -11.05
CA MET H 51 41.39 5.86 -12.04
C MET H 51 42.00 5.25 -13.30
N THR H 52 43.25 5.61 -13.60
CA THR H 52 43.97 5.06 -14.74
C THR H 52 44.22 3.59 -14.54
N HIS H 53 44.52 3.20 -13.29
CA HIS H 53 44.79 1.82 -12.95
C HIS H 53 43.49 1.03 -12.83
N VAL H 54 42.43 1.71 -12.37
CA VAL H 54 41.10 1.11 -12.35
C VAL H 54 40.69 0.75 -13.78
N ILE H 55 40.84 1.71 -14.71
CA ILE H 55 40.45 1.49 -16.10
C ILE H 55 41.28 0.36 -16.74
N HIS H 56 42.60 0.39 -16.52
CA HIS H 56 43.47 -0.65 -17.09
C HIS H 56 43.04 -2.02 -16.58
N ASP H 57 42.93 -2.16 -15.27
CA ASP H 57 42.38 -3.39 -14.67
C ASP H 57 41.12 -3.84 -15.39
N VAL H 58 40.08 -2.98 -15.42
CA VAL H 58 38.78 -3.33 -16.00
C VAL H 58 38.91 -3.84 -17.43
N PHE H 59 39.66 -3.13 -18.25
CA PHE H 59 39.90 -3.50 -19.65
C PHE H 59 40.67 -4.81 -19.73
N THR H 60 41.83 -4.86 -19.09
CA THR H 60 42.67 -6.07 -19.09
C THR H 60 41.88 -7.30 -18.62
N ARG H 61 41.04 -7.11 -17.61
CA ARG H 61 40.40 -8.23 -16.92
C ARG H 61 39.19 -8.77 -17.67
N HIS H 62 38.33 -7.88 -18.17
CA HIS H 62 37.03 -8.26 -18.68
C HIS H 62 36.83 -7.96 -20.16
N MET H 63 37.82 -7.31 -20.78
CA MET H 63 37.60 -6.71 -22.10
C MET H 63 38.65 -7.04 -23.17
N ARG H 64 39.91 -7.00 -22.81
CA ARG H 64 40.99 -7.35 -23.74
C ARG H 64 40.87 -8.79 -24.27
N GLY H 65 40.79 -8.95 -25.59
CA GLY H 65 40.69 -10.28 -26.22
C GLY H 65 39.27 -10.74 -26.45
N GLU H 66 38.35 -9.79 -26.55
CA GLU H 66 36.94 -10.07 -26.69
C GLU H 66 36.36 -9.38 -27.92
N ASP H 67 35.42 -10.04 -28.58
CA ASP H 67 34.69 -9.45 -29.69
C ASP H 67 33.84 -8.29 -29.17
N PRO H 68 34.05 -7.07 -29.73
CA PRO H 68 33.40 -5.82 -29.34
C PRO H 68 31.90 -5.92 -29.19
N ALA H 69 31.27 -6.75 -30.03
CA ALA H 69 29.83 -6.93 -30.05
C ALA H 69 29.29 -7.52 -28.75
N ASN H 70 30.15 -8.19 -27.99
CA ASN H 70 29.72 -8.90 -26.78
C ASN H 70 29.56 -7.96 -25.58
N ILE H 71 28.70 -6.95 -25.78
CA ILE H 71 28.46 -5.90 -24.80
C ILE H 71 27.81 -6.44 -23.53
N GLU H 72 26.82 -7.27 -23.67
CA GLU H 72 26.15 -7.84 -22.55
C GLU H 72 27.07 -8.70 -21.72
N LEU H 73 27.86 -9.48 -22.40
CA LEU H 73 28.93 -10.26 -21.76
C LEU H 73 29.88 -9.39 -20.94
N MET H 74 30.42 -8.35 -21.56
CA MET H 74 31.41 -7.48 -20.91
C MET H 74 30.84 -6.63 -19.77
N SER H 75 29.61 -6.15 -19.95
CA SER H 75 28.89 -5.47 -18.89
C SER H 75 28.65 -6.39 -17.68
N ARG H 76 28.20 -7.60 -17.94
CA ARG H 76 27.95 -8.55 -16.85
C ARG H 76 29.21 -8.83 -16.05
N ARG H 77 30.30 -9.10 -16.75
CA ARG H 77 31.61 -9.33 -16.17
C ARG H 77 32.05 -8.17 -15.30
N ALA H 78 31.84 -6.94 -15.79
CA ALA H 78 32.28 -5.76 -15.07
C ALA H 78 31.43 -5.55 -13.83
N HIS H 79 30.11 -5.62 -14.00
CA HIS H 79 29.16 -5.50 -12.91
C HIS H 79 29.45 -6.53 -11.82
N SER H 80 29.65 -7.78 -12.25
CA SER H 80 29.94 -8.88 -11.34
C SER H 80 31.39 -8.99 -10.81
N SER H 81 32.30 -8.14 -11.30
CA SER H 81 33.73 -8.24 -10.98
C SER H 81 34.05 -8.45 -9.49
N GLY H 82 34.83 -9.46 -9.16
CA GLY H 82 35.18 -9.71 -7.79
C GLY H 82 34.13 -10.06 -6.79
N PHE H 83 33.17 -10.84 -7.22
CA PHE H 83 32.04 -11.24 -6.40
C PHE H 83 31.21 -10.08 -5.86
N THR H 84 30.76 -9.24 -6.75
CA THR H 84 30.11 -8.03 -6.29
C THR H 84 28.66 -8.04 -6.77
N GLN H 85 28.48 -7.83 -8.07
CA GLN H 85 27.16 -7.94 -8.71
C GLN H 85 26.17 -7.00 -8.04
N ARG H 86 26.64 -5.81 -7.77
CA ARG H 86 25.86 -4.75 -7.27
C ARG H 86 26.54 -3.59 -7.92
N PRO H 87 25.76 -2.44 -8.07
CA PRO H 87 26.42 -1.32 -8.73
C PRO H 87 27.67 -0.66 -8.12
N ASP H 88 28.53 -0.17 -8.98
CA ASP H 88 29.78 0.41 -8.53
C ASP H 88 30.10 1.55 -9.49
N PRO H 89 30.02 2.81 -9.02
CA PRO H 89 30.27 3.95 -9.93
C PRO H 89 31.73 4.12 -10.35
N THR H 90 32.65 3.47 -9.64
CA THR H 90 34.08 3.56 -9.95
C THR H 90 34.48 2.49 -10.97
N VAL H 91 34.16 1.24 -10.65
CA VAL H 91 34.45 0.11 -11.54
C VAL H 91 33.58 0.19 -12.80
N PHE H 92 32.31 0.54 -12.62
CA PHE H 92 31.36 0.57 -13.73
C PHE H 92 31.47 1.90 -14.48
N GLY H 93 32.04 2.90 -13.81
CA GLY H 93 32.44 4.14 -14.48
C GLY H 93 33.55 3.88 -15.50
N ALA H 94 34.50 3.05 -15.11
CA ALA H 94 35.56 2.62 -16.01
C ALA H 94 34.96 1.91 -17.21
N PHE H 95 34.20 0.84 -16.95
CA PHE H 95 33.62 0.04 -18.02
C PHE H 95 32.85 0.86 -19.06
N SER H 96 32.09 1.86 -18.58
CA SER H 96 31.27 2.72 -19.44
C SER H 96 32.11 3.36 -20.53
N GLY H 97 33.26 3.92 -20.15
CA GLY H 97 34.12 4.59 -21.09
C GLY H 97 34.58 3.64 -22.15
N LEU H 98 35.12 2.50 -21.69
CA LEU H 98 35.59 1.45 -22.58
C LEU H 98 34.49 0.91 -23.49
N GLU H 99 33.29 0.68 -22.93
CA GLU H 99 32.11 0.23 -23.70
C GLU H 99 31.78 1.21 -24.83
N MET H 100 31.78 2.50 -24.50
CA MET H 100 31.61 3.56 -25.50
C MET H 100 32.51 3.37 -26.71
N ALA H 101 33.78 3.06 -26.47
CA ALA H 101 34.74 2.78 -27.54
C ALA H 101 34.24 1.65 -28.41
N CYS H 102 33.88 0.52 -27.76
CA CYS H 102 33.32 -0.67 -28.44
C CYS H 102 32.23 -0.36 -29.46
N TRP H 103 31.35 0.59 -29.14
CA TRP H 103 30.32 1.02 -30.09
C TRP H 103 30.94 1.85 -31.22
N ASP H 104 31.90 2.70 -30.88
CA ASP H 104 32.66 3.46 -31.86
C ASP H 104 33.37 2.51 -32.84
N ILE H 105 34.03 1.48 -32.29
CA ILE H 105 34.65 0.43 -33.12
C ILE H 105 33.61 -0.31 -33.97
N LEU H 106 32.54 -0.78 -33.32
CA LEU H 106 31.49 -1.54 -34.03
C LEU H 106 30.87 -0.72 -35.15
N GLY H 107 30.79 0.59 -34.94
CA GLY H 107 30.27 1.51 -35.96
C GLY H 107 31.19 1.53 -37.16
N LYS H 108 32.47 1.71 -36.90
CA LYS H 108 33.52 1.78 -37.93
C LYS H 108 33.62 0.50 -38.77
N ALA H 109 33.53 -0.65 -38.11
CA ALA H 109 33.57 -1.94 -38.81
C ALA H 109 32.32 -2.13 -39.68
N ARG H 110 31.17 -1.72 -39.17
CA ARG H 110 29.89 -1.97 -39.82
C ARG H 110 29.41 -0.75 -40.60
N ASP H 111 30.29 0.25 -40.72
CA ASP H 111 30.10 1.42 -41.60
C ASP H 111 28.80 2.20 -41.36
N CYS H 112 28.39 2.29 -40.09
CA CYS H 112 27.14 2.96 -39.71
C CYS H 112 27.31 3.75 -38.43
N PRO H 113 26.63 4.92 -38.30
CA PRO H 113 26.75 5.66 -37.04
C PRO H 113 26.17 4.84 -35.90
N VAL H 114 26.67 5.04 -34.69
CA VAL H 114 26.26 4.21 -33.54
C VAL H 114 24.73 4.10 -33.39
N TRP H 115 23.99 5.19 -33.66
CA TRP H 115 22.51 5.12 -33.56
C TRP H 115 21.89 4.13 -34.55
N ALA H 116 22.60 3.81 -35.62
CA ALA H 116 22.09 2.87 -36.61
C ALA H 116 21.95 1.47 -35.99
N MET H 117 22.53 1.30 -34.81
CA MET H 117 22.58 0.02 -34.10
C MET H 117 21.82 0.10 -32.75
N LEU H 118 21.02 1.13 -32.59
CA LEU H 118 20.30 1.38 -31.35
C LEU H 118 18.79 1.52 -31.59
N GLY H 119 18.36 1.17 -32.80
CA GLY H 119 16.97 1.32 -33.18
C GLY H 119 16.77 2.40 -34.23
N GLY H 120 17.82 3.02 -34.68
CA GLY H 120 17.71 3.93 -35.78
C GLY H 120 17.34 5.35 -35.53
N LYS H 121 17.09 6.04 -36.61
CA LYS H 121 16.92 7.46 -36.59
C LYS H 121 15.53 7.85 -36.23
N MET H 122 15.23 7.79 -34.96
CA MET H 122 13.92 8.19 -34.48
C MET H 122 13.75 9.69 -34.61
N ASN H 123 14.81 10.42 -34.23
CA ASN H 123 14.79 11.86 -34.17
C ASN H 123 15.86 12.48 -35.08
N ASP H 124 15.42 12.95 -36.26
CA ASP H 124 16.28 13.63 -37.23
C ASP H 124 17.11 14.75 -36.62
N ARG H 125 16.47 15.49 -35.71
CA ARG H 125 17.11 16.49 -34.88
C ARG H 125 16.70 16.21 -33.45
N ILE H 126 17.61 16.47 -32.51
CA ILE H 126 17.32 16.36 -31.09
C ILE H 126 17.41 17.73 -30.38
N ARG H 127 16.42 18.01 -29.55
CA ARG H 127 16.34 19.22 -28.75
C ARG H 127 17.56 19.35 -27.83
N ALA H 128 18.04 20.57 -27.67
CA ALA H 128 19.26 20.85 -26.91
C ALA H 128 19.06 21.90 -25.82
N TYR H 129 19.89 21.85 -24.78
CA TYR H 129 19.97 22.92 -23.79
C TYR H 129 21.38 23.12 -23.24
N THR H 130 21.59 24.30 -22.66
CA THR H 130 22.88 24.68 -22.08
C THR H 130 22.67 25.23 -20.66
N TYR H 131 23.78 25.52 -19.97
CA TYR H 131 23.76 26.26 -18.71
C TYR H 131 23.91 27.72 -19.07
N LEU H 132 23.30 28.61 -18.29
CA LEU H 132 23.41 30.04 -18.51
C LEU H 132 24.80 30.54 -18.09
N TYR H 133 25.61 30.87 -19.09
CA TYR H 133 27.00 31.23 -18.88
C TYR H 133 27.14 32.74 -19.02
N PRO H 134 28.16 33.34 -18.37
CA PRO H 134 28.28 34.80 -18.48
C PRO H 134 28.37 35.27 -19.92
N GLU H 135 27.80 36.44 -20.17
CA GLU H 135 27.87 37.13 -21.44
C GLU H 135 29.23 37.82 -21.49
N PRO H 136 29.78 38.06 -22.70
CA PRO H 136 31.11 38.67 -22.76
C PRO H 136 31.26 39.88 -21.83
N HIS H 137 30.21 40.69 -21.72
CA HIS H 137 30.26 41.93 -20.97
C HIS H 137 30.03 41.79 -19.47
N HIS H 138 29.50 40.63 -19.06
CA HIS H 138 29.19 40.37 -17.66
C HIS H 138 30.45 40.23 -16.83
N ASP H 139 30.45 40.82 -15.64
CA ASP H 139 31.45 40.54 -14.62
C ASP H 139 31.23 39.11 -14.09
N THR H 140 32.23 38.26 -14.29
CA THR H 140 32.16 36.84 -13.91
C THR H 140 31.72 36.60 -12.46
N ASN H 141 32.40 37.29 -11.53
CA ASN H 141 32.15 37.13 -10.10
C ASN H 141 30.68 37.31 -9.71
N ALA H 142 30.12 38.46 -10.08
CA ALA H 142 28.75 38.84 -9.70
C ALA H 142 27.66 38.12 -10.48
N PHE H 143 28.01 37.53 -11.63
CA PHE H 143 27.04 36.88 -12.51
C PHE H 143 26.22 35.79 -11.82
N TRP H 144 26.89 35.01 -10.97
CA TRP H 144 26.31 33.82 -10.33
C TRP H 144 25.17 34.13 -9.36
N THR H 145 25.17 35.32 -8.78
CA THR H 145 24.17 35.71 -7.78
C THR H 145 23.27 36.82 -8.33
N SER H 146 23.34 37.02 -9.63
CA SER H 146 22.60 38.08 -10.27
C SER H 146 21.51 37.54 -11.18
N PRO H 147 20.23 37.81 -10.82
CA PRO H 147 19.11 37.48 -11.70
C PRO H 147 19.18 38.26 -13.01
N GLU H 148 19.53 39.54 -12.95
CA GLU H 148 19.54 40.41 -14.13
C GLU H 148 20.54 39.93 -15.18
N MET H 149 21.72 39.52 -14.71
CA MET H 149 22.76 38.97 -15.57
C MET H 149 22.40 37.60 -16.14
N ALA H 150 21.62 36.82 -15.39
CA ALA H 150 21.10 35.54 -15.90
C ALA H 150 20.06 35.76 -17.01
N ALA H 151 19.19 36.74 -16.81
CA ALA H 151 18.15 37.10 -17.79
C ALA H 151 18.73 37.49 -19.15
N GLU H 152 19.88 38.14 -19.14
CA GLU H 152 20.59 38.46 -20.39
C GLU H 152 21.19 37.23 -21.07
N SER H 153 21.73 36.29 -20.29
CA SER H 153 22.14 34.98 -20.83
C SER H 153 20.96 34.25 -21.47
N ALA H 154 19.83 34.27 -20.76
CA ALA H 154 18.63 33.57 -21.22
C ALA H 154 18.21 34.07 -22.59
N ALA H 155 18.02 35.39 -22.70
CA ALA H 155 17.66 36.06 -23.95
C ALA H 155 18.63 35.78 -25.12
N ALA H 156 19.93 35.83 -24.86
CA ALA H 156 20.95 35.55 -25.90
C ALA H 156 20.94 34.09 -26.35
N ARG H 157 20.76 33.14 -25.46
CA ARG H 157 20.60 31.74 -25.81
C ARG H 157 19.35 31.47 -26.61
N VAL H 158 18.29 32.17 -26.28
CA VAL H 158 17.07 32.15 -27.09
C VAL H 158 17.32 32.74 -28.49
N ALA H 159 18.09 33.83 -28.53
CA ALA H 159 18.44 34.47 -29.81
C ALA H 159 19.32 33.55 -30.67
N GLU H 160 19.80 32.47 -30.06
CA GLU H 160 20.61 31.48 -30.74
C GLU H 160 19.82 30.24 -31.12
N GLY H 161 18.59 30.12 -30.61
CA GLY H 161 17.72 28.98 -30.91
C GLY H 161 17.48 28.00 -29.76
N TYR H 162 18.20 28.16 -28.66
CA TYR H 162 17.96 27.38 -27.45
C TYR H 162 16.53 27.52 -26.93
N THR H 163 15.88 26.39 -26.68
CA THR H 163 14.47 26.38 -26.26
C THR H 163 14.31 25.99 -24.79
N ALA H 164 15.44 25.88 -24.08
CA ALA H 164 15.47 25.56 -22.66
C ALA H 164 16.81 25.97 -22.06
N VAL H 165 16.79 26.49 -20.83
CA VAL H 165 18.03 26.96 -20.17
C VAL H 165 18.14 26.48 -18.73
N LYS H 166 19.35 26.10 -18.33
CA LYS H 166 19.59 25.60 -16.97
C LYS H 166 20.31 26.62 -16.10
N PHE H 167 20.05 26.56 -14.80
CA PHE H 167 20.67 27.44 -13.81
C PHE H 167 20.52 26.88 -12.40
N ASP H 168 21.51 27.15 -11.53
CA ASP H 168 21.60 26.56 -10.18
C ASP H 168 21.85 27.66 -9.14
N PRO H 169 20.83 28.50 -8.88
CA PRO H 169 21.09 29.69 -8.07
C PRO H 169 21.10 29.45 -6.55
N ALA H 170 20.83 28.21 -6.11
CA ALA H 170 20.72 27.92 -4.68
C ALA H 170 22.07 27.76 -3.99
N GLY H 171 23.11 28.30 -4.60
CA GLY H 171 24.45 28.30 -4.00
C GLY H 171 25.13 26.94 -3.91
N PRO H 172 25.92 26.72 -2.84
CA PRO H 172 26.86 25.59 -2.75
C PRO H 172 26.27 24.26 -2.27
N TYR H 173 26.77 23.17 -2.84
CA TYR H 173 26.50 21.81 -2.35
C TYR H 173 27.65 21.31 -1.50
N THR H 174 27.34 20.84 -0.29
CA THR H 174 28.36 20.40 0.66
C THR H 174 28.36 18.89 0.80
N MET H 175 29.37 18.38 1.50
CA MET H 175 29.47 16.96 1.78
C MET H 175 28.62 16.51 2.98
N ARG H 176 28.11 17.48 3.75
CA ARG H 176 27.41 17.23 5.02
C ARG H 176 26.11 16.46 4.82
N GLY H 177 25.57 16.52 3.61
CA GLY H 177 24.32 15.88 3.28
C GLY H 177 23.24 16.94 3.18
N GLY H 178 22.03 16.51 2.82
CA GLY H 178 20.90 17.41 2.61
C GLY H 178 20.61 18.36 3.75
N HIS H 179 20.90 19.65 3.53
CA HIS H 179 20.58 20.68 4.52
C HIS H 179 19.24 21.36 4.25
N MET H 180 18.89 22.36 5.06
CA MET H 180 17.65 23.10 4.88
C MET H 180 18.01 24.43 4.23
N PRO H 181 17.37 24.75 3.07
CA PRO H 181 17.70 25.94 2.29
C PRO H 181 17.64 27.21 3.12
N ALA H 182 18.55 28.14 2.83
CA ALA H 182 18.52 29.46 3.44
C ALA H 182 17.34 30.20 2.82
N LEU H 183 16.79 31.18 3.53
CA LEU H 183 15.76 32.01 2.91
C LEU H 183 16.35 32.89 1.81
N SER H 184 17.66 33.15 1.89
CA SER H 184 18.35 33.90 0.82
C SER H 184 18.50 33.00 -0.43
N ASP H 185 18.64 31.70 -0.20
CA ASP H 185 18.67 30.67 -1.25
C ASP H 185 17.32 30.53 -1.96
N ILE H 186 16.24 30.62 -1.19
CA ILE H 186 14.88 30.55 -1.74
C ILE H 186 14.59 31.81 -2.56
N ASP H 187 14.97 32.94 -1.98
CA ASP H 187 14.72 34.25 -2.57
C ASP H 187 15.40 34.35 -3.94
N LEU H 188 16.72 34.15 -3.96
CA LEU H 188 17.54 34.19 -5.18
C LEU H 188 17.08 33.19 -6.23
N SER H 189 16.49 32.08 -5.78
CA SER H 189 15.89 31.10 -6.67
C SER H 189 14.65 31.64 -7.35
N ALA H 190 13.72 32.17 -6.56
CA ALA H 190 12.49 32.80 -7.09
C ALA H 190 12.80 33.99 -8.00
N ARG H 191 13.76 34.81 -7.60
CA ARG H 191 14.21 35.96 -8.40
C ARG H 191 14.86 35.55 -9.73
N PHE H 192 15.59 34.44 -9.74
CA PHE H 192 16.21 33.93 -10.97
C PHE H 192 15.16 33.47 -11.96
N CYS H 193 14.26 32.61 -11.51
CA CYS H 193 13.11 32.21 -12.30
C CYS H 193 12.27 33.40 -12.76
N ALA H 194 12.08 34.40 -11.89
CA ALA H 194 11.22 35.54 -12.21
C ALA H 194 11.83 36.42 -13.29
N ALA H 195 13.12 36.69 -13.18
CA ALA H 195 13.84 37.49 -14.19
C ALA H 195 13.95 36.77 -15.53
N ILE H 196 14.12 35.44 -15.48
CA ILE H 196 14.35 34.62 -16.69
C ILE H 196 13.06 34.40 -17.45
N ARG H 197 11.96 34.14 -16.74
CA ARG H 197 10.65 34.05 -17.37
C ARG H 197 10.26 35.42 -17.94
N ASP H 198 10.52 36.49 -17.19
CA ASP H 198 10.33 37.86 -17.68
C ASP H 198 11.05 38.09 -19.01
N ALA H 199 12.33 37.70 -19.04
CA ALA H 199 13.14 37.80 -20.25
C ALA H 199 12.61 36.94 -21.41
N VAL H 200 12.60 35.61 -21.22
CA VAL H 200 12.28 34.68 -22.31
C VAL H 200 10.80 34.48 -22.64
N GLY H 201 9.91 34.68 -21.68
CA GLY H 201 8.48 34.40 -21.89
C GLY H 201 8.23 32.97 -22.38
N THR H 202 7.46 32.84 -23.46
CA THR H 202 7.14 31.51 -23.97
C THR H 202 8.29 30.79 -24.67
N GLN H 203 9.39 31.49 -24.97
CA GLN H 203 10.41 30.94 -25.89
C GLN H 203 11.44 29.96 -25.33
N ALA H 204 11.59 29.89 -24.00
CA ALA H 204 12.45 28.86 -23.41
C ALA H 204 11.96 28.34 -22.07
N ASP H 205 11.94 27.00 -21.93
CA ASP H 205 11.66 26.34 -20.66
C ASP H 205 12.74 26.63 -19.60
N LEU H 206 12.29 26.70 -18.35
CA LEU H 206 13.17 26.91 -17.21
C LEU H 206 13.63 25.57 -16.65
N LEU H 207 14.95 25.40 -16.51
CA LEU H 207 15.49 24.16 -15.95
C LEU H 207 16.17 24.45 -14.63
N PHE H 208 15.43 24.20 -13.55
CA PHE H 208 15.93 24.48 -12.23
C PHE H 208 16.71 23.29 -11.70
N GLY H 209 17.97 23.52 -11.38
CA GLY H 209 18.87 22.42 -11.07
C GLY H 209 19.70 22.66 -9.84
N THR H 210 19.17 22.31 -8.67
CA THR H 210 19.99 22.22 -7.49
C THR H 210 20.79 20.93 -7.61
N HIS H 211 21.78 20.73 -6.74
CA HIS H 211 22.73 19.62 -6.88
C HIS H 211 22.63 18.60 -5.75
N GLY H 212 21.40 18.35 -5.31
CA GLY H 212 21.15 17.40 -4.22
C GLY H 212 21.64 17.84 -2.85
N GLN H 213 21.61 19.14 -2.59
CA GLN H 213 22.15 19.66 -1.35
C GLN H 213 21.12 19.84 -0.25
N PHE H 214 19.86 19.50 -0.53
CA PHE H 214 18.79 19.70 0.45
C PHE H 214 18.09 18.42 0.87
N ALA H 215 17.60 18.42 2.11
CA ALA H 215 16.76 17.34 2.62
C ALA H 215 15.36 17.47 2.03
N PRO H 216 14.68 16.32 1.81
CA PRO H 216 13.41 16.30 1.08
C PRO H 216 12.36 17.31 1.59
N ALA H 217 12.34 17.58 2.89
CA ALA H 217 11.42 18.58 3.43
C ALA H 217 11.77 19.98 2.92
N GLY H 218 13.06 20.26 2.86
CA GLY H 218 13.57 21.53 2.35
C GLY H 218 13.36 21.68 0.86
N ALA H 219 13.63 20.61 0.13
CA ALA H 219 13.45 20.60 -1.32
C ALA H 219 12.02 20.97 -1.68
N ILE H 220 11.07 20.46 -0.89
CA ILE H 220 9.66 20.80 -1.02
C ILE H 220 9.43 22.32 -0.90
N ARG H 221 9.96 22.93 0.15
CA ARG H 221 9.80 24.37 0.35
C ARG H 221 10.21 25.16 -0.89
N LEU H 222 11.42 24.87 -1.40
CA LEU H 222 11.96 25.51 -2.61
C LEU H 222 11.06 25.30 -3.82
N ALA H 223 10.43 24.13 -3.90
CA ALA H 223 9.53 23.83 -5.03
C ALA H 223 8.34 24.79 -5.05
N LYS H 224 7.81 25.08 -3.87
CA LYS H 224 6.64 25.96 -3.73
C LYS H 224 6.96 27.41 -4.11
N ALA H 225 8.18 27.85 -3.83
CA ALA H 225 8.63 29.18 -4.22
C ALA H 225 8.74 29.36 -5.73
N ILE H 226 9.37 28.38 -6.41
CA ILE H 226 9.61 28.48 -7.86
C ILE H 226 8.47 27.97 -8.74
N GLU H 227 7.49 27.29 -8.16
CA GLU H 227 6.34 26.81 -8.94
C GLU H 227 5.70 27.82 -9.89
N PRO H 228 5.38 29.05 -9.39
CA PRO H 228 4.61 29.95 -10.26
C PRO H 228 5.43 30.48 -11.46
N TYR H 229 6.55 29.82 -11.73
CA TYR H 229 7.36 30.18 -12.89
C TYR H 229 7.41 29.06 -13.93
N ASP H 230 6.58 28.03 -13.71
CA ASP H 230 6.50 26.82 -14.54
C ASP H 230 7.86 26.21 -14.97
N PRO H 231 8.78 25.99 -14.00
CA PRO H 231 10.00 25.28 -14.43
C PRO H 231 9.68 23.93 -15.05
N LEU H 232 10.41 23.57 -16.11
CA LEU H 232 10.14 22.32 -16.81
C LEU H 232 10.67 21.11 -16.02
N TRP H 233 11.65 21.36 -15.15
CA TRP H 233 12.04 20.35 -14.17
C TRP H 233 12.72 20.89 -12.91
N TYR H 234 12.80 20.00 -11.93
CA TYR H 234 13.50 20.24 -10.68
C TYR H 234 14.56 19.15 -10.57
N GLU H 235 15.71 19.50 -11.03
CA GLU H 235 16.81 18.59 -11.11
C GLU H 235 17.56 18.37 -9.82
N GLU H 236 17.69 17.12 -9.47
CA GLU H 236 18.37 16.69 -8.27
C GLU H 236 17.97 17.34 -6.98
N PRO H 237 16.71 17.21 -6.61
CA PRO H 237 16.26 17.89 -5.40
C PRO H 237 17.09 17.53 -4.17
N ILE H 238 17.45 16.26 -4.05
CA ILE H 238 17.97 15.72 -2.80
C ILE H 238 19.18 14.79 -3.03
N PRO H 239 19.93 14.46 -1.95
CA PRO H 239 21.11 13.63 -2.15
C PRO H 239 20.74 12.29 -2.78
N PRO H 240 21.59 11.78 -3.70
CA PRO H 240 21.29 10.57 -4.48
C PRO H 240 21.25 9.30 -3.64
N ASP H 241 21.79 9.35 -2.43
CA ASP H 241 21.79 8.21 -1.52
C ASP H 241 20.41 7.92 -0.95
N ASN H 242 19.45 8.77 -1.31
CA ASN H 242 18.10 8.69 -0.74
C ASN H 242 16.99 8.74 -1.79
N LEU H 243 17.11 7.94 -2.84
CA LEU H 243 16.03 7.77 -3.83
C LEU H 243 14.63 7.58 -3.23
N PRO H 244 14.50 6.89 -2.07
CA PRO H 244 13.14 6.81 -1.50
C PRO H 244 12.57 8.15 -1.08
N GLY H 245 13.44 9.10 -0.74
CA GLY H 245 13.02 10.47 -0.41
C GLY H 245 12.35 11.20 -1.56
N LEU H 246 12.62 10.77 -2.80
CA LEU H 246 12.07 11.40 -4.00
C LEU H 246 10.55 11.44 -3.99
N SER H 247 9.96 10.41 -3.40
CA SER H 247 8.51 10.21 -3.37
C SER H 247 7.74 11.34 -2.70
N GLU H 248 8.05 11.64 -1.45
CA GLU H 248 7.41 12.73 -0.71
C GLU H 248 7.56 14.05 -1.47
N VAL H 249 8.70 14.20 -2.15
CA VAL H 249 9.02 15.39 -2.93
C VAL H 249 8.11 15.50 -4.15
N ALA H 250 8.00 14.42 -4.93
CA ALA H 250 7.11 14.43 -6.09
C ALA H 250 5.68 14.78 -5.68
N ALA H 251 5.21 14.15 -4.60
CA ALA H 251 3.82 14.25 -4.16
C ALA H 251 3.48 15.62 -3.57
N HIS H 252 4.50 16.46 -3.39
CA HIS H 252 4.28 17.77 -2.85
C HIS H 252 4.34 18.90 -3.87
N THR H 253 5.04 18.66 -4.98
CA THR H 253 5.16 19.67 -6.03
C THR H 253 4.48 19.28 -7.33
N SER H 254 4.11 20.28 -8.12
CA SER H 254 3.61 20.08 -9.47
C SER H 254 4.75 19.91 -10.48
N ILE H 255 5.93 20.45 -10.15
CA ILE H 255 7.11 20.45 -11.01
C ILE H 255 7.61 19.02 -11.21
N PRO H 256 7.90 18.64 -12.48
CA PRO H 256 8.46 17.32 -12.74
C PRO H 256 9.81 17.13 -12.06
N ILE H 257 10.10 15.90 -11.63
CA ILE H 257 11.38 15.62 -10.96
C ILE H 257 12.40 14.98 -11.89
N ALA H 258 13.60 15.57 -11.93
CA ALA H 258 14.72 15.08 -12.70
C ALA H 258 15.85 14.57 -11.80
N THR H 259 16.50 13.47 -12.21
CA THR H 259 17.60 12.88 -11.45
C THR H 259 18.39 11.88 -12.28
N GLY H 260 19.53 11.43 -11.75
CA GLY H 260 20.23 10.26 -12.28
C GLY H 260 21.69 10.43 -12.66
N GLU H 261 22.21 11.64 -12.58
CA GLU H 261 23.59 11.92 -12.99
C GLU H 261 24.61 11.28 -12.06
N ARG H 262 24.19 10.98 -10.84
CA ARG H 262 25.08 10.41 -9.85
C ARG H 262 24.77 8.93 -9.64
N LEU H 263 23.81 8.45 -10.43
CA LEU H 263 23.36 7.07 -10.39
C LEU H 263 24.14 6.19 -11.35
N THR H 264 24.26 4.91 -11.03
CA THR H 264 25.00 3.97 -11.88
C THR H 264 24.24 2.64 -12.03
N GLY H 265 24.03 2.22 -13.26
CA GLY H 265 23.36 0.95 -13.54
C GLY H 265 21.86 1.08 -13.66
N VAL H 266 21.30 0.34 -14.60
CA VAL H 266 19.87 0.35 -14.91
C VAL H 266 19.04 -0.01 -13.69
N THR H 267 19.63 -0.76 -12.77
CA THR H 267 18.96 -1.19 -11.53
C THR H 267 18.67 -0.07 -10.54
N GLU H 268 19.41 1.03 -10.63
CA GLU H 268 19.24 2.17 -9.73
C GLU H 268 18.32 3.20 -10.35
N PHE H 269 18.35 3.26 -11.69
CA PHE H 269 17.43 4.10 -12.44
C PHE H 269 15.99 3.59 -12.28
N THR H 270 15.85 2.27 -12.12
CA THR H 270 14.59 1.64 -11.72
C THR H 270 14.09 2.23 -10.40
N GLN H 271 14.94 2.20 -9.37
CA GLN H 271 14.58 2.76 -8.06
C GLN H 271 14.09 4.20 -8.15
N ALA H 272 14.79 5.03 -8.94
CA ALA H 272 14.46 6.46 -9.08
C ALA H 272 13.12 6.65 -9.77
N LEU H 273 12.82 5.77 -10.73
CA LEU H 273 11.52 5.75 -11.38
C LEU H 273 10.41 5.36 -10.42
N HIS H 274 10.61 4.32 -9.63
CA HIS H 274 9.60 3.81 -8.73
C HIS H 274 9.26 4.90 -7.73
N HIS H 275 10.24 5.67 -7.34
CA HIS H 275 10.01 6.70 -6.32
C HIS H 275 9.58 8.04 -6.90
N GLY H 276 9.16 8.04 -8.16
CA GLY H 276 8.46 9.18 -8.76
C GLY H 276 9.24 10.15 -9.63
N ALA H 277 10.52 9.87 -9.87
CA ALA H 277 11.31 10.73 -10.73
C ALA H 277 10.90 10.46 -12.17
N ARG H 278 10.61 11.52 -12.93
CA ARG H 278 10.06 11.35 -14.27
C ARG H 278 10.97 11.83 -15.40
N ILE H 279 12.13 12.34 -15.04
CA ILE H 279 13.13 12.68 -16.04
C ILE H 279 14.43 12.08 -15.56
N LEU H 280 14.93 11.10 -16.32
CA LEU H 280 16.20 10.44 -15.98
C LEU H 280 17.34 11.08 -16.72
N GLN H 281 18.40 11.43 -15.98
CA GLN H 281 19.53 12.14 -16.55
C GLN H 281 20.80 11.31 -16.38
N PRO H 282 20.92 10.19 -17.13
CA PRO H 282 22.11 9.39 -16.86
C PRO H 282 23.35 10.04 -17.45
N ALA H 283 24.47 9.88 -16.74
CA ALA H 283 25.78 10.20 -17.31
C ALA H 283 26.29 8.91 -17.92
N LEU H 284 26.35 8.89 -19.26
CA LEU H 284 26.69 7.66 -19.98
C LEU H 284 28.09 7.13 -19.66
N GLY H 285 28.94 7.99 -19.10
CA GLY H 285 30.29 7.60 -18.71
C GLY H 285 30.36 7.09 -17.29
N ARG H 286 29.22 7.08 -16.61
CA ARG H 286 29.12 6.56 -15.24
C ARG H 286 28.02 5.50 -15.14
N ALA H 287 26.91 5.73 -15.82
CA ALA H 287 25.72 4.88 -15.73
C ALA H 287 25.89 3.45 -16.26
N GLY H 288 27.01 3.18 -16.91
CA GLY H 288 27.25 1.87 -17.53
C GLY H 288 27.62 1.91 -19.00
N GLY H 289 27.21 2.98 -19.70
CA GLY H 289 27.54 3.17 -21.13
C GLY H 289 26.35 3.38 -22.05
N ILE H 290 26.58 3.25 -23.35
CA ILE H 290 25.52 3.48 -24.33
C ILE H 290 24.36 2.48 -24.18
N TRP H 291 24.70 1.18 -24.17
CA TRP H 291 23.72 0.10 -24.10
C TRP H 291 22.96 0.14 -22.78
N GLU H 292 23.66 0.36 -21.69
CA GLU H 292 23.02 0.52 -20.39
C GLU H 292 22.05 1.71 -20.39
N GLY H 293 22.44 2.79 -21.06
CA GLY H 293 21.58 3.96 -21.26
C GLY H 293 20.35 3.67 -22.07
N LYS H 294 20.48 2.79 -23.06
CA LYS H 294 19.33 2.33 -23.84
C LYS H 294 18.34 1.58 -22.95
N LYS H 295 18.88 0.90 -21.96
CA LYS H 295 18.08 0.12 -21.02
C LYS H 295 17.45 1.01 -19.96
N ILE H 296 18.09 2.15 -19.71
CA ILE H 296 17.53 3.21 -18.86
C ILE H 296 16.36 3.90 -19.55
N ALA H 297 16.51 4.21 -20.83
CA ALA H 297 15.44 4.86 -21.60
C ALA H 297 14.18 3.97 -21.72
N THR H 298 14.41 2.67 -21.88
CA THR H 298 13.34 1.67 -21.92
C THR H 298 12.55 1.63 -20.61
N LEU H 299 13.28 1.60 -19.50
CA LEU H 299 12.69 1.67 -18.17
C LEU H 299 11.90 2.97 -17.96
N ALA H 300 12.50 4.10 -18.35
CA ALA H 300 11.85 5.40 -18.27
C ALA H 300 10.53 5.41 -19.06
N ALA H 301 10.54 4.84 -20.26
CA ALA H 301 9.34 4.73 -21.09
C ALA H 301 8.22 3.94 -20.39
N ALA H 302 8.58 2.78 -19.81
CA ALA H 302 7.69 1.93 -19.05
C ALA H 302 7.01 2.62 -17.89
N PHE H 303 7.61 3.70 -17.39
CA PHE H 303 7.05 4.50 -16.30
C PHE H 303 6.47 5.82 -16.82
N GLY H 304 6.47 5.97 -18.14
CA GLY H 304 5.99 7.21 -18.78
C GLY H 304 6.94 8.36 -18.60
N ALA H 305 8.15 8.04 -18.13
CA ALA H 305 9.20 9.05 -17.92
C ALA H 305 9.99 9.29 -19.21
N GLN H 306 10.77 10.38 -19.21
CA GLN H 306 11.53 10.80 -20.37
C GLN H 306 13.04 10.76 -20.09
N LEU H 307 13.84 10.95 -21.14
CA LEU H 307 15.30 10.94 -20.99
C LEU H 307 15.91 12.31 -21.25
N ALA H 308 16.89 12.65 -20.42
CA ALA H 308 17.70 13.83 -20.62
C ALA H 308 19.13 13.47 -20.26
N PRO H 309 19.93 13.03 -21.25
CA PRO H 309 21.31 12.66 -20.95
C PRO H 309 22.06 13.80 -20.29
N HIS H 310 22.89 13.47 -19.31
CA HIS H 310 23.70 14.44 -18.59
C HIS H 310 25.02 14.72 -19.32
N LEU H 311 25.50 15.95 -19.20
CA LEU H 311 26.88 16.25 -19.60
C LEU H 311 27.52 17.24 -18.64
N TYR H 312 28.61 16.80 -18.04
CA TYR H 312 29.65 17.62 -17.47
C TYR H 312 31.07 17.10 -17.64
N ALA H 313 31.53 17.09 -18.86
CA ALA H 313 32.69 16.36 -19.26
C ALA H 313 33.13 16.86 -20.61
N GLY H 314 33.81 16.03 -21.34
CA GLY H 314 34.20 16.29 -22.69
C GLY H 314 33.25 15.99 -23.84
N PRO H 315 33.80 16.00 -25.03
CA PRO H 315 32.97 15.93 -26.22
C PRO H 315 32.79 14.48 -26.69
N VAL H 316 33.39 13.55 -25.95
CA VAL H 316 33.30 12.13 -26.26
C VAL H 316 32.07 11.49 -25.60
N GLU H 317 31.76 11.90 -24.37
CA GLU H 317 30.49 11.53 -23.71
C GLU H 317 29.31 12.23 -24.37
N TRP H 318 29.58 13.40 -24.97
CA TRP H 318 28.58 14.17 -25.71
C TRP H 318 28.20 13.44 -27.00
N ALA H 319 29.19 12.84 -27.64
CA ALA H 319 28.99 12.09 -28.88
C ALA H 319 28.07 10.91 -28.63
N ALA H 320 28.31 10.19 -27.53
CA ALA H 320 27.45 9.08 -27.14
C ALA H 320 26.06 9.59 -26.77
N ASN H 321 25.99 10.66 -25.98
CA ASN H 321 24.71 11.28 -25.62
C ASN H 321 23.84 11.49 -26.84
N VAL H 322 24.40 12.15 -27.85
CA VAL H 322 23.69 12.43 -29.09
C VAL H 322 23.19 11.13 -29.73
N HIS H 323 24.07 10.16 -29.92
CA HIS H 323 23.70 8.88 -30.55
C HIS H 323 22.60 8.13 -29.82
N LEU H 324 22.69 8.05 -28.49
CA LEU H 324 21.62 7.45 -27.71
C LEU H 324 20.31 8.21 -27.93
N GLY H 325 20.39 9.54 -27.80
CA GLY H 325 19.24 10.42 -28.00
C GLY H 325 18.59 10.29 -29.35
N VAL H 326 19.39 10.31 -30.40
CA VAL H 326 18.88 10.13 -31.76
C VAL H 326 17.90 8.96 -31.84
N SER H 327 18.21 7.87 -31.14
CA SER H 327 17.45 6.62 -31.24
C SER H 327 16.32 6.42 -30.21
N CYS H 328 16.13 7.36 -29.29
CA CYS H 328 15.07 7.24 -28.27
C CYS H 328 13.83 8.05 -28.64
N PRO H 329 12.64 7.42 -28.52
CA PRO H 329 11.35 8.12 -28.57
C PRO H 329 11.11 9.01 -27.37
N ASN H 330 11.42 8.50 -26.19
CA ASN H 330 11.15 9.22 -24.94
C ASN H 330 12.25 10.22 -24.59
N LEU H 331 13.03 10.64 -25.58
CA LEU H 331 14.05 11.66 -25.35
C LEU H 331 13.43 13.06 -25.19
N LEU H 332 13.81 13.75 -24.12
CA LEU H 332 13.36 15.12 -23.86
C LEU H 332 14.33 16.12 -24.50
N MET H 333 15.59 16.06 -24.08
CA MET H 333 16.66 16.96 -24.57
C MET H 333 18.00 16.45 -24.10
N VAL H 334 19.09 16.97 -24.68
CA VAL H 334 20.45 16.67 -24.20
C VAL H 334 21.14 17.92 -23.69
N GLU H 335 21.82 17.77 -22.55
CA GLU H 335 22.63 18.85 -21.99
C GLU H 335 23.82 19.10 -22.88
N ALA H 336 24.13 20.37 -23.12
CA ALA H 336 25.19 20.77 -24.06
C ALA H 336 26.20 21.75 -23.46
N ILE H 337 27.46 21.61 -23.84
CA ILE H 337 28.55 22.50 -23.45
C ILE H 337 29.35 22.79 -24.71
N GLU H 338 29.03 23.90 -25.38
CA GLU H 338 29.66 24.21 -26.66
C GLU H 338 30.85 25.17 -26.54
N THR H 339 31.77 24.90 -25.63
CA THR H 339 33.04 25.64 -25.58
C THR H 339 33.86 25.35 -26.84
N PRO H 340 34.75 26.29 -27.23
CA PRO H 340 35.72 26.04 -28.30
C PRO H 340 36.64 24.84 -28.06
N PHE H 341 37.00 24.59 -26.81
CA PHE H 341 37.88 23.46 -26.52
C PHE H 341 37.20 22.10 -26.80
N HIS H 342 35.92 21.98 -26.51
CA HIS H 342 35.15 20.78 -26.86
C HIS H 342 35.28 20.51 -28.37
N GLU H 343 35.22 21.59 -29.16
CA GLU H 343 35.33 21.54 -30.61
C GLU H 343 36.75 21.28 -31.13
N ALA H 344 37.76 21.60 -30.33
CA ALA H 344 39.15 21.42 -30.78
C ALA H 344 39.75 20.08 -30.37
N LEU H 345 39.30 19.57 -29.22
CA LEU H 345 39.83 18.32 -28.68
C LEU H 345 39.61 17.15 -29.64
N VAL H 346 38.42 17.10 -30.23
CA VAL H 346 38.10 16.12 -31.27
C VAL H 346 37.71 16.82 -32.57
N THR H 347 37.65 16.04 -33.65
CA THR H 347 37.09 16.46 -34.94
C THR H 347 35.81 15.66 -35.18
N GLY H 348 34.77 16.33 -35.70
CA GLY H 348 33.52 15.64 -36.04
C GLY H 348 32.50 15.66 -34.91
N ARG H 349 32.74 16.54 -33.94
CA ARG H 349 31.84 16.77 -32.82
C ARG H 349 30.49 17.28 -33.32
N PRO H 350 29.39 16.59 -32.97
CA PRO H 350 28.08 17.10 -33.39
C PRO H 350 27.84 18.45 -32.73
N ARG H 351 27.15 19.35 -33.45
CA ARG H 351 27.03 20.75 -33.04
C ARG H 351 25.60 21.17 -32.75
N VAL H 352 25.43 21.95 -31.69
CA VAL H 352 24.13 22.52 -31.42
C VAL H 352 23.93 23.72 -32.33
N GLU H 353 22.98 23.59 -33.26
CA GLU H 353 22.66 24.66 -34.19
C GLU H 353 21.18 24.97 -34.09
N ASN H 354 20.88 26.22 -33.73
CA ASN H 354 19.52 26.69 -33.51
C ASN H 354 18.75 25.87 -32.46
N GLY H 355 19.45 25.51 -31.38
CA GLY H 355 18.87 24.77 -30.26
C GLY H 355 18.59 23.31 -30.48
N PHE H 356 19.19 22.73 -31.52
CA PHE H 356 18.97 21.33 -31.87
C PHE H 356 20.27 20.73 -32.41
N VAL H 357 20.37 19.40 -32.37
CA VAL H 357 21.53 18.69 -32.92
C VAL H 357 21.08 17.69 -33.97
N ALA H 358 21.66 17.79 -35.17
CA ALA H 358 21.35 16.88 -36.27
C ALA H 358 21.92 15.48 -36.01
N ALA H 359 21.24 14.47 -36.54
CA ALA H 359 21.67 13.06 -36.43
C ALA H 359 23.00 12.81 -37.16
N PRO H 360 24.07 12.46 -36.40
CA PRO H 360 25.40 12.24 -36.98
C PRO H 360 25.38 11.18 -38.08
N ASP H 361 26.22 11.39 -39.10
CA ASP H 361 26.18 10.64 -40.35
C ASP H 361 27.44 9.83 -40.58
N ALA H 362 28.47 10.13 -39.78
CA ALA H 362 29.76 9.43 -39.88
C ALA H 362 29.72 8.09 -39.12
N PRO H 363 30.48 7.09 -39.62
CA PRO H 363 30.50 5.77 -38.98
C PRO H 363 31.00 5.83 -37.55
N GLY H 364 30.32 5.13 -36.66
CA GLY H 364 30.71 5.08 -35.24
C GLY H 364 30.22 6.31 -34.53
N LEU H 365 31.01 6.80 -33.58
CA LEU H 365 30.69 8.04 -32.85
C LEU H 365 30.98 9.28 -33.69
N GLY H 366 31.61 9.09 -34.84
CA GLY H 366 31.94 10.19 -35.75
C GLY H 366 32.97 11.19 -35.24
N ILE H 367 33.64 10.85 -34.14
CA ILE H 367 34.67 11.73 -33.56
C ILE H 367 36.06 11.13 -33.67
N THR H 368 37.04 11.97 -33.98
CA THR H 368 38.45 11.56 -34.04
C THR H 368 39.26 12.44 -33.08
N LEU H 369 40.09 11.82 -32.25
CA LEU H 369 40.90 12.55 -31.29
C LEU H 369 42.10 13.18 -31.98
N ASN H 370 42.21 14.50 -31.88
CA ASN H 370 43.42 15.23 -32.24
C ASN H 370 44.39 15.13 -31.07
N ASP H 371 45.45 14.34 -31.24
CA ASP H 371 46.37 13.98 -30.14
C ASP H 371 47.20 15.16 -29.59
N ALA H 372 47.66 16.05 -30.48
CA ALA H 372 48.54 17.15 -30.07
C ALA H 372 47.85 18.08 -29.08
N ILE H 373 46.59 18.41 -29.37
CA ILE H 373 45.73 19.16 -28.46
C ILE H 373 45.56 18.39 -27.14
N ALA H 374 45.23 17.10 -27.25
CA ALA H 374 45.05 16.22 -26.10
C ALA H 374 46.24 16.24 -25.11
N ASN H 375 47.45 16.08 -25.63
CA ASN H 375 48.66 16.07 -24.79
C ASN H 375 49.21 17.46 -24.43
N ALA H 376 48.84 18.50 -25.19
CA ALA H 376 49.23 19.86 -24.80
C ALA H 376 48.45 20.27 -23.57
N HIS H 377 47.24 19.71 -23.43
CA HIS H 377 46.38 19.98 -22.30
C HIS H 377 46.39 18.92 -21.23
N ARG H 378 47.38 18.01 -21.28
CA ARG H 378 47.45 16.89 -20.31
C ARG H 378 47.42 17.34 -18.86
N TYR H 379 46.69 16.60 -18.03
CA TYR H 379 46.37 16.99 -16.66
C TYR H 379 47.36 16.44 -15.63
N THR H 380 47.73 17.29 -14.66
CA THR H 380 48.58 16.90 -13.54
C THR H 380 48.05 17.54 -12.25
N GLY H 381 47.76 16.69 -11.25
CA GLY H 381 47.21 17.15 -9.98
C GLY H 381 46.34 16.10 -9.30
N ASN H 382 46.30 16.11 -7.98
CA ASN H 382 45.48 15.17 -7.20
C ASN H 382 44.00 15.30 -7.42
N ARG H 383 43.56 16.52 -7.67
CA ARG H 383 42.23 17.01 -7.40
C ARG H 383 41.18 16.32 -8.21
N LEU H 384 39.97 16.41 -7.71
CA LEU H 384 38.76 15.87 -8.32
C LEU H 384 38.13 16.75 -9.38
N HIS H 385 37.57 16.07 -10.37
CA HIS H 385 36.82 16.66 -11.48
C HIS H 385 35.71 17.59 -11.00
N LEU H 386 34.93 17.10 -10.02
CA LEU H 386 33.89 17.88 -9.37
C LEU H 386 33.84 17.62 -7.87
N GLU H 387 34.27 18.58 -7.07
CA GLU H 387 34.40 18.39 -5.63
C GLU H 387 33.17 18.89 -4.86
N MET H 388 32.99 18.37 -3.64
CA MET H 388 31.96 18.88 -2.72
C MET H 388 32.63 19.54 -1.52
#